data_1TKW
#
_entry.id   1TKW
#
_cell.length_a   1.000
_cell.length_b   1.000
_cell.length_c   1.000
_cell.angle_alpha   90.00
_cell.angle_beta   90.00
_cell.angle_gamma   90.00
#
_symmetry.space_group_name_H-M   'P 1'
#
loop_
_entity.id
_entity.type
_entity.pdbx_description
1 polymer 'Plastocyanin A'
2 polymer 'Cytochrome f'
3 non-polymer 'COPPER (II) ION'
4 non-polymer 'HEME C'
#
loop_
_entity_poly.entity_id
_entity_poly.type
_entity_poly.pdbx_seq_one_letter_code
_entity_poly.pdbx_strand_id
1 'polypeptide(L)'
;IDVLLGADDGSLAFVPSEFSISPGEKIVFKNNAGFPHNIVFDEDSIPSGVDASKISMSEEDLLNAKGETFEVALSNKGEY
SFYCSPHQGAGMVGKVTVN
;
A
2 'polypeptide(L)'
;YPIFAQQNYENPREATGRIVCANCHLASKPVDIEVPQAVLPDTVFEAVVKIPYDMQLKQVLANGKKGALNVGAVLILPEG
FELAPPDRISPEMKEKIGNLSFQNYRPNKKNILVIGPVPGQKYSEITFPILAPDPATNKDVHFLKYPIYVGGNRGRGQIY
PDGSKSNNTVYNATAGGIISKILRKEKGGYEITIVDASNERQVIDIIPRGLELLVSEGESIKLDQPLTSNPNVGGFGQGD
AEIVLQDPLRVQ
;
B
#
# COMPACT_ATOMS: atom_id res chain seq x y z
N ILE A 1 -24.01 -9.96 13.79
CA ILE A 1 -22.59 -9.98 14.27
C ILE A 1 -21.91 -8.63 14.04
N ASP A 2 -21.10 -8.20 14.98
CA ASP A 2 -20.39 -6.90 14.84
C ASP A 2 -18.93 -7.16 14.44
N VAL A 3 -18.46 -6.46 13.43
CA VAL A 3 -17.05 -6.63 12.95
C VAL A 3 -16.34 -5.26 13.00
N LEU A 4 -15.23 -5.18 13.70
CA LEU A 4 -14.49 -3.88 13.82
C LEU A 4 -13.58 -3.66 12.61
N LEU A 5 -13.61 -2.45 12.07
CA LEU A 5 -12.72 -2.09 10.92
C LEU A 5 -11.48 -1.43 11.53
N GLY A 6 -10.45 -2.20 11.72
CA GLY A 6 -9.20 -1.70 12.37
C GLY A 6 -9.20 -2.21 13.82
N ALA A 7 -8.16 -2.89 14.23
CA ALA A 7 -8.12 -3.44 15.63
C ALA A 7 -7.94 -2.32 16.66
N ASP A 8 -8.14 -2.63 17.94
CA ASP A 8 -8.00 -1.59 19.02
C ASP A 8 -6.53 -1.13 19.14
N ASP A 9 -5.59 -1.87 18.58
CA ASP A 9 -4.15 -1.43 18.65
C ASP A 9 -3.78 -0.69 17.35
N GLY A 10 -4.76 -0.39 16.52
CA GLY A 10 -4.49 0.35 15.24
C GLY A 10 -4.10 -0.60 14.11
N SER A 11 -4.21 -1.90 14.30
CA SER A 11 -3.84 -2.87 13.22
C SER A 11 -4.88 -2.80 12.09
N LEU A 12 -4.43 -2.89 10.86
CA LEU A 12 -5.37 -2.83 9.69
C LEU A 12 -5.94 -4.24 9.45
N ALA A 13 -6.99 -4.58 10.16
CA ALA A 13 -7.60 -5.94 10.01
C ALA A 13 -9.08 -5.92 10.44
N PHE A 14 -9.85 -6.86 9.92
CA PHE A 14 -11.29 -6.98 10.31
C PHE A 14 -11.35 -7.84 11.58
N VAL A 15 -12.07 -7.43 12.61
CA VAL A 15 -12.11 -8.25 13.87
C VAL A 15 -13.58 -8.59 14.23
N PRO A 16 -13.97 -9.85 14.03
CA PRO A 16 -13.10 -10.92 13.47
C PRO A 16 -13.01 -10.81 11.93
N SER A 17 -12.07 -11.52 11.33
CA SER A 17 -11.91 -11.48 9.84
C SER A 17 -12.56 -12.72 9.20
N GLU A 18 -12.56 -13.83 9.90
CA GLU A 18 -13.18 -15.08 9.36
C GLU A 18 -14.27 -15.53 10.34
N PHE A 19 -15.49 -15.60 9.88
CA PHE A 19 -16.63 -15.98 10.77
C PHE A 19 -17.76 -16.63 9.95
N SER A 20 -18.70 -17.26 10.62
CA SER A 20 -19.86 -17.90 9.93
C SER A 20 -21.16 -17.28 10.46
N ILE A 21 -22.14 -17.17 9.60
CA ILE A 21 -23.45 -16.56 10.00
C ILE A 21 -24.60 -17.35 9.36
N SER A 22 -25.80 -17.22 9.89
CA SER A 22 -26.98 -17.89 9.31
C SER A 22 -27.55 -16.94 8.23
N PRO A 23 -28.36 -17.45 7.33
CA PRO A 23 -28.94 -16.62 6.25
C PRO A 23 -29.91 -15.59 6.81
N GLY A 24 -29.75 -14.36 6.36
CA GLY A 24 -30.61 -13.23 6.83
C GLY A 24 -29.99 -12.56 8.07
N GLU A 25 -28.96 -13.15 8.66
CA GLU A 25 -28.32 -12.54 9.86
C GLU A 25 -27.58 -11.26 9.42
N LYS A 26 -27.66 -10.21 10.21
CA LYS A 26 -27.01 -8.91 9.80
C LYS A 26 -25.56 -8.82 10.29
N ILE A 27 -24.73 -8.24 9.46
CA ILE A 27 -23.29 -8.02 9.81
C ILE A 27 -23.09 -6.51 9.95
N VAL A 28 -22.73 -6.03 11.12
CA VAL A 28 -22.54 -4.56 11.29
C VAL A 28 -21.04 -4.24 11.29
N PHE A 29 -20.55 -3.72 10.19
CA PHE A 29 -19.11 -3.32 10.10
C PHE A 29 -19.01 -1.91 10.69
N LYS A 30 -18.24 -1.74 11.75
CA LYS A 30 -18.15 -0.38 12.38
C LYS A 30 -16.72 0.16 12.34
N ASN A 31 -16.57 1.40 11.92
CA ASN A 31 -15.23 2.06 11.86
C ASN A 31 -14.63 2.11 13.27
N ASN A 32 -13.47 1.52 13.46
CA ASN A 32 -12.87 1.50 14.84
C ASN A 32 -11.51 2.24 14.85
N ALA A 33 -10.58 1.87 14.01
CA ALA A 33 -9.24 2.54 14.02
C ALA A 33 -8.53 2.39 12.66
N GLY A 34 -7.73 3.37 12.29
CA GLY A 34 -6.95 3.31 11.00
C GLY A 34 -7.83 3.70 9.80
N PHE A 35 -8.98 4.30 10.04
CA PHE A 35 -9.88 4.72 8.90
C PHE A 35 -9.22 5.88 8.11
N PRO A 36 -9.78 6.26 6.96
CA PRO A 36 -11.04 5.71 6.37
C PRO A 36 -10.94 4.24 5.94
N HIS A 37 -12.07 3.57 5.97
CA HIS A 37 -12.16 2.14 5.57
C HIS A 37 -13.44 1.93 4.75
N ASN A 38 -13.52 0.83 4.04
CA ASN A 38 -14.76 0.49 3.27
C ASN A 38 -14.83 -1.04 3.14
N ILE A 39 -15.98 -1.56 2.80
CA ILE A 39 -16.15 -3.04 2.67
C ILE A 39 -16.60 -3.38 1.25
N VAL A 40 -15.75 -4.06 0.52
CA VAL A 40 -16.08 -4.45 -0.89
C VAL A 40 -16.04 -5.97 -1.01
N PHE A 41 -17.10 -6.56 -1.52
CA PHE A 41 -17.15 -8.04 -1.70
C PHE A 41 -16.54 -8.39 -3.06
N ASP A 42 -15.68 -9.38 -3.09
CA ASP A 42 -15.03 -9.79 -4.37
C ASP A 42 -16.08 -10.43 -5.28
N GLU A 43 -16.38 -9.77 -6.37
CA GLU A 43 -17.40 -10.28 -7.35
C GLU A 43 -17.02 -11.68 -7.88
N ASP A 44 -15.75 -12.00 -7.93
CA ASP A 44 -15.31 -13.33 -8.43
C ASP A 44 -15.12 -14.31 -7.26
N SER A 45 -15.44 -13.91 -6.04
CA SER A 45 -15.25 -14.83 -4.87
C SER A 45 -16.49 -14.89 -3.96
N ILE A 46 -17.67 -14.86 -4.56
CA ILE A 46 -18.95 -14.97 -3.77
C ILE A 46 -19.81 -16.05 -4.47
N PRO A 47 -20.89 -16.51 -3.85
CA PRO A 47 -21.75 -17.56 -4.46
C PRO A 47 -22.34 -17.10 -5.80
N SER A 48 -22.40 -18.02 -6.74
CA SER A 48 -22.90 -17.74 -8.13
C SER A 48 -24.31 -17.10 -8.13
N GLY A 49 -24.48 -16.08 -8.95
CA GLY A 49 -25.82 -15.40 -9.09
C GLY A 49 -25.99 -14.24 -8.10
N VAL A 50 -25.08 -14.06 -7.16
CA VAL A 50 -25.24 -12.93 -6.17
C VAL A 50 -24.73 -11.62 -6.80
N ASP A 51 -25.51 -10.58 -6.63
CA ASP A 51 -25.12 -9.24 -7.16
C ASP A 51 -24.25 -8.55 -6.09
N ALA A 52 -22.98 -8.37 -6.37
CA ALA A 52 -22.05 -7.74 -5.36
C ALA A 52 -22.42 -6.27 -5.09
N SER A 53 -23.10 -5.62 -6.02
CA SER A 53 -23.49 -4.17 -5.82
C SER A 53 -24.58 -4.06 -4.72
N LYS A 54 -25.31 -5.13 -4.48
CA LYS A 54 -26.39 -5.10 -3.44
C LYS A 54 -25.83 -5.33 -2.02
N ILE A 55 -24.63 -5.86 -1.89
CA ILE A 55 -24.09 -6.14 -0.52
C ILE A 55 -22.75 -5.44 -0.24
N SER A 56 -22.26 -4.61 -1.13
CA SER A 56 -20.93 -3.95 -0.87
C SER A 56 -20.97 -2.44 -1.09
N MET A 57 -19.98 -1.77 -0.54
CA MET A 57 -19.83 -0.29 -0.73
C MET A 57 -19.14 -0.07 -2.07
N SER A 58 -19.25 1.10 -2.65
CA SER A 58 -18.52 1.34 -3.93
C SER A 58 -17.03 1.49 -3.60
N GLU A 59 -16.15 1.06 -4.49
CA GLU A 59 -14.67 1.18 -4.22
C GLU A 59 -14.30 2.64 -3.91
N GLU A 60 -15.07 3.57 -4.43
CA GLU A 60 -14.78 5.02 -4.20
C GLU A 60 -15.51 5.53 -2.94
N ASP A 61 -16.37 4.73 -2.31
CA ASP A 61 -17.09 5.21 -1.08
C ASP A 61 -16.25 4.88 0.16
N LEU A 62 -16.28 5.73 1.18
CA LEU A 62 -15.44 5.46 2.40
C LEU A 62 -16.16 5.83 3.72
N LEU A 63 -15.85 5.10 4.77
CA LEU A 63 -16.35 5.43 6.14
C LEU A 63 -15.15 6.16 6.77
N ASN A 64 -15.20 7.47 6.93
CA ASN A 64 -13.98 8.18 7.44
C ASN A 64 -14.13 8.73 8.87
N ALA A 65 -15.13 8.33 9.60
CA ALA A 65 -15.25 8.85 11.01
C ALA A 65 -15.44 7.67 11.97
N LYS A 66 -14.88 7.78 13.16
CA LYS A 66 -15.00 6.66 14.17
C LYS A 66 -16.49 6.43 14.52
N GLY A 67 -16.92 5.19 14.46
CA GLY A 67 -18.34 4.83 14.80
C GLY A 67 -19.22 4.68 13.54
N GLU A 68 -18.78 5.15 12.38
CA GLU A 68 -19.62 4.99 11.13
C GLU A 68 -19.81 3.49 10.86
N THR A 69 -20.98 3.08 10.45
CA THR A 69 -21.22 1.63 10.22
C THR A 69 -21.82 1.33 8.86
N PHE A 70 -21.58 0.12 8.38
CA PHE A 70 -22.18 -0.37 7.12
C PHE A 70 -22.80 -1.72 7.46
N GLU A 71 -24.09 -1.86 7.32
CA GLU A 71 -24.76 -3.15 7.68
C GLU A 71 -25.21 -3.90 6.43
N VAL A 72 -25.09 -5.21 6.45
CA VAL A 72 -25.53 -6.03 5.28
C VAL A 72 -26.00 -7.41 5.75
N ALA A 73 -27.03 -7.92 5.12
CA ALA A 73 -27.55 -9.27 5.48
C ALA A 73 -27.39 -10.19 4.26
N LEU A 74 -26.72 -11.32 4.43
CA LEU A 74 -26.52 -12.27 3.29
C LEU A 74 -27.53 -13.42 3.40
N SER A 75 -28.09 -13.86 2.30
CA SER A 75 -29.10 -14.96 2.35
C SER A 75 -28.59 -16.20 1.61
N ASN A 76 -27.96 -16.04 0.46
CA ASN A 76 -27.45 -17.22 -0.30
C ASN A 76 -26.31 -17.91 0.49
N LYS A 77 -26.33 -19.22 0.55
CA LYS A 77 -25.28 -19.96 1.32
C LYS A 77 -24.00 -20.07 0.48
N GLY A 78 -22.88 -20.19 1.15
CA GLY A 78 -21.57 -20.31 0.44
C GLY A 78 -20.52 -19.42 1.11
N GLU A 79 -19.38 -19.27 0.49
CA GLU A 79 -18.28 -18.43 1.08
C GLU A 79 -18.23 -17.07 0.37
N TYR A 80 -18.06 -16.01 1.14
CA TYR A 80 -17.99 -14.64 0.56
C TYR A 80 -16.65 -14.01 0.92
N SER A 81 -15.85 -13.65 -0.06
CA SER A 81 -14.54 -13.00 0.23
C SER A 81 -14.72 -11.48 0.11
N PHE A 82 -14.32 -10.76 1.12
CA PHE A 82 -14.46 -9.27 1.09
C PHE A 82 -13.12 -8.62 1.46
N TYR A 83 -13.01 -7.33 1.24
CA TYR A 83 -11.73 -6.61 1.54
C TYR A 83 -11.95 -5.10 1.61
N CYS A 84 -10.97 -4.42 2.18
CA CYS A 84 -10.98 -2.93 2.24
C CYS A 84 -10.17 -2.48 1.02
N SER A 85 -10.79 -1.73 0.12
CA SER A 85 -10.07 -1.33 -1.16
C SER A 85 -8.73 -0.61 -0.92
N PRO A 86 -8.67 0.40 -0.08
CA PRO A 86 -7.40 1.11 0.18
C PRO A 86 -6.40 0.25 0.99
N HIS A 87 -6.86 -0.63 1.85
CA HIS A 87 -5.89 -1.46 2.67
C HIS A 87 -5.90 -2.95 2.26
N GLN A 88 -6.34 -3.30 1.06
CA GLN A 88 -6.34 -4.76 0.65
C GLN A 88 -4.89 -5.31 0.68
N GLY A 89 -3.92 -4.53 0.23
CA GLY A 89 -2.49 -4.98 0.22
C GLY A 89 -1.96 -5.10 1.65
N ALA A 90 -2.54 -4.36 2.57
CA ALA A 90 -2.11 -4.43 4.01
C ALA A 90 -2.46 -5.79 4.59
N GLY A 91 -3.38 -6.47 3.95
CA GLY A 91 -3.85 -7.79 4.44
C GLY A 91 -5.22 -7.58 5.09
N MET A 92 -5.81 -6.39 4.92
CA MET A 92 -7.17 -6.13 5.51
C MET A 92 -8.18 -6.82 4.61
N VAL A 93 -8.29 -8.11 4.81
CA VAL A 93 -9.21 -8.94 4.01
C VAL A 93 -9.96 -9.86 4.97
N GLY A 94 -11.01 -10.47 4.51
CA GLY A 94 -11.79 -11.39 5.39
C GLY A 94 -12.67 -12.30 4.54
N LYS A 95 -13.28 -13.27 5.18
CA LYS A 95 -14.17 -14.23 4.46
C LYS A 95 -15.29 -14.67 5.41
N VAL A 96 -16.52 -14.57 4.95
CA VAL A 96 -17.69 -14.99 5.78
C VAL A 96 -18.39 -16.17 5.09
N THR A 97 -18.81 -17.13 5.87
CA THR A 97 -19.51 -18.32 5.32
C THR A 97 -20.97 -18.34 5.79
N VAL A 98 -21.89 -18.33 4.86
CA VAL A 98 -23.34 -18.39 5.22
C VAL A 98 -23.75 -19.87 5.19
N ASN A 99 -24.02 -20.42 6.35
CA ASN A 99 -24.37 -21.87 6.45
C ASN A 99 -25.75 -22.02 7.14
N TYR B 1 2.15 0.01 1.88
CA TYR B 1 1.79 1.21 2.64
C TYR B 1 2.87 1.41 3.70
N PRO B 2 2.98 2.64 4.18
CA PRO B 2 3.97 2.99 5.24
C PRO B 2 3.64 2.26 6.56
N ILE B 3 2.42 1.81 6.73
CA ILE B 3 2.04 1.07 7.99
C ILE B 3 2.55 -0.40 7.94
N PHE B 4 2.70 -0.96 6.75
CA PHE B 4 3.19 -2.39 6.67
C PHE B 4 4.67 -2.44 7.05
N ALA B 5 5.43 -1.43 6.68
CA ALA B 5 6.87 -1.39 7.04
C ALA B 5 6.99 -1.09 8.54
N GLN B 6 6.18 -0.19 9.04
CA GLN B 6 6.19 0.19 10.50
C GLN B 6 5.73 -1.00 11.36
N GLN B 7 4.74 -1.75 10.89
CA GLN B 7 4.19 -2.90 11.67
C GLN B 7 5.18 -4.08 11.79
N ASN B 8 6.07 -4.31 10.84
CA ASN B 8 7.00 -5.50 11.01
C ASN B 8 8.47 -5.20 10.65
N TYR B 9 8.89 -3.96 10.68
CA TYR B 9 10.33 -3.61 10.43
C TYR B 9 10.69 -2.53 11.47
N GLU B 10 11.44 -2.89 12.49
CA GLU B 10 11.79 -1.89 13.57
C GLU B 10 12.52 -0.65 12.99
N ASN B 11 13.45 -0.86 12.09
CA ASN B 11 14.20 0.27 11.43
C ASN B 11 13.93 0.14 9.91
N PRO B 12 13.58 1.24 9.25
CA PRO B 12 13.22 1.22 7.81
C PRO B 12 14.43 1.07 6.88
N ARG B 13 15.63 1.36 7.33
CA ARG B 13 16.83 1.21 6.44
C ARG B 13 17.57 -0.09 6.80
N GLU B 14 17.81 -0.93 5.82
CA GLU B 14 18.53 -2.22 6.07
C GLU B 14 20.05 -2.00 5.97
N ALA B 15 20.83 -2.99 6.34
CA ALA B 15 22.33 -2.87 6.30
C ALA B 15 22.85 -2.60 4.86
N THR B 16 22.13 -3.04 3.85
CA THR B 16 22.58 -2.80 2.43
C THR B 16 22.33 -1.32 2.05
N GLY B 17 21.54 -0.62 2.83
CA GLY B 17 21.24 0.82 2.53
C GLY B 17 19.89 0.92 1.80
N ARG B 18 19.22 -0.20 1.63
CA ARG B 18 17.90 -0.19 0.92
C ARG B 18 16.76 0.00 1.92
N ILE B 19 15.80 0.81 1.58
CA ILE B 19 14.65 1.04 2.49
C ILE B 19 13.66 -0.14 2.32
N VAL B 20 13.10 -0.60 3.42
CA VAL B 20 12.21 -1.82 3.41
C VAL B 20 10.98 -1.73 2.47
N CYS B 21 10.65 -0.59 1.88
CA CYS B 21 9.46 -0.59 0.95
C CYS B 21 9.83 -1.35 -0.33
N ALA B 22 11.11 -1.39 -0.66
CA ALA B 22 11.59 -2.10 -1.89
C ALA B 22 11.36 -3.63 -1.78
N ASN B 23 10.97 -4.12 -0.62
CA ASN B 23 10.72 -5.59 -0.45
C ASN B 23 9.38 -5.97 -1.10
N CYS B 24 8.42 -5.04 -1.13
CA CYS B 24 7.08 -5.32 -1.79
C CYS B 24 6.95 -4.39 -3.01
N HIS B 25 7.46 -3.17 -2.90
CA HIS B 25 7.41 -2.20 -4.06
C HIS B 25 8.63 -2.52 -4.91
N LEU B 26 8.43 -3.37 -5.89
CA LEU B 26 9.57 -3.90 -6.70
C LEU B 26 10.00 -3.06 -7.92
N ALA B 27 9.19 -2.18 -8.45
CA ALA B 27 9.67 -1.39 -9.64
C ALA B 27 10.50 -0.19 -9.16
N SER B 28 11.59 0.11 -9.85
CA SER B 28 12.44 1.27 -9.42
C SER B 28 12.06 2.54 -10.20
N LYS B 29 11.79 3.62 -9.50
CA LYS B 29 11.47 4.92 -10.16
C LYS B 29 12.16 6.03 -9.33
N PRO B 30 12.57 7.10 -9.98
CA PRO B 30 13.37 8.17 -9.34
C PRO B 30 12.64 8.99 -8.27
N VAL B 31 13.37 9.31 -7.21
CA VAL B 31 12.85 10.14 -6.08
C VAL B 31 13.86 11.29 -5.89
N ASP B 32 13.41 12.48 -5.57
CA ASP B 32 14.37 13.61 -5.40
C ASP B 32 14.12 14.29 -4.05
N ILE B 33 15.12 14.94 -3.50
CA ILE B 33 14.94 15.65 -2.19
C ILE B 33 15.80 16.92 -2.14
N GLU B 34 15.15 18.05 -1.94
CA GLU B 34 15.90 19.34 -1.83
C GLU B 34 15.90 19.78 -0.37
N VAL B 35 17.08 19.97 0.16
CA VAL B 35 17.24 20.40 1.59
C VAL B 35 18.23 21.59 1.60
N PRO B 36 18.07 22.54 2.51
CA PRO B 36 19.00 23.70 2.58
C PRO B 36 20.42 23.22 2.91
N GLN B 37 21.41 23.80 2.25
CA GLN B 37 22.84 23.39 2.45
C GLN B 37 23.22 23.37 3.94
N ALA B 38 22.78 24.37 4.68
CA ALA B 38 23.11 24.44 6.15
C ALA B 38 21.93 25.06 6.90
N VAL B 39 21.78 24.70 8.16
CA VAL B 39 20.67 25.26 9.00
C VAL B 39 21.23 25.65 10.37
N LEU B 40 20.55 26.55 11.05
CA LEU B 40 21.02 26.98 12.41
C LEU B 40 20.27 26.17 13.48
N PRO B 41 20.80 26.16 14.70
CA PRO B 41 20.17 25.42 15.83
C PRO B 41 18.78 25.97 16.19
N ASP B 42 17.84 25.06 16.44
CA ASP B 42 16.41 25.40 16.81
C ASP B 42 15.73 26.30 15.76
N THR B 43 15.88 25.98 14.49
CA THR B 43 15.21 26.76 13.39
C THR B 43 14.42 25.77 12.52
N VAL B 44 13.29 26.18 12.00
CA VAL B 44 12.48 25.25 11.16
C VAL B 44 12.93 25.36 9.70
N PHE B 45 13.13 24.23 9.06
CA PHE B 45 13.52 24.23 7.62
C PHE B 45 12.60 23.24 6.90
N GLU B 46 12.58 23.26 5.59
CA GLU B 46 11.68 22.33 4.85
C GLU B 46 12.48 21.33 4.01
N ALA B 47 12.08 20.08 4.11
CA ALA B 47 12.72 18.99 3.30
C ALA B 47 11.70 18.60 2.23
N VAL B 48 11.89 19.06 1.01
CA VAL B 48 10.88 18.75 -0.05
C VAL B 48 11.27 17.47 -0.82
N VAL B 49 10.39 16.51 -0.79
CA VAL B 49 10.63 15.20 -1.47
C VAL B 49 9.82 15.17 -2.77
N LYS B 50 10.43 14.79 -3.86
CA LYS B 50 9.70 14.73 -5.17
C LYS B 50 9.54 13.28 -5.62
N ILE B 51 8.32 12.87 -5.85
CA ILE B 51 8.02 11.49 -6.32
C ILE B 51 7.29 11.67 -7.67
N PRO B 52 8.05 11.98 -8.72
CA PRO B 52 7.50 12.28 -10.06
C PRO B 52 7.13 11.03 -10.87
N TYR B 53 6.08 11.16 -11.65
CA TYR B 53 5.58 10.05 -12.53
C TYR B 53 4.65 10.64 -13.60
N ASP B 54 4.53 10.00 -14.75
CA ASP B 54 3.59 10.53 -15.81
C ASP B 54 2.17 10.44 -15.23
N MET B 55 1.48 11.55 -15.13
CA MET B 55 0.13 11.54 -14.48
C MET B 55 -1.01 11.03 -15.40
N GLN B 56 -0.72 10.60 -16.62
CA GLN B 56 -1.83 10.04 -17.46
C GLN B 56 -1.84 8.51 -17.27
N LEU B 57 -0.96 8.03 -16.41
CA LEU B 57 -0.85 6.57 -16.14
C LEU B 57 -1.96 6.09 -15.21
N LYS B 58 -2.56 4.96 -15.53
CA LYS B 58 -3.63 4.38 -14.69
C LYS B 58 -3.19 2.99 -14.25
N GLN B 59 -3.17 2.75 -12.96
CA GLN B 59 -2.74 1.42 -12.42
C GLN B 59 -3.95 0.51 -12.22
N VAL B 60 -3.72 -0.76 -11.97
CA VAL B 60 -4.84 -1.72 -11.73
C VAL B 60 -5.21 -1.66 -10.24
N LEU B 61 -6.39 -1.16 -9.93
CA LEU B 61 -6.81 -1.06 -8.49
C LEU B 61 -7.06 -2.48 -7.93
N ALA B 62 -7.21 -2.59 -6.63
CA ALA B 62 -7.42 -3.93 -5.97
C ALA B 62 -8.68 -4.67 -6.47
N ASN B 63 -9.53 -4.05 -7.26
CA ASN B 63 -10.77 -4.77 -7.74
C ASN B 63 -10.75 -4.97 -9.27
N GLY B 64 -9.60 -4.81 -9.92
CA GLY B 64 -9.54 -5.02 -11.41
C GLY B 64 -9.72 -3.70 -12.17
N LYS B 65 -10.45 -2.75 -11.64
CA LYS B 65 -10.67 -1.45 -12.36
C LYS B 65 -9.35 -0.66 -12.40
N LYS B 66 -9.22 0.27 -13.33
CA LYS B 66 -7.97 1.08 -13.42
C LYS B 66 -8.23 2.46 -12.78
N GLY B 67 -7.26 3.00 -12.06
CA GLY B 67 -7.45 4.34 -11.40
C GLY B 67 -6.12 5.09 -11.25
N ALA B 68 -6.14 6.20 -10.54
CA ALA B 68 -4.90 7.02 -10.34
C ALA B 68 -3.99 6.39 -9.28
N LEU B 69 -2.80 6.91 -9.13
CA LEU B 69 -1.82 6.35 -8.15
C LEU B 69 -1.80 7.21 -6.87
N ASN B 70 -1.36 6.62 -5.78
CA ASN B 70 -1.24 7.36 -4.48
C ASN B 70 0.25 7.41 -4.11
N VAL B 71 0.65 8.42 -3.38
CA VAL B 71 2.09 8.56 -3.01
C VAL B 71 2.28 8.39 -1.49
N GLY B 72 3.46 7.97 -1.12
CA GLY B 72 3.82 7.77 0.31
C GLY B 72 5.35 7.88 0.44
N ALA B 73 5.84 8.29 1.58
CA ALA B 73 7.32 8.45 1.73
C ALA B 73 7.78 8.24 3.18
N VAL B 74 9.03 7.89 3.35
CA VAL B 74 9.63 7.70 4.70
C VAL B 74 10.90 8.55 4.77
N LEU B 75 10.94 9.50 5.68
CA LEU B 75 12.14 10.39 5.80
C LEU B 75 12.96 9.97 7.01
N ILE B 76 14.21 9.62 6.80
CA ILE B 76 15.09 9.20 7.92
C ILE B 76 16.04 10.36 8.25
N LEU B 77 15.80 11.00 9.36
CA LEU B 77 16.65 12.16 9.79
C LEU B 77 17.64 11.69 10.88
N PRO B 78 18.66 12.48 11.15
CA PRO B 78 19.64 12.17 12.21
C PRO B 78 18.97 12.33 13.60
N GLU B 79 19.47 11.66 14.61
CA GLU B 79 18.85 11.77 15.98
C GLU B 79 18.93 13.23 16.48
N GLY B 80 17.83 13.72 17.00
CA GLY B 80 17.76 15.13 17.50
C GLY B 80 16.80 15.91 16.59
N PHE B 81 16.83 15.64 15.31
CA PHE B 81 15.90 16.34 14.35
C PHE B 81 14.52 15.69 14.47
N GLU B 82 13.47 16.48 14.43
CA GLU B 82 12.09 15.91 14.56
C GLU B 82 11.08 16.80 13.81
N LEU B 83 9.85 16.37 13.71
CA LEU B 83 8.80 17.17 13.01
C LEU B 83 8.60 18.50 13.74
N ALA B 84 8.63 19.60 13.02
CA ALA B 84 8.43 20.95 13.66
C ALA B 84 7.02 21.03 14.25
N PRO B 85 6.89 21.62 15.42
CA PRO B 85 5.58 21.78 16.09
C PRO B 85 4.72 22.81 15.34
N PRO B 86 3.41 22.77 15.55
CA PRO B 86 2.46 23.66 14.84
C PRO B 86 2.67 25.16 15.17
N ASP B 87 3.07 25.47 16.38
CA ASP B 87 3.30 26.92 16.74
C ASP B 87 4.55 27.47 16.02
N ARG B 88 5.48 26.61 15.66
CA ARG B 88 6.72 27.07 14.96
C ARG B 88 6.55 27.02 13.42
N ILE B 89 5.45 26.49 12.93
CA ILE B 89 5.26 26.43 11.44
C ILE B 89 4.62 27.75 10.94
N SER B 90 5.28 28.40 10.00
CA SER B 90 4.77 29.70 9.45
C SER B 90 3.48 29.47 8.62
N PRO B 91 2.70 30.52 8.41
CA PRO B 91 1.45 30.43 7.61
C PRO B 91 1.78 30.24 6.12
N GLU B 92 2.91 30.78 5.67
CA GLU B 92 3.34 30.60 4.24
C GLU B 92 3.77 29.13 4.04
N MET B 93 4.10 28.45 5.11
CA MET B 93 4.52 27.02 5.06
C MET B 93 3.32 26.11 5.35
N LYS B 94 2.37 26.56 6.16
CA LYS B 94 1.18 25.72 6.50
C LYS B 94 0.32 25.47 5.24
N GLU B 95 0.26 26.42 4.32
CA GLU B 95 -0.53 26.18 3.07
C GLU B 95 0.28 25.27 2.13
N LYS B 96 1.60 25.31 2.25
CA LYS B 96 2.49 24.44 1.42
C LYS B 96 2.34 22.97 1.84
N ILE B 97 2.26 22.68 3.12
CA ILE B 97 2.10 21.25 3.58
C ILE B 97 0.63 20.80 3.45
N GLY B 98 -0.23 21.64 2.86
CA GLY B 98 -1.67 21.26 2.68
C GLY B 98 -2.30 20.92 4.03
N ASN B 99 -2.64 19.67 4.23
CA ASN B 99 -3.24 19.21 5.51
C ASN B 99 -2.77 17.77 5.76
N LEU B 100 -1.50 17.53 5.50
CA LEU B 100 -0.90 16.17 5.66
C LEU B 100 -0.64 15.87 7.15
N SER B 101 -0.75 14.62 7.52
CA SER B 101 -0.46 14.21 8.93
C SER B 101 0.82 13.36 8.93
N PHE B 102 1.94 13.95 9.30
CA PHE B 102 3.23 13.19 9.33
C PHE B 102 3.26 12.34 10.61
N GLN B 103 3.44 11.06 10.48
CA GLN B 103 3.46 10.16 11.68
C GLN B 103 4.88 9.70 11.98
N ASN B 104 5.16 9.39 13.21
CA ASN B 104 6.52 8.89 13.57
C ASN B 104 6.58 7.42 13.15
N TYR B 105 7.69 6.94 12.62
CA TYR B 105 7.78 5.48 12.23
C TYR B 105 7.34 4.62 13.44
N ARG B 106 7.75 5.05 14.60
CA ARG B 106 7.39 4.41 15.91
C ARG B 106 7.45 5.57 16.93
N PRO B 107 6.74 5.49 18.05
CA PRO B 107 6.71 6.60 19.03
C PRO B 107 8.10 6.90 19.62
N ASN B 108 9.00 5.94 19.62
CA ASN B 108 10.38 6.19 20.15
C ASN B 108 11.27 6.77 19.03
N LYS B 109 10.91 6.54 17.78
CA LYS B 109 11.71 7.09 16.64
C LYS B 109 11.10 8.43 16.21
N LYS B 110 11.52 9.51 16.84
CA LYS B 110 10.97 10.86 16.47
C LYS B 110 11.76 11.43 15.27
N ASN B 111 12.83 10.78 14.86
CA ASN B 111 13.64 11.28 13.71
C ASN B 111 13.29 10.56 12.39
N ILE B 112 12.31 9.67 12.42
CA ILE B 112 11.88 8.95 11.18
C ILE B 112 10.40 9.29 10.95
N LEU B 113 10.10 9.96 9.87
CA LEU B 113 8.68 10.37 9.60
C LEU B 113 8.11 9.63 8.39
N VAL B 114 6.85 9.29 8.46
CA VAL B 114 6.16 8.58 7.33
C VAL B 114 4.89 9.35 6.96
N ILE B 115 4.54 9.33 5.71
CA ILE B 115 3.31 10.02 5.25
C ILE B 115 2.73 9.23 4.07
N GLY B 116 1.43 9.20 3.96
CA GLY B 116 0.79 8.45 2.86
C GLY B 116 -0.04 7.30 3.46
N PRO B 117 -0.88 6.68 2.63
CA PRO B 117 -1.04 7.03 1.19
C PRO B 117 -1.82 8.34 1.00
N VAL B 118 -1.31 9.18 0.13
CA VAL B 118 -1.99 10.47 -0.21
C VAL B 118 -2.09 10.49 -1.75
N PRO B 119 -3.09 11.16 -2.29
CA PRO B 119 -3.30 11.18 -3.76
C PRO B 119 -2.12 11.84 -4.49
N GLY B 120 -1.62 11.14 -5.49
CA GLY B 120 -0.43 11.60 -6.28
C GLY B 120 -0.70 12.90 -7.06
N GLN B 121 -1.90 13.08 -7.59
CA GLN B 121 -2.21 14.34 -8.37
C GLN B 121 -1.95 15.59 -7.52
N LYS B 122 -2.16 15.48 -6.23
CA LYS B 122 -1.98 16.63 -5.31
C LYS B 122 -0.63 16.61 -4.61
N TYR B 123 -0.11 15.46 -4.24
CA TYR B 123 1.17 15.47 -3.47
C TYR B 123 2.33 14.72 -4.17
N SER B 124 2.67 15.10 -5.38
CA SER B 124 3.86 14.46 -6.04
C SER B 124 5.11 15.01 -5.32
N GLU B 125 5.03 16.25 -4.87
CA GLU B 125 6.15 16.86 -4.08
C GLU B 125 5.60 17.15 -2.68
N ILE B 126 6.26 16.65 -1.65
CA ILE B 126 5.77 16.86 -0.25
C ILE B 126 6.77 17.69 0.53
N THR B 127 6.29 18.56 1.40
CA THR B 127 7.21 19.41 2.22
C THR B 127 7.14 18.95 3.69
N PHE B 128 8.24 18.47 4.20
CA PHE B 128 8.31 18.02 5.63
C PHE B 128 8.91 19.17 6.46
N PRO B 129 8.15 19.68 7.43
CA PRO B 129 8.63 20.78 8.30
C PRO B 129 9.51 20.16 9.41
N ILE B 130 10.81 20.33 9.32
CA ILE B 130 11.72 19.72 10.34
C ILE B 130 12.30 20.81 11.26
N LEU B 131 12.47 20.47 12.52
CA LEU B 131 13.07 21.45 13.49
C LEU B 131 14.51 21.02 13.75
N ALA B 132 15.46 21.89 13.49
CA ALA B 132 16.89 21.54 13.73
C ALA B 132 17.13 21.58 15.25
N PRO B 133 17.86 20.60 15.78
CA PRO B 133 18.16 20.51 17.22
C PRO B 133 19.18 21.56 17.64
N ASP B 134 19.44 21.64 18.93
CA ASP B 134 20.43 22.63 19.46
C ASP B 134 21.46 21.86 20.29
N PRO B 135 22.73 22.00 19.94
CA PRO B 135 23.83 21.31 20.65
C PRO B 135 23.99 21.82 22.10
N ALA B 136 23.64 23.07 22.34
CA ALA B 136 23.73 23.64 23.72
C ALA B 136 22.63 23.01 24.61
N THR B 137 21.61 22.43 24.00
CA THR B 137 20.51 21.78 24.78
C THR B 137 20.44 20.27 24.44
N ASN B 138 21.48 19.73 23.83
CA ASN B 138 21.53 18.27 23.50
C ASN B 138 23.02 17.88 23.38
N LYS B 139 23.52 17.11 24.31
CA LYS B 139 24.98 16.76 24.31
C LYS B 139 25.39 15.73 23.24
N ASP B 140 24.46 15.06 22.59
CA ASP B 140 24.88 14.07 21.52
C ASP B 140 24.70 14.71 20.13
N VAL B 141 24.15 15.91 20.07
CA VAL B 141 23.99 16.62 18.76
C VAL B 141 25.17 17.59 18.62
N HIS B 142 25.85 17.58 17.49
CA HIS B 142 27.03 18.48 17.30
C HIS B 142 26.90 19.26 15.99
N PHE B 143 27.73 20.29 15.82
CA PHE B 143 27.73 21.07 14.54
C PHE B 143 28.51 20.21 13.55
N LEU B 144 27.80 19.44 12.76
CA LEU B 144 28.45 18.49 11.81
C LEU B 144 27.63 18.35 10.54
N LYS B 145 28.14 17.57 9.60
CA LYS B 145 27.38 17.30 8.34
C LYS B 145 26.57 16.02 8.60
N TYR B 146 25.27 16.09 8.45
CA TYR B 146 24.41 14.89 8.76
C TYR B 146 23.74 14.35 7.47
N PRO B 147 23.68 13.03 7.36
CA PRO B 147 23.04 12.34 6.22
C PRO B 147 21.50 12.30 6.39
N ILE B 148 20.79 12.48 5.31
CA ILE B 148 19.29 12.42 5.32
C ILE B 148 18.86 11.41 4.26
N TYR B 149 18.09 10.42 4.62
CA TYR B 149 17.67 9.39 3.63
C TYR B 149 16.16 9.46 3.39
N VAL B 150 15.74 9.29 2.15
CA VAL B 150 14.28 9.37 1.84
C VAL B 150 13.85 8.18 0.95
N GLY B 151 12.66 7.70 1.17
CA GLY B 151 12.09 6.59 0.36
C GLY B 151 10.77 7.09 -0.22
N GLY B 152 10.63 7.11 -1.53
CA GLY B 152 9.37 7.64 -2.15
C GLY B 152 8.70 6.54 -2.98
N ASN B 153 7.41 6.35 -2.83
CA ASN B 153 6.71 5.29 -3.62
C ASN B 153 5.40 5.85 -4.22
N ARG B 154 5.10 5.39 -5.42
CA ARG B 154 3.84 5.79 -6.11
C ARG B 154 3.27 4.52 -6.78
N GLY B 155 2.01 4.22 -6.53
CA GLY B 155 1.42 2.99 -7.14
C GLY B 155 1.28 1.88 -6.10
N ARG B 156 0.49 0.87 -6.41
CA ARG B 156 0.26 -0.28 -5.46
C ARG B 156 1.44 -1.27 -5.52
N GLY B 157 1.78 -1.83 -4.39
CA GLY B 157 2.93 -2.79 -4.29
C GLY B 157 2.58 -4.13 -4.94
N GLN B 158 3.54 -5.04 -5.00
CA GLN B 158 3.30 -6.37 -5.64
C GLN B 158 3.11 -7.48 -4.58
N ILE B 159 3.74 -7.37 -3.42
CA ILE B 159 3.62 -8.45 -2.38
C ILE B 159 2.98 -7.91 -1.10
N TYR B 160 2.15 -8.71 -0.47
CA TYR B 160 1.48 -8.32 0.81
C TYR B 160 2.37 -8.79 1.98
N PRO B 161 2.09 -8.37 3.23
CA PRO B 161 2.91 -8.77 4.40
C PRO B 161 2.87 -10.30 4.70
N ASP B 162 2.00 -11.06 4.08
CA ASP B 162 1.97 -12.54 4.34
C ASP B 162 2.74 -13.26 3.21
N GLY B 163 3.20 -12.53 2.20
CA GLY B 163 3.97 -13.17 1.08
C GLY B 163 3.07 -13.37 -0.16
N SER B 164 1.79 -13.11 -0.02
CA SER B 164 0.85 -13.28 -1.16
C SER B 164 1.07 -12.19 -2.22
N LYS B 165 0.94 -12.53 -3.49
CA LYS B 165 1.11 -11.53 -4.58
C LYS B 165 -0.20 -10.78 -4.78
N SER B 166 -0.12 -9.55 -5.25
CA SER B 166 -1.35 -8.76 -5.51
C SER B 166 -1.69 -8.91 -7.00
N ASN B 167 -2.75 -8.30 -7.47
CA ASN B 167 -3.08 -8.39 -8.92
C ASN B 167 -2.34 -7.28 -9.70
N ASN B 168 -1.34 -6.66 -9.09
CA ASN B 168 -0.53 -5.59 -9.76
C ASN B 168 0.89 -6.12 -10.02
N THR B 169 0.99 -7.36 -10.44
CA THR B 169 2.32 -7.99 -10.73
C THR B 169 2.15 -9.02 -11.86
N VAL B 170 3.25 -9.57 -12.32
CA VAL B 170 3.18 -10.60 -13.41
C VAL B 170 2.80 -11.95 -12.82
N TYR B 171 1.93 -12.68 -13.50
CA TYR B 171 1.54 -14.04 -13.02
C TYR B 171 2.31 -15.05 -13.88
N ASN B 172 3.16 -15.82 -13.25
CA ASN B 172 4.01 -16.80 -13.99
C ASN B 172 3.42 -18.21 -13.93
N ALA B 173 3.70 -19.01 -14.95
CA ALA B 173 3.19 -20.41 -15.00
C ALA B 173 3.88 -21.24 -13.92
N THR B 174 3.12 -21.98 -13.15
CA THR B 174 3.72 -22.81 -12.06
C THR B 174 4.23 -24.14 -12.65
N ALA B 175 4.03 -24.38 -13.94
CA ALA B 175 4.51 -25.64 -14.56
C ALA B 175 4.75 -25.44 -16.05
N GLY B 176 5.68 -26.16 -16.63
CA GLY B 176 5.94 -26.05 -18.10
C GLY B 176 4.98 -27.01 -18.81
N GLY B 177 4.88 -26.95 -20.11
CA GLY B 177 3.94 -27.88 -20.83
C GLY B 177 3.16 -27.14 -21.92
N ILE B 178 1.97 -27.60 -22.20
CA ILE B 178 1.12 -26.96 -23.26
C ILE B 178 -0.23 -26.55 -22.64
N ILE B 179 -0.71 -25.36 -22.96
CA ILE B 179 -2.02 -24.89 -22.41
C ILE B 179 -3.14 -25.65 -23.14
N SER B 180 -3.85 -26.50 -22.44
CA SER B 180 -4.94 -27.28 -23.08
C SER B 180 -6.28 -26.53 -22.98
N LYS B 181 -6.39 -25.55 -22.10
CA LYS B 181 -7.69 -24.80 -21.96
C LYS B 181 -7.50 -23.48 -21.22
N ILE B 182 -8.23 -22.46 -21.63
CA ILE B 182 -8.19 -21.12 -20.95
C ILE B 182 -9.64 -20.72 -20.67
N LEU B 183 -10.10 -20.90 -19.46
CA LEU B 183 -11.52 -20.55 -19.13
C LEU B 183 -11.63 -19.09 -18.72
N ARG B 184 -12.22 -18.27 -19.57
CA ARG B 184 -12.42 -16.83 -19.23
C ARG B 184 -13.57 -16.78 -18.21
N LYS B 185 -13.30 -16.28 -17.02
CA LYS B 185 -14.34 -16.30 -15.94
C LYS B 185 -15.42 -15.22 -16.14
N GLU B 186 -16.60 -15.53 -15.62
CA GLU B 186 -17.81 -14.64 -15.72
C GLU B 186 -17.54 -13.20 -15.26
N LYS B 187 -17.09 -13.00 -14.04
CA LYS B 187 -16.86 -11.61 -13.52
C LYS B 187 -15.40 -11.15 -13.74
N GLY B 188 -14.67 -11.78 -14.64
CA GLY B 188 -13.25 -11.36 -14.88
C GLY B 188 -12.29 -12.38 -14.28
N GLY B 189 -11.07 -12.43 -14.77
CA GLY B 189 -10.08 -13.41 -14.25
C GLY B 189 -10.03 -14.61 -15.20
N TYR B 190 -9.05 -15.48 -15.05
CA TYR B 190 -8.96 -16.66 -15.97
C TYR B 190 -8.51 -17.92 -15.23
N GLU B 191 -8.81 -19.07 -15.84
CA GLU B 191 -8.41 -20.39 -15.28
C GLU B 191 -7.61 -21.10 -16.39
N ILE B 192 -6.31 -21.16 -16.25
CA ILE B 192 -5.46 -21.78 -17.32
C ILE B 192 -5.05 -23.21 -16.93
N THR B 193 -5.41 -24.16 -17.76
CA THR B 193 -5.04 -25.59 -17.50
C THR B 193 -3.77 -25.91 -18.29
N ILE B 194 -2.72 -26.29 -17.60
CA ILE B 194 -1.43 -26.64 -18.30
C ILE B 194 -1.22 -28.15 -18.19
N VAL B 195 -0.98 -28.81 -19.30
CA VAL B 195 -0.72 -30.28 -19.27
C VAL B 195 0.80 -30.49 -19.33
N ASP B 196 1.42 -30.70 -18.19
CA ASP B 196 2.89 -30.94 -18.17
C ASP B 196 3.15 -32.34 -18.74
N ALA B 197 3.25 -32.42 -20.05
CA ALA B 197 3.46 -33.74 -20.74
C ALA B 197 4.75 -34.43 -20.25
N SER B 198 5.73 -33.66 -19.83
CA SER B 198 7.01 -34.26 -19.34
C SER B 198 6.80 -34.95 -17.99
N ASN B 199 5.94 -34.41 -17.15
CA ASN B 199 5.70 -35.04 -15.80
C ASN B 199 4.33 -35.72 -15.77
N GLU B 200 3.62 -35.75 -16.88
CA GLU B 200 2.24 -36.38 -16.91
C GLU B 200 1.41 -35.78 -15.75
N ARG B 201 1.44 -34.48 -15.64
CA ARG B 201 0.71 -33.78 -14.53
C ARG B 201 -0.14 -32.63 -15.09
N GLN B 202 -1.31 -32.42 -14.52
CA GLN B 202 -2.20 -31.31 -14.98
C GLN B 202 -2.28 -30.26 -13.86
N VAL B 203 -1.98 -29.02 -14.18
CA VAL B 203 -2.03 -27.94 -13.14
C VAL B 203 -2.91 -26.79 -13.65
N ILE B 204 -3.62 -26.13 -12.76
CA ILE B 204 -4.50 -25.00 -13.19
C ILE B 204 -4.04 -23.70 -12.53
N ASP B 205 -3.49 -22.80 -13.31
CA ASP B 205 -3.01 -21.49 -12.76
C ASP B 205 -4.16 -20.49 -12.86
N ILE B 206 -4.53 -19.88 -11.75
CA ILE B 206 -5.66 -18.90 -11.76
C ILE B 206 -5.11 -17.46 -11.87
N ILE B 207 -5.66 -16.69 -12.76
CA ILE B 207 -5.21 -15.27 -12.96
C ILE B 207 -6.37 -14.33 -12.56
N PRO B 208 -6.06 -13.33 -11.74
CA PRO B 208 -7.08 -12.36 -11.25
C PRO B 208 -7.49 -11.34 -12.34
N ARG B 209 -8.56 -10.63 -12.10
CA ARG B 209 -9.06 -9.63 -13.10
C ARG B 209 -8.17 -8.38 -13.11
N GLY B 210 -8.22 -7.64 -14.20
CA GLY B 210 -7.38 -6.39 -14.34
C GLY B 210 -6.09 -6.74 -15.10
N LEU B 211 -5.88 -8.01 -15.39
CA LEU B 211 -4.64 -8.46 -16.11
C LEU B 211 -5.04 -9.10 -17.45
N GLU B 212 -4.27 -8.87 -18.49
CA GLU B 212 -4.59 -9.49 -19.81
C GLU B 212 -3.56 -10.60 -20.08
N LEU B 213 -4.01 -11.67 -20.68
CA LEU B 213 -3.12 -12.85 -20.95
C LEU B 213 -2.21 -12.61 -22.16
N LEU B 214 -1.05 -13.24 -22.13
CA LEU B 214 -0.07 -13.16 -23.26
C LEU B 214 0.02 -14.54 -23.93
N VAL B 215 -0.80 -15.48 -23.50
CA VAL B 215 -0.72 -16.87 -24.08
C VAL B 215 -2.04 -17.30 -24.73
N SER B 216 -1.96 -18.27 -25.62
CA SER B 216 -3.17 -18.80 -26.34
C SER B 216 -3.28 -20.30 -26.09
N GLU B 217 -4.44 -20.89 -26.32
CA GLU B 217 -4.61 -22.36 -26.13
C GLU B 217 -3.72 -23.11 -27.13
N GLY B 218 -3.09 -24.18 -26.71
CA GLY B 218 -2.22 -24.96 -27.64
C GLY B 218 -0.77 -24.41 -27.65
N GLU B 219 -0.49 -23.38 -26.88
CA GLU B 219 0.90 -22.82 -26.87
C GLU B 219 1.75 -23.55 -25.82
N SER B 220 3.02 -23.73 -26.10
CA SER B 220 3.94 -24.41 -25.13
C SER B 220 4.49 -23.36 -24.16
N ILE B 221 4.31 -23.57 -22.88
CA ILE B 221 4.81 -22.61 -21.85
C ILE B 221 5.93 -23.26 -21.03
N LYS B 222 6.89 -22.47 -20.59
CA LYS B 222 8.02 -23.00 -19.76
C LYS B 222 7.71 -22.68 -18.29
N LEU B 223 8.38 -23.31 -17.36
CA LEU B 223 8.11 -23.02 -15.91
C LEU B 223 8.48 -21.55 -15.61
N ASP B 224 7.63 -20.85 -14.88
CA ASP B 224 7.88 -19.41 -14.50
C ASP B 224 7.78 -18.50 -15.74
N GLN B 225 7.25 -18.99 -16.85
CA GLN B 225 7.08 -18.12 -18.05
C GLN B 225 5.90 -17.17 -17.75
N PRO B 226 6.07 -15.88 -18.01
CA PRO B 226 5.00 -14.87 -17.74
C PRO B 226 3.76 -15.14 -18.61
N LEU B 227 2.64 -15.40 -17.95
CA LEU B 227 1.36 -15.70 -18.66
C LEU B 227 0.54 -14.41 -18.86
N THR B 228 0.91 -13.34 -18.20
CA THR B 228 0.15 -12.07 -18.34
C THR B 228 1.11 -10.88 -18.52
N SER B 229 0.57 -9.73 -18.84
CA SER B 229 1.41 -8.51 -19.02
C SER B 229 1.77 -7.96 -17.63
N ASN B 230 2.79 -7.12 -17.54
CA ASN B 230 3.15 -6.52 -16.21
C ASN B 230 2.33 -5.23 -16.05
N PRO B 231 1.30 -5.27 -15.21
CA PRO B 231 0.36 -4.14 -15.00
C PRO B 231 0.89 -3.08 -14.01
N ASN B 232 2.14 -3.15 -13.62
CA ASN B 232 2.67 -2.15 -12.64
C ASN B 232 3.21 -0.92 -13.37
N VAL B 233 2.64 0.23 -13.07
CA VAL B 233 3.09 1.51 -13.70
C VAL B 233 3.72 2.40 -12.62
N GLY B 234 3.78 1.93 -11.40
CA GLY B 234 4.38 2.73 -10.29
C GLY B 234 5.81 2.25 -10.00
N GLY B 235 6.34 2.59 -8.85
CA GLY B 235 7.73 2.17 -8.50
C GLY B 235 8.24 2.88 -7.24
N PHE B 236 9.28 2.34 -6.65
CA PHE B 236 9.87 2.94 -5.43
C PHE B 236 11.29 3.42 -5.74
N GLY B 237 11.70 4.49 -5.12
CA GLY B 237 13.06 5.03 -5.35
C GLY B 237 13.57 5.63 -4.04
N GLN B 238 14.86 5.77 -3.93
CA GLN B 238 15.43 6.36 -2.68
C GLN B 238 16.54 7.34 -3.05
N GLY B 239 16.71 8.33 -2.22
CA GLY B 239 17.76 9.36 -2.44
C GLY B 239 18.33 9.79 -1.09
N ASP B 240 19.37 10.57 -1.10
CA ASP B 240 19.98 11.01 0.19
C ASP B 240 20.50 12.46 0.06
N ALA B 241 20.55 13.15 1.15
CA ALA B 241 21.03 14.55 1.16
C ALA B 241 21.98 14.73 2.35
N GLU B 242 22.72 15.80 2.36
CA GLU B 242 23.66 16.07 3.47
C GLU B 242 23.35 17.48 3.99
N ILE B 243 23.10 17.60 5.27
CA ILE B 243 22.78 18.94 5.84
C ILE B 243 23.88 19.33 6.86
N VAL B 244 24.23 20.59 6.90
CA VAL B 244 25.28 21.04 7.84
C VAL B 244 24.65 21.79 9.02
N LEU B 245 24.62 21.17 10.20
CA LEU B 245 24.11 21.89 11.40
C LEU B 245 25.17 22.96 11.67
N GLN B 246 24.85 24.20 11.39
CA GLN B 246 25.88 25.27 11.49
C GLN B 246 25.92 26.00 12.82
N ASP B 247 27.12 26.34 13.23
CA ASP B 247 27.34 27.14 14.46
C ASP B 247 26.95 28.59 14.09
N PRO B 248 26.19 29.27 14.94
CA PRO B 248 25.74 30.66 14.65
C PRO B 248 26.93 31.65 14.67
N LEU B 249 28.12 31.16 14.98
CA LEU B 249 29.34 32.03 14.95
C LEU B 249 30.20 31.56 13.77
N ARG B 250 31.48 31.30 13.96
CA ARG B 250 32.35 30.79 12.85
C ARG B 250 33.77 30.60 13.38
N ILE A 1 -23.10 -12.57 12.47
CA ILE A 1 -21.70 -12.51 13.00
C ILE A 1 -21.12 -11.12 12.80
N ASP A 2 -20.36 -10.62 13.74
CA ASP A 2 -19.77 -9.26 13.54
C ASP A 2 -18.30 -9.42 13.16
N VAL A 3 -17.83 -8.67 12.18
CA VAL A 3 -16.41 -8.75 11.74
C VAL A 3 -15.84 -7.33 11.79
N LEU A 4 -14.74 -7.12 12.48
CA LEU A 4 -14.15 -5.74 12.59
C LEU A 4 -13.25 -5.45 11.42
N LEU A 5 -13.35 -4.26 10.88
CA LEU A 5 -12.46 -3.92 9.76
C LEU A 5 -11.29 -3.17 10.40
N GLY A 6 -10.16 -3.83 10.55
CA GLY A 6 -9.04 -3.14 11.24
C GLY A 6 -9.00 -3.66 12.68
N ALA A 7 -7.89 -4.22 13.11
CA ALA A 7 -7.85 -4.78 14.49
C ALA A 7 -7.78 -3.65 15.55
N ASP A 8 -8.00 -3.95 16.82
CA ASP A 8 -7.94 -2.87 17.88
C ASP A 8 -6.50 -2.29 18.04
N ASP A 9 -5.47 -2.92 17.48
CA ASP A 9 -4.08 -2.37 17.55
C ASP A 9 -3.81 -1.64 16.21
N GLY A 10 -4.84 -1.42 15.40
CA GLY A 10 -4.66 -0.70 14.10
C GLY A 10 -4.17 -1.66 13.00
N SER A 11 -4.12 -2.96 13.24
CA SER A 11 -3.61 -3.90 12.19
C SER A 11 -4.59 -3.90 10.98
N LEU A 12 -4.09 -4.02 9.76
CA LEU A 12 -5.02 -4.03 8.60
C LEU A 12 -5.51 -5.49 8.40
N ALA A 13 -6.56 -5.87 9.12
CA ALA A 13 -7.07 -7.28 9.01
C ALA A 13 -8.54 -7.38 9.37
N PHE A 14 -9.19 -8.42 8.86
CA PHE A 14 -10.61 -8.62 9.19
C PHE A 14 -10.65 -9.42 10.49
N VAL A 15 -11.48 -9.10 11.45
CA VAL A 15 -11.39 -9.91 12.70
C VAL A 15 -12.78 -10.39 13.13
N PRO A 16 -13.07 -11.66 12.97
CA PRO A 16 -12.12 -12.67 12.41
C PRO A 16 -12.02 -12.55 10.85
N SER A 17 -11.04 -13.21 10.24
CA SER A 17 -10.87 -13.18 8.74
C SER A 17 -11.35 -14.53 8.13
N GLU A 18 -11.39 -15.59 8.90
CA GLU A 18 -11.88 -16.90 8.35
C GLU A 18 -12.92 -17.39 9.29
N PHE A 19 -14.12 -17.62 8.78
CA PHE A 19 -15.21 -18.07 9.68
C PHE A 19 -16.28 -18.84 8.89
N SER A 20 -17.18 -19.48 9.57
CA SER A 20 -18.25 -20.20 8.83
C SER A 20 -19.60 -19.68 9.28
N ILE A 21 -20.59 -19.70 8.41
CA ILE A 21 -21.94 -19.19 8.80
C ILE A 21 -23.01 -20.07 8.20
N SER A 22 -24.21 -20.01 8.71
CA SER A 22 -25.27 -20.82 8.12
C SER A 22 -25.91 -19.95 7.01
N PRO A 23 -26.65 -20.54 6.10
CA PRO A 23 -27.29 -19.75 5.02
C PRO A 23 -28.33 -18.70 5.53
N GLY A 24 -28.29 -17.48 4.95
CA GLY A 24 -29.24 -16.40 5.40
C GLY A 24 -28.65 -15.72 6.66
N GLU A 25 -27.59 -16.26 7.26
CA GLU A 25 -27.11 -15.60 8.51
C GLU A 25 -26.52 -14.24 8.13
N LYS A 26 -26.69 -13.21 8.92
CA LYS A 26 -26.14 -11.89 8.47
C LYS A 26 -24.69 -11.66 8.95
N ILE A 27 -23.88 -11.00 8.14
CA ILE A 27 -22.49 -10.67 8.53
C ILE A 27 -22.41 -9.15 8.64
N VAL A 28 -22.06 -8.63 9.80
CA VAL A 28 -22.01 -7.17 9.93
C VAL A 28 -20.55 -6.74 9.95
N PHE A 29 -20.11 -6.13 8.88
CA PHE A 29 -18.72 -5.66 8.83
C PHE A 29 -18.74 -4.26 9.42
N LYS A 30 -17.96 -3.99 10.44
CA LYS A 30 -18.00 -2.63 11.02
C LYS A 30 -16.63 -1.95 10.99
N ASN A 31 -16.59 -0.73 10.53
CA ASN A 31 -15.31 0.03 10.50
C ASN A 31 -14.79 0.16 11.95
N ASN A 32 -13.58 -0.31 12.21
CA ASN A 32 -13.01 -0.26 13.59
C ASN A 32 -11.72 0.57 13.60
N ALA A 33 -10.75 0.27 12.75
CA ALA A 33 -9.47 1.05 12.76
C ALA A 33 -8.71 0.97 11.44
N GLY A 34 -7.94 2.02 11.09
CA GLY A 34 -7.14 2.01 9.79
C GLY A 34 -8.08 2.30 8.60
N PHE A 35 -9.29 2.78 8.81
CA PHE A 35 -10.20 3.08 7.63
C PHE A 35 -9.60 4.29 6.85
N PRO A 36 -10.14 4.63 5.66
CA PRO A 36 -11.33 3.95 5.03
C PRO A 36 -11.06 2.48 4.64
N HIS A 37 -12.14 1.71 4.57
CA HIS A 37 -12.09 0.25 4.22
C HIS A 37 -13.36 -0.10 3.44
N ASN A 38 -13.35 -1.22 2.76
CA ASN A 38 -14.56 -1.64 2.01
C ASN A 38 -14.54 -3.15 1.94
N ILE A 39 -15.58 -3.73 1.47
CA ILE A 39 -15.58 -5.20 1.39
C ILE A 39 -15.96 -5.60 -0.03
N VAL A 40 -15.09 -6.28 -0.73
CA VAL A 40 -15.42 -6.68 -2.11
C VAL A 40 -15.29 -8.20 -2.23
N PHE A 41 -16.27 -8.87 -2.80
CA PHE A 41 -16.16 -10.35 -2.93
C PHE A 41 -15.47 -10.69 -4.22
N ASP A 42 -14.56 -11.63 -4.21
CA ASP A 42 -13.87 -11.97 -5.45
C ASP A 42 -14.85 -12.70 -6.36
N GLU A 43 -15.18 -12.07 -7.45
CA GLU A 43 -16.11 -12.66 -8.43
C GLU A 43 -15.63 -14.04 -8.93
N ASP A 44 -14.32 -14.26 -8.97
CA ASP A 44 -13.75 -15.57 -9.46
C ASP A 44 -13.53 -16.52 -8.29
N SER A 45 -13.91 -16.14 -7.09
CA SER A 45 -13.67 -17.03 -5.93
C SER A 45 -14.95 -17.13 -5.06
N ILE A 46 -16.10 -17.26 -5.67
CA ILE A 46 -17.36 -17.43 -4.88
C ILE A 46 -18.12 -18.56 -5.57
N PRO A 47 -19.12 -19.13 -4.93
CA PRO A 47 -19.87 -20.23 -5.55
C PRO A 47 -20.46 -19.84 -6.92
N SER A 48 -20.45 -20.79 -7.84
CA SER A 48 -20.96 -20.57 -9.25
C SER A 48 -22.41 -20.06 -9.32
N GLY A 49 -22.65 -19.08 -10.19
CA GLY A 49 -24.01 -18.50 -10.37
C GLY A 49 -24.24 -17.31 -9.42
N VAL A 50 -23.37 -17.07 -8.44
CA VAL A 50 -23.66 -15.96 -7.45
C VAL A 50 -23.32 -14.62 -8.05
N ASP A 51 -24.22 -13.66 -7.92
CA ASP A 51 -23.90 -12.33 -8.47
C ASP A 51 -23.08 -11.56 -7.40
N ALA A 52 -21.82 -11.26 -7.67
CA ALA A 52 -20.98 -10.52 -6.66
C ALA A 52 -21.47 -9.08 -6.43
N SER A 53 -22.16 -8.49 -7.38
CA SER A 53 -22.69 -7.08 -7.20
C SER A 53 -23.80 -7.07 -6.11
N LYS A 54 -24.48 -8.18 -5.88
CA LYS A 54 -25.58 -8.23 -4.84
C LYS A 54 -25.04 -8.37 -3.41
N ILE A 55 -23.81 -8.80 -3.24
CA ILE A 55 -23.25 -9.02 -1.86
C ILE A 55 -21.96 -8.18 -1.59
N SER A 56 -21.52 -7.33 -2.52
CA SER A 56 -20.27 -6.53 -2.24
C SER A 56 -20.42 -5.07 -2.48
N MET A 57 -19.47 -4.31 -1.96
CA MET A 57 -19.48 -2.84 -2.14
C MET A 57 -18.79 -2.57 -3.44
N SER A 58 -18.99 -1.41 -4.02
CA SER A 58 -18.27 -1.16 -5.27
C SER A 58 -16.82 -0.93 -4.91
N GLU A 59 -15.95 -1.20 -5.80
CA GLU A 59 -14.52 -1.00 -5.47
C GLU A 59 -14.21 0.46 -5.12
N GLU A 60 -14.96 1.34 -5.74
CA GLU A 60 -14.82 2.82 -5.55
C GLU A 60 -15.64 3.29 -4.32
N ASP A 61 -16.39 2.41 -3.65
CA ASP A 61 -17.17 2.85 -2.44
C ASP A 61 -16.33 2.62 -1.17
N LEU A 62 -16.47 3.48 -0.18
CA LEU A 62 -15.65 3.32 1.05
C LEU A 62 -16.44 3.65 2.30
N LEU A 63 -16.09 2.98 3.37
CA LEU A 63 -16.66 3.26 4.69
C LEU A 63 -15.55 4.08 5.32
N ASN A 64 -15.71 5.37 5.54
CA ASN A 64 -14.54 6.13 6.02
C ASN A 64 -14.72 6.71 7.45
N ALA A 65 -15.72 6.27 8.21
CA ALA A 65 -15.86 6.83 9.61
C ALA A 65 -15.98 5.66 10.56
N LYS A 66 -15.46 5.79 11.74
CA LYS A 66 -15.50 4.67 12.75
C LYS A 66 -16.96 4.28 13.08
N GLY A 67 -17.26 2.97 13.09
CA GLY A 67 -18.66 2.54 13.41
C GLY A 67 -19.47 2.30 12.11
N GLU A 68 -19.02 2.80 10.94
CA GLU A 68 -19.86 2.60 9.70
C GLU A 68 -19.96 1.09 9.44
N THR A 69 -21.11 0.61 8.99
CA THR A 69 -21.22 -0.87 8.78
C THR A 69 -21.75 -1.24 7.40
N PHE A 70 -21.43 -2.44 6.99
CA PHE A 70 -21.95 -2.99 5.71
C PHE A 70 -22.45 -4.38 6.08
N GLU A 71 -23.70 -4.65 5.84
CA GLU A 71 -24.25 -5.96 6.24
C GLU A 71 -24.63 -6.77 5.01
N VAL A 72 -24.41 -8.07 5.08
CA VAL A 72 -24.77 -8.96 3.94
C VAL A 72 -25.16 -10.34 4.43
N ALA A 73 -26.10 -10.95 3.77
CA ALA A 73 -26.52 -12.32 4.12
C ALA A 73 -26.22 -13.22 2.92
N LEU A 74 -25.57 -14.33 3.13
CA LEU A 74 -25.25 -15.22 1.98
C LEU A 74 -26.15 -16.46 2.06
N SER A 75 -26.63 -16.98 0.94
CA SER A 75 -27.51 -18.17 1.03
C SER A 75 -26.88 -19.37 0.33
N ASN A 76 -26.24 -19.16 -0.82
CA ASN A 76 -25.62 -20.33 -1.54
C ASN A 76 -24.45 -20.89 -0.74
N LYS A 77 -24.39 -22.19 -0.61
CA LYS A 77 -23.31 -22.80 0.20
C LYS A 77 -21.99 -22.83 -0.58
N GLY A 78 -20.87 -22.85 0.11
CA GLY A 78 -19.58 -22.91 -0.62
C GLY A 78 -18.60 -21.92 0.00
N GLU A 79 -17.46 -21.73 -0.58
CA GLU A 79 -16.49 -20.77 0.04
C GLU A 79 -16.57 -19.41 -0.69
N TYR A 80 -16.44 -18.31 0.04
CA TYR A 80 -16.49 -16.95 -0.58
C TYR A 80 -15.19 -16.22 -0.22
N SER A 81 -14.41 -15.79 -1.18
CA SER A 81 -13.16 -15.05 -0.83
C SER A 81 -13.47 -13.57 -0.94
N PHE A 82 -13.06 -12.77 0.03
CA PHE A 82 -13.36 -11.31 -0.06
C PHE A 82 -12.13 -10.52 0.31
N TYR A 83 -12.13 -9.22 0.06
CA TYR A 83 -10.94 -8.42 0.39
C TYR A 83 -11.26 -6.96 0.51
N CYS A 84 -10.36 -6.20 1.07
CA CYS A 84 -10.56 -4.76 1.13
C CYS A 84 -9.81 -4.25 -0.10
N SER A 85 -10.42 -3.50 -0.98
CA SER A 85 -9.67 -3.10 -2.22
C SER A 85 -8.38 -2.24 -1.96
N PRO A 86 -8.42 -1.16 -1.18
CA PRO A 86 -7.22 -0.31 -0.94
C PRO A 86 -6.16 -1.01 -0.08
N HIS A 87 -6.53 -2.05 0.68
CA HIS A 87 -5.53 -2.77 1.54
C HIS A 87 -5.40 -4.29 1.16
N GLN A 88 -5.85 -4.71 -0.02
CA GLN A 88 -5.69 -6.17 -0.44
C GLN A 88 -4.22 -6.53 -0.45
N GLY A 89 -3.41 -5.66 -0.98
CA GLY A 89 -1.97 -5.92 -1.00
C GLY A 89 -1.44 -5.97 0.46
N ALA A 90 -2.08 -5.33 1.40
CA ALA A 90 -1.55 -5.39 2.79
C ALA A 90 -1.90 -6.68 3.48
N GLY A 91 -2.62 -7.51 2.80
CA GLY A 91 -3.02 -8.79 3.40
C GLY A 91 -4.42 -8.65 3.99
N MET A 92 -5.12 -7.54 3.77
CA MET A 92 -6.47 -7.46 4.39
C MET A 92 -7.40 -8.31 3.51
N VAL A 93 -7.44 -9.60 3.76
CA VAL A 93 -8.27 -10.49 2.93
C VAL A 93 -9.00 -11.45 3.87
N GLY A 94 -10.01 -12.15 3.43
CA GLY A 94 -10.67 -13.10 4.37
C GLY A 94 -11.45 -14.14 3.54
N LYS A 95 -12.03 -15.14 4.17
CA LYS A 95 -12.78 -16.17 3.40
C LYS A 95 -13.91 -16.70 4.27
N VAL A 96 -15.12 -16.72 3.78
CA VAL A 96 -16.23 -17.23 4.63
C VAL A 96 -16.80 -18.48 4.02
N THR A 97 -17.18 -19.44 4.83
CA THR A 97 -17.76 -20.66 4.23
C THR A 97 -19.24 -20.77 4.62
N VAL A 98 -20.13 -20.92 3.67
CA VAL A 98 -21.55 -21.07 4.07
C VAL A 98 -21.84 -22.57 4.10
N ASN A 99 -22.14 -23.12 5.25
CA ASN A 99 -22.35 -24.59 5.32
C ASN A 99 -23.70 -24.92 5.95
N TYR B 1 2.08 -0.08 1.93
CA TYR B 1 1.70 1.10 2.67
C TYR B 1 2.76 1.36 3.73
N PRO B 2 2.93 2.62 4.13
CA PRO B 2 3.91 2.97 5.18
C PRO B 2 3.61 2.23 6.49
N ILE B 3 2.37 1.85 6.73
CA ILE B 3 1.99 1.09 7.97
C ILE B 3 2.55 -0.36 7.91
N PHE B 4 2.68 -0.95 6.72
CA PHE B 4 3.19 -2.40 6.60
C PHE B 4 4.66 -2.47 6.97
N ALA B 5 5.42 -1.44 6.65
CA ALA B 5 6.87 -1.41 7.02
C ALA B 5 6.97 -1.11 8.53
N GLN B 6 6.19 -0.15 9.01
CA GLN B 6 6.19 0.22 10.47
C GLN B 6 5.75 -1.00 11.31
N GLN B 7 4.68 -1.65 10.90
CA GLN B 7 4.16 -2.83 11.66
C GLN B 7 5.18 -3.99 11.77
N ASN B 8 6.11 -4.22 10.83
CA ASN B 8 7.00 -5.43 11.00
C ASN B 8 8.50 -5.18 10.58
N TYR B 9 8.95 -3.94 10.65
CA TYR B 9 10.41 -3.58 10.39
C TYR B 9 10.70 -2.52 11.44
N GLU B 10 11.54 -2.85 12.39
CA GLU B 10 11.80 -1.90 13.51
C GLU B 10 12.51 -0.65 12.98
N ASN B 11 13.44 -0.84 12.08
CA ASN B 11 14.16 0.30 11.46
C ASN B 11 13.88 0.15 9.94
N PRO B 12 13.56 1.24 9.27
CA PRO B 12 13.20 1.19 7.84
C PRO B 12 14.43 1.06 6.92
N ARG B 13 15.64 1.34 7.39
CA ARG B 13 16.83 1.20 6.46
C ARG B 13 17.60 -0.09 6.76
N GLU B 14 17.82 -0.92 5.75
CA GLU B 14 18.53 -2.21 6.01
C GLU B 14 20.06 -1.99 5.93
N ALA B 15 20.84 -2.95 6.36
CA ALA B 15 22.33 -2.82 6.33
C ALA B 15 22.84 -2.57 4.87
N THR B 16 22.10 -3.00 3.85
CA THR B 16 22.55 -2.78 2.42
C THR B 16 22.30 -1.32 2.03
N GLY B 17 21.51 -0.63 2.83
CA GLY B 17 21.21 0.81 2.55
C GLY B 17 19.89 0.91 1.81
N ARG B 18 19.21 -0.20 1.65
CA ARG B 18 17.89 -0.21 0.94
C ARG B 18 16.77 -0.01 1.94
N ILE B 19 15.80 0.80 1.58
CA ILE B 19 14.66 1.01 2.49
C ILE B 19 13.67 -0.18 2.32
N VAL B 20 13.13 -0.66 3.41
CA VAL B 20 12.20 -1.85 3.39
C VAL B 20 10.99 -1.71 2.43
N CYS B 21 10.63 -0.55 1.85
CA CYS B 21 9.44 -0.57 0.92
C CYS B 21 9.80 -1.33 -0.36
N ALA B 22 11.06 -1.36 -0.67
CA ALA B 22 11.57 -2.07 -1.89
C ALA B 22 11.35 -3.60 -1.75
N ASN B 23 10.93 -4.09 -0.58
CA ASN B 23 10.68 -5.57 -0.41
C ASN B 23 9.32 -5.93 -1.09
N CYS B 24 8.36 -4.98 -1.14
CA CYS B 24 7.00 -5.23 -1.83
C CYS B 24 6.84 -4.28 -2.98
N HIS B 25 7.44 -3.12 -2.90
CA HIS B 25 7.38 -2.18 -4.03
C HIS B 25 8.61 -2.55 -4.91
N LEU B 26 8.39 -3.42 -5.88
CA LEU B 26 9.55 -3.95 -6.70
C LEU B 26 9.97 -3.06 -7.90
N ALA B 27 9.18 -2.12 -8.40
CA ALA B 27 9.70 -1.34 -9.60
C ALA B 27 10.52 -0.12 -9.14
N SER B 28 11.62 0.18 -9.83
CA SER B 28 12.44 1.34 -9.41
C SER B 28 12.01 2.59 -10.18
N LYS B 29 11.82 3.66 -9.48
CA LYS B 29 11.43 4.93 -10.11
C LYS B 29 12.18 6.02 -9.30
N PRO B 30 12.52 7.12 -9.94
CA PRO B 30 13.29 8.19 -9.29
C PRO B 30 12.57 9.03 -8.23
N VAL B 31 13.33 9.31 -7.19
CA VAL B 31 12.88 10.15 -6.06
C VAL B 31 13.89 11.30 -5.91
N ASP B 32 13.43 12.46 -5.54
CA ASP B 32 14.38 13.60 -5.38
C ASP B 32 14.14 14.28 -4.04
N ILE B 33 15.14 14.95 -3.50
CA ILE B 33 14.96 15.64 -2.18
C ILE B 33 15.80 16.91 -2.12
N GLU B 34 15.15 18.04 -1.93
CA GLU B 34 15.91 19.30 -1.80
C GLU B 34 15.90 19.72 -0.33
N VAL B 35 17.05 20.02 0.17
CA VAL B 35 17.18 20.43 1.59
C VAL B 35 18.18 21.59 1.62
N PRO B 36 18.01 22.54 2.53
CA PRO B 36 18.95 23.66 2.56
C PRO B 36 20.37 23.15 2.86
N GLN B 37 21.38 23.79 2.29
CA GLN B 37 22.81 23.34 2.49
C GLN B 37 23.20 23.36 3.96
N ALA B 38 22.73 24.34 4.68
CA ALA B 38 23.08 24.43 6.11
C ALA B 38 21.91 25.01 6.89
N VAL B 39 21.83 24.70 8.16
CA VAL B 39 20.71 25.25 8.99
C VAL B 39 21.25 25.64 10.37
N LEU B 40 20.55 26.51 11.06
CA LEU B 40 21.01 26.95 12.41
C LEU B 40 20.24 26.20 13.49
N PRO B 41 20.83 26.11 14.67
CA PRO B 41 20.18 25.44 15.81
C PRO B 41 18.78 25.99 16.12
N ASP B 42 17.87 25.08 16.47
CA ASP B 42 16.43 25.39 16.80
C ASP B 42 15.76 26.29 15.75
N THR B 43 15.88 25.94 14.48
CA THR B 43 15.20 26.72 13.38
C THR B 43 14.42 25.75 12.53
N VAL B 44 13.30 26.17 11.99
CA VAL B 44 12.52 25.24 11.15
C VAL B 44 12.99 25.34 9.70
N PHE B 45 13.08 24.21 9.05
CA PHE B 45 13.47 24.20 7.64
C PHE B 45 12.58 23.22 6.91
N GLU B 46 12.59 23.25 5.62
CA GLU B 46 11.72 22.32 4.88
C GLU B 46 12.52 21.32 4.07
N ALA B 47 12.04 20.10 4.10
CA ALA B 47 12.68 19.02 3.29
C ALA B 47 11.69 18.67 2.22
N VAL B 48 11.99 18.98 0.99
CA VAL B 48 10.97 18.71 -0.04
C VAL B 48 11.30 17.43 -0.81
N VAL B 49 10.39 16.50 -0.78
CA VAL B 49 10.64 15.23 -1.49
C VAL B 49 9.84 15.20 -2.78
N LYS B 50 10.45 14.79 -3.86
CA LYS B 50 9.71 14.72 -5.15
C LYS B 50 9.58 13.26 -5.59
N ILE B 51 8.36 12.84 -5.85
CA ILE B 51 8.06 11.45 -6.31
C ILE B 51 7.32 11.64 -7.65
N PRO B 52 8.09 11.95 -8.70
CA PRO B 52 7.52 12.27 -10.04
C PRO B 52 7.16 11.03 -10.87
N TYR B 53 6.08 11.16 -11.63
CA TYR B 53 5.59 10.06 -12.53
C TYR B 53 4.69 10.65 -13.61
N ASP B 54 4.58 10.01 -14.75
CA ASP B 54 3.67 10.56 -15.78
C ASP B 54 2.22 10.47 -15.20
N MET B 55 1.49 11.57 -15.11
CA MET B 55 0.12 11.54 -14.47
C MET B 55 -1.02 11.03 -15.40
N GLN B 56 -0.75 10.56 -16.61
CA GLN B 56 -1.88 10.01 -17.45
C GLN B 56 -1.91 8.50 -17.21
N LEU B 57 -0.99 8.03 -16.37
CA LEU B 57 -0.87 6.58 -16.07
C LEU B 57 -1.99 6.10 -15.16
N LYS B 58 -2.57 4.97 -15.50
CA LYS B 58 -3.64 4.40 -14.66
C LYS B 58 -3.19 3.02 -14.22
N GLN B 59 -3.22 2.75 -12.94
CA GLN B 59 -2.76 1.42 -12.44
C GLN B 59 -3.95 0.49 -12.23
N VAL B 60 -3.70 -0.76 -11.94
CA VAL B 60 -4.83 -1.71 -11.71
C VAL B 60 -5.23 -1.65 -10.23
N LEU B 61 -6.41 -1.16 -9.93
CA LEU B 61 -6.81 -1.08 -8.52
C LEU B 61 -7.03 -2.51 -7.97
N ALA B 62 -7.13 -2.66 -6.68
CA ALA B 62 -7.33 -4.02 -6.05
C ALA B 62 -8.60 -4.75 -6.54
N ASN B 63 -9.42 -4.13 -7.34
CA ASN B 63 -10.68 -4.84 -7.76
C ASN B 63 -10.73 -5.04 -9.29
N GLY B 64 -9.61 -4.90 -9.99
CA GLY B 64 -9.57 -5.08 -11.48
C GLY B 64 -9.74 -3.72 -12.21
N LYS B 65 -10.46 -2.76 -11.63
CA LYS B 65 -10.65 -1.44 -12.34
C LYS B 65 -9.34 -0.66 -12.38
N LYS B 66 -9.22 0.28 -13.30
CA LYS B 66 -7.97 1.08 -13.42
C LYS B 66 -8.18 2.45 -12.77
N GLY B 67 -7.20 2.96 -12.07
CA GLY B 67 -7.38 4.28 -11.40
C GLY B 67 -6.06 5.03 -11.25
N ALA B 68 -6.11 6.16 -10.53
CA ALA B 68 -4.88 7.00 -10.32
C ALA B 68 -3.99 6.40 -9.22
N LEU B 69 -2.77 6.88 -9.11
CA LEU B 69 -1.80 6.36 -8.10
C LEU B 69 -1.76 7.20 -6.85
N ASN B 70 -1.31 6.60 -5.77
CA ASN B 70 -1.20 7.35 -4.49
C ASN B 70 0.29 7.42 -4.11
N VAL B 71 0.69 8.40 -3.37
CA VAL B 71 2.12 8.49 -3.02
C VAL B 71 2.32 8.32 -1.50
N GLY B 72 3.52 7.96 -1.12
CA GLY B 72 3.85 7.81 0.33
C GLY B 72 5.36 7.94 0.48
N ALA B 73 5.85 8.30 1.64
CA ALA B 73 7.32 8.44 1.77
C ALA B 73 7.79 8.21 3.18
N VAL B 74 9.05 7.91 3.33
CA VAL B 74 9.63 7.72 4.68
C VAL B 74 10.87 8.58 4.79
N LEU B 75 10.92 9.48 5.74
CA LEU B 75 12.11 10.34 5.82
C LEU B 75 12.98 9.93 7.01
N ILE B 76 14.23 9.63 6.77
CA ILE B 76 15.09 9.22 7.90
C ILE B 76 16.04 10.38 8.24
N LEU B 77 15.82 11.00 9.37
CA LEU B 77 16.66 12.16 9.80
C LEU B 77 17.63 11.72 10.90
N PRO B 78 18.67 12.51 11.13
CA PRO B 78 19.65 12.21 12.21
C PRO B 78 18.97 12.34 13.56
N GLU B 79 19.49 11.71 14.58
CA GLU B 79 18.82 11.78 15.93
C GLU B 79 18.85 13.22 16.48
N GLY B 80 17.75 13.71 17.03
CA GLY B 80 17.74 15.11 17.51
C GLY B 80 16.78 15.91 16.61
N PHE B 81 16.81 15.61 15.30
CA PHE B 81 15.89 16.31 14.34
C PHE B 81 14.49 15.69 14.47
N GLU B 82 13.46 16.50 14.40
CA GLU B 82 12.07 15.96 14.54
C GLU B 82 11.07 16.85 13.83
N LEU B 83 9.85 16.39 13.72
CA LEU B 83 8.81 17.18 13.03
C LEU B 83 8.60 18.52 13.76
N ALA B 84 8.64 19.62 13.01
CA ALA B 84 8.43 20.96 13.65
C ALA B 84 7.02 21.04 14.26
N PRO B 85 6.90 21.61 15.45
CA PRO B 85 5.60 21.75 16.14
C PRO B 85 4.74 22.79 15.37
N PRO B 86 3.43 22.74 15.53
CA PRO B 86 2.47 23.65 14.82
C PRO B 86 2.69 25.14 15.14
N ASP B 87 3.02 25.48 16.37
CA ASP B 87 3.26 26.94 16.72
C ASP B 87 4.53 27.48 15.98
N ARG B 88 5.47 26.62 15.63
CA ARG B 88 6.74 27.06 14.92
C ARG B 88 6.57 27.01 13.40
N ILE B 89 5.44 26.52 12.93
CA ILE B 89 5.24 26.46 11.45
C ILE B 89 4.61 27.78 10.95
N SER B 90 5.28 28.42 10.02
CA SER B 90 4.77 29.71 9.43
C SER B 90 3.49 29.45 8.62
N PRO B 91 2.68 30.49 8.42
CA PRO B 91 1.43 30.40 7.63
C PRO B 91 1.78 30.19 6.15
N GLU B 92 2.87 30.80 5.69
CA GLU B 92 3.33 30.62 4.26
C GLU B 92 3.79 29.16 4.05
N MET B 93 4.09 28.47 5.13
CA MET B 93 4.52 27.04 5.06
C MET B 93 3.31 26.13 5.33
N LYS B 94 2.38 26.58 6.15
CA LYS B 94 1.18 25.73 6.50
C LYS B 94 0.30 25.48 5.27
N GLU B 95 0.26 26.41 4.34
CA GLU B 95 -0.56 26.19 3.10
C GLU B 95 0.23 25.21 2.20
N LYS B 96 1.55 25.32 2.26
CA LYS B 96 2.47 24.46 1.42
C LYS B 96 2.33 22.97 1.79
N ILE B 97 2.27 22.69 3.09
CA ILE B 97 2.11 21.28 3.59
C ILE B 97 0.65 20.81 3.46
N GLY B 98 -0.21 21.61 2.83
CA GLY B 98 -1.65 21.20 2.65
C GLY B 98 -2.30 20.88 4.01
N ASN B 99 -2.61 19.63 4.22
CA ASN B 99 -3.22 19.20 5.52
C ASN B 99 -2.77 17.75 5.74
N LEU B 100 -1.49 17.51 5.49
CA LEU B 100 -0.90 16.15 5.65
C LEU B 100 -0.62 15.87 7.11
N SER B 101 -0.71 14.61 7.48
CA SER B 101 -0.40 14.17 8.88
C SER B 101 0.85 13.34 8.86
N PHE B 102 1.92 13.92 9.34
CA PHE B 102 3.19 13.18 9.36
C PHE B 102 3.23 12.34 10.61
N GLN B 103 3.54 11.09 10.44
CA GLN B 103 3.55 10.19 11.62
C GLN B 103 4.95 9.72 11.96
N ASN B 104 5.15 9.38 13.20
CA ASN B 104 6.47 8.88 13.57
C ASN B 104 6.55 7.41 13.13
N TYR B 105 7.69 6.93 12.70
CA TYR B 105 7.76 5.51 12.26
C TYR B 105 7.31 4.63 13.47
N ARG B 106 7.74 5.05 14.62
CA ARG B 106 7.36 4.40 15.90
C ARG B 106 7.42 5.57 16.90
N PRO B 107 6.72 5.49 18.01
CA PRO B 107 6.73 6.62 18.97
C PRO B 107 8.13 6.89 19.57
N ASN B 108 9.01 5.93 19.62
CA ASN B 108 10.37 6.22 20.16
C ASN B 108 11.27 6.81 19.03
N LYS B 109 10.91 6.58 17.78
CA LYS B 109 11.70 7.11 16.62
C LYS B 109 11.11 8.45 16.16
N LYS B 110 11.50 9.51 16.82
CA LYS B 110 10.98 10.85 16.45
C LYS B 110 11.75 11.41 15.24
N ASN B 111 12.81 10.76 14.84
CA ASN B 111 13.62 11.27 13.68
C ASN B 111 13.28 10.49 12.39
N ILE B 112 12.23 9.70 12.41
CA ILE B 112 11.80 8.94 11.18
C ILE B 112 10.33 9.29 10.92
N LEU B 113 10.08 9.93 9.82
CA LEU B 113 8.71 10.35 9.55
C LEU B 113 8.10 9.62 8.37
N VAL B 114 6.84 9.30 8.48
CA VAL B 114 6.15 8.61 7.36
C VAL B 114 4.87 9.37 6.98
N ILE B 115 4.51 9.31 5.73
CA ILE B 115 3.28 9.99 5.26
C ILE B 115 2.70 9.20 4.08
N GLY B 116 1.40 9.16 3.96
CA GLY B 116 0.80 8.40 2.84
C GLY B 116 0.03 7.23 3.42
N PRO B 117 -0.80 6.63 2.60
CA PRO B 117 -1.00 7.03 1.18
C PRO B 117 -1.81 8.32 1.03
N VAL B 118 -1.32 9.17 0.16
CA VAL B 118 -1.99 10.48 -0.18
C VAL B 118 -2.08 10.51 -1.71
N PRO B 119 -3.11 11.16 -2.27
CA PRO B 119 -3.29 11.17 -3.74
C PRO B 119 -2.11 11.83 -4.50
N GLY B 120 -1.60 11.12 -5.52
CA GLY B 120 -0.42 11.58 -6.36
C GLY B 120 -0.70 12.88 -7.12
N GLN B 121 -1.90 13.06 -7.63
CA GLN B 121 -2.20 14.32 -8.40
C GLN B 121 -1.91 15.55 -7.53
N LYS B 122 -2.18 15.46 -6.24
CA LYS B 122 -1.99 16.62 -5.32
C LYS B 122 -0.62 16.62 -4.61
N TYR B 123 -0.09 15.48 -4.20
CA TYR B 123 1.19 15.50 -3.42
C TYR B 123 2.38 14.78 -4.12
N SER B 124 2.69 15.08 -5.39
CA SER B 124 3.89 14.42 -6.04
C SER B 124 5.14 14.97 -5.33
N GLU B 125 5.01 16.20 -4.84
CA GLU B 125 6.09 16.85 -4.03
C GLU B 125 5.56 17.12 -2.63
N ILE B 126 6.26 16.66 -1.62
CA ILE B 126 5.76 16.88 -0.24
C ILE B 126 6.76 17.71 0.56
N THR B 127 6.25 18.57 1.43
CA THR B 127 7.16 19.41 2.24
C THR B 127 7.13 18.97 3.71
N PHE B 128 8.25 18.51 4.21
CA PHE B 128 8.32 18.06 5.62
C PHE B 128 8.94 19.16 6.48
N PRO B 129 8.17 19.67 7.44
CA PRO B 129 8.66 20.76 8.26
C PRO B 129 9.52 20.16 9.36
N ILE B 130 10.82 20.38 9.29
CA ILE B 130 11.75 19.77 10.31
C ILE B 130 12.33 20.84 11.25
N LEU B 131 12.49 20.48 12.50
CA LEU B 131 13.09 21.41 13.49
C LEU B 131 14.53 20.99 13.75
N ALA B 132 15.45 21.88 13.52
CA ALA B 132 16.88 21.54 13.75
C ALA B 132 17.15 21.58 15.24
N PRO B 133 17.86 20.58 15.75
CA PRO B 133 18.15 20.51 17.19
C PRO B 133 19.14 21.59 17.61
N ASP B 134 19.44 21.64 18.89
CA ASP B 134 20.42 22.64 19.43
C ASP B 134 21.46 21.90 20.29
N PRO B 135 22.73 21.99 19.91
CA PRO B 135 23.83 21.31 20.63
C PRO B 135 23.96 21.84 22.07
N ALA B 136 23.74 23.11 22.29
CA ALA B 136 23.80 23.66 23.68
C ALA B 136 22.68 23.00 24.56
N THR B 137 21.65 22.40 23.95
CA THR B 137 20.52 21.76 24.76
C THR B 137 20.39 20.25 24.42
N ASN B 138 21.44 19.70 23.88
CA ASN B 138 21.51 18.25 23.52
C ASN B 138 23.01 17.89 23.39
N LYS B 139 23.53 17.15 24.33
CA LYS B 139 24.98 16.78 24.32
C LYS B 139 25.34 15.73 23.24
N ASP B 140 24.42 15.08 22.55
CA ASP B 140 24.87 14.08 21.50
C ASP B 140 24.70 14.70 20.10
N VAL B 141 24.18 15.91 20.05
CA VAL B 141 24.00 16.64 18.76
C VAL B 141 25.16 17.61 18.62
N HIS B 142 25.80 17.59 17.49
CA HIS B 142 26.98 18.47 17.29
C HIS B 142 26.87 19.26 16.01
N PHE B 143 27.71 20.25 15.85
CA PHE B 143 27.74 21.02 14.57
C PHE B 143 28.50 20.14 13.58
N LEU B 144 27.78 19.48 12.72
CA LEU B 144 28.43 18.52 11.80
C LEU B 144 27.63 18.33 10.51
N LYS B 145 28.17 17.53 9.61
CA LYS B 145 27.41 17.27 8.39
C LYS B 145 26.55 16.03 8.65
N TYR B 146 25.27 16.09 8.38
CA TYR B 146 24.44 14.91 8.73
C TYR B 146 23.75 14.33 7.51
N PRO B 147 23.70 13.01 7.39
CA PRO B 147 23.03 12.36 6.26
C PRO B 147 21.51 12.34 6.44
N ILE B 148 20.80 12.44 5.34
CA ILE B 148 19.29 12.40 5.36
C ILE B 148 18.87 11.38 4.30
N TYR B 149 18.04 10.45 4.67
CA TYR B 149 17.64 9.43 3.66
C TYR B 149 16.15 9.47 3.41
N VAL B 150 15.76 9.31 2.16
CA VAL B 150 14.30 9.35 1.81
C VAL B 150 13.90 8.16 0.91
N GLY B 151 12.71 7.70 1.13
CA GLY B 151 12.14 6.61 0.31
C GLY B 151 10.84 7.13 -0.25
N GLY B 152 10.65 7.03 -1.53
CA GLY B 152 9.40 7.58 -2.08
C GLY B 152 8.73 6.54 -2.96
N ASN B 153 7.42 6.36 -2.78
CA ASN B 153 6.69 5.35 -3.60
C ASN B 153 5.38 5.89 -4.18
N ARG B 154 5.09 5.43 -5.39
CA ARG B 154 3.82 5.80 -6.09
C ARG B 154 3.25 4.53 -6.72
N GLY B 155 2.01 4.21 -6.45
CA GLY B 155 1.47 3.00 -7.07
C GLY B 155 1.34 1.89 -6.02
N ARG B 156 0.50 0.92 -6.31
CA ARG B 156 0.26 -0.27 -5.41
C ARG B 156 1.42 -1.27 -5.50
N GLY B 157 1.79 -1.83 -4.38
CA GLY B 157 2.91 -2.80 -4.29
C GLY B 157 2.54 -4.15 -4.95
N GLN B 158 3.50 -5.04 -5.07
CA GLN B 158 3.26 -6.40 -5.67
C GLN B 158 3.09 -7.49 -4.57
N ILE B 159 3.72 -7.35 -3.42
CA ILE B 159 3.61 -8.44 -2.36
C ILE B 159 2.95 -7.93 -1.04
N TYR B 160 2.16 -8.78 -0.40
CA TYR B 160 1.53 -8.37 0.88
C TYR B 160 2.47 -8.81 2.02
N PRO B 161 2.21 -8.36 3.23
CA PRO B 161 3.01 -8.76 4.41
C PRO B 161 2.95 -10.30 4.67
N ASP B 162 2.01 -11.06 4.06
CA ASP B 162 1.99 -12.57 4.30
C ASP B 162 2.76 -13.31 3.19
N GLY B 163 3.23 -12.57 2.18
CA GLY B 163 4.00 -13.18 1.04
C GLY B 163 3.11 -13.30 -0.20
N SER B 164 1.82 -13.07 -0.03
CA SER B 164 0.87 -13.24 -1.17
C SER B 164 1.08 -12.17 -2.24
N LYS B 165 0.95 -12.53 -3.50
CA LYS B 165 1.13 -11.53 -4.61
C LYS B 165 -0.18 -10.76 -4.84
N SER B 166 -0.07 -9.52 -5.31
CA SER B 166 -1.31 -8.74 -5.59
C SER B 166 -1.63 -8.86 -7.04
N ASN B 167 -2.72 -8.28 -7.46
CA ASN B 167 -3.04 -8.41 -8.88
C ASN B 167 -2.31 -7.29 -9.66
N ASN B 168 -1.29 -6.70 -9.03
CA ASN B 168 -0.49 -5.62 -9.69
C ASN B 168 0.92 -6.14 -9.93
N THR B 169 1.01 -7.35 -10.43
CA THR B 169 2.32 -7.98 -10.73
C THR B 169 2.14 -9.01 -11.86
N VAL B 170 3.23 -9.54 -12.35
CA VAL B 170 3.14 -10.58 -13.44
C VAL B 170 2.74 -11.94 -12.85
N TYR B 171 1.94 -12.69 -13.56
CA TYR B 171 1.56 -14.04 -13.05
C TYR B 171 2.34 -15.05 -13.85
N ASN B 172 3.12 -15.86 -13.20
CA ASN B 172 3.96 -16.78 -13.98
C ASN B 172 3.38 -18.20 -13.96
N ALA B 173 3.66 -18.97 -15.00
CA ALA B 173 3.18 -20.39 -15.06
C ALA B 173 3.89 -21.21 -13.95
N THR B 174 3.13 -21.98 -13.18
CA THR B 174 3.73 -22.81 -12.07
C THR B 174 4.25 -24.15 -12.65
N ALA B 175 4.01 -24.38 -13.93
CA ALA B 175 4.49 -25.62 -14.61
C ALA B 175 4.74 -25.39 -16.09
N GLY B 176 5.65 -26.14 -16.65
CA GLY B 176 5.92 -26.05 -18.11
C GLY B 176 4.93 -26.95 -18.81
N GLY B 177 4.86 -26.91 -20.10
CA GLY B 177 3.86 -27.79 -20.74
C GLY B 177 3.13 -27.07 -21.87
N ILE B 178 1.95 -27.55 -22.18
CA ILE B 178 1.12 -26.94 -23.26
C ILE B 178 -0.21 -26.51 -22.65
N ILE B 179 -0.70 -25.33 -22.99
CA ILE B 179 -1.99 -24.89 -22.40
C ILE B 179 -3.12 -25.65 -23.12
N SER B 180 -3.86 -26.47 -22.40
CA SER B 180 -4.95 -27.27 -23.06
C SER B 180 -6.28 -26.54 -22.98
N LYS B 181 -6.38 -25.57 -22.08
CA LYS B 181 -7.65 -24.79 -21.93
C LYS B 181 -7.46 -23.44 -21.20
N ILE B 182 -8.24 -22.47 -21.62
CA ILE B 182 -8.22 -21.13 -20.96
C ILE B 182 -9.67 -20.73 -20.68
N LEU B 183 -10.09 -20.90 -19.46
CA LEU B 183 -11.48 -20.55 -19.12
C LEU B 183 -11.59 -19.07 -18.71
N ARG B 184 -12.19 -18.26 -19.56
CA ARG B 184 -12.40 -16.81 -19.20
C ARG B 184 -13.51 -16.76 -18.17
N LYS B 185 -13.26 -16.24 -17.01
CA LYS B 185 -14.30 -16.29 -15.96
C LYS B 185 -15.41 -15.23 -16.15
N GLU B 186 -16.59 -15.56 -15.66
CA GLU B 186 -17.80 -14.67 -15.76
C GLU B 186 -17.53 -13.21 -15.31
N LYS B 187 -17.09 -13.00 -14.09
CA LYS B 187 -16.87 -11.60 -13.60
C LYS B 187 -15.42 -11.15 -13.79
N GLY B 188 -14.68 -11.80 -14.67
CA GLY B 188 -13.26 -11.37 -14.90
C GLY B 188 -12.27 -12.38 -14.33
N GLY B 189 -11.07 -12.42 -14.85
CA GLY B 189 -10.06 -13.40 -14.35
C GLY B 189 -10.02 -14.60 -15.27
N TYR B 190 -9.06 -15.47 -15.09
CA TYR B 190 -8.96 -16.65 -15.97
C TYR B 190 -8.53 -17.91 -15.20
N GLU B 191 -8.78 -19.04 -15.82
CA GLU B 191 -8.38 -20.37 -15.26
C GLU B 191 -7.56 -21.05 -16.36
N ILE B 192 -6.28 -21.21 -16.19
CA ILE B 192 -5.46 -21.80 -17.29
C ILE B 192 -5.05 -23.22 -16.95
N THR B 193 -5.41 -24.16 -17.80
CA THR B 193 -5.03 -25.56 -17.55
C THR B 193 -3.75 -25.88 -18.32
N ILE B 194 -2.73 -26.31 -17.61
CA ILE B 194 -1.45 -26.64 -18.30
C ILE B 194 -1.22 -28.14 -18.20
N VAL B 195 -0.97 -28.77 -19.33
CA VAL B 195 -0.69 -30.23 -19.29
C VAL B 195 0.82 -30.43 -19.31
N ASP B 196 1.40 -30.69 -18.17
CA ASP B 196 2.85 -30.91 -18.15
C ASP B 196 3.09 -32.30 -18.76
N ALA B 197 3.24 -32.35 -20.07
CA ALA B 197 3.42 -33.67 -20.75
C ALA B 197 4.68 -34.39 -20.23
N SER B 198 5.70 -33.64 -19.86
CA SER B 198 6.98 -34.25 -19.34
C SER B 198 6.78 -34.95 -17.97
N ASN B 199 5.93 -34.40 -17.12
CA ASN B 199 5.65 -35.01 -15.75
C ASN B 199 4.28 -35.69 -15.75
N GLU B 200 3.57 -35.72 -16.86
CA GLU B 200 2.21 -36.37 -16.89
C GLU B 200 1.42 -35.79 -15.71
N ARG B 201 1.41 -34.48 -15.65
CA ARG B 201 0.71 -33.75 -14.56
C ARG B 201 -0.13 -32.59 -15.13
N GLN B 202 -1.29 -32.39 -14.55
CA GLN B 202 -2.18 -31.28 -14.98
C GLN B 202 -2.24 -30.27 -13.86
N VAL B 203 -2.01 -29.03 -14.20
CA VAL B 203 -2.04 -27.95 -13.18
C VAL B 203 -2.94 -26.81 -13.67
N ILE B 204 -3.59 -26.12 -12.75
CA ILE B 204 -4.47 -25.01 -13.16
C ILE B 204 -3.99 -23.70 -12.52
N ASP B 205 -3.49 -22.79 -13.32
CA ASP B 205 -3.03 -21.51 -12.75
C ASP B 205 -4.17 -20.51 -12.83
N ILE B 206 -4.52 -19.86 -11.74
CA ILE B 206 -5.65 -18.91 -11.78
C ILE B 206 -5.10 -17.49 -11.92
N ILE B 207 -5.67 -16.69 -12.79
CA ILE B 207 -5.20 -15.28 -12.96
C ILE B 207 -6.36 -14.35 -12.57
N PRO B 208 -6.06 -13.35 -11.75
CA PRO B 208 -7.08 -12.38 -11.26
C PRO B 208 -7.45 -11.34 -12.33
N ARG B 209 -8.53 -10.61 -12.11
CA ARG B 209 -9.04 -9.60 -13.12
C ARG B 209 -8.19 -8.31 -13.14
N GLY B 210 -8.18 -7.62 -14.26
CA GLY B 210 -7.35 -6.39 -14.37
C GLY B 210 -6.07 -6.76 -15.09
N LEU B 211 -5.88 -8.04 -15.34
CA LEU B 211 -4.66 -8.49 -16.07
C LEU B 211 -5.05 -9.12 -17.40
N GLU B 212 -4.26 -8.90 -18.45
CA GLU B 212 -4.58 -9.53 -19.77
C GLU B 212 -3.54 -10.63 -20.08
N LEU B 213 -3.98 -11.73 -20.60
CA LEU B 213 -3.09 -12.88 -20.91
C LEU B 213 -2.20 -12.63 -22.14
N LEU B 214 -1.03 -13.26 -22.12
CA LEU B 214 -0.06 -13.19 -23.26
C LEU B 214 0.00 -14.56 -23.90
N VAL B 215 -0.84 -15.47 -23.45
CA VAL B 215 -0.79 -16.84 -24.02
C VAL B 215 -2.11 -17.26 -24.68
N SER B 216 -2.00 -18.23 -25.59
CA SER B 216 -3.17 -18.79 -26.33
C SER B 216 -3.24 -20.30 -26.08
N GLU B 217 -4.42 -20.88 -26.25
CA GLU B 217 -4.59 -22.36 -26.06
C GLU B 217 -3.70 -23.10 -27.09
N GLY B 218 -3.10 -24.22 -26.71
CA GLY B 218 -2.23 -24.96 -27.68
C GLY B 218 -0.77 -24.42 -27.64
N GLU B 219 -0.52 -23.37 -26.88
CA GLU B 219 0.88 -22.81 -26.82
C GLU B 219 1.72 -23.52 -25.76
N SER B 220 3.00 -23.70 -26.06
CA SER B 220 3.93 -24.39 -25.09
C SER B 220 4.50 -23.34 -24.14
N ILE B 221 4.33 -23.57 -22.86
CA ILE B 221 4.83 -22.60 -21.85
C ILE B 221 5.95 -23.24 -21.03
N LYS B 222 6.88 -22.43 -20.57
CA LYS B 222 8.00 -22.97 -19.76
C LYS B 222 7.72 -22.63 -18.31
N LEU B 223 8.36 -23.32 -17.40
CA LEU B 223 8.09 -23.03 -15.97
C LEU B 223 8.44 -21.56 -15.67
N ASP B 224 7.62 -20.89 -14.89
CA ASP B 224 7.88 -19.44 -14.53
C ASP B 224 7.78 -18.52 -15.77
N GLN B 225 7.22 -19.00 -16.87
CA GLN B 225 7.06 -18.13 -18.09
C GLN B 225 5.88 -17.19 -17.84
N PRO B 226 6.10 -15.88 -17.97
CA PRO B 226 5.03 -14.89 -17.71
C PRO B 226 3.79 -15.17 -18.57
N LEU B 227 2.64 -15.34 -17.92
CA LEU B 227 1.37 -15.69 -18.65
C LEU B 227 0.53 -14.42 -18.88
N THR B 228 0.91 -13.37 -18.23
CA THR B 228 0.18 -12.07 -18.35
C THR B 228 1.14 -10.90 -18.50
N SER B 229 0.57 -9.75 -18.86
CA SER B 229 1.37 -8.50 -19.03
C SER B 229 1.78 -7.99 -17.65
N ASN B 230 2.76 -7.12 -17.59
CA ASN B 230 3.15 -6.57 -16.26
C ASN B 230 2.32 -5.30 -16.09
N PRO B 231 1.32 -5.35 -15.22
CA PRO B 231 0.39 -4.20 -15.05
C PRO B 231 0.90 -3.16 -14.05
N ASN B 232 2.16 -3.20 -13.66
CA ASN B 232 2.67 -2.19 -12.68
C ASN B 232 3.25 -0.96 -13.40
N VAL B 233 2.66 0.20 -13.12
CA VAL B 233 3.09 1.52 -13.72
C VAL B 233 3.72 2.41 -12.61
N GLY B 234 3.82 1.90 -11.39
CA GLY B 234 4.40 2.71 -10.26
C GLY B 234 5.83 2.25 -9.98
N GLY B 235 6.36 2.60 -8.83
CA GLY B 235 7.75 2.20 -8.48
C GLY B 235 8.20 2.92 -7.21
N PHE B 236 9.27 2.41 -6.63
CA PHE B 236 9.88 2.99 -5.41
C PHE B 236 11.29 3.47 -5.75
N GLY B 237 11.72 4.52 -5.11
CA GLY B 237 13.08 5.05 -5.34
C GLY B 237 13.59 5.65 -4.05
N GLN B 238 14.88 5.83 -3.93
CA GLN B 238 15.42 6.40 -2.67
C GLN B 238 16.50 7.38 -3.01
N GLY B 239 16.74 8.32 -2.14
CA GLY B 239 17.76 9.33 -2.42
C GLY B 239 18.36 9.78 -1.11
N ASP B 240 19.36 10.60 -1.14
CA ASP B 240 19.92 11.05 0.15
C ASP B 240 20.42 12.46 0.03
N ALA B 241 20.53 13.13 1.15
CA ALA B 241 21.04 14.51 1.15
C ALA B 241 22.00 14.66 2.32
N GLU B 242 22.69 15.76 2.38
CA GLU B 242 23.61 16.03 3.51
C GLU B 242 23.29 17.43 4.03
N ILE B 243 23.18 17.58 5.31
CA ILE B 243 22.83 18.91 5.86
C ILE B 243 23.89 19.34 6.85
N VAL B 244 24.20 20.60 6.87
CA VAL B 244 25.23 21.07 7.81
C VAL B 244 24.58 21.79 8.99
N LEU B 245 24.65 21.19 10.16
CA LEU B 245 24.12 21.89 11.34
C LEU B 245 25.16 22.97 11.60
N GLN B 246 24.79 24.20 11.44
CA GLN B 246 25.82 25.26 11.52
C GLN B 246 25.89 26.02 12.86
N ASP B 247 27.11 26.32 13.26
CA ASP B 247 27.38 27.15 14.48
C ASP B 247 27.00 28.60 14.10
N PRO B 248 26.19 29.25 14.91
CA PRO B 248 25.73 30.62 14.61
C PRO B 248 26.91 31.62 14.63
N LEU B 249 28.10 31.13 14.93
CA LEU B 249 29.33 31.99 14.92
C LEU B 249 30.20 31.54 13.74
N ARG B 250 31.45 31.30 13.98
CA ARG B 250 32.34 30.80 12.88
C ARG B 250 33.76 30.58 13.42
N ILE A 1 -24.55 -7.91 13.38
CA ILE A 1 -23.17 -7.95 13.96
C ILE A 1 -22.42 -6.68 13.58
N ASP A 2 -21.63 -6.14 14.49
CA ASP A 2 -20.88 -4.90 14.14
C ASP A 2 -19.42 -5.29 13.84
N VAL A 3 -18.86 -4.72 12.79
CA VAL A 3 -17.44 -5.03 12.42
C VAL A 3 -16.71 -3.69 12.30
N LEU A 4 -15.60 -3.52 13.00
CA LEU A 4 -14.85 -2.22 12.96
C LEU A 4 -13.90 -2.19 11.78
N LEU A 5 -13.86 -1.08 11.09
CA LEU A 5 -12.91 -0.99 9.97
C LEU A 5 -11.67 -0.31 10.56
N GLY A 6 -10.63 -1.06 10.83
CA GLY A 6 -9.45 -0.42 11.46
C GLY A 6 -9.50 -0.75 12.96
N ALA A 7 -8.48 -1.37 13.51
CA ALA A 7 -8.54 -1.74 14.95
C ALA A 7 -8.35 -0.50 15.85
N ASP A 8 -8.63 -0.60 17.15
CA ASP A 8 -8.46 0.60 18.05
C ASP A 8 -6.97 1.02 18.19
N ASP A 9 -6.02 0.20 17.75
CA ASP A 9 -4.58 0.59 17.82
C ASP A 9 -4.17 1.11 16.40
N GLY A 10 -5.17 1.33 15.53
CA GLY A 10 -4.87 1.85 14.15
C GLY A 10 -4.47 0.70 13.21
N SER A 11 -4.59 -0.55 13.61
CA SER A 11 -4.17 -1.67 12.70
C SER A 11 -5.11 -1.72 11.47
N LEU A 12 -4.60 -2.05 10.30
CA LEU A 12 -5.51 -2.10 9.10
C LEU A 12 -6.17 -3.50 9.08
N ALA A 13 -7.28 -3.67 9.81
CA ALA A 13 -7.94 -5.02 9.86
C ALA A 13 -9.41 -4.90 10.17
N PHE A 14 -10.18 -5.92 9.78
CA PHE A 14 -11.62 -5.90 10.08
C PHE A 14 -11.77 -6.52 11.47
N VAL A 15 -12.58 -5.98 12.36
CA VAL A 15 -12.62 -6.63 13.70
C VAL A 15 -14.07 -6.87 14.13
N PRO A 16 -14.50 -8.11 14.14
CA PRO A 16 -13.67 -9.28 13.72
C PRO A 16 -13.53 -9.40 12.18
N SER A 17 -12.61 -10.24 11.70
CA SER A 17 -12.41 -10.43 10.22
C SER A 17 -13.04 -11.77 9.76
N GLU A 18 -13.21 -12.72 10.66
CA GLU A 18 -13.84 -14.01 10.26
C GLU A 18 -14.96 -14.26 11.23
N PHE A 19 -16.16 -14.42 10.71
CA PHE A 19 -17.32 -14.61 11.61
C PHE A 19 -18.45 -15.34 10.88
N SER A 20 -19.44 -15.79 11.61
CA SER A 20 -20.57 -16.47 10.93
C SER A 20 -21.86 -15.73 11.25
N ILE A 21 -22.82 -15.76 10.37
CA ILE A 21 -24.12 -15.06 10.64
C ILE A 21 -25.26 -15.89 10.12
N SER A 22 -26.46 -15.61 10.57
CA SER A 22 -27.60 -16.36 10.03
C SER A 22 -28.10 -15.58 8.80
N PRO A 23 -28.90 -16.19 7.97
CA PRO A 23 -29.42 -15.48 6.77
C PRO A 23 -30.32 -14.27 7.09
N GLY A 24 -30.13 -13.14 6.37
CA GLY A 24 -30.95 -11.91 6.64
C GLY A 24 -30.33 -11.14 7.83
N GLU A 25 -29.35 -11.71 8.53
CA GLU A 25 -28.81 -10.96 9.70
C GLU A 25 -28.05 -9.74 9.17
N LYS A 26 -28.11 -8.60 9.81
CA LYS A 26 -27.39 -7.43 9.22
C LYS A 26 -25.95 -7.31 9.72
N ILE A 27 -25.05 -6.85 8.86
CA ILE A 27 -23.63 -6.64 9.24
C ILE A 27 -23.38 -5.13 9.18
N VAL A 28 -23.00 -4.52 10.27
CA VAL A 28 -22.77 -3.07 10.21
C VAL A 28 -21.28 -2.81 10.23
N PHE A 29 -20.74 -2.40 9.10
CA PHE A 29 -19.31 -2.10 9.04
C PHE A 29 -19.17 -0.64 9.45
N LYS A 30 -18.38 -0.35 10.45
CA LYS A 30 -18.28 1.08 10.86
C LYS A 30 -16.84 1.59 10.80
N ASN A 31 -16.64 2.73 10.18
CA ASN A 31 -15.28 3.34 10.10
C ASN A 31 -14.78 3.58 11.53
N ASN A 32 -13.63 3.02 11.89
CA ASN A 32 -13.09 3.19 13.28
C ASN A 32 -11.71 3.86 13.24
N ALA A 33 -10.77 3.33 12.46
CA ALA A 33 -9.40 3.96 12.43
C ALA A 33 -8.63 3.61 11.15
N GLY A 34 -7.74 4.51 10.70
CA GLY A 34 -6.93 4.24 9.45
C GLY A 34 -7.79 4.46 8.18
N PHE A 35 -8.94 5.12 8.29
CA PHE A 35 -9.78 5.36 7.05
C PHE A 35 -9.04 6.39 6.14
N PRO A 36 -9.51 6.62 4.90
CA PRO A 36 -10.73 6.00 4.33
C PRO A 36 -10.64 4.48 4.13
N HIS A 37 -11.80 3.83 4.14
CA HIS A 37 -11.92 2.34 3.97
C HIS A 37 -13.19 2.04 3.18
N ASN A 38 -13.30 0.86 2.66
CA ASN A 38 -14.54 0.48 1.92
C ASN A 38 -14.69 -1.02 2.06
N ILE A 39 -15.79 -1.54 1.64
CA ILE A 39 -15.98 -3.00 1.75
C ILE A 39 -16.36 -3.52 0.37
N VAL A 40 -15.57 -4.39 -0.20
CA VAL A 40 -15.90 -4.94 -1.55
C VAL A 40 -15.96 -6.46 -1.45
N PHE A 41 -17.00 -7.08 -1.98
CA PHE A 41 -17.07 -8.56 -1.90
C PHE A 41 -16.40 -9.15 -3.13
N ASP A 42 -15.61 -10.17 -2.97
CA ASP A 42 -14.93 -10.74 -4.16
C ASP A 42 -15.98 -11.46 -5.04
N GLU A 43 -16.21 -10.95 -6.23
CA GLU A 43 -17.21 -11.57 -7.15
C GLU A 43 -16.85 -13.06 -7.44
N ASP A 44 -15.59 -13.42 -7.38
CA ASP A 44 -15.17 -14.84 -7.67
C ASP A 44 -15.07 -15.64 -6.34
N SER A 45 -15.43 -15.06 -5.22
CA SER A 45 -15.32 -15.81 -3.95
C SER A 45 -16.62 -15.66 -3.10
N ILE A 46 -17.77 -15.72 -3.73
CA ILE A 46 -19.05 -15.64 -2.98
C ILE A 46 -19.93 -16.77 -3.54
N PRO A 47 -21.01 -17.12 -2.89
CA PRO A 47 -21.87 -18.21 -3.37
C PRO A 47 -22.39 -17.93 -4.80
N SER A 48 -22.47 -18.98 -5.59
CA SER A 48 -22.91 -18.91 -7.04
C SER A 48 -24.29 -18.25 -7.23
N GLY A 49 -24.39 -17.37 -8.22
CA GLY A 49 -25.68 -16.68 -8.53
C GLY A 49 -25.78 -15.35 -7.74
N VAL A 50 -24.91 -15.09 -6.77
CA VAL A 50 -25.08 -13.83 -5.95
C VAL A 50 -24.57 -12.60 -6.70
N ASP A 51 -25.35 -11.56 -6.74
CA ASP A 51 -24.86 -10.35 -7.43
C ASP A 51 -23.99 -9.54 -6.44
N ALA A 52 -22.69 -9.43 -6.70
CA ALA A 52 -21.79 -8.67 -5.76
C ALA A 52 -22.12 -7.16 -5.73
N SER A 53 -22.70 -6.63 -6.79
CA SER A 53 -23.07 -5.17 -6.81
C SER A 53 -24.19 -4.88 -5.77
N LYS A 54 -25.01 -5.86 -5.42
CA LYS A 54 -26.12 -5.64 -4.42
C LYS A 54 -25.63 -5.66 -2.97
N ILE A 55 -24.46 -6.20 -2.71
CA ILE A 55 -23.96 -6.30 -1.29
C ILE A 55 -22.60 -5.58 -1.08
N SER A 56 -22.04 -4.92 -2.08
CA SER A 56 -20.70 -4.25 -1.87
C SER A 56 -20.68 -2.81 -2.29
N MET A 57 -19.67 -2.11 -1.84
CA MET A 57 -19.50 -0.69 -2.22
C MET A 57 -18.75 -0.67 -3.52
N SER A 58 -18.79 0.41 -4.25
CA SER A 58 -18.00 0.40 -5.49
C SER A 58 -16.54 0.51 -5.11
N GLU A 59 -15.66 0.00 -5.92
CA GLU A 59 -14.22 0.09 -5.57
C GLU A 59 -13.77 1.55 -5.40
N GLU A 60 -14.41 2.43 -6.14
CA GLU A 60 -14.12 3.90 -6.14
C GLU A 60 -14.90 4.62 -5.01
N ASP A 61 -15.75 3.94 -4.27
CA ASP A 61 -16.51 4.61 -3.16
C ASP A 61 -15.73 4.45 -1.84
N LEU A 62 -15.78 5.45 -0.98
CA LEU A 62 -15.02 5.36 0.30
C LEU A 62 -15.79 5.93 1.47
N LEU A 63 -15.55 5.37 2.62
CA LEU A 63 -16.11 5.89 3.87
C LEU A 63 -14.92 6.66 4.43
N ASN A 64 -14.94 7.96 4.47
CA ASN A 64 -13.69 8.65 4.90
C ASN A 64 -13.83 9.42 6.24
N ALA A 65 -14.89 9.22 7.01
CA ALA A 65 -14.99 9.96 8.32
C ALA A 65 -15.27 8.95 9.41
N LYS A 66 -14.75 9.18 10.59
CA LYS A 66 -14.97 8.22 11.73
C LYS A 66 -16.46 8.03 12.05
N GLY A 67 -16.92 6.79 12.21
CA GLY A 67 -18.36 6.56 12.53
C GLY A 67 -19.17 6.26 11.24
N GLU A 68 -18.64 6.55 10.04
CA GLU A 68 -19.48 6.28 8.81
C GLU A 68 -19.74 4.78 8.73
N THR A 69 -20.93 4.37 8.32
CA THR A 69 -21.21 2.90 8.29
C THR A 69 -21.75 2.41 6.94
N PHE A 70 -21.57 1.14 6.71
CA PHE A 70 -22.12 0.49 5.49
C PHE A 70 -22.80 -0.78 6.02
N GLU A 71 -24.07 -0.92 5.76
CA GLU A 71 -24.77 -2.10 6.31
C GLU A 71 -25.22 -3.02 5.18
N VAL A 72 -25.17 -4.31 5.43
CA VAL A 72 -25.59 -5.29 4.40
C VAL A 72 -26.15 -6.55 5.05
N ALA A 73 -27.16 -7.12 4.43
CA ALA A 73 -27.73 -8.38 4.95
C ALA A 73 -27.52 -9.45 3.88
N LEU A 74 -27.01 -10.59 4.26
CA LEU A 74 -26.78 -11.66 3.24
C LEU A 74 -27.82 -12.77 3.44
N SER A 75 -28.33 -13.37 2.39
CA SER A 75 -29.35 -14.43 2.61
C SER A 75 -28.85 -15.78 2.08
N ASN A 76 -28.17 -15.80 0.94
CA ASN A 76 -27.68 -17.12 0.39
C ASN A 76 -26.60 -17.71 1.30
N LYS A 77 -26.70 -18.96 1.61
CA LYS A 77 -25.71 -19.58 2.53
C LYS A 77 -24.40 -19.88 1.81
N GLY A 78 -23.31 -19.93 2.54
CA GLY A 78 -22.02 -20.23 1.86
C GLY A 78 -20.95 -19.28 2.40
N GLU A 79 -19.78 -19.30 1.84
CA GLU A 79 -18.70 -18.39 2.35
C GLU A 79 -18.59 -17.14 1.46
N TYR A 80 -18.36 -15.98 2.05
CA TYR A 80 -18.24 -14.72 1.25
C TYR A 80 -16.87 -14.10 1.57
N SER A 81 -16.03 -13.89 0.59
CA SER A 81 -14.71 -13.27 0.89
C SER A 81 -14.82 -11.78 0.57
N PHE A 82 -14.35 -10.92 1.44
CA PHE A 82 -14.47 -9.45 1.15
C PHE A 82 -13.15 -8.77 1.47
N TYR A 83 -12.98 -7.54 1.05
CA TYR A 83 -11.71 -6.84 1.33
C TYR A 83 -11.86 -5.34 1.24
N CYS A 84 -10.89 -4.62 1.74
CA CYS A 84 -10.92 -3.17 1.59
C CYS A 84 -10.08 -2.93 0.33
N SER A 85 -10.58 -2.24 -0.67
CA SER A 85 -9.77 -2.11 -1.95
C SER A 85 -8.41 -1.37 -1.78
N PRO A 86 -8.33 -0.21 -1.11
CA PRO A 86 -7.04 0.52 -0.93
C PRO A 86 -6.10 -0.21 0.06
N HIS A 87 -6.63 -1.02 0.98
CA HIS A 87 -5.73 -1.74 1.95
C HIS A 87 -5.77 -3.29 1.77
N GLN A 88 -6.22 -3.81 0.63
CA GLN A 88 -6.22 -5.31 0.41
C GLN A 88 -4.78 -5.84 0.51
N GLY A 89 -3.84 -5.14 -0.05
CA GLY A 89 -2.43 -5.60 0.03
C GLY A 89 -1.94 -5.57 1.49
N ALA A 90 -2.49 -4.71 2.31
CA ALA A 90 -2.03 -4.64 3.74
C ALA A 90 -2.51 -5.84 4.53
N GLY A 91 -3.40 -6.57 3.95
CA GLY A 91 -3.96 -7.73 4.66
C GLY A 91 -5.35 -7.36 5.18
N MET A 92 -5.90 -6.21 4.79
CA MET A 92 -7.26 -5.88 5.32
C MET A 92 -8.26 -6.72 4.52
N VAL A 93 -8.46 -7.94 4.94
CA VAL A 93 -9.40 -8.84 4.20
C VAL A 93 -10.24 -9.58 5.23
N GLY A 94 -11.32 -10.21 4.85
CA GLY A 94 -12.10 -10.96 5.87
C GLY A 94 -12.98 -11.99 5.16
N LYS A 95 -13.68 -12.83 5.89
CA LYS A 95 -14.54 -13.85 5.23
C LYS A 95 -15.73 -14.12 6.14
N VAL A 96 -16.93 -14.07 5.61
CA VAL A 96 -18.12 -14.32 6.47
C VAL A 96 -18.83 -15.57 6.00
N THR A 97 -19.34 -16.37 6.90
CA THR A 97 -20.05 -17.58 6.45
C THR A 97 -21.53 -17.47 6.80
N VAL A 98 -22.41 -17.65 5.85
CA VAL A 98 -23.85 -17.57 6.20
C VAL A 98 -24.31 -19.01 6.41
N ASN A 99 -24.70 -19.36 7.62
CA ASN A 99 -25.09 -20.78 7.87
C ASN A 99 -26.48 -20.86 8.49
N TYR B 1 2.08 -0.07 1.93
CA TYR B 1 1.72 1.13 2.66
C TYR B 1 2.77 1.37 3.73
N PRO B 2 2.94 2.62 4.12
CA PRO B 2 3.91 2.98 5.18
C PRO B 2 3.62 2.23 6.50
N ILE B 3 2.37 1.86 6.73
CA ILE B 3 2.01 1.10 7.98
C ILE B 3 2.54 -0.36 7.90
N PHE B 4 2.70 -0.95 6.70
CA PHE B 4 3.19 -2.41 6.61
C PHE B 4 4.66 -2.47 7.00
N ALA B 5 5.41 -1.45 6.66
CA ALA B 5 6.86 -1.40 7.03
C ALA B 5 6.97 -1.11 8.54
N GLN B 6 6.19 -0.15 9.01
CA GLN B 6 6.19 0.22 10.48
C GLN B 6 5.75 -1.00 11.31
N GLN B 7 4.68 -1.65 10.90
CA GLN B 7 4.16 -2.83 11.66
C GLN B 7 5.18 -3.99 11.76
N ASN B 8 6.11 -4.22 10.83
CA ASN B 8 7.01 -5.43 11.00
C ASN B 8 8.50 -5.18 10.57
N TYR B 9 8.95 -3.94 10.64
CA TYR B 9 10.41 -3.58 10.38
C TYR B 9 10.69 -2.52 11.44
N GLU B 10 11.54 -2.85 12.39
CA GLU B 10 11.79 -1.90 13.51
C GLU B 10 12.51 -0.65 12.98
N ASN B 11 13.43 -0.84 12.08
CA ASN B 11 14.15 0.30 11.46
C ASN B 11 13.88 0.15 9.94
N PRO B 12 13.57 1.24 9.26
CA PRO B 12 13.20 1.19 7.84
C PRO B 12 14.43 1.06 6.92
N ARG B 13 15.65 1.33 7.39
CA ARG B 13 16.83 1.20 6.46
C ARG B 13 17.60 -0.09 6.76
N GLU B 14 17.82 -0.92 5.76
CA GLU B 14 18.53 -2.21 6.01
C GLU B 14 20.06 -1.99 5.93
N ALA B 15 20.84 -2.95 6.36
CA ALA B 15 22.33 -2.82 6.33
C ALA B 15 22.84 -2.57 4.87
N THR B 16 22.11 -3.00 3.85
CA THR B 16 22.55 -2.78 2.42
C THR B 16 22.30 -1.32 2.04
N GLY B 17 21.51 -0.63 2.83
CA GLY B 17 21.21 0.81 2.56
C GLY B 17 19.89 0.91 1.81
N ARG B 18 19.21 -0.20 1.65
CA ARG B 18 17.90 -0.21 0.94
C ARG B 18 16.77 -0.01 1.94
N ILE B 19 15.80 0.79 1.58
CA ILE B 19 14.66 1.01 2.49
C ILE B 19 13.67 -0.18 2.32
N VAL B 20 13.13 -0.66 3.41
CA VAL B 20 12.20 -1.85 3.39
C VAL B 20 10.99 -1.71 2.43
N CYS B 21 10.64 -0.55 1.86
CA CYS B 21 9.43 -0.57 0.93
C CYS B 21 9.80 -1.33 -0.36
N ALA B 22 11.07 -1.36 -0.67
CA ALA B 22 11.57 -2.07 -1.89
C ALA B 22 11.35 -3.60 -1.75
N ASN B 23 10.93 -4.09 -0.58
CA ASN B 23 10.68 -5.57 -0.41
C ASN B 23 9.32 -5.93 -1.08
N CYS B 24 8.36 -4.99 -1.15
CA CYS B 24 7.01 -5.24 -1.83
C CYS B 24 6.84 -4.28 -2.98
N HIS B 25 7.45 -3.12 -2.90
CA HIS B 25 7.38 -2.18 -4.03
C HIS B 25 8.61 -2.54 -4.91
N LEU B 26 8.41 -3.42 -5.88
CA LEU B 26 9.55 -3.94 -6.70
C LEU B 26 9.97 -3.06 -7.90
N ALA B 27 9.18 -2.12 -8.40
CA ALA B 27 9.70 -1.34 -9.60
C ALA B 27 10.52 -0.13 -9.14
N SER B 28 11.61 0.17 -9.83
CA SER B 28 12.44 1.34 -9.41
C SER B 28 12.01 2.59 -10.18
N LYS B 29 11.82 3.66 -9.48
CA LYS B 29 11.43 4.94 -10.11
C LYS B 29 12.18 6.03 -9.30
N PRO B 30 12.52 7.12 -9.94
CA PRO B 30 13.30 8.19 -9.29
C PRO B 30 12.57 9.03 -8.23
N VAL B 31 13.33 9.31 -7.19
CA VAL B 31 12.88 10.15 -6.06
C VAL B 31 13.89 11.29 -5.90
N ASP B 32 13.44 12.46 -5.53
CA ASP B 32 14.38 13.59 -5.38
C ASP B 32 14.14 14.28 -4.03
N ILE B 33 15.14 14.95 -3.50
CA ILE B 33 14.96 15.64 -2.18
C ILE B 33 15.80 16.91 -2.12
N GLU B 34 15.15 18.04 -1.93
CA GLU B 34 15.91 19.30 -1.80
C GLU B 34 15.90 19.72 -0.33
N VAL B 35 17.05 20.02 0.17
CA VAL B 35 17.18 20.42 1.60
C VAL B 35 18.18 21.59 1.62
N PRO B 36 18.02 22.54 2.52
CA PRO B 36 18.97 23.65 2.57
C PRO B 36 20.38 23.14 2.86
N GLN B 37 21.38 23.78 2.30
CA GLN B 37 22.81 23.35 2.48
C GLN B 37 23.20 23.35 3.96
N ALA B 38 22.73 24.33 4.69
CA ALA B 38 23.08 24.42 6.11
C ALA B 38 21.91 25.01 6.89
N VAL B 39 21.82 24.70 8.17
CA VAL B 39 20.71 25.25 8.99
C VAL B 39 21.25 25.64 10.36
N LEU B 40 20.55 26.51 11.06
CA LEU B 40 21.01 26.95 12.40
C LEU B 40 20.24 26.20 13.49
N PRO B 41 20.83 26.11 14.67
CA PRO B 41 20.18 25.45 15.81
C PRO B 41 18.78 26.00 16.12
N ASP B 42 17.87 25.08 16.47
CA ASP B 42 16.43 25.40 16.80
C ASP B 42 15.75 26.29 15.74
N THR B 43 15.88 25.95 14.48
CA THR B 43 15.20 26.72 13.38
C THR B 43 14.42 25.75 12.53
N VAL B 44 13.31 26.17 11.99
CA VAL B 44 12.52 25.24 11.15
C VAL B 44 12.99 25.34 9.70
N PHE B 45 13.08 24.21 9.05
CA PHE B 45 13.47 24.19 7.64
C PHE B 45 12.58 23.21 6.91
N GLU B 46 12.59 23.25 5.62
CA GLU B 46 11.72 22.32 4.89
C GLU B 46 12.52 21.31 4.07
N ALA B 47 12.04 20.10 4.10
CA ALA B 47 12.68 19.02 3.29
C ALA B 47 11.69 18.67 2.22
N VAL B 48 11.99 18.98 0.99
CA VAL B 48 10.97 18.71 -0.04
C VAL B 48 11.30 17.44 -0.81
N VAL B 49 10.40 16.50 -0.79
CA VAL B 49 10.64 15.23 -1.49
C VAL B 49 9.84 15.20 -2.78
N LYS B 50 10.45 14.79 -3.87
CA LYS B 50 9.71 14.72 -5.15
C LYS B 50 9.58 13.26 -5.59
N ILE B 51 8.36 12.84 -5.85
CA ILE B 51 8.06 11.46 -6.30
C ILE B 51 7.32 11.64 -7.65
N PRO B 52 8.09 11.94 -8.70
CA PRO B 52 7.52 12.26 -10.03
C PRO B 52 7.15 11.03 -10.86
N TYR B 53 6.07 11.16 -11.63
CA TYR B 53 5.58 10.06 -12.53
C TYR B 53 4.69 10.65 -13.60
N ASP B 54 4.57 10.02 -14.74
CA ASP B 54 3.67 10.56 -15.78
C ASP B 54 2.22 10.47 -15.21
N MET B 55 1.49 11.57 -15.12
CA MET B 55 0.12 11.54 -14.48
C MET B 55 -1.02 11.03 -15.40
N GLN B 56 -0.75 10.56 -16.60
CA GLN B 56 -1.88 10.01 -17.45
C GLN B 56 -1.90 8.50 -17.22
N LEU B 57 -0.99 8.03 -16.37
CA LEU B 57 -0.87 6.58 -16.07
C LEU B 57 -1.99 6.10 -15.16
N LYS B 58 -2.57 4.97 -15.50
CA LYS B 58 -3.64 4.40 -14.66
C LYS B 58 -3.19 3.02 -14.22
N GLN B 59 -3.22 2.75 -12.95
CA GLN B 59 -2.76 1.42 -12.44
C GLN B 59 -3.95 0.49 -12.23
N VAL B 60 -3.70 -0.76 -11.94
CA VAL B 60 -4.83 -1.71 -11.71
C VAL B 60 -5.23 -1.65 -10.23
N LEU B 61 -6.41 -1.16 -9.93
CA LEU B 61 -6.81 -1.06 -8.51
C LEU B 61 -7.05 -2.50 -7.95
N ALA B 62 -7.14 -2.63 -6.64
CA ALA B 62 -7.36 -3.98 -5.98
C ALA B 62 -8.63 -4.71 -6.49
N ASN B 63 -9.48 -4.10 -7.29
CA ASN B 63 -10.71 -4.83 -7.74
C ASN B 63 -10.74 -5.04 -9.29
N GLY B 64 -9.61 -4.89 -9.97
CA GLY B 64 -9.58 -5.08 -11.48
C GLY B 64 -9.74 -3.72 -12.20
N LYS B 65 -10.47 -2.76 -11.64
CA LYS B 65 -10.66 -1.44 -12.34
C LYS B 65 -9.34 -0.66 -12.38
N LYS B 66 -9.22 0.28 -13.30
CA LYS B 66 -7.97 1.08 -13.42
C LYS B 66 -8.18 2.45 -12.77
N GLY B 67 -7.20 2.96 -12.07
CA GLY B 67 -7.38 4.28 -11.40
C GLY B 67 -6.06 5.03 -11.25
N ALA B 68 -6.11 6.16 -10.53
CA ALA B 68 -4.88 6.99 -10.32
C ALA B 68 -3.99 6.40 -9.22
N LEU B 69 -2.78 6.88 -9.11
CA LEU B 69 -1.79 6.36 -8.10
C LEU B 69 -1.76 7.20 -6.85
N ASN B 70 -1.31 6.60 -5.77
CA ASN B 70 -1.20 7.35 -4.49
C ASN B 70 0.28 7.41 -4.12
N VAL B 71 0.69 8.39 -3.37
CA VAL B 71 2.12 8.49 -3.02
C VAL B 71 2.32 8.33 -1.51
N GLY B 72 3.52 7.97 -1.12
CA GLY B 72 3.85 7.82 0.33
C GLY B 72 5.36 7.94 0.48
N ALA B 73 5.85 8.30 1.63
CA ALA B 73 7.32 8.44 1.77
C ALA B 73 7.79 8.21 3.18
N VAL B 74 9.05 7.91 3.33
CA VAL B 74 9.63 7.72 4.68
C VAL B 74 10.87 8.58 4.78
N LEU B 75 10.92 9.48 5.73
CA LEU B 75 12.12 10.35 5.81
C LEU B 75 12.97 9.94 7.00
N ILE B 76 14.23 9.64 6.76
CA ILE B 76 15.09 9.22 7.90
C ILE B 76 16.04 10.38 8.24
N LEU B 77 15.82 11.00 9.37
CA LEU B 77 16.66 12.16 9.80
C LEU B 77 17.63 11.72 10.90
N PRO B 78 18.67 12.51 11.13
CA PRO B 78 19.65 12.21 12.21
C PRO B 78 18.96 12.34 13.56
N GLU B 79 19.49 11.71 14.59
CA GLU B 79 18.82 11.78 15.93
C GLU B 79 18.85 13.22 16.48
N GLY B 80 17.75 13.71 17.03
CA GLY B 80 17.74 15.12 17.50
C GLY B 80 16.79 15.91 16.61
N PHE B 81 16.81 15.62 15.30
CA PHE B 81 15.89 16.31 14.34
C PHE B 81 14.49 15.70 14.47
N GLU B 82 13.47 16.50 14.40
CA GLU B 82 12.07 15.96 14.54
C GLU B 82 11.08 16.85 13.83
N LEU B 83 9.85 16.39 13.72
CA LEU B 83 8.80 17.18 13.03
C LEU B 83 8.60 18.52 13.76
N ALA B 84 8.63 19.62 13.01
CA ALA B 84 8.43 20.96 13.65
C ALA B 84 7.01 21.04 14.25
N PRO B 85 6.90 21.61 15.45
CA PRO B 85 5.60 21.75 16.14
C PRO B 85 4.74 22.79 15.38
N PRO B 86 3.43 22.74 15.53
CA PRO B 86 2.47 23.65 14.82
C PRO B 86 2.69 25.14 15.14
N ASP B 87 3.02 25.48 16.37
CA ASP B 87 3.27 26.94 16.72
C ASP B 87 4.53 27.47 15.98
N ARG B 88 5.48 26.61 15.63
CA ARG B 88 6.74 27.06 14.92
C ARG B 88 6.56 27.01 13.40
N ILE B 89 5.44 26.52 12.93
CA ILE B 89 5.23 26.46 11.46
C ILE B 89 4.61 27.78 10.95
N SER B 90 5.28 28.42 10.02
CA SER B 90 4.77 29.70 9.43
C SER B 90 3.49 29.45 8.62
N PRO B 91 2.68 30.49 8.42
CA PRO B 91 1.44 30.40 7.63
C PRO B 91 1.79 30.19 6.14
N GLU B 92 2.87 30.81 5.68
CA GLU B 92 3.34 30.62 4.25
C GLU B 92 3.79 29.16 4.05
N MET B 93 4.09 28.46 5.13
CA MET B 93 4.52 27.04 5.05
C MET B 93 3.32 26.13 5.34
N LYS B 94 2.38 26.58 6.15
CA LYS B 94 1.18 25.73 6.50
C LYS B 94 0.30 25.48 5.27
N GLU B 95 0.26 26.41 4.34
CA GLU B 95 -0.56 26.19 3.10
C GLU B 95 0.23 25.22 2.21
N LYS B 96 1.56 25.32 2.25
CA LYS B 96 2.47 24.46 1.42
C LYS B 96 2.33 22.97 1.80
N ILE B 97 2.27 22.69 3.09
CA ILE B 97 2.11 21.28 3.59
C ILE B 97 0.65 20.81 3.46
N GLY B 98 -0.21 21.61 2.83
CA GLY B 98 -1.65 21.20 2.65
C GLY B 98 -2.29 20.88 4.00
N ASN B 99 -2.61 19.63 4.22
CA ASN B 99 -3.22 19.19 5.51
C ASN B 99 -2.77 17.75 5.74
N LEU B 100 -1.50 17.51 5.49
CA LEU B 100 -0.90 16.15 5.65
C LEU B 100 -0.62 15.86 7.12
N SER B 101 -0.71 14.61 7.48
CA SER B 101 -0.41 14.17 8.88
C SER B 101 0.85 13.34 8.85
N PHE B 102 1.92 13.92 9.34
CA PHE B 102 3.20 13.18 9.35
C PHE B 102 3.23 12.34 10.60
N GLN B 103 3.54 11.08 10.44
CA GLN B 103 3.54 10.19 11.62
C GLN B 103 4.94 9.72 11.96
N ASN B 104 5.15 9.38 13.20
CA ASN B 104 6.47 8.89 13.57
C ASN B 104 6.55 7.41 13.13
N TYR B 105 7.69 6.94 12.70
CA TYR B 105 7.77 5.51 12.26
C TYR B 105 7.32 4.63 13.46
N ARG B 106 7.74 5.05 14.62
CA ARG B 106 7.37 4.40 15.90
C ARG B 106 7.43 5.56 16.90
N PRO B 107 6.73 5.49 18.01
CA PRO B 107 6.73 6.62 18.98
C PRO B 107 8.13 6.90 19.56
N ASN B 108 9.01 5.94 19.62
CA ASN B 108 10.38 6.23 20.16
C ASN B 108 11.27 6.81 19.03
N LYS B 109 10.91 6.58 17.78
CA LYS B 109 11.70 7.10 16.62
C LYS B 109 11.11 8.45 16.16
N LYS B 110 11.50 9.51 16.82
CA LYS B 110 10.97 10.85 16.45
C LYS B 110 11.74 11.41 15.25
N ASN B 111 12.81 10.76 14.84
CA ASN B 111 13.61 11.27 13.69
C ASN B 111 13.28 10.49 12.39
N ILE B 112 12.23 9.70 12.41
CA ILE B 112 11.81 8.94 11.18
C ILE B 112 10.34 9.28 10.92
N LEU B 113 10.08 9.92 9.82
CA LEU B 113 8.70 10.35 9.57
C LEU B 113 8.10 9.62 8.37
N VAL B 114 6.84 9.30 8.48
CA VAL B 114 6.15 8.61 7.36
C VAL B 114 4.88 9.37 6.98
N ILE B 115 4.51 9.31 5.73
CA ILE B 115 3.28 10.00 5.26
C ILE B 115 2.70 9.21 4.09
N GLY B 116 1.40 9.17 3.96
CA GLY B 116 0.80 8.40 2.84
C GLY B 116 0.04 7.24 3.42
N PRO B 117 -0.79 6.63 2.60
CA PRO B 117 -1.00 7.03 1.18
C PRO B 117 -1.81 8.33 1.03
N VAL B 118 -1.32 9.18 0.16
CA VAL B 118 -1.99 10.48 -0.17
C VAL B 118 -2.08 10.51 -1.71
N PRO B 119 -3.11 11.16 -2.27
CA PRO B 119 -3.29 11.17 -3.74
C PRO B 119 -2.11 11.83 -4.50
N GLY B 120 -1.61 11.13 -5.51
CA GLY B 120 -0.43 11.58 -6.36
C GLY B 120 -0.70 12.88 -7.12
N GLN B 121 -1.90 13.06 -7.63
CA GLN B 121 -2.20 14.33 -8.40
C GLN B 121 -1.91 15.55 -7.53
N LYS B 122 -2.19 15.46 -6.25
CA LYS B 122 -1.98 16.62 -5.32
C LYS B 122 -0.62 16.62 -4.61
N TYR B 123 -0.09 15.48 -4.20
CA TYR B 123 1.19 15.50 -3.42
C TYR B 123 2.38 14.78 -4.12
N SER B 124 2.69 15.08 -5.39
CA SER B 124 3.89 14.43 -6.04
C SER B 124 5.14 14.98 -5.33
N GLU B 125 5.01 16.20 -4.83
CA GLU B 125 6.10 16.85 -4.03
C GLU B 125 5.56 17.12 -2.63
N ILE B 126 6.25 16.67 -1.63
CA ILE B 126 5.76 16.88 -0.24
C ILE B 126 6.76 17.71 0.56
N THR B 127 6.25 18.57 1.43
CA THR B 127 7.16 19.41 2.24
C THR B 127 7.13 18.97 3.70
N PHE B 128 8.25 18.50 4.21
CA PHE B 128 8.31 18.05 5.63
C PHE B 128 8.93 19.17 6.48
N PRO B 129 8.17 19.67 7.44
CA PRO B 129 8.66 20.77 8.27
C PRO B 129 9.53 20.16 9.36
N ILE B 130 10.82 20.38 9.29
CA ILE B 130 11.75 19.77 10.31
C ILE B 130 12.33 20.84 11.25
N LEU B 131 12.49 20.48 12.50
CA LEU B 131 13.08 21.41 13.50
C LEU B 131 14.52 21.00 13.75
N ALA B 132 15.45 21.88 13.52
CA ALA B 132 16.88 21.54 13.75
C ALA B 132 17.16 21.58 15.23
N PRO B 133 17.86 20.58 15.75
CA PRO B 133 18.15 20.52 17.19
C PRO B 133 19.15 21.60 17.61
N ASP B 134 19.45 21.64 18.89
CA ASP B 134 20.42 22.64 19.43
C ASP B 134 21.46 21.90 20.29
N PRO B 135 22.73 22.00 19.91
CA PRO B 135 23.84 21.31 20.64
C PRO B 135 23.97 21.83 22.07
N ALA B 136 23.74 23.11 22.29
CA ALA B 136 23.79 23.66 23.69
C ALA B 136 22.68 23.00 24.56
N THR B 137 21.64 22.41 23.95
CA THR B 137 20.52 21.76 24.76
C THR B 137 20.39 20.25 24.42
N ASN B 138 21.44 19.70 23.88
CA ASN B 138 21.51 18.25 23.51
C ASN B 138 23.01 17.89 23.38
N LYS B 139 23.53 17.14 24.33
CA LYS B 139 24.98 16.78 24.32
C LYS B 139 25.35 15.73 23.23
N ASP B 140 24.42 15.07 22.55
CA ASP B 140 24.88 14.08 21.50
C ASP B 140 24.70 14.70 20.10
N VAL B 141 24.18 15.91 20.05
CA VAL B 141 24.00 16.64 18.76
C VAL B 141 25.16 17.61 18.61
N HIS B 142 25.80 17.59 17.49
CA HIS B 142 26.98 18.47 17.29
C HIS B 142 26.86 19.26 16.00
N PHE B 143 27.71 20.25 15.85
CA PHE B 143 27.74 21.01 14.57
C PHE B 143 28.50 20.14 13.59
N LEU B 144 27.79 19.48 12.72
CA LEU B 144 28.44 18.51 11.80
C LEU B 144 27.64 18.33 10.52
N LYS B 145 28.17 17.53 9.61
CA LYS B 145 27.40 17.28 8.39
C LYS B 145 26.55 16.03 8.65
N TYR B 146 25.28 16.08 8.39
CA TYR B 146 24.44 14.91 8.73
C TYR B 146 23.75 14.33 7.50
N PRO B 147 23.70 13.01 7.39
CA PRO B 147 23.03 12.36 6.25
C PRO B 147 21.51 12.34 6.44
N ILE B 148 20.80 12.44 5.34
CA ILE B 148 19.29 12.40 5.36
C ILE B 148 18.87 11.38 4.31
N TYR B 149 18.04 10.45 4.67
CA TYR B 149 17.64 9.43 3.66
C TYR B 149 16.15 9.48 3.40
N VAL B 150 15.76 9.31 2.16
CA VAL B 150 14.30 9.35 1.82
C VAL B 150 13.91 8.16 0.92
N GLY B 151 12.72 7.70 1.12
CA GLY B 151 12.15 6.60 0.32
C GLY B 151 10.84 7.12 -0.24
N GLY B 152 10.65 7.03 -1.52
CA GLY B 152 9.40 7.58 -2.08
C GLY B 152 8.72 6.54 -2.96
N ASN B 153 7.42 6.36 -2.79
CA ASN B 153 6.69 5.35 -3.60
C ASN B 153 5.39 5.89 -4.18
N ARG B 154 5.09 5.43 -5.39
CA ARG B 154 3.83 5.81 -6.10
C ARG B 154 3.26 4.54 -6.72
N GLY B 155 2.02 4.23 -6.46
CA GLY B 155 1.47 3.00 -7.07
C GLY B 155 1.34 1.89 -6.02
N ARG B 156 0.50 0.92 -6.31
CA ARG B 156 0.26 -0.27 -5.41
C ARG B 156 1.42 -1.27 -5.50
N GLY B 157 1.78 -1.83 -4.37
CA GLY B 157 2.91 -2.80 -4.29
C GLY B 157 2.54 -4.15 -4.93
N GLN B 158 3.50 -5.04 -5.07
CA GLN B 158 3.26 -6.40 -5.67
C GLN B 158 3.10 -7.49 -4.58
N ILE B 159 3.73 -7.35 -3.42
CA ILE B 159 3.61 -8.43 -2.36
C ILE B 159 2.96 -7.90 -1.06
N TYR B 160 2.15 -8.72 -0.43
CA TYR B 160 1.48 -8.32 0.84
C TYR B 160 2.38 -8.79 2.00
N PRO B 161 2.13 -8.33 3.22
CA PRO B 161 2.92 -8.75 4.40
C PRO B 161 2.90 -10.29 4.66
N ASP B 162 1.99 -11.07 4.06
CA ASP B 162 1.99 -12.57 4.30
C ASP B 162 2.77 -13.31 3.19
N GLY B 163 3.23 -12.57 2.18
CA GLY B 163 4.00 -13.18 1.04
C GLY B 163 3.10 -13.30 -0.20
N SER B 164 1.82 -13.07 -0.03
CA SER B 164 0.86 -13.23 -1.17
C SER B 164 1.08 -12.16 -2.23
N LYS B 165 0.95 -12.52 -3.49
CA LYS B 165 1.12 -11.52 -4.58
C LYS B 165 -0.18 -10.73 -4.74
N SER B 166 -0.10 -9.53 -5.25
CA SER B 166 -1.33 -8.75 -5.50
C SER B 166 -1.67 -8.90 -6.96
N ASN B 167 -2.72 -8.29 -7.42
CA ASN B 167 -3.04 -8.42 -8.86
C ASN B 167 -2.30 -7.30 -9.63
N ASN B 168 -1.29 -6.71 -9.01
CA ASN B 168 -0.49 -5.62 -9.68
C ASN B 168 0.93 -6.14 -9.93
N THR B 169 1.01 -7.35 -10.43
CA THR B 169 2.32 -7.98 -10.73
C THR B 169 2.14 -9.01 -11.86
N VAL B 170 3.23 -9.54 -12.35
CA VAL B 170 3.14 -10.58 -13.44
C VAL B 170 2.74 -11.93 -12.84
N TYR B 171 1.94 -12.69 -13.56
CA TYR B 171 1.56 -14.03 -13.05
C TYR B 171 2.34 -15.04 -13.86
N ASN B 172 3.12 -15.86 -13.20
CA ASN B 172 3.96 -16.78 -13.98
C ASN B 172 3.38 -18.20 -13.96
N ALA B 173 3.66 -18.97 -15.00
CA ALA B 173 3.18 -20.39 -15.06
C ALA B 173 3.88 -21.21 -13.95
N THR B 174 3.13 -21.98 -13.18
CA THR B 174 3.73 -22.82 -12.07
C THR B 174 4.25 -24.15 -12.66
N ALA B 175 4.01 -24.37 -13.93
CA ALA B 175 4.48 -25.63 -14.60
C ALA B 175 4.74 -25.39 -16.09
N GLY B 176 5.65 -26.14 -16.65
CA GLY B 176 5.92 -26.05 -18.11
C GLY B 176 4.94 -26.95 -18.80
N GLY B 177 4.85 -26.91 -20.10
CA GLY B 177 3.86 -27.79 -20.74
C GLY B 177 3.14 -27.08 -21.87
N ILE B 178 1.95 -27.55 -22.18
CA ILE B 178 1.12 -26.95 -23.26
C ILE B 178 -0.21 -26.51 -22.65
N ILE B 179 -0.70 -25.33 -22.99
CA ILE B 179 -1.99 -24.89 -22.40
C ILE B 179 -3.11 -25.65 -23.12
N SER B 180 -3.86 -26.47 -22.40
CA SER B 180 -4.95 -27.28 -23.06
C SER B 180 -6.27 -26.54 -22.97
N LYS B 181 -6.38 -25.57 -22.08
CA LYS B 181 -7.65 -24.79 -21.94
C LYS B 181 -7.47 -23.45 -21.21
N ILE B 182 -8.25 -22.47 -21.61
CA ILE B 182 -8.22 -21.13 -20.96
C ILE B 182 -9.67 -20.73 -20.68
N LEU B 183 -10.09 -20.90 -19.46
CA LEU B 183 -11.49 -20.56 -19.12
C LEU B 183 -11.60 -19.07 -18.71
N ARG B 184 -12.19 -18.25 -19.55
CA ARG B 184 -12.39 -16.82 -19.21
C ARG B 184 -13.52 -16.77 -18.18
N LYS B 185 -13.26 -16.24 -17.01
CA LYS B 185 -14.30 -16.28 -15.96
C LYS B 185 -15.41 -15.23 -16.16
N GLU B 186 -16.59 -15.55 -15.66
CA GLU B 186 -17.79 -14.65 -15.74
C GLU B 186 -17.52 -13.20 -15.27
N LYS B 187 -17.08 -13.02 -14.03
CA LYS B 187 -16.85 -11.63 -13.51
C LYS B 187 -15.39 -11.18 -13.73
N GLY B 188 -14.66 -11.81 -14.62
CA GLY B 188 -13.26 -11.37 -14.87
C GLY B 188 -12.28 -12.39 -14.29
N GLY B 189 -11.08 -12.45 -14.84
CA GLY B 189 -10.06 -13.41 -14.34
C GLY B 189 -10.02 -14.60 -15.27
N TYR B 190 -9.06 -15.47 -15.09
CA TYR B 190 -8.95 -16.65 -15.97
C TYR B 190 -8.53 -17.91 -15.20
N GLU B 191 -8.78 -19.04 -15.82
CA GLU B 191 -8.38 -20.37 -15.26
C GLU B 191 -7.57 -21.04 -16.37
N ILE B 192 -6.28 -21.21 -16.19
CA ILE B 192 -5.47 -21.79 -17.29
C ILE B 192 -5.05 -23.22 -16.95
N THR B 193 -5.41 -24.16 -17.80
CA THR B 193 -5.03 -25.56 -17.55
C THR B 193 -3.75 -25.88 -18.32
N ILE B 194 -2.73 -26.31 -17.62
CA ILE B 194 -1.45 -26.64 -18.30
C ILE B 194 -1.22 -28.14 -18.20
N VAL B 195 -0.97 -28.78 -19.33
CA VAL B 195 -0.69 -30.23 -19.28
C VAL B 195 0.82 -30.43 -19.31
N ASP B 196 1.40 -30.69 -18.17
CA ASP B 196 2.85 -30.91 -18.15
C ASP B 196 3.09 -32.30 -18.76
N ALA B 197 3.24 -32.35 -20.07
CA ALA B 197 3.42 -33.67 -20.75
C ALA B 197 4.68 -34.39 -20.22
N SER B 198 5.70 -33.64 -19.86
CA SER B 198 6.98 -34.25 -19.34
C SER B 198 6.78 -34.95 -17.97
N ASN B 199 5.92 -34.40 -17.12
CA ASN B 199 5.66 -35.02 -15.76
C ASN B 199 4.28 -35.69 -15.75
N GLU B 200 3.57 -35.72 -16.86
CA GLU B 200 2.21 -36.37 -16.89
C GLU B 200 1.42 -35.80 -15.71
N ARG B 201 1.41 -34.48 -15.65
CA ARG B 201 0.71 -33.75 -14.56
C ARG B 201 -0.12 -32.60 -15.13
N GLN B 202 -1.28 -32.39 -14.55
CA GLN B 202 -2.17 -31.28 -14.99
C GLN B 202 -2.23 -30.27 -13.86
N VAL B 203 -2.01 -29.03 -14.20
CA VAL B 203 -2.03 -27.95 -13.18
C VAL B 203 -2.93 -26.80 -13.68
N ILE B 204 -3.59 -26.12 -12.75
CA ILE B 204 -4.47 -25.01 -13.16
C ILE B 204 -3.99 -23.70 -12.52
N ASP B 205 -3.49 -22.79 -13.31
CA ASP B 205 -3.03 -21.51 -12.75
C ASP B 205 -4.18 -20.51 -12.83
N ILE B 206 -4.52 -19.86 -11.74
CA ILE B 206 -5.65 -18.91 -11.78
C ILE B 206 -5.10 -17.49 -11.91
N ILE B 207 -5.67 -16.69 -12.79
CA ILE B 207 -5.20 -15.28 -12.97
C ILE B 207 -6.36 -14.35 -12.57
N PRO B 208 -6.06 -13.35 -11.75
CA PRO B 208 -7.07 -12.38 -11.26
C PRO B 208 -7.44 -11.34 -12.34
N ARG B 209 -8.53 -10.62 -12.12
CA ARG B 209 -9.04 -9.60 -13.11
C ARG B 209 -8.18 -8.32 -13.14
N GLY B 210 -8.18 -7.62 -14.25
CA GLY B 210 -7.35 -6.39 -14.37
C GLY B 210 -6.06 -6.76 -15.10
N LEU B 211 -5.87 -8.04 -15.34
CA LEU B 211 -4.66 -8.50 -16.07
C LEU B 211 -5.05 -9.12 -17.41
N GLU B 212 -4.26 -8.91 -18.44
CA GLU B 212 -4.58 -9.53 -19.77
C GLU B 212 -3.54 -10.63 -20.07
N LEU B 213 -3.98 -11.73 -20.60
CA LEU B 213 -3.09 -12.88 -20.91
C LEU B 213 -2.19 -12.63 -22.13
N LEU B 214 -1.03 -13.26 -22.12
CA LEU B 214 -0.06 -13.18 -23.26
C LEU B 214 -0.01 -14.56 -23.90
N VAL B 215 -0.84 -15.46 -23.45
CA VAL B 215 -0.80 -16.84 -24.02
C VAL B 215 -2.11 -17.27 -24.68
N SER B 216 -2.00 -18.23 -25.59
CA SER B 216 -3.17 -18.79 -26.33
C SER B 216 -3.25 -20.30 -26.08
N GLU B 217 -4.42 -20.88 -26.25
CA GLU B 217 -4.59 -22.36 -26.05
C GLU B 217 -3.70 -23.10 -27.08
N GLY B 218 -3.10 -24.22 -26.71
CA GLY B 218 -2.23 -24.96 -27.68
C GLY B 218 -0.78 -24.42 -27.63
N GLU B 219 -0.51 -23.36 -26.87
CA GLU B 219 0.89 -22.81 -26.83
C GLU B 219 1.73 -23.52 -25.77
N SER B 220 3.00 -23.71 -26.06
CA SER B 220 3.94 -24.38 -25.09
C SER B 220 4.50 -23.33 -24.14
N ILE B 221 4.33 -23.56 -22.86
CA ILE B 221 4.83 -22.60 -21.85
C ILE B 221 5.95 -23.23 -21.03
N LYS B 222 6.88 -22.43 -20.57
CA LYS B 222 8.00 -22.97 -19.76
C LYS B 222 7.71 -22.64 -18.31
N LEU B 223 8.35 -23.32 -17.40
CA LEU B 223 8.08 -23.03 -15.96
C LEU B 223 8.44 -21.56 -15.67
N ASP B 224 7.63 -20.89 -14.89
CA ASP B 224 7.88 -19.43 -14.54
C ASP B 224 7.78 -18.51 -15.77
N GLN B 225 7.22 -19.00 -16.87
CA GLN B 225 7.06 -18.13 -18.09
C GLN B 225 5.88 -17.19 -17.84
N PRO B 226 6.10 -15.88 -17.97
CA PRO B 226 5.03 -14.89 -17.71
C PRO B 226 3.78 -15.18 -18.56
N LEU B 227 2.64 -15.35 -17.93
CA LEU B 227 1.37 -15.70 -18.65
C LEU B 227 0.53 -14.43 -18.88
N THR B 228 0.91 -13.37 -18.23
CA THR B 228 0.18 -12.07 -18.35
C THR B 228 1.14 -10.89 -18.51
N SER B 229 0.57 -9.75 -18.86
CA SER B 229 1.37 -8.50 -19.02
C SER B 229 1.78 -7.99 -17.65
N ASN B 230 2.77 -7.12 -17.58
CA ASN B 230 3.15 -6.58 -16.26
C ASN B 230 2.32 -5.30 -16.09
N PRO B 231 1.31 -5.34 -15.22
CA PRO B 231 0.39 -4.20 -15.05
C PRO B 231 0.90 -3.16 -14.05
N ASN B 232 2.16 -3.20 -13.66
CA ASN B 232 2.67 -2.19 -12.68
C ASN B 232 3.25 -0.96 -13.40
N VAL B 233 2.65 0.20 -13.12
CA VAL B 233 3.09 1.52 -13.72
C VAL B 233 3.72 2.41 -12.61
N GLY B 234 3.82 1.90 -11.39
CA GLY B 234 4.41 2.71 -10.26
C GLY B 234 5.84 2.25 -9.99
N GLY B 235 6.36 2.60 -8.83
CA GLY B 235 7.75 2.21 -8.48
C GLY B 235 8.20 2.92 -7.21
N PHE B 236 9.27 2.41 -6.63
CA PHE B 236 9.88 2.99 -5.41
C PHE B 236 11.29 3.47 -5.75
N GLY B 237 11.72 4.52 -5.11
CA GLY B 237 13.09 5.04 -5.35
C GLY B 237 13.59 5.64 -4.05
N GLN B 238 14.88 5.82 -3.93
CA GLN B 238 15.41 6.39 -2.67
C GLN B 238 16.50 7.38 -3.01
N GLY B 239 16.74 8.31 -2.14
CA GLY B 239 17.76 9.33 -2.42
C GLY B 239 18.36 9.78 -1.11
N ASP B 240 19.35 10.60 -1.14
CA ASP B 240 19.92 11.05 0.15
C ASP B 240 20.43 12.47 0.03
N ALA B 241 20.53 13.13 1.15
CA ALA B 241 21.04 14.51 1.16
C ALA B 241 22.00 14.66 2.32
N GLU B 242 22.69 15.76 2.38
CA GLU B 242 23.61 16.03 3.51
C GLU B 242 23.28 17.42 4.03
N ILE B 243 23.18 17.58 5.31
CA ILE B 243 22.83 18.91 5.85
C ILE B 243 23.89 19.34 6.85
N VAL B 244 24.20 20.60 6.87
CA VAL B 244 25.23 21.07 7.81
C VAL B 244 24.58 21.79 8.99
N LEU B 245 24.64 21.19 10.16
CA LEU B 245 24.11 21.89 11.35
C LEU B 245 25.16 22.97 11.60
N GLN B 246 24.79 24.20 11.44
CA GLN B 246 25.82 25.26 11.52
C GLN B 246 25.89 26.02 12.86
N ASP B 247 27.12 26.32 13.26
CA ASP B 247 27.38 27.15 14.48
C ASP B 247 27.00 28.59 14.11
N PRO B 248 26.19 29.25 14.92
CA PRO B 248 25.73 30.62 14.61
C PRO B 248 26.91 31.62 14.63
N LEU B 249 28.10 31.13 14.93
CA LEU B 249 29.32 32.00 14.92
C LEU B 249 30.20 31.55 13.74
N ARG B 250 31.45 31.30 13.98
CA ARG B 250 32.34 30.80 12.88
C ARG B 250 33.75 30.58 13.41
N ILE A 1 -23.20 -14.38 13.38
CA ILE A 1 -21.79 -14.16 13.86
C ILE A 1 -21.40 -12.71 13.66
N ASP A 2 -20.67 -12.14 14.59
CA ASP A 2 -20.25 -10.72 14.41
C ASP A 2 -18.79 -10.67 13.95
N VAL A 3 -18.48 -9.85 12.98
CA VAL A 3 -17.08 -9.74 12.47
C VAL A 3 -16.69 -8.25 12.53
N LEU A 4 -15.60 -7.94 13.18
CA LEU A 4 -15.17 -6.50 13.31
C LEU A 4 -14.39 -6.06 12.09
N LEU A 5 -14.66 -4.89 11.60
CA LEU A 5 -13.88 -4.40 10.45
C LEU A 5 -12.78 -3.52 11.06
N GLY A 6 -11.58 -4.03 11.13
CA GLY A 6 -10.49 -3.24 11.79
C GLY A 6 -10.33 -3.79 13.20
N ALA A 7 -9.14 -4.22 13.57
CA ALA A 7 -8.94 -4.81 14.94
C ALA A 7 -8.96 -3.70 16.01
N ASP A 8 -9.07 -4.06 17.28
CA ASP A 8 -9.08 -3.02 18.38
C ASP A 8 -7.72 -2.27 18.49
N ASP A 9 -6.68 -2.76 17.86
CA ASP A 9 -5.36 -2.04 17.89
C ASP A 9 -5.23 -1.24 16.56
N GLY A 10 -6.32 -1.13 15.81
CA GLY A 10 -6.29 -0.36 14.52
C GLY A 10 -5.74 -1.21 13.36
N SER A 11 -5.54 -2.50 13.56
CA SER A 11 -4.98 -3.34 12.45
C SER A 11 -6.01 -3.42 11.30
N LEU A 12 -5.57 -3.44 10.06
CA LEU A 12 -6.56 -3.53 8.93
C LEU A 12 -6.88 -5.02 8.70
N ALA A 13 -7.83 -5.56 9.46
CA ALA A 13 -8.15 -7.02 9.33
C ALA A 13 -9.58 -7.32 9.74
N PHE A 14 -10.13 -8.40 9.24
CA PHE A 14 -11.50 -8.80 9.65
C PHE A 14 -11.34 -9.64 10.91
N VAL A 15 -12.15 -9.46 11.92
CA VAL A 15 -11.91 -10.29 13.14
C VAL A 15 -13.23 -10.94 13.61
N PRO A 16 -13.36 -12.24 13.42
CA PRO A 16 -12.32 -13.10 12.78
C PRO A 16 -12.32 -12.95 11.22
N SER A 17 -11.29 -13.46 10.56
CA SER A 17 -11.20 -13.36 9.05
C SER A 17 -11.54 -14.73 8.40
N GLU A 18 -11.40 -15.81 9.13
CA GLU A 18 -11.76 -17.15 8.56
C GLU A 18 -12.69 -17.81 9.55
N PHE A 19 -13.87 -18.16 9.10
CA PHE A 19 -14.85 -18.77 10.02
C PHE A 19 -15.86 -19.63 9.26
N SER A 20 -16.63 -20.40 9.94
CA SER A 20 -17.65 -21.24 9.25
C SER A 20 -19.03 -20.89 9.78
N ILE A 21 -20.04 -21.02 8.97
CA ILE A 21 -21.43 -20.71 9.45
C ILE A 21 -22.40 -21.71 8.86
N SER A 22 -23.57 -21.80 9.42
CA SER A 22 -24.57 -22.71 8.85
C SER A 22 -25.36 -21.90 7.81
N PRO A 23 -26.07 -22.54 6.92
CA PRO A 23 -26.87 -21.81 5.90
C PRO A 23 -27.98 -20.92 6.50
N GLY A 24 -28.13 -19.69 5.97
CA GLY A 24 -29.17 -18.75 6.51
C GLY A 24 -28.64 -18.05 7.76
N GLU A 25 -27.49 -18.45 8.29
CA GLU A 25 -27.01 -17.78 9.54
C GLU A 25 -26.60 -16.35 9.16
N LYS A 26 -26.85 -15.37 9.99
CA LYS A 26 -26.50 -13.98 9.57
C LYS A 26 -25.07 -13.58 9.99
N ILE A 27 -24.41 -12.81 9.16
CA ILE A 27 -23.04 -12.31 9.48
C ILE A 27 -23.15 -10.80 9.65
N VAL A 28 -22.81 -10.28 10.80
CA VAL A 28 -22.93 -8.82 10.99
C VAL A 28 -21.54 -8.20 10.95
N PHE A 29 -21.24 -7.53 9.88
CA PHE A 29 -19.91 -6.87 9.76
C PHE A 29 -20.07 -5.50 10.41
N LYS A 30 -19.27 -5.18 11.39
CA LYS A 30 -19.46 -3.86 12.04
C LYS A 30 -18.18 -3.01 11.98
N ASN A 31 -18.32 -1.78 11.56
CA ASN A 31 -17.16 -0.84 11.48
C ASN A 31 -16.56 -0.69 12.90
N ASN A 32 -15.31 -1.02 13.08
CA ASN A 32 -14.67 -0.94 14.42
C ASN A 32 -13.49 0.06 14.42
N ALA A 33 -12.54 -0.10 13.50
CA ALA A 33 -11.36 0.83 13.50
C ALA A 33 -10.67 0.88 12.11
N GLY A 34 -10.07 2.01 11.77
CA GLY A 34 -9.35 2.15 10.45
C GLY A 34 -10.35 2.35 9.30
N PHE A 35 -11.61 2.68 9.59
CA PHE A 35 -12.60 2.89 8.47
C PHE A 35 -12.21 4.19 7.70
N PRO A 36 -12.85 4.48 6.55
CA PRO A 36 -13.97 3.68 5.96
C PRO A 36 -13.54 2.27 5.50
N HIS A 37 -14.52 1.37 5.47
CA HIS A 37 -14.32 -0.05 5.06
C HIS A 37 -15.56 -0.52 4.31
N ASN A 38 -15.45 -1.61 3.59
CA ASN A 38 -16.62 -2.17 2.89
C ASN A 38 -16.42 -3.67 2.77
N ILE A 39 -17.42 -4.37 2.35
CA ILE A 39 -17.25 -5.82 2.22
C ILE A 39 -17.67 -6.22 0.82
N VAL A 40 -16.76 -6.77 0.06
CA VAL A 40 -17.07 -7.15 -1.34
C VAL A 40 -16.78 -8.64 -1.52
N PHE A 41 -17.68 -9.41 -2.06
CA PHE A 41 -17.42 -10.86 -2.24
C PHE A 41 -16.76 -11.07 -3.59
N ASP A 42 -15.75 -11.90 -3.65
CA ASP A 42 -15.08 -12.12 -4.95
C ASP A 42 -16.02 -12.94 -5.84
N GLU A 43 -16.46 -12.33 -6.91
CA GLU A 43 -17.40 -13.01 -7.86
C GLU A 43 -16.76 -14.29 -8.44
N ASP A 44 -15.44 -14.33 -8.56
CA ASP A 44 -14.74 -15.55 -9.11
C ASP A 44 -14.34 -16.50 -7.97
N SER A 45 -14.70 -16.20 -6.74
CA SER A 45 -14.29 -17.09 -5.61
C SER A 45 -15.48 -17.37 -4.66
N ILE A 46 -16.63 -17.63 -5.21
CA ILE A 46 -17.83 -17.98 -4.38
C ILE A 46 -18.47 -19.18 -5.08
N PRO A 47 -19.37 -19.89 -4.43
CA PRO A 47 -20.02 -21.07 -5.04
C PRO A 47 -20.72 -20.71 -6.36
N SER A 48 -20.64 -21.62 -7.30
CA SER A 48 -21.23 -21.44 -8.68
C SER A 48 -22.74 -21.10 -8.67
N GLY A 49 -23.14 -20.13 -9.48
CA GLY A 49 -24.57 -19.73 -9.57
C GLY A 49 -24.91 -18.62 -8.56
N VAL A 50 -24.03 -18.30 -7.62
CA VAL A 50 -24.39 -17.25 -6.59
C VAL A 50 -24.25 -15.85 -7.17
N ASP A 51 -25.24 -15.02 -6.96
CA ASP A 51 -25.14 -13.63 -7.48
C ASP A 51 -24.39 -12.80 -6.42
N ALA A 52 -23.18 -12.34 -6.73
CA ALA A 52 -22.38 -11.54 -5.73
C ALA A 52 -23.03 -10.18 -5.42
N SER A 53 -23.83 -9.66 -6.32
CA SER A 53 -24.52 -8.34 -6.08
C SER A 53 -25.56 -8.48 -4.93
N LYS A 54 -26.08 -9.67 -4.71
CA LYS A 54 -27.11 -9.89 -3.63
C LYS A 54 -26.48 -10.01 -2.23
N ILE A 55 -25.18 -10.28 -2.14
CA ILE A 55 -24.54 -10.47 -0.79
C ILE A 55 -23.37 -9.48 -0.55
N SER A 56 -23.08 -8.57 -1.46
CA SER A 56 -21.92 -7.63 -1.22
C SER A 56 -22.28 -6.17 -1.40
N MET A 57 -21.41 -5.32 -0.90
CA MET A 57 -21.59 -3.86 -1.03
C MET A 57 -21.01 -3.48 -2.37
N SER A 58 -21.36 -2.35 -2.91
CA SER A 58 -20.73 -1.97 -4.20
C SER A 58 -19.29 -1.59 -3.91
N GLU A 59 -18.39 -1.74 -4.85
CA GLU A 59 -16.96 -1.35 -4.57
C GLU A 59 -16.87 0.15 -4.19
N GLU A 60 -17.79 0.93 -4.72
CA GLU A 60 -17.86 2.41 -4.47
C GLU A 60 -18.65 2.75 -3.19
N ASP A 61 -19.25 1.77 -2.52
CA ASP A 61 -20.02 2.08 -1.26
C ASP A 61 -19.09 1.91 -0.04
N LEU A 62 -19.28 2.72 0.98
CA LEU A 62 -18.38 2.64 2.17
C LEU A 62 -19.15 2.82 3.47
N LEU A 63 -18.65 2.16 4.48
CA LEU A 63 -19.19 2.33 5.86
C LEU A 63 -18.15 3.28 6.45
N ASN A 64 -18.47 4.52 6.72
CA ASN A 64 -17.38 5.42 7.18
C ASN A 64 -17.56 5.93 8.63
N ALA A 65 -18.44 5.36 9.42
CA ALA A 65 -18.57 5.84 10.85
C ALA A 65 -18.49 4.63 11.77
N LYS A 66 -17.93 4.80 12.93
CA LYS A 66 -17.79 3.66 13.90
C LYS A 66 -19.16 3.07 14.27
N GLY A 67 -19.30 1.75 14.25
CA GLY A 67 -20.62 1.14 14.61
C GLY A 67 -21.47 0.84 13.36
N GLU A 68 -21.15 1.42 12.19
CA GLU A 68 -22.03 1.15 11.00
C GLU A 68 -21.95 -0.34 10.68
N THR A 69 -23.03 -0.96 10.28
CA THR A 69 -22.97 -2.44 10.02
C THR A 69 -23.52 -2.82 8.65
N PHE A 70 -23.08 -3.97 8.17
CA PHE A 70 -23.59 -4.55 6.91
C PHE A 70 -23.91 -6.00 7.26
N GLU A 71 -25.12 -6.41 7.07
CA GLU A 71 -25.48 -7.79 7.45
C GLU A 71 -25.83 -8.62 6.22
N VAL A 72 -25.45 -9.87 6.23
CA VAL A 72 -25.77 -10.75 5.07
C VAL A 72 -25.94 -12.20 5.54
N ALA A 73 -26.84 -12.90 4.91
CA ALA A 73 -27.05 -14.32 5.24
C ALA A 73 -26.72 -15.13 3.99
N LEU A 74 -25.92 -16.16 4.11
CA LEU A 74 -25.55 -16.98 2.93
C LEU A 74 -26.29 -18.32 3.01
N SER A 75 -26.76 -18.86 1.90
CA SER A 75 -27.49 -20.16 1.99
C SER A 75 -26.74 -21.24 1.21
N ASN A 76 -26.21 -20.94 0.05
CA ASN A 76 -25.48 -22.00 -0.75
C ASN A 76 -24.21 -22.43 -0.02
N LYS A 77 -23.99 -23.71 0.06
CA LYS A 77 -22.78 -24.21 0.79
C LYS A 77 -21.52 -24.06 -0.05
N GLY A 78 -20.38 -23.95 0.57
CA GLY A 78 -19.13 -23.81 -0.22
C GLY A 78 -18.26 -22.73 0.40
N GLU A 79 -17.18 -22.38 -0.23
CA GLU A 79 -16.30 -21.32 0.35
C GLU A 79 -16.57 -19.97 -0.31
N TYR A 80 -16.55 -18.90 0.45
CA TYR A 80 -16.80 -17.54 -0.11
C TYR A 80 -15.59 -16.66 0.21
N SER A 81 -14.93 -16.11 -0.77
CA SER A 81 -13.76 -15.23 -0.47
C SER A 81 -14.25 -13.78 -0.51
N PHE A 82 -13.90 -12.98 0.46
CA PHE A 82 -14.37 -11.56 0.45
C PHE A 82 -13.21 -10.63 0.79
N TYR A 83 -13.40 -9.35 0.59
CA TYR A 83 -12.29 -8.40 0.90
C TYR A 83 -12.81 -6.99 1.07
N CYS A 84 -11.98 -6.15 1.60
CA CYS A 84 -12.34 -4.73 1.71
C CYS A 84 -11.70 -4.10 0.45
N SER A 85 -12.44 -3.40 -0.38
CA SER A 85 -11.83 -2.88 -1.66
C SER A 85 -10.64 -1.87 -1.46
N PRO A 86 -10.77 -0.85 -0.61
CA PRO A 86 -9.66 0.14 -0.39
C PRO A 86 -8.48 -0.44 0.41
N HIS A 87 -8.68 -1.54 1.14
CA HIS A 87 -7.56 -2.15 1.94
C HIS A 87 -7.27 -3.62 1.52
N GLN A 88 -7.73 -4.06 0.35
CA GLN A 88 -7.44 -5.48 -0.10
C GLN A 88 -5.94 -5.69 -0.18
N GLY A 89 -5.22 -4.74 -0.68
CA GLY A 89 -3.75 -4.91 -0.76
C GLY A 89 -3.15 -4.86 0.64
N ALA A 90 -3.78 -4.21 1.58
CA ALA A 90 -3.20 -4.20 2.93
C ALA A 90 -3.40 -5.59 3.57
N GLY A 91 -4.07 -6.48 2.89
CA GLY A 91 -4.26 -7.83 3.46
C GLY A 91 -5.62 -7.91 4.14
N MET A 92 -6.46 -6.91 4.01
CA MET A 92 -7.78 -7.01 4.67
C MET A 92 -8.65 -7.92 3.81
N VAL A 93 -8.52 -9.21 4.02
CA VAL A 93 -9.29 -10.19 3.21
C VAL A 93 -9.81 -11.26 4.15
N GLY A 94 -10.76 -12.07 3.74
CA GLY A 94 -11.25 -13.13 4.66
C GLY A 94 -11.93 -14.23 3.84
N LYS A 95 -12.34 -15.30 4.46
CA LYS A 95 -13.01 -16.40 3.69
C LYS A 95 -14.00 -17.08 4.63
N VAL A 96 -15.23 -17.25 4.20
CA VAL A 96 -16.23 -17.90 5.08
C VAL A 96 -16.68 -19.21 4.43
N THR A 97 -16.90 -20.23 5.21
CA THR A 97 -17.35 -21.51 4.62
C THR A 97 -18.76 -21.80 5.09
N VAL A 98 -19.68 -22.04 4.18
CA VAL A 98 -21.06 -22.36 4.62
C VAL A 98 -21.16 -23.90 4.61
N ASN A 99 -21.32 -24.50 5.76
CA ASN A 99 -21.34 -26.00 5.79
C ASN A 99 -22.62 -26.52 6.49
N TYR B 1 2.08 -0.10 1.95
CA TYR B 1 1.66 1.08 2.69
C TYR B 1 2.75 1.36 3.75
N PRO B 2 2.92 2.61 4.14
CA PRO B 2 3.90 2.97 5.19
C PRO B 2 3.61 2.22 6.50
N ILE B 3 2.35 1.85 6.72
CA ILE B 3 1.98 1.09 7.97
C ILE B 3 2.55 -0.35 7.89
N PHE B 4 2.67 -0.93 6.71
CA PHE B 4 3.20 -2.35 6.60
C PHE B 4 4.68 -2.43 6.95
N ALA B 5 5.43 -1.40 6.64
CA ALA B 5 6.87 -1.40 7.02
C ALA B 5 6.98 -1.11 8.52
N GLN B 6 6.19 -0.15 9.01
CA GLN B 6 6.19 0.22 10.47
C GLN B 6 5.75 -1.00 11.31
N GLN B 7 4.69 -1.66 10.89
CA GLN B 7 4.16 -2.84 11.66
C GLN B 7 5.18 -4.00 11.76
N ASN B 8 6.10 -4.23 10.82
CA ASN B 8 7.01 -5.42 10.99
C ASN B 8 8.50 -5.17 10.57
N TYR B 9 8.95 -3.94 10.64
CA TYR B 9 10.40 -3.58 10.39
C TYR B 9 10.69 -2.52 11.44
N GLU B 10 11.53 -2.85 12.39
CA GLU B 10 11.79 -1.90 13.51
C GLU B 10 12.51 -0.65 12.99
N ASN B 11 13.43 -0.84 12.08
CA ASN B 11 14.15 0.30 11.46
C ASN B 11 13.89 0.15 9.94
N PRO B 12 13.57 1.24 9.26
CA PRO B 12 13.21 1.19 7.84
C PRO B 12 14.44 1.06 6.91
N ARG B 13 15.64 1.34 7.38
CA ARG B 13 16.83 1.20 6.46
C ARG B 13 17.59 -0.09 6.76
N GLU B 14 17.81 -0.92 5.76
CA GLU B 14 18.53 -2.21 6.01
C GLU B 14 20.05 -1.98 5.92
N ALA B 15 20.83 -2.95 6.35
CA ALA B 15 22.33 -2.82 6.32
C ALA B 15 22.85 -2.58 4.87
N THR B 16 22.11 -3.01 3.86
CA THR B 16 22.56 -2.78 2.43
C THR B 16 22.31 -1.32 2.04
N GLY B 17 21.53 -0.62 2.84
CA GLY B 17 21.21 0.81 2.56
C GLY B 17 19.89 0.91 1.81
N ARG B 18 19.20 -0.22 1.65
CA ARG B 18 17.89 -0.21 0.94
C ARG B 18 16.76 -0.02 1.93
N ILE B 19 15.80 0.79 1.58
CA ILE B 19 14.65 1.01 2.49
C ILE B 19 13.66 -0.17 2.32
N VAL B 20 13.12 -0.65 3.40
CA VAL B 20 12.20 -1.84 3.38
C VAL B 20 10.97 -1.72 2.44
N CYS B 21 10.63 -0.56 1.86
CA CYS B 21 9.44 -0.57 0.92
C CYS B 21 9.80 -1.33 -0.36
N ALA B 22 11.07 -1.36 -0.67
CA ALA B 22 11.57 -2.07 -1.89
C ALA B 22 11.35 -3.60 -1.75
N ASN B 23 10.93 -4.09 -0.58
CA ASN B 23 10.68 -5.56 -0.42
C ASN B 23 9.32 -5.93 -1.09
N CYS B 24 8.36 -4.99 -1.15
CA CYS B 24 7.01 -5.26 -1.83
C CYS B 24 6.85 -4.29 -3.00
N HIS B 25 7.45 -3.12 -2.90
CA HIS B 25 7.38 -2.17 -4.03
C HIS B 25 8.61 -2.53 -4.91
N LEU B 26 8.41 -3.40 -5.88
CA LEU B 26 9.54 -3.93 -6.70
C LEU B 26 9.97 -3.07 -7.90
N ALA B 27 9.18 -2.13 -8.42
CA ALA B 27 9.70 -1.34 -9.60
C ALA B 27 10.51 -0.13 -9.14
N SER B 28 11.61 0.17 -9.82
CA SER B 28 12.44 1.33 -9.41
C SER B 28 12.01 2.58 -10.18
N LYS B 29 11.82 3.65 -9.48
CA LYS B 29 11.44 4.93 -10.11
C LYS B 29 12.16 6.03 -9.31
N PRO B 30 12.52 7.12 -9.94
CA PRO B 30 13.30 8.18 -9.29
C PRO B 30 12.57 9.02 -8.23
N VAL B 31 13.33 9.31 -7.19
CA VAL B 31 12.87 10.15 -6.06
C VAL B 31 13.89 11.29 -5.90
N ASP B 32 13.44 12.45 -5.53
CA ASP B 32 14.38 13.59 -5.38
C ASP B 32 14.14 14.28 -4.03
N ILE B 33 15.14 14.95 -3.50
CA ILE B 33 14.95 15.64 -2.19
C ILE B 33 15.80 16.91 -2.12
N GLU B 34 15.16 18.04 -1.94
CA GLU B 34 15.92 19.31 -1.80
C GLU B 34 15.90 19.71 -0.34
N VAL B 35 17.04 20.02 0.18
CA VAL B 35 17.18 20.42 1.61
C VAL B 35 18.18 21.58 1.62
N PRO B 36 18.02 22.54 2.52
CA PRO B 36 18.97 23.65 2.57
C PRO B 36 20.38 23.14 2.86
N GLN B 37 21.38 23.78 2.30
CA GLN B 37 22.80 23.35 2.47
C GLN B 37 23.20 23.35 3.96
N ALA B 38 22.73 24.33 4.69
CA ALA B 38 23.08 24.42 6.12
C ALA B 38 21.91 25.01 6.89
N VAL B 39 21.82 24.70 8.17
CA VAL B 39 20.70 25.25 8.99
C VAL B 39 21.25 25.63 10.36
N LEU B 40 20.55 26.50 11.05
CA LEU B 40 21.01 26.95 12.40
C LEU B 40 20.24 26.20 13.49
N PRO B 41 20.83 26.11 14.67
CA PRO B 41 20.18 25.45 15.83
C PRO B 41 18.77 26.00 16.12
N ASP B 42 17.87 25.09 16.48
CA ASP B 42 16.43 25.40 16.80
C ASP B 42 15.75 26.29 15.74
N THR B 43 15.89 25.95 14.48
CA THR B 43 15.20 26.73 13.38
C THR B 43 14.42 25.74 12.54
N VAL B 44 13.30 26.17 11.99
CA VAL B 44 12.52 25.24 11.15
C VAL B 44 12.99 25.33 9.70
N PHE B 45 13.08 24.21 9.05
CA PHE B 45 13.48 24.20 7.63
C PHE B 45 12.58 23.22 6.91
N GLU B 46 12.59 23.25 5.62
CA GLU B 46 11.71 22.31 4.88
C GLU B 46 12.51 21.31 4.08
N ALA B 47 12.05 20.10 4.09
CA ALA B 47 12.69 19.02 3.29
C ALA B 47 11.69 18.68 2.21
N VAL B 48 11.98 18.99 0.99
CA VAL B 48 10.96 18.71 -0.04
C VAL B 48 11.30 17.44 -0.81
N VAL B 49 10.39 16.51 -0.80
CA VAL B 49 10.64 15.22 -1.49
C VAL B 49 9.84 15.20 -2.78
N LYS B 50 10.45 14.79 -3.87
CA LYS B 50 9.71 14.72 -5.16
C LYS B 50 9.58 13.26 -5.59
N ILE B 51 8.36 12.85 -5.85
CA ILE B 51 8.06 11.46 -6.30
C ILE B 51 7.32 11.64 -7.65
N PRO B 52 8.09 11.95 -8.70
CA PRO B 52 7.51 12.26 -10.03
C PRO B 52 7.15 11.03 -10.86
N TYR B 53 6.07 11.16 -11.63
CA TYR B 53 5.60 10.06 -12.52
C TYR B 53 4.68 10.65 -13.60
N ASP B 54 4.57 10.02 -14.74
CA ASP B 54 3.65 10.56 -15.79
C ASP B 54 2.22 10.46 -15.21
N MET B 55 1.49 11.57 -15.13
CA MET B 55 0.13 11.54 -14.49
C MET B 55 -1.02 11.03 -15.40
N GLN B 56 -0.75 10.57 -16.61
CA GLN B 56 -1.88 10.01 -17.45
C GLN B 56 -1.90 8.50 -17.22
N LEU B 57 -0.99 8.03 -16.37
CA LEU B 57 -0.87 6.58 -16.07
C LEU B 57 -1.99 6.10 -15.16
N LYS B 58 -2.57 4.98 -15.49
CA LYS B 58 -3.64 4.40 -14.66
C LYS B 58 -3.18 3.02 -14.23
N GLN B 59 -3.22 2.75 -12.95
CA GLN B 59 -2.76 1.42 -12.44
C GLN B 59 -3.95 0.49 -12.23
N VAL B 60 -3.71 -0.75 -11.95
CA VAL B 60 -4.84 -1.71 -11.72
C VAL B 60 -5.22 -1.64 -10.24
N LEU B 61 -6.40 -1.16 -9.95
CA LEU B 61 -6.81 -1.07 -8.52
C LEU B 61 -7.06 -2.49 -7.96
N ALA B 62 -7.16 -2.61 -6.65
CA ALA B 62 -7.38 -3.95 -5.99
C ALA B 62 -8.65 -4.67 -6.50
N ASN B 63 -9.52 -4.04 -7.28
CA ASN B 63 -10.75 -4.78 -7.75
C ASN B 63 -10.76 -4.98 -9.29
N GLY B 64 -9.62 -4.87 -9.96
CA GLY B 64 -9.59 -5.07 -11.47
C GLY B 64 -9.74 -3.72 -12.20
N LYS B 65 -10.47 -2.76 -11.64
CA LYS B 65 -10.67 -1.44 -12.35
C LYS B 65 -9.34 -0.66 -12.38
N LYS B 66 -9.22 0.28 -13.30
CA LYS B 66 -7.97 1.08 -13.42
C LYS B 66 -8.18 2.45 -12.77
N GLY B 67 -7.20 2.96 -12.07
CA GLY B 67 -7.39 4.29 -11.41
C GLY B 67 -6.06 5.03 -11.25
N ALA B 68 -6.11 6.16 -10.54
CA ALA B 68 -4.88 6.99 -10.32
C ALA B 68 -3.99 6.39 -9.22
N LEU B 69 -2.78 6.88 -9.11
CA LEU B 69 -1.80 6.36 -8.11
C LEU B 69 -1.77 7.20 -6.84
N ASN B 70 -1.32 6.61 -5.77
CA ASN B 70 -1.20 7.35 -4.49
C ASN B 70 0.29 7.40 -4.12
N VAL B 71 0.69 8.38 -3.37
CA VAL B 71 2.12 8.49 -3.02
C VAL B 71 2.32 8.33 -1.50
N GLY B 72 3.52 7.97 -1.12
CA GLY B 72 3.85 7.82 0.33
C GLY B 72 5.36 7.94 0.47
N ALA B 73 5.85 8.30 1.63
CA ALA B 73 7.32 8.43 1.76
C ALA B 73 7.79 8.21 3.18
N VAL B 74 9.05 7.91 3.34
CA VAL B 74 9.63 7.71 4.69
C VAL B 74 10.87 8.58 4.78
N LEU B 75 10.93 9.48 5.73
CA LEU B 75 12.12 10.35 5.80
C LEU B 75 12.97 9.94 7.00
N ILE B 76 14.22 9.63 6.78
CA ILE B 76 15.10 9.21 7.90
C ILE B 76 16.05 10.38 8.24
N LEU B 77 15.82 11.00 9.37
CA LEU B 77 16.66 12.16 9.79
C LEU B 77 17.63 11.72 10.90
N PRO B 78 18.67 12.51 11.13
CA PRO B 78 19.65 12.21 12.21
C PRO B 78 18.95 12.33 13.56
N GLU B 79 19.48 11.70 14.59
CA GLU B 79 18.81 11.78 15.94
C GLU B 79 18.86 13.21 16.48
N GLY B 80 17.76 13.71 17.02
CA GLY B 80 17.74 15.12 17.50
C GLY B 80 16.79 15.91 16.61
N PHE B 81 16.81 15.62 15.30
CA PHE B 81 15.89 16.31 14.34
C PHE B 81 14.49 15.70 14.47
N GLU B 82 13.46 16.50 14.40
CA GLU B 82 12.08 15.95 14.54
C GLU B 82 11.08 16.84 13.82
N LEU B 83 9.85 16.39 13.71
CA LEU B 83 8.80 17.19 13.03
C LEU B 83 8.60 18.52 13.76
N ALA B 84 8.63 19.62 13.02
CA ALA B 84 8.43 20.96 13.65
C ALA B 84 7.01 21.04 14.25
N PRO B 85 6.90 21.61 15.45
CA PRO B 85 5.60 21.75 16.14
C PRO B 85 4.74 22.80 15.38
N PRO B 86 3.43 22.74 15.53
CA PRO B 86 2.47 23.65 14.82
C PRO B 86 2.70 25.14 15.14
N ASP B 87 3.03 25.48 16.37
CA ASP B 87 3.27 26.94 16.73
C ASP B 87 4.53 27.47 15.98
N ARG B 88 5.48 26.61 15.63
CA ARG B 88 6.73 27.06 14.92
C ARG B 88 6.56 27.01 13.40
N ILE B 89 5.44 26.52 12.92
CA ILE B 89 5.23 26.46 11.45
C ILE B 89 4.60 27.77 10.95
N SER B 90 5.27 28.42 10.03
CA SER B 90 4.78 29.70 9.44
C SER B 90 3.49 29.45 8.62
N PRO B 91 2.69 30.49 8.42
CA PRO B 91 1.44 30.40 7.63
C PRO B 91 1.79 30.19 6.14
N GLU B 92 2.88 30.81 5.68
CA GLU B 92 3.34 30.62 4.25
C GLU B 92 3.78 29.16 4.04
N MET B 93 4.09 28.46 5.13
CA MET B 93 4.52 27.03 5.05
C MET B 93 3.31 26.12 5.33
N LYS B 94 2.38 26.57 6.15
CA LYS B 94 1.18 25.73 6.50
C LYS B 94 0.30 25.49 5.27
N GLU B 95 0.26 26.42 4.34
CA GLU B 95 -0.55 26.19 3.09
C GLU B 95 0.24 25.22 2.20
N LYS B 96 1.55 25.32 2.24
CA LYS B 96 2.47 24.45 1.41
C LYS B 96 2.33 22.97 1.81
N ILE B 97 2.26 22.69 3.10
CA ILE B 97 2.11 21.28 3.59
C ILE B 97 0.65 20.81 3.46
N GLY B 98 -0.21 21.60 2.83
CA GLY B 98 -1.65 21.20 2.65
C GLY B 98 -2.29 20.88 4.01
N ASN B 99 -2.61 19.63 4.22
CA ASN B 99 -3.22 19.19 5.51
C ASN B 99 -2.77 17.75 5.74
N LEU B 100 -1.50 17.51 5.49
CA LEU B 100 -0.91 16.15 5.66
C LEU B 100 -0.63 15.86 7.12
N SER B 101 -0.72 14.61 7.48
CA SER B 101 -0.41 14.18 8.88
C SER B 101 0.85 13.35 8.85
N PHE B 102 1.92 13.92 9.33
CA PHE B 102 3.20 13.17 9.34
C PHE B 102 3.23 12.33 10.60
N GLN B 103 3.53 11.08 10.44
CA GLN B 103 3.53 10.19 11.63
C GLN B 103 4.94 9.73 11.95
N ASN B 104 5.15 9.38 13.19
CA ASN B 104 6.48 8.89 13.56
C ASN B 104 6.55 7.42 13.13
N TYR B 105 7.68 6.94 12.70
CA TYR B 105 7.77 5.51 12.26
C TYR B 105 7.33 4.63 13.45
N ARG B 106 7.73 5.05 14.61
CA ARG B 106 7.37 4.40 15.90
C ARG B 106 7.43 5.56 16.90
N PRO B 107 6.72 5.49 18.01
CA PRO B 107 6.73 6.62 18.98
C PRO B 107 8.12 6.91 19.56
N ASN B 108 9.01 5.94 19.62
CA ASN B 108 10.37 6.22 20.16
C ASN B 108 11.27 6.80 19.03
N LYS B 109 10.91 6.57 17.78
CA LYS B 109 11.71 7.10 16.62
C LYS B 109 11.10 8.44 16.18
N LYS B 110 11.49 9.51 16.82
CA LYS B 110 10.96 10.85 16.47
C LYS B 110 11.74 11.41 15.26
N ASN B 111 12.81 10.76 14.85
CA ASN B 111 13.61 11.27 13.69
C ASN B 111 13.28 10.49 12.40
N ILE B 112 12.23 9.69 12.41
CA ILE B 112 11.82 8.94 11.17
C ILE B 112 10.36 9.28 10.93
N LEU B 113 10.08 9.92 9.82
CA LEU B 113 8.70 10.35 9.57
C LEU B 113 8.10 9.62 8.37
N VAL B 114 6.84 9.30 8.47
CA VAL B 114 6.15 8.61 7.34
C VAL B 114 4.88 9.37 6.98
N ILE B 115 4.51 9.31 5.73
CA ILE B 115 3.28 10.00 5.26
C ILE B 115 2.71 9.22 4.09
N GLY B 116 1.41 9.17 3.96
CA GLY B 116 0.81 8.41 2.85
C GLY B 116 0.04 7.23 3.42
N PRO B 117 -0.79 6.63 2.60
CA PRO B 117 -1.00 7.03 1.18
C PRO B 117 -1.81 8.33 1.03
N VAL B 118 -1.32 9.18 0.17
CA VAL B 118 -1.99 10.48 -0.17
C VAL B 118 -2.08 10.51 -1.71
N PRO B 119 -3.11 11.16 -2.27
CA PRO B 119 -3.29 11.17 -3.74
C PRO B 119 -2.11 11.84 -4.50
N GLY B 120 -1.61 11.13 -5.51
CA GLY B 120 -0.43 11.58 -6.35
C GLY B 120 -0.70 12.88 -7.12
N GLN B 121 -1.90 13.06 -7.63
CA GLN B 121 -2.20 14.33 -8.40
C GLN B 121 -1.91 15.55 -7.53
N LYS B 122 -2.19 15.46 -6.25
CA LYS B 122 -1.98 16.62 -5.32
C LYS B 122 -0.61 16.62 -4.61
N TYR B 123 -0.08 15.47 -4.22
CA TYR B 123 1.20 15.49 -3.44
C TYR B 123 2.38 14.77 -4.13
N SER B 124 2.69 15.07 -5.39
CA SER B 124 3.89 14.42 -6.05
C SER B 124 5.14 14.98 -5.33
N GLU B 125 5.01 16.20 -4.83
CA GLU B 125 6.10 16.86 -4.03
C GLU B 125 5.56 17.13 -2.64
N ILE B 126 6.25 16.67 -1.63
CA ILE B 126 5.76 16.88 -0.24
C ILE B 126 6.76 17.72 0.56
N THR B 127 6.26 18.57 1.42
CA THR B 127 7.17 19.41 2.23
C THR B 127 7.13 18.96 3.70
N PHE B 128 8.25 18.50 4.21
CA PHE B 128 8.31 18.04 5.63
C PHE B 128 8.92 19.17 6.47
N PRO B 129 8.17 19.67 7.44
CA PRO B 129 8.66 20.77 8.27
C PRO B 129 9.54 20.16 9.37
N ILE B 130 10.82 20.38 9.30
CA ILE B 130 11.74 19.77 10.32
C ILE B 130 12.32 20.84 11.25
N LEU B 131 12.49 20.48 12.50
CA LEU B 131 13.08 21.42 13.50
C LEU B 131 14.52 21.00 13.74
N ALA B 132 15.45 21.88 13.51
CA ALA B 132 16.88 21.53 13.75
C ALA B 132 17.16 21.58 15.25
N PRO B 133 17.86 20.59 15.76
CA PRO B 133 18.15 20.52 17.19
C PRO B 133 19.16 21.60 17.62
N ASP B 134 19.45 21.64 18.89
CA ASP B 134 20.42 22.64 19.43
C ASP B 134 21.46 21.90 20.29
N PRO B 135 22.73 22.00 19.91
CA PRO B 135 23.84 21.31 20.64
C PRO B 135 23.97 21.83 22.07
N ALA B 136 23.73 23.11 22.30
CA ALA B 136 23.78 23.66 23.70
C ALA B 136 22.67 23.00 24.57
N THR B 137 21.64 22.41 23.96
CA THR B 137 20.52 21.77 24.76
C THR B 137 20.40 20.26 24.42
N ASN B 138 21.45 19.70 23.88
CA ASN B 138 21.51 18.24 23.52
C ASN B 138 23.00 17.88 23.37
N LYS B 139 23.52 17.13 24.32
CA LYS B 139 24.97 16.77 24.31
C LYS B 139 25.36 15.73 23.24
N ASP B 140 24.43 15.07 22.56
CA ASP B 140 24.87 14.08 21.50
C ASP B 140 24.70 14.70 20.11
N VAL B 141 24.17 15.91 20.05
CA VAL B 141 24.00 16.63 18.75
C VAL B 141 25.16 17.60 18.61
N HIS B 142 25.81 17.59 17.49
CA HIS B 142 26.98 18.47 17.29
C HIS B 142 26.87 19.26 16.01
N PHE B 143 27.71 20.25 15.85
CA PHE B 143 27.73 21.02 14.56
C PHE B 143 28.49 20.14 13.59
N LEU B 144 27.78 19.48 12.72
CA LEU B 144 28.45 18.51 11.80
C LEU B 144 27.64 18.34 10.52
N LYS B 145 28.16 17.55 9.61
CA LYS B 145 27.40 17.28 8.39
C LYS B 145 26.56 16.03 8.66
N TYR B 146 25.29 16.08 8.39
CA TYR B 146 24.44 14.90 8.73
C TYR B 146 23.75 14.33 7.50
N PRO B 147 23.70 13.01 7.39
CA PRO B 147 23.03 12.36 6.25
C PRO B 147 21.50 12.34 6.44
N ILE B 148 20.79 12.44 5.34
CA ILE B 148 19.29 12.41 5.37
C ILE B 148 18.87 11.39 4.31
N TYR B 149 18.05 10.45 4.66
CA TYR B 149 17.65 9.43 3.65
C TYR B 149 16.15 9.47 3.40
N VAL B 150 15.75 9.31 2.16
CA VAL B 150 14.29 9.35 1.82
C VAL B 150 13.91 8.16 0.92
N GLY B 151 12.72 7.69 1.13
CA GLY B 151 12.16 6.60 0.32
C GLY B 151 10.85 7.12 -0.24
N GLY B 152 10.65 7.03 -1.52
CA GLY B 152 9.40 7.58 -2.09
C GLY B 152 8.72 6.54 -2.96
N ASN B 153 7.43 6.36 -2.79
CA ASN B 153 6.69 5.34 -3.59
C ASN B 153 5.39 5.89 -4.19
N ARG B 154 5.10 5.44 -5.39
CA ARG B 154 3.83 5.81 -6.10
C ARG B 154 3.26 4.54 -6.72
N GLY B 155 2.02 4.23 -6.46
CA GLY B 155 1.47 2.99 -7.07
C GLY B 155 1.34 1.88 -6.02
N ARG B 156 0.50 0.91 -6.31
CA ARG B 156 0.26 -0.27 -5.41
C ARG B 156 1.42 -1.27 -5.50
N GLY B 157 1.79 -1.83 -4.38
CA GLY B 157 2.91 -2.81 -4.29
C GLY B 157 2.53 -4.15 -4.92
N GLN B 158 3.49 -5.04 -5.05
CA GLN B 158 3.27 -6.39 -5.66
C GLN B 158 3.09 -7.48 -4.57
N ILE B 159 3.72 -7.35 -3.43
CA ILE B 159 3.60 -8.43 -2.37
C ILE B 159 2.96 -7.90 -1.07
N TYR B 160 2.12 -8.71 -0.45
CA TYR B 160 1.48 -8.31 0.83
C TYR B 160 2.40 -8.80 1.99
N PRO B 161 2.14 -8.37 3.21
CA PRO B 161 2.94 -8.79 4.39
C PRO B 161 2.91 -10.32 4.66
N ASP B 162 1.99 -11.08 4.07
CA ASP B 162 1.99 -12.58 4.30
C ASP B 162 2.77 -13.31 3.19
N GLY B 163 3.23 -12.57 2.18
CA GLY B 163 4.00 -13.19 1.04
C GLY B 163 3.11 -13.32 -0.19
N SER B 164 1.82 -13.09 -0.03
CA SER B 164 0.86 -13.24 -1.18
C SER B 164 1.09 -12.16 -2.24
N LYS B 165 0.96 -12.52 -3.48
CA LYS B 165 1.12 -11.52 -4.58
C LYS B 165 -0.18 -10.74 -4.73
N SER B 166 -0.09 -9.54 -5.23
CA SER B 166 -1.33 -8.75 -5.47
C SER B 166 -1.65 -8.87 -6.95
N ASN B 167 -2.72 -8.28 -7.41
CA ASN B 167 -3.03 -8.41 -8.85
C ASN B 167 -2.30 -7.29 -9.62
N ASN B 168 -1.29 -6.70 -9.01
CA ASN B 168 -0.49 -5.62 -9.68
C ASN B 168 0.93 -6.13 -9.93
N THR B 169 1.01 -7.35 -10.43
CA THR B 169 2.33 -7.98 -10.73
C THR B 169 2.13 -9.01 -11.85
N VAL B 170 3.22 -9.54 -12.35
CA VAL B 170 3.14 -10.58 -13.43
C VAL B 170 2.74 -11.93 -12.84
N TYR B 171 1.93 -12.69 -13.55
CA TYR B 171 1.55 -14.03 -13.04
C TYR B 171 2.33 -15.04 -13.85
N ASN B 172 3.11 -15.85 -13.21
CA ASN B 172 3.96 -16.78 -13.98
C ASN B 172 3.40 -18.21 -13.96
N ALA B 173 3.67 -18.98 -15.00
CA ALA B 173 3.18 -20.39 -15.05
C ALA B 173 3.88 -21.21 -13.95
N THR B 174 3.13 -21.98 -13.18
CA THR B 174 3.73 -22.81 -12.07
C THR B 174 4.25 -24.14 -12.66
N ALA B 175 4.01 -24.37 -13.94
CA ALA B 175 4.49 -25.63 -14.61
C ALA B 175 4.74 -25.39 -16.08
N GLY B 176 5.66 -26.14 -16.65
CA GLY B 176 5.94 -26.04 -18.10
C GLY B 176 4.94 -26.95 -18.80
N GLY B 177 4.84 -26.91 -20.10
CA GLY B 177 3.86 -27.80 -20.74
C GLY B 177 3.13 -27.08 -21.87
N ILE B 178 1.95 -27.55 -22.19
CA ILE B 178 1.13 -26.94 -23.27
C ILE B 178 -0.21 -26.51 -22.65
N ILE B 179 -0.69 -25.34 -22.98
CA ILE B 179 -1.99 -24.89 -22.40
C ILE B 179 -3.11 -25.66 -23.12
N SER B 180 -3.85 -26.48 -22.41
CA SER B 180 -4.94 -27.28 -23.06
C SER B 180 -6.28 -26.53 -22.98
N LYS B 181 -6.38 -25.56 -22.08
CA LYS B 181 -7.66 -24.80 -21.94
C LYS B 181 -7.47 -23.45 -21.21
N ILE B 182 -8.24 -22.47 -21.62
CA ILE B 182 -8.21 -21.13 -20.95
C ILE B 182 -9.67 -20.73 -20.68
N LEU B 183 -10.10 -20.90 -19.46
CA LEU B 183 -11.50 -20.55 -19.12
C LEU B 183 -11.60 -19.07 -18.71
N ARG B 184 -12.20 -18.25 -19.55
CA ARG B 184 -12.39 -16.82 -19.21
C ARG B 184 -13.52 -16.77 -18.18
N LYS B 185 -13.26 -16.24 -17.01
CA LYS B 185 -14.31 -16.28 -15.95
C LYS B 185 -15.41 -15.22 -16.15
N GLU B 186 -16.58 -15.54 -15.66
CA GLU B 186 -17.79 -14.65 -15.75
C GLU B 186 -17.52 -13.20 -15.29
N LYS B 187 -17.08 -13.01 -14.06
CA LYS B 187 -16.86 -11.61 -13.55
C LYS B 187 -15.40 -11.17 -13.74
N GLY B 188 -14.66 -11.80 -14.62
CA GLY B 188 -13.25 -11.37 -14.86
C GLY B 188 -12.28 -12.39 -14.28
N GLY B 189 -11.09 -12.45 -14.83
CA GLY B 189 -10.07 -13.41 -14.34
C GLY B 189 -10.03 -14.61 -15.26
N TYR B 190 -9.06 -15.48 -15.08
CA TYR B 190 -8.96 -16.66 -15.97
C TYR B 190 -8.53 -17.91 -15.20
N GLU B 191 -8.78 -19.04 -15.81
CA GLU B 191 -8.38 -20.37 -15.26
C GLU B 191 -7.57 -21.04 -16.37
N ILE B 192 -6.28 -21.20 -16.20
CA ILE B 192 -5.47 -21.79 -17.29
C ILE B 192 -5.05 -23.22 -16.95
N THR B 193 -5.40 -24.16 -17.79
CA THR B 193 -5.03 -25.56 -17.55
C THR B 193 -3.76 -25.88 -18.32
N ILE B 194 -2.73 -26.31 -17.62
CA ILE B 194 -1.44 -26.64 -18.30
C ILE B 194 -1.23 -28.14 -18.21
N VAL B 195 -0.97 -28.78 -19.33
CA VAL B 195 -0.70 -30.24 -19.28
C VAL B 195 0.81 -30.43 -19.31
N ASP B 196 1.40 -30.68 -18.18
CA ASP B 196 2.86 -30.91 -18.15
C ASP B 196 3.08 -32.29 -18.76
N ALA B 197 3.25 -32.35 -20.06
CA ALA B 197 3.42 -33.67 -20.75
C ALA B 197 4.68 -34.39 -20.23
N SER B 198 5.70 -33.64 -19.86
CA SER B 198 6.98 -34.25 -19.34
C SER B 198 6.77 -34.94 -17.97
N ASN B 199 5.92 -34.39 -17.12
CA ASN B 199 5.66 -35.02 -15.76
C ASN B 199 4.28 -35.70 -15.75
N GLU B 200 3.58 -35.73 -16.86
CA GLU B 200 2.21 -36.37 -16.89
C GLU B 200 1.41 -35.79 -15.72
N ARG B 201 1.41 -34.48 -15.65
CA ARG B 201 0.71 -33.75 -14.56
C ARG B 201 -0.12 -32.60 -15.13
N GLN B 202 -1.27 -32.40 -14.55
CA GLN B 202 -2.17 -31.29 -14.98
C GLN B 202 -2.23 -30.26 -13.87
N VAL B 203 -2.01 -29.02 -14.20
CA VAL B 203 -2.04 -27.95 -13.17
C VAL B 203 -2.93 -26.80 -13.67
N ILE B 204 -3.59 -26.13 -12.76
CA ILE B 204 -4.48 -25.01 -13.17
C ILE B 204 -4.00 -23.70 -12.51
N ASP B 205 -3.49 -22.80 -13.31
CA ASP B 205 -3.03 -21.50 -12.74
C ASP B 205 -4.17 -20.51 -12.83
N ILE B 206 -4.51 -19.86 -11.75
CA ILE B 206 -5.65 -18.91 -11.78
C ILE B 206 -5.10 -17.48 -11.91
N ILE B 207 -5.67 -16.69 -12.78
CA ILE B 207 -5.21 -15.28 -12.97
C ILE B 207 -6.36 -14.35 -12.57
N PRO B 208 -6.06 -13.35 -11.75
CA PRO B 208 -7.07 -12.38 -11.26
C PRO B 208 -7.45 -11.34 -12.35
N ARG B 209 -8.53 -10.62 -12.12
CA ARG B 209 -9.04 -9.60 -13.11
C ARG B 209 -8.17 -8.32 -13.14
N GLY B 210 -8.18 -7.62 -14.25
CA GLY B 210 -7.35 -6.39 -14.37
C GLY B 210 -6.07 -6.76 -15.10
N LEU B 211 -5.87 -8.04 -15.35
CA LEU B 211 -4.66 -8.49 -16.08
C LEU B 211 -5.05 -9.12 -17.41
N GLU B 212 -4.27 -8.91 -18.44
CA GLU B 212 -4.57 -9.53 -19.77
C GLU B 212 -3.53 -10.62 -20.07
N LEU B 213 -3.99 -11.72 -20.60
CA LEU B 213 -3.09 -12.87 -20.91
C LEU B 213 -2.19 -12.63 -22.13
N LEU B 214 -1.03 -13.26 -22.12
CA LEU B 214 -0.07 -13.18 -23.26
C LEU B 214 -0.01 -14.55 -23.91
N VAL B 215 -0.84 -15.46 -23.46
CA VAL B 215 -0.79 -16.84 -24.03
C VAL B 215 -2.11 -17.27 -24.68
N SER B 216 -2.00 -18.23 -25.59
CA SER B 216 -3.17 -18.79 -26.33
C SER B 216 -3.25 -20.30 -26.08
N GLU B 217 -4.43 -20.88 -26.25
CA GLU B 217 -4.59 -22.37 -26.06
C GLU B 217 -3.70 -23.10 -27.09
N GLY B 218 -3.10 -24.22 -26.71
CA GLY B 218 -2.23 -24.96 -27.68
C GLY B 218 -0.78 -24.41 -27.63
N GLU B 219 -0.51 -23.36 -26.87
CA GLU B 219 0.89 -22.81 -26.83
C GLU B 219 1.73 -23.53 -25.77
N SER B 220 3.00 -23.71 -26.06
CA SER B 220 3.93 -24.39 -25.09
C SER B 220 4.50 -23.33 -24.14
N ILE B 221 4.33 -23.56 -22.86
CA ILE B 221 4.83 -22.59 -21.85
C ILE B 221 5.95 -23.23 -21.04
N LYS B 222 6.88 -22.44 -20.58
CA LYS B 222 8.00 -22.98 -19.76
C LYS B 222 7.71 -22.64 -18.31
N LEU B 223 8.35 -23.33 -17.39
CA LEU B 223 8.08 -23.03 -15.95
C LEU B 223 8.45 -21.56 -15.66
N ASP B 224 7.63 -20.88 -14.89
CA ASP B 224 7.88 -19.43 -14.54
C ASP B 224 7.78 -18.51 -15.77
N GLN B 225 7.22 -19.00 -16.87
CA GLN B 225 7.06 -18.12 -18.09
C GLN B 225 5.89 -17.18 -17.83
N PRO B 226 6.09 -15.88 -17.98
CA PRO B 226 5.02 -14.89 -17.71
C PRO B 226 3.78 -15.18 -18.57
N LEU B 227 2.64 -15.35 -17.93
CA LEU B 227 1.37 -15.70 -18.65
C LEU B 227 0.54 -14.43 -18.88
N THR B 228 0.92 -13.36 -18.22
CA THR B 228 0.18 -12.07 -18.35
C THR B 228 1.14 -10.89 -18.51
N SER B 229 0.58 -9.75 -18.87
CA SER B 229 1.38 -8.50 -19.03
C SER B 229 1.79 -8.00 -17.65
N ASN B 230 2.78 -7.13 -17.58
CA ASN B 230 3.16 -6.58 -16.25
C ASN B 230 2.32 -5.30 -16.09
N PRO B 231 1.31 -5.33 -15.21
CA PRO B 231 0.38 -4.20 -15.05
C PRO B 231 0.90 -3.15 -14.05
N ASN B 232 2.16 -3.19 -13.66
CA ASN B 232 2.68 -2.19 -12.68
C ASN B 232 3.25 -0.95 -13.39
N VAL B 233 2.65 0.20 -13.12
CA VAL B 233 3.09 1.52 -13.72
C VAL B 233 3.72 2.41 -12.61
N GLY B 234 3.83 1.90 -11.40
CA GLY B 234 4.41 2.70 -10.27
C GLY B 234 5.84 2.26 -9.99
N GLY B 235 6.36 2.61 -8.84
CA GLY B 235 7.75 2.21 -8.48
C GLY B 235 8.21 2.92 -7.21
N PHE B 236 9.28 2.41 -6.64
CA PHE B 236 9.87 3.00 -5.41
C PHE B 236 11.29 3.47 -5.75
N GLY B 237 11.72 4.52 -5.11
CA GLY B 237 13.09 5.04 -5.35
C GLY B 237 13.60 5.64 -4.04
N GLN B 238 14.87 5.82 -3.92
CA GLN B 238 15.41 6.39 -2.67
C GLN B 238 16.50 7.38 -3.01
N GLY B 239 16.74 8.32 -2.14
CA GLY B 239 17.76 9.33 -2.42
C GLY B 239 18.35 9.78 -1.11
N ASP B 240 19.35 10.60 -1.14
CA ASP B 240 19.92 11.05 0.15
C ASP B 240 20.43 12.47 0.03
N ALA B 241 20.54 13.13 1.15
CA ALA B 241 21.04 14.52 1.16
C ALA B 241 22.00 14.66 2.33
N GLU B 242 22.69 15.76 2.38
CA GLU B 242 23.61 16.02 3.51
C GLU B 242 23.29 17.42 4.03
N ILE B 243 23.18 17.58 5.31
CA ILE B 243 22.83 18.92 5.85
C ILE B 243 23.89 19.34 6.85
N VAL B 244 24.20 20.60 6.87
CA VAL B 244 25.24 21.07 7.82
C VAL B 244 24.59 21.78 8.99
N LEU B 245 24.64 21.19 10.16
CA LEU B 245 24.11 21.89 11.35
C LEU B 245 25.15 22.97 11.61
N GLN B 246 24.79 24.20 11.45
CA GLN B 246 25.83 25.26 11.53
C GLN B 246 25.90 26.02 12.86
N ASP B 247 27.11 26.32 13.26
CA ASP B 247 27.38 27.15 14.48
C ASP B 247 27.00 28.59 14.10
N PRO B 248 26.19 29.25 14.92
CA PRO B 248 25.73 30.62 14.61
C PRO B 248 26.91 31.62 14.64
N LEU B 249 28.10 31.14 14.94
CA LEU B 249 29.32 32.01 14.93
C LEU B 249 30.19 31.55 13.75
N ARG B 250 31.45 31.29 13.98
CA ARG B 250 32.34 30.79 12.87
C ARG B 250 33.75 30.58 13.41
N ILE A 1 -24.61 -8.66 14.00
CA ILE A 1 -23.23 -8.63 14.60
C ILE A 1 -22.51 -7.38 14.15
N ASP A 2 -21.75 -6.75 15.01
CA ASP A 2 -21.01 -5.53 14.58
C ASP A 2 -19.54 -5.91 14.33
N VAL A 3 -18.97 -5.42 13.24
CA VAL A 3 -17.54 -5.73 12.93
C VAL A 3 -16.84 -4.38 12.70
N LEU A 4 -15.75 -4.14 13.40
CA LEU A 4 -15.03 -2.83 13.28
C LEU A 4 -14.05 -2.87 12.12
N LEU A 5 -14.02 -1.82 11.34
CA LEU A 5 -13.05 -1.80 10.23
C LEU A 5 -11.84 -1.04 10.78
N GLY A 6 -10.78 -1.75 11.12
CA GLY A 6 -9.62 -1.05 11.72
C GLY A 6 -9.70 -1.26 13.23
N ALA A 7 -8.66 -1.81 13.84
CA ALA A 7 -8.75 -2.08 15.31
C ALA A 7 -8.59 -0.77 16.12
N ASP A 8 -8.89 -0.78 17.41
CA ASP A 8 -8.76 0.49 18.23
C ASP A 8 -7.27 0.96 18.35
N ASP A 9 -6.30 0.12 17.99
CA ASP A 9 -4.87 0.55 18.04
C ASP A 9 -4.46 0.95 16.60
N GLY A 10 -5.44 1.10 15.70
CA GLY A 10 -5.12 1.51 14.29
C GLY A 10 -4.69 0.30 13.43
N SER A 11 -4.79 -0.92 13.94
CA SER A 11 -4.35 -2.09 13.12
C SER A 11 -5.27 -2.25 11.88
N LEU A 12 -4.74 -2.66 10.74
CA LEU A 12 -5.63 -2.82 9.55
C LEU A 12 -6.26 -4.23 9.63
N ALA A 13 -7.37 -4.37 10.35
CA ALA A 13 -8.01 -5.72 10.51
C ALA A 13 -9.49 -5.61 10.78
N PHE A 14 -10.22 -6.67 10.45
CA PHE A 14 -11.68 -6.66 10.74
C PHE A 14 -11.84 -7.17 12.17
N VAL A 15 -12.67 -6.58 13.00
CA VAL A 15 -12.72 -7.12 14.38
C VAL A 15 -14.17 -7.37 14.81
N PRO A 16 -14.57 -8.61 14.91
CA PRO A 16 -13.73 -9.79 14.61
C PRO A 16 -13.54 -10.02 13.07
N SER A 17 -12.61 -10.88 12.67
CA SER A 17 -12.38 -11.18 11.21
C SER A 17 -12.98 -12.56 10.84
N GLU A 18 -13.15 -13.44 11.81
CA GLU A 18 -13.75 -14.77 11.50
C GLU A 18 -14.88 -14.97 12.47
N PHE A 19 -16.07 -15.19 11.96
CA PHE A 19 -17.24 -15.34 12.85
C PHE A 19 -18.34 -16.14 12.17
N SER A 20 -19.33 -16.55 12.91
CA SER A 20 -20.44 -17.31 12.28
C SER A 20 -21.75 -16.57 12.52
N ILE A 21 -22.70 -16.69 11.63
CA ILE A 21 -24.01 -15.98 11.82
C ILE A 21 -25.14 -16.87 11.35
N SER A 22 -26.34 -16.58 11.76
CA SER A 22 -27.46 -17.40 11.29
C SER A 22 -27.96 -16.73 9.98
N PRO A 23 -28.73 -17.41 9.18
CA PRO A 23 -29.24 -16.81 7.92
C PRO A 23 -30.18 -15.59 8.15
N GLY A 24 -29.99 -14.52 7.34
CA GLY A 24 -30.84 -13.28 7.51
C GLY A 24 -30.24 -12.42 8.63
N GLU A 25 -29.26 -12.92 9.39
CA GLU A 25 -28.76 -12.07 10.52
C GLU A 25 -28.02 -10.88 9.90
N LYS A 26 -28.10 -9.68 10.45
CA LYS A 26 -27.41 -8.55 9.77
C LYS A 26 -25.97 -8.36 10.29
N ILE A 27 -25.07 -7.96 9.41
CA ILE A 27 -23.66 -7.69 9.80
C ILE A 27 -23.43 -6.19 9.62
N VAL A 28 -23.08 -5.48 10.65
CA VAL A 28 -22.87 -4.03 10.49
C VAL A 28 -21.39 -3.74 10.51
N PHE A 29 -20.84 -3.42 9.36
CA PHE A 29 -19.41 -3.10 9.30
C PHE A 29 -19.31 -1.61 9.60
N LYS A 30 -18.54 -1.22 10.58
CA LYS A 30 -18.47 0.23 10.88
C LYS A 30 -17.04 0.76 10.79
N ASN A 31 -16.86 1.86 10.09
CA ASN A 31 -15.51 2.48 9.99
C ASN A 31 -15.02 2.86 11.40
N ASN A 32 -13.88 2.34 11.83
CA ASN A 32 -13.36 2.62 13.20
C ASN A 32 -11.99 3.31 13.13
N ALA A 33 -11.03 2.75 12.41
CA ALA A 33 -9.68 3.40 12.35
C ALA A 33 -8.88 2.97 11.11
N GLY A 34 -7.99 3.84 10.61
CA GLY A 34 -7.16 3.50 9.39
C GLY A 34 -8.01 3.61 8.10
N PHE A 35 -9.16 4.25 8.14
CA PHE A 35 -9.99 4.37 6.88
C PHE A 35 -9.25 5.35 5.90
N PRO A 36 -9.71 5.47 4.64
CA PRO A 36 -10.93 4.79 4.09
C PRO A 36 -10.80 3.25 4.01
N HIS A 37 -11.94 2.59 4.05
CA HIS A 37 -12.03 1.09 4.00
C HIS A 37 -13.29 0.70 3.22
N ASN A 38 -13.37 -0.52 2.78
CA ASN A 38 -14.59 -0.99 2.07
C ASN A 38 -14.72 -2.46 2.31
N ILE A 39 -15.80 -3.04 1.91
CA ILE A 39 -15.96 -4.48 2.13
C ILE A 39 -16.32 -5.12 0.79
N VAL A 40 -15.49 -6.02 0.31
CA VAL A 40 -15.80 -6.67 -0.99
C VAL A 40 -15.83 -8.19 -0.77
N PHE A 41 -16.85 -8.86 -1.26
CA PHE A 41 -16.90 -10.33 -1.08
C PHE A 41 -16.19 -11.00 -2.26
N ASP A 42 -15.40 -12.00 -2.01
CA ASP A 42 -14.69 -12.63 -3.13
C ASP A 42 -15.70 -13.44 -3.96
N GLU A 43 -15.92 -13.02 -5.20
CA GLU A 43 -16.90 -13.74 -6.10
C GLU A 43 -16.51 -15.24 -6.25
N ASP A 44 -15.24 -15.57 -6.15
CA ASP A 44 -14.80 -17.00 -6.31
C ASP A 44 -14.70 -17.70 -4.94
N SER A 45 -15.09 -17.04 -3.87
CA SER A 45 -14.98 -17.68 -2.53
C SER A 45 -16.29 -17.49 -1.72
N ILE A 46 -17.44 -17.63 -2.36
CA ILE A 46 -18.73 -17.51 -1.63
C ILE A 46 -19.58 -18.70 -2.13
N PRO A 47 -20.66 -19.03 -1.45
CA PRO A 47 -21.50 -20.16 -1.88
C PRO A 47 -21.99 -20.00 -3.33
N SER A 48 -22.05 -21.12 -4.03
CA SER A 48 -22.46 -21.16 -5.48
C SER A 48 -23.85 -20.54 -5.75
N GLY A 49 -23.95 -19.74 -6.81
CA GLY A 49 -25.25 -19.09 -7.19
C GLY A 49 -25.39 -17.71 -6.50
N VAL A 50 -24.53 -17.36 -5.53
CA VAL A 50 -24.75 -16.05 -4.82
C VAL A 50 -24.25 -14.88 -5.65
N ASP A 51 -25.04 -13.86 -5.78
CA ASP A 51 -24.57 -12.69 -6.57
C ASP A 51 -23.73 -11.80 -5.64
N ALA A 52 -22.43 -11.68 -5.87
CA ALA A 52 -21.56 -10.83 -4.98
C ALA A 52 -21.91 -9.33 -5.07
N SER A 53 -22.49 -8.89 -6.17
CA SER A 53 -22.89 -7.44 -6.31
C SER A 53 -24.02 -7.10 -5.31
N LYS A 54 -24.82 -8.07 -4.91
CA LYS A 54 -25.96 -7.79 -3.95
C LYS A 54 -25.49 -7.69 -2.49
N ILE A 55 -24.32 -8.19 -2.16
CA ILE A 55 -23.83 -8.16 -0.73
C ILE A 55 -22.49 -7.41 -0.56
N SER A 56 -21.92 -6.82 -1.61
CA SER A 56 -20.61 -6.10 -1.43
C SER A 56 -20.61 -4.70 -1.97
N MET A 57 -19.60 -3.94 -1.55
CA MET A 57 -19.46 -2.56 -2.03
C MET A 57 -18.71 -2.62 -3.32
N SER A 58 -18.78 -1.59 -4.12
CA SER A 58 -17.99 -1.66 -5.34
C SER A 58 -16.58 -1.48 -4.90
N GLU A 59 -15.71 -2.01 -5.64
CA GLU A 59 -14.32 -1.93 -5.27
C GLU A 59 -13.81 -0.46 -5.26
N GLU A 60 -14.43 0.35 -6.09
CA GLU A 60 -14.11 1.82 -6.21
C GLU A 60 -14.90 2.62 -5.16
N ASP A 61 -15.77 1.97 -4.39
CA ASP A 61 -16.56 2.72 -3.34
C ASP A 61 -15.80 2.67 -2.01
N LEU A 62 -15.88 3.72 -1.22
CA LEU A 62 -15.13 3.75 0.07
C LEU A 62 -15.93 4.40 1.18
N LEU A 63 -15.69 3.93 2.38
CA LEU A 63 -16.29 4.54 3.58
C LEU A 63 -15.12 5.37 4.09
N ASN A 64 -15.16 6.67 4.03
CA ASN A 64 -13.94 7.41 4.43
C ASN A 64 -14.11 8.28 5.69
N ALA A 65 -15.17 8.12 6.47
CA ALA A 65 -15.31 8.95 7.72
C ALA A 65 -15.58 8.02 8.87
N LYS A 66 -15.09 8.35 10.04
CA LYS A 66 -15.29 7.48 11.25
C LYS A 66 -16.80 7.28 11.56
N GLY A 67 -17.24 6.05 11.81
CA GLY A 67 -18.68 5.83 12.13
C GLY A 67 -19.46 5.40 10.85
N GLU A 68 -18.91 5.61 9.64
CA GLU A 68 -19.73 5.24 8.42
C GLU A 68 -19.97 3.72 8.46
N THR A 69 -21.14 3.27 8.06
CA THR A 69 -21.40 1.79 8.14
C THR A 69 -21.90 1.20 6.84
N PHE A 70 -21.70 -0.10 6.70
CA PHE A 70 -22.22 -0.85 5.52
C PHE A 70 -22.88 -2.07 6.13
N GLU A 71 -24.14 -2.27 5.88
CA GLU A 71 -24.83 -3.42 6.50
C GLU A 71 -25.25 -4.43 5.44
N VAL A 72 -25.17 -5.70 5.79
CA VAL A 72 -25.58 -6.75 4.84
C VAL A 72 -26.12 -7.98 5.57
N ALA A 73 -27.10 -8.60 4.99
CA ALA A 73 -27.66 -9.84 5.60
C ALA A 73 -27.42 -10.97 4.62
N LEU A 74 -26.89 -12.08 5.08
CA LEU A 74 -26.62 -13.22 4.15
C LEU A 74 -27.65 -14.32 4.43
N SER A 75 -28.12 -15.02 3.42
CA SER A 75 -29.13 -16.08 3.70
C SER A 75 -28.59 -17.45 3.28
N ASN A 76 -27.90 -17.55 2.16
CA ASN A 76 -27.37 -18.89 1.72
C ASN A 76 -26.30 -19.38 2.69
N LYS A 77 -26.38 -20.62 3.09
CA LYS A 77 -25.40 -21.15 4.06
C LYS A 77 -24.07 -21.47 3.39
N GLY A 78 -22.98 -21.44 4.13
CA GLY A 78 -21.68 -21.77 3.50
C GLY A 78 -20.64 -20.77 3.98
N GLU A 79 -19.45 -20.80 3.44
CA GLU A 79 -18.41 -19.84 3.89
C GLU A 79 -18.32 -18.66 2.91
N TYR A 80 -18.11 -17.45 3.41
CA TYR A 80 -17.99 -16.25 2.52
C TYR A 80 -16.65 -15.59 2.80
N SER A 81 -15.79 -15.43 1.82
CA SER A 81 -14.49 -14.77 2.10
C SER A 81 -14.63 -13.31 1.66
N PHE A 82 -14.18 -12.37 2.47
CA PHE A 82 -14.32 -10.94 2.07
C PHE A 82 -13.01 -10.22 2.34
N TYR A 83 -12.86 -9.01 1.83
CA TYR A 83 -11.60 -8.27 2.08
C TYR A 83 -11.79 -6.79 1.87
N CYS A 84 -10.84 -6.01 2.32
CA CYS A 84 -10.89 -4.58 2.07
C CYS A 84 -10.04 -4.42 0.80
N SER A 85 -10.54 -3.82 -0.25
CA SER A 85 -9.72 -3.76 -1.51
C SER A 85 -8.36 -3.00 -1.37
N PRO A 86 -8.31 -1.78 -0.81
CA PRO A 86 -7.04 -1.00 -0.67
C PRO A 86 -6.10 -1.59 0.39
N HIS A 87 -6.60 -2.40 1.33
CA HIS A 87 -5.72 -3.02 2.38
C HIS A 87 -5.74 -4.57 2.32
N GLN A 88 -6.18 -5.18 1.23
CA GLN A 88 -6.16 -6.69 1.13
C GLN A 88 -4.73 -7.15 1.29
N GLY A 89 -3.83 -6.45 0.69
CA GLY A 89 -2.44 -6.86 0.84
C GLY A 89 -2.01 -6.75 2.30
N ALA A 90 -2.45 -5.76 3.01
CA ALA A 90 -1.99 -5.64 4.42
C ALA A 90 -2.47 -6.78 5.30
N GLY A 91 -3.33 -7.60 4.79
CA GLY A 91 -3.89 -8.72 5.56
C GLY A 91 -5.29 -8.35 6.03
N MET A 92 -5.87 -7.25 5.56
CA MET A 92 -7.24 -6.91 6.05
C MET A 92 -8.22 -7.83 5.30
N VAL A 93 -8.40 -9.03 5.80
CA VAL A 93 -9.30 -9.99 5.13
C VAL A 93 -10.15 -10.67 6.20
N GLY A 94 -11.21 -11.35 5.85
CA GLY A 94 -12.01 -12.03 6.92
C GLY A 94 -12.85 -13.13 6.28
N LYS A 95 -13.55 -13.92 7.06
CA LYS A 95 -14.38 -15.02 6.47
C LYS A 95 -15.58 -15.23 7.38
N VAL A 96 -16.77 -15.24 6.83
CA VAL A 96 -17.96 -15.45 7.70
C VAL A 96 -18.64 -16.74 7.31
N THR A 97 -19.14 -17.48 8.27
CA THR A 97 -19.83 -18.75 7.90
C THR A 97 -21.32 -18.63 8.22
N VAL A 98 -22.19 -18.89 7.27
CA VAL A 98 -23.63 -18.83 7.60
C VAL A 98 -24.07 -20.25 7.91
N ASN A 99 -24.47 -20.52 9.14
CA ASN A 99 -24.83 -21.91 9.49
C ASN A 99 -26.23 -21.99 10.09
N TYR B 1 2.07 -0.10 1.94
CA TYR B 1 1.69 1.09 2.67
C TYR B 1 2.75 1.36 3.74
N PRO B 2 2.92 2.62 4.13
CA PRO B 2 3.90 2.97 5.19
C PRO B 2 3.61 2.23 6.49
N ILE B 3 2.37 1.85 6.73
CA ILE B 3 1.99 1.09 7.96
C ILE B 3 2.54 -0.36 7.89
N PHE B 4 2.67 -0.96 6.69
CA PHE B 4 3.17 -2.39 6.58
C PHE B 4 4.65 -2.47 6.98
N ALA B 5 5.40 -1.44 6.65
CA ALA B 5 6.86 -1.40 7.03
C ALA B 5 6.97 -1.11 8.53
N GLN B 6 6.19 -0.15 9.01
CA GLN B 6 6.19 0.22 10.48
C GLN B 6 5.75 -1.00 11.31
N GLN B 7 4.68 -1.65 10.90
CA GLN B 7 4.16 -2.83 11.66
C GLN B 7 5.18 -3.99 11.76
N ASN B 8 6.11 -4.22 10.83
CA ASN B 8 7.01 -5.43 11.00
C ASN B 8 8.50 -5.18 10.58
N TYR B 9 8.95 -3.94 10.64
CA TYR B 9 10.41 -3.58 10.38
C TYR B 9 10.69 -2.52 11.44
N GLU B 10 11.54 -2.85 12.39
CA GLU B 10 11.79 -1.90 13.51
C GLU B 10 12.51 -0.65 12.98
N ASN B 11 13.43 -0.84 12.08
CA ASN B 11 14.16 0.30 11.46
C ASN B 11 13.88 0.15 9.94
N PRO B 12 13.57 1.24 9.26
CA PRO B 12 13.20 1.19 7.83
C PRO B 12 14.43 1.05 6.92
N ARG B 13 15.65 1.33 7.39
CA ARG B 13 16.83 1.20 6.46
C ARG B 13 17.60 -0.09 6.76
N GLU B 14 17.82 -0.92 5.76
CA GLU B 14 18.53 -2.21 6.01
C GLU B 14 20.06 -1.99 5.93
N ALA B 15 20.84 -2.95 6.36
CA ALA B 15 22.33 -2.82 6.33
C ALA B 15 22.84 -2.57 4.87
N THR B 16 22.10 -3.00 3.85
CA THR B 16 22.55 -2.78 2.42
C THR B 16 22.30 -1.32 2.04
N GLY B 17 21.51 -0.63 2.83
CA GLY B 17 21.21 0.81 2.56
C GLY B 17 19.89 0.91 1.81
N ARG B 18 19.21 -0.20 1.65
CA ARG B 18 17.89 -0.21 0.94
C ARG B 18 16.77 -0.01 1.93
N ILE B 19 15.80 0.79 1.58
CA ILE B 19 14.66 1.01 2.49
C ILE B 19 13.67 -0.18 2.32
N VAL B 20 13.13 -0.66 3.41
CA VAL B 20 12.20 -1.85 3.39
C VAL B 20 10.99 -1.71 2.43
N CYS B 21 10.64 -0.55 1.86
CA CYS B 21 9.44 -0.57 0.92
C CYS B 21 9.80 -1.33 -0.36
N ALA B 22 11.07 -1.36 -0.67
CA ALA B 22 11.57 -2.07 -1.89
C ALA B 22 11.35 -3.60 -1.75
N ASN B 23 10.93 -4.09 -0.58
CA ASN B 23 10.68 -5.57 -0.41
C ASN B 23 9.32 -5.93 -1.08
N CYS B 24 8.36 -4.98 -1.14
CA CYS B 24 7.00 -5.24 -1.83
C CYS B 24 6.84 -4.28 -2.98
N HIS B 25 7.44 -3.12 -2.90
CA HIS B 25 7.38 -2.18 -4.03
C HIS B 25 8.61 -2.54 -4.91
N LEU B 26 8.40 -3.41 -5.87
CA LEU B 26 9.55 -3.94 -6.70
C LEU B 26 9.97 -3.06 -7.90
N ALA B 27 9.18 -2.12 -8.40
CA ALA B 27 9.70 -1.34 -9.60
C ALA B 27 10.52 -0.12 -9.14
N SER B 28 11.61 0.18 -9.83
CA SER B 28 12.44 1.34 -9.41
C SER B 28 12.01 2.59 -10.18
N LYS B 29 11.82 3.66 -9.47
CA LYS B 29 11.43 4.93 -10.11
C LYS B 29 12.18 6.03 -9.30
N PRO B 30 12.52 7.12 -9.94
CA PRO B 30 13.30 8.18 -9.29
C PRO B 30 12.57 9.03 -8.23
N VAL B 31 13.33 9.31 -7.19
CA VAL B 31 12.88 10.15 -6.06
C VAL B 31 13.89 11.30 -5.91
N ASP B 32 13.44 12.46 -5.53
CA ASP B 32 14.38 13.59 -5.38
C ASP B 32 14.14 14.28 -4.03
N ILE B 33 15.14 14.95 -3.50
CA ILE B 33 14.95 15.64 -2.18
C ILE B 33 15.80 16.91 -2.12
N GLU B 34 15.15 18.04 -1.93
CA GLU B 34 15.91 19.30 -1.80
C GLU B 34 15.90 19.72 -0.33
N VAL B 35 17.05 20.02 0.17
CA VAL B 35 17.18 20.43 1.59
C VAL B 35 18.18 21.59 1.62
N PRO B 36 18.01 22.54 2.53
CA PRO B 36 18.97 23.65 2.57
C PRO B 36 20.38 23.14 2.86
N GLN B 37 21.38 23.78 2.29
CA GLN B 37 22.81 23.35 2.48
C GLN B 37 23.20 23.36 3.96
N ALA B 38 22.73 24.33 4.68
CA ALA B 38 23.08 24.42 6.11
C ALA B 38 21.91 25.01 6.89
N VAL B 39 21.82 24.70 8.17
CA VAL B 39 20.71 25.25 8.99
C VAL B 39 21.25 25.63 10.36
N LEU B 40 20.55 26.50 11.05
CA LEU B 40 21.01 26.95 12.40
C LEU B 40 20.24 26.20 13.49
N PRO B 41 20.83 26.11 14.67
CA PRO B 41 20.18 25.45 15.81
C PRO B 41 18.78 26.00 16.12
N ASP B 42 17.87 25.08 16.47
CA ASP B 42 16.43 25.40 16.80
C ASP B 42 15.75 26.29 15.74
N THR B 43 15.88 25.95 14.48
CA THR B 43 15.20 26.72 13.38
C THR B 43 14.42 25.75 12.53
N VAL B 44 13.30 26.17 11.99
CA VAL B 44 12.52 25.24 11.15
C VAL B 44 12.99 25.34 9.70
N PHE B 45 13.07 24.21 9.06
CA PHE B 45 13.47 24.20 7.64
C PHE B 45 12.58 23.22 6.91
N GLU B 46 12.59 23.25 5.62
CA GLU B 46 11.72 22.32 4.88
C GLU B 46 12.52 21.31 4.07
N ALA B 47 12.04 20.10 4.10
CA ALA B 47 12.68 19.02 3.29
C ALA B 47 11.69 18.67 2.22
N VAL B 48 11.99 18.98 0.99
CA VAL B 48 10.97 18.71 -0.04
C VAL B 48 11.30 17.44 -0.81
N VAL B 49 10.40 16.50 -0.79
CA VAL B 49 10.64 15.23 -1.49
C VAL B 49 9.84 15.20 -2.78
N LYS B 50 10.45 14.79 -3.86
CA LYS B 50 9.71 14.72 -5.15
C LYS B 50 9.58 13.26 -5.59
N ILE B 51 8.36 12.84 -5.85
CA ILE B 51 8.06 11.46 -6.31
C ILE B 51 7.32 11.64 -7.65
N PRO B 52 8.09 11.94 -8.70
CA PRO B 52 7.52 12.26 -10.03
C PRO B 52 7.15 11.03 -10.86
N TYR B 53 6.07 11.16 -11.63
CA TYR B 53 5.58 10.06 -12.53
C TYR B 53 4.69 10.65 -13.60
N ASP B 54 4.57 10.02 -14.74
CA ASP B 54 3.67 10.56 -15.78
C ASP B 54 2.22 10.46 -15.21
N MET B 55 1.49 11.57 -15.12
CA MET B 55 0.12 11.54 -14.48
C MET B 55 -1.02 11.03 -15.40
N GLN B 56 -0.75 10.56 -16.61
CA GLN B 56 -1.88 10.01 -17.45
C GLN B 56 -1.91 8.50 -17.21
N LEU B 57 -0.99 8.04 -16.37
CA LEU B 57 -0.87 6.58 -16.07
C LEU B 57 -1.99 6.10 -15.16
N LYS B 58 -2.57 4.97 -15.50
CA LYS B 58 -3.64 4.40 -14.66
C LYS B 58 -3.19 3.02 -14.22
N GLN B 59 -3.23 2.75 -12.95
CA GLN B 59 -2.76 1.42 -12.44
C GLN B 59 -3.95 0.49 -12.23
N VAL B 60 -3.70 -0.76 -11.94
CA VAL B 60 -4.83 -1.71 -11.71
C VAL B 60 -5.23 -1.65 -10.23
N LEU B 61 -6.41 -1.16 -9.93
CA LEU B 61 -6.81 -1.08 -8.52
C LEU B 61 -7.04 -2.51 -7.95
N ALA B 62 -7.11 -2.64 -6.64
CA ALA B 62 -7.30 -4.00 -5.99
C ALA B 62 -8.52 -4.75 -6.52
N ASN B 63 -9.30 -4.16 -7.38
CA ASN B 63 -10.52 -4.87 -7.83
C ASN B 63 -10.62 -5.08 -9.34
N GLY B 64 -9.54 -4.92 -10.03
CA GLY B 64 -9.55 -5.09 -11.53
C GLY B 64 -9.73 -3.73 -12.23
N LYS B 65 -10.45 -2.77 -11.64
CA LYS B 65 -10.65 -1.45 -12.35
C LYS B 65 -9.33 -0.66 -12.38
N LYS B 66 -9.22 0.28 -13.30
CA LYS B 66 -7.97 1.08 -13.42
C LYS B 66 -8.18 2.45 -12.77
N GLY B 67 -7.20 2.96 -12.06
CA GLY B 67 -7.38 4.28 -11.40
C GLY B 67 -6.05 5.03 -11.24
N ALA B 68 -6.11 6.16 -10.53
CA ALA B 68 -4.88 6.99 -10.32
C ALA B 68 -3.99 6.40 -9.22
N LEU B 69 -2.78 6.88 -9.11
CA LEU B 69 -1.80 6.36 -8.10
C LEU B 69 -1.76 7.20 -6.85
N ASN B 70 -1.31 6.60 -5.77
CA ASN B 70 -1.20 7.35 -4.49
C ASN B 70 0.29 7.42 -4.11
N VAL B 71 0.69 8.39 -3.37
CA VAL B 71 2.12 8.49 -3.02
C VAL B 71 2.32 8.33 -1.50
N GLY B 72 3.52 7.97 -1.12
CA GLY B 72 3.85 7.82 0.33
C GLY B 72 5.36 7.94 0.48
N ALA B 73 5.85 8.30 1.63
CA ALA B 73 7.32 8.44 1.77
C ALA B 73 7.79 8.21 3.18
N VAL B 74 9.05 7.91 3.33
CA VAL B 74 9.63 7.72 4.68
C VAL B 74 10.87 8.58 4.79
N LEU B 75 10.92 9.48 5.73
CA LEU B 75 12.12 10.34 5.81
C LEU B 75 12.98 9.93 7.00
N ILE B 76 14.23 9.63 6.77
CA ILE B 76 15.10 9.21 7.90
C ILE B 76 16.04 10.38 8.24
N LEU B 77 15.82 11.00 9.37
CA LEU B 77 16.66 12.16 9.80
C LEU B 77 17.63 11.72 10.90
N PRO B 78 18.67 12.51 11.13
CA PRO B 78 19.65 12.21 12.21
C PRO B 78 18.96 12.34 13.56
N GLU B 79 19.49 11.71 14.59
CA GLU B 79 18.82 11.78 15.93
C GLU B 79 18.85 13.22 16.48
N GLY B 80 17.75 13.71 17.03
CA GLY B 80 17.74 15.11 17.51
C GLY B 80 16.78 15.91 16.61
N PHE B 81 16.81 15.61 15.30
CA PHE B 81 15.89 16.31 14.34
C PHE B 81 14.49 15.70 14.47
N GLU B 82 13.46 16.50 14.40
CA GLU B 82 12.07 15.96 14.54
C GLU B 82 11.07 16.85 13.83
N LEU B 83 9.85 16.39 13.72
CA LEU B 83 8.81 17.19 13.02
C LEU B 83 8.60 18.52 13.76
N ALA B 84 8.63 19.62 13.02
CA ALA B 84 8.43 20.96 13.65
C ALA B 84 7.01 21.04 14.26
N PRO B 85 6.90 21.61 15.45
CA PRO B 85 5.60 21.75 16.14
C PRO B 85 4.74 22.79 15.38
N PRO B 86 3.43 22.74 15.53
CA PRO B 86 2.47 23.65 14.82
C PRO B 86 2.69 25.14 15.14
N ASP B 87 3.02 25.48 16.37
CA ASP B 87 3.27 26.94 16.72
C ASP B 87 4.53 27.47 15.98
N ARG B 88 5.48 26.61 15.63
CA ARG B 88 6.74 27.06 14.92
C ARG B 88 6.56 27.01 13.40
N ILE B 89 5.44 26.52 12.93
CA ILE B 89 5.23 26.46 11.46
C ILE B 89 4.61 27.78 10.95
N SER B 90 5.28 28.42 10.02
CA SER B 90 4.77 29.70 9.43
C SER B 90 3.49 29.45 8.62
N PRO B 91 2.68 30.49 8.42
CA PRO B 91 1.43 30.40 7.63
C PRO B 91 1.78 30.19 6.15
N GLU B 92 2.87 30.80 5.69
CA GLU B 92 3.34 30.62 4.25
C GLU B 92 3.79 29.16 4.05
N MET B 93 4.09 28.46 5.13
CA MET B 93 4.52 27.04 5.05
C MET B 93 3.32 26.13 5.34
N LYS B 94 2.38 26.58 6.15
CA LYS B 94 1.18 25.73 6.50
C LYS B 94 0.30 25.48 5.27
N GLU B 95 0.26 26.41 4.34
CA GLU B 95 -0.56 26.19 3.10
C GLU B 95 0.23 25.22 2.20
N LYS B 96 1.56 25.32 2.25
CA LYS B 96 2.47 24.46 1.42
C LYS B 96 2.33 22.97 1.80
N ILE B 97 2.26 22.69 3.09
CA ILE B 97 2.11 21.28 3.59
C ILE B 97 0.65 20.81 3.46
N GLY B 98 -0.21 21.61 2.83
CA GLY B 98 -1.65 21.20 2.65
C GLY B 98 -2.30 20.88 4.00
N ASN B 99 -2.61 19.63 4.22
CA ASN B 99 -3.22 19.20 5.52
C ASN B 99 -2.77 17.75 5.74
N LEU B 100 -1.50 17.51 5.49
CA LEU B 100 -0.90 16.15 5.65
C LEU B 100 -0.62 15.87 7.11
N SER B 101 -0.72 14.61 7.48
CA SER B 101 -0.41 14.17 8.88
C SER B 101 0.85 13.34 8.85
N PHE B 102 1.92 13.92 9.33
CA PHE B 102 3.19 13.18 9.35
C PHE B 102 3.23 12.34 10.61
N GLN B 103 3.54 11.08 10.44
CA GLN B 103 3.54 10.19 11.62
C GLN B 103 4.95 9.72 11.96
N ASN B 104 5.15 9.38 13.20
CA ASN B 104 6.47 8.89 13.57
C ASN B 104 6.55 7.41 13.13
N TYR B 105 7.69 6.93 12.70
CA TYR B 105 7.77 5.51 12.26
C TYR B 105 7.32 4.63 13.46
N ARG B 106 7.74 5.05 14.62
CA ARG B 106 7.37 4.40 15.90
C ARG B 106 7.42 5.57 16.90
N PRO B 107 6.73 5.49 18.01
CA PRO B 107 6.73 6.62 18.98
C PRO B 107 8.13 6.90 19.56
N ASN B 108 9.01 5.93 19.62
CA ASN B 108 10.37 6.22 20.16
C ASN B 108 11.27 6.81 19.03
N LYS B 109 10.91 6.58 17.78
CA LYS B 109 11.70 7.10 16.62
C LYS B 109 11.11 8.45 16.16
N LYS B 110 11.50 9.51 16.82
CA LYS B 110 10.97 10.85 16.45
C LYS B 110 11.74 11.41 15.25
N ASN B 111 12.81 10.76 14.84
CA ASN B 111 13.61 11.27 13.69
C ASN B 111 13.28 10.49 12.39
N ILE B 112 12.23 9.70 12.41
CA ILE B 112 11.81 8.94 11.18
C ILE B 112 10.34 9.29 10.92
N LEU B 113 10.08 9.92 9.82
CA LEU B 113 8.70 10.35 9.57
C LEU B 113 8.10 9.62 8.37
N VAL B 114 6.84 9.30 8.48
CA VAL B 114 6.15 8.61 7.36
C VAL B 114 4.87 9.37 6.98
N ILE B 115 4.51 9.31 5.73
CA ILE B 115 3.28 10.00 5.26
C ILE B 115 2.70 9.21 4.09
N GLY B 116 1.40 9.17 3.96
CA GLY B 116 0.80 8.40 2.84
C GLY B 116 0.04 7.23 3.42
N PRO B 117 -0.79 6.62 2.60
CA PRO B 117 -1.00 7.02 1.18
C PRO B 117 -1.81 8.32 1.03
N VAL B 118 -1.32 9.17 0.16
CA VAL B 118 -1.99 10.48 -0.17
C VAL B 118 -2.08 10.51 -1.71
N PRO B 119 -3.11 11.16 -2.27
CA PRO B 119 -3.29 11.17 -3.74
C PRO B 119 -2.11 11.83 -4.50
N GLY B 120 -1.60 11.12 -5.51
CA GLY B 120 -0.42 11.58 -6.36
C GLY B 120 -0.70 12.88 -7.12
N GLN B 121 -1.90 13.06 -7.63
CA GLN B 121 -2.20 14.32 -8.40
C GLN B 121 -1.91 15.55 -7.53
N LYS B 122 -2.19 15.45 -6.25
CA LYS B 122 -1.99 16.62 -5.32
C LYS B 122 -0.62 16.62 -4.61
N TYR B 123 -0.09 15.48 -4.20
CA TYR B 123 1.19 15.50 -3.42
C TYR B 123 2.38 14.78 -4.12
N SER B 124 2.69 15.08 -5.39
CA SER B 124 3.89 14.42 -6.05
C SER B 124 5.14 14.97 -5.33
N GLU B 125 5.00 16.20 -4.84
CA GLU B 125 6.09 16.85 -4.03
C GLU B 125 5.56 17.12 -2.63
N ILE B 126 6.25 16.66 -1.63
CA ILE B 126 5.76 16.88 -0.24
C ILE B 126 6.76 17.72 0.56
N THR B 127 6.25 18.57 1.43
CA THR B 127 7.16 19.41 2.24
C THR B 127 7.13 18.97 3.70
N PHE B 128 8.25 18.51 4.21
CA PHE B 128 8.31 18.05 5.63
C PHE B 128 8.93 19.17 6.48
N PRO B 129 8.17 19.67 7.44
CA PRO B 129 8.66 20.76 8.26
C PRO B 129 9.52 20.16 9.36
N ILE B 130 10.82 20.38 9.29
CA ILE B 130 11.74 19.77 10.32
C ILE B 130 12.33 20.84 11.25
N LEU B 131 12.49 20.48 12.50
CA LEU B 131 13.08 21.41 13.50
C LEU B 131 14.53 20.99 13.75
N ALA B 132 15.45 21.88 13.52
CA ALA B 132 16.88 21.54 13.75
C ALA B 132 17.16 21.58 15.25
N PRO B 133 17.86 20.58 15.75
CA PRO B 133 18.15 20.52 17.19
C PRO B 133 19.14 21.60 17.61
N ASP B 134 19.45 21.64 18.89
CA ASP B 134 20.42 22.64 19.43
C ASP B 134 21.46 21.90 20.29
N PRO B 135 22.73 21.99 19.91
CA PRO B 135 23.84 21.31 20.64
C PRO B 135 23.97 21.83 22.07
N ALA B 136 23.74 23.11 22.29
CA ALA B 136 23.79 23.66 23.69
C ALA B 136 22.68 23.00 24.56
N THR B 137 21.64 22.41 23.95
CA THR B 137 20.52 21.77 24.76
C THR B 137 20.39 20.25 24.42
N ASN B 138 21.44 19.70 23.88
CA ASN B 138 21.51 18.25 23.51
C ASN B 138 23.01 17.89 23.38
N LYS B 139 23.53 17.14 24.33
CA LYS B 139 24.98 16.78 24.32
C LYS B 139 25.35 15.73 23.23
N ASP B 140 24.42 15.08 22.55
CA ASP B 140 24.88 14.08 21.50
C ASP B 140 24.70 14.70 20.10
N VAL B 141 24.18 15.91 20.05
CA VAL B 141 24.00 16.64 18.76
C VAL B 141 25.16 17.61 18.61
N HIS B 142 25.80 17.59 17.49
CA HIS B 142 26.98 18.47 17.29
C HIS B 142 26.87 19.26 16.01
N PHE B 143 27.71 20.26 15.85
CA PHE B 143 27.73 21.02 14.57
C PHE B 143 28.50 20.14 13.59
N LEU B 144 27.78 19.48 12.72
CA LEU B 144 28.44 18.52 11.80
C LEU B 144 27.64 18.33 10.52
N LYS B 145 28.16 17.53 9.62
CA LYS B 145 27.41 17.28 8.40
C LYS B 145 26.55 16.03 8.65
N TYR B 146 25.28 16.08 8.39
CA TYR B 146 24.44 14.91 8.73
C TYR B 146 23.75 14.33 7.50
N PRO B 147 23.70 13.01 7.39
CA PRO B 147 23.03 12.36 6.25
C PRO B 147 21.51 12.34 6.44
N ILE B 148 20.80 12.44 5.34
CA ILE B 148 19.29 12.40 5.36
C ILE B 148 18.87 11.38 4.30
N TYR B 149 18.04 10.45 4.67
CA TYR B 149 17.65 9.43 3.66
C TYR B 149 16.15 9.47 3.40
N VAL B 150 15.76 9.31 2.16
CA VAL B 150 14.30 9.35 1.82
C VAL B 150 13.91 8.16 0.92
N GLY B 151 12.71 7.70 1.13
CA GLY B 151 12.14 6.60 0.31
C GLY B 151 10.84 7.12 -0.24
N GLY B 152 10.65 7.03 -1.53
CA GLY B 152 9.40 7.58 -2.08
C GLY B 152 8.72 6.54 -2.96
N ASN B 153 7.42 6.36 -2.79
CA ASN B 153 6.69 5.35 -3.60
C ASN B 153 5.39 5.89 -4.18
N ARG B 154 5.09 5.43 -5.39
CA ARG B 154 3.83 5.81 -6.10
C ARG B 154 3.25 4.54 -6.72
N GLY B 155 2.02 4.23 -6.46
CA GLY B 155 1.47 3.00 -7.07
C GLY B 155 1.34 1.89 -6.02
N ARG B 156 0.50 0.92 -6.31
CA ARG B 156 0.26 -0.27 -5.41
C ARG B 156 1.42 -1.27 -5.50
N GLY B 157 1.78 -1.83 -4.37
CA GLY B 157 2.91 -2.80 -4.29
C GLY B 157 2.54 -4.15 -4.93
N GLN B 158 3.50 -5.04 -5.07
CA GLN B 158 3.26 -6.40 -5.67
C GLN B 158 3.10 -7.49 -4.58
N ILE B 159 3.73 -7.34 -3.42
CA ILE B 159 3.62 -8.42 -2.37
C ILE B 159 2.99 -7.89 -1.07
N TYR B 160 2.20 -8.73 -0.44
CA TYR B 160 1.53 -8.36 0.83
C TYR B 160 2.44 -8.81 2.00
N PRO B 161 2.18 -8.34 3.23
CA PRO B 161 2.98 -8.76 4.41
C PRO B 161 2.92 -10.30 4.66
N ASP B 162 2.00 -11.06 4.07
CA ASP B 162 1.99 -12.57 4.30
C ASP B 162 2.76 -13.31 3.19
N GLY B 163 3.23 -12.57 2.18
CA GLY B 163 4.00 -13.18 1.04
C GLY B 163 3.10 -13.30 -0.20
N SER B 164 1.82 -13.07 -0.03
CA SER B 164 0.86 -13.23 -1.17
C SER B 164 1.08 -12.16 -2.22
N LYS B 165 0.94 -12.52 -3.49
CA LYS B 165 1.12 -11.52 -4.58
C LYS B 165 -0.18 -10.73 -4.76
N SER B 166 -0.09 -9.53 -5.27
CA SER B 166 -1.31 -8.74 -5.53
C SER B 166 -1.64 -8.89 -6.99
N ASN B 167 -2.72 -8.30 -7.43
CA ASN B 167 -3.04 -8.42 -8.86
C ASN B 167 -2.30 -7.30 -9.64
N ASN B 168 -1.29 -6.71 -9.02
CA ASN B 168 -0.49 -5.62 -9.68
C ASN B 168 0.93 -6.14 -9.92
N THR B 169 1.01 -7.35 -10.43
CA THR B 169 2.32 -7.98 -10.73
C THR B 169 2.14 -9.01 -11.86
N VAL B 170 3.23 -9.54 -12.35
CA VAL B 170 3.14 -10.58 -13.44
C VAL B 170 2.74 -11.93 -12.85
N TYR B 171 1.94 -12.69 -13.56
CA TYR B 171 1.56 -14.03 -13.05
C TYR B 171 2.34 -15.05 -13.85
N ASN B 172 3.12 -15.86 -13.20
CA ASN B 172 3.96 -16.78 -13.98
C ASN B 172 3.38 -18.20 -13.96
N ALA B 173 3.66 -18.97 -15.00
CA ALA B 173 3.18 -20.39 -15.06
C ALA B 173 3.89 -21.21 -13.95
N THR B 174 3.13 -21.98 -13.18
CA THR B 174 3.73 -22.82 -12.07
C THR B 174 4.25 -24.15 -12.66
N ALA B 175 4.01 -24.38 -13.93
CA ALA B 175 4.48 -25.62 -14.60
C ALA B 175 4.74 -25.39 -16.09
N GLY B 176 5.65 -26.14 -16.64
CA GLY B 176 5.93 -26.04 -18.10
C GLY B 176 4.95 -26.96 -18.80
N GLY B 177 4.85 -26.91 -20.10
CA GLY B 177 3.86 -27.79 -20.74
C GLY B 177 3.13 -27.08 -21.87
N ILE B 178 1.95 -27.56 -22.18
CA ILE B 178 1.12 -26.94 -23.26
C ILE B 178 -0.21 -26.51 -22.65
N ILE B 179 -0.70 -25.33 -22.99
CA ILE B 179 -1.99 -24.89 -22.40
C ILE B 179 -3.12 -25.65 -23.12
N SER B 180 -3.86 -26.47 -22.40
CA SER B 180 -4.95 -27.28 -23.06
C SER B 180 -6.27 -26.54 -22.97
N LYS B 181 -6.38 -25.57 -22.08
CA LYS B 181 -7.65 -24.79 -21.93
C LYS B 181 -7.47 -23.45 -21.20
N ILE B 182 -8.24 -22.47 -21.62
CA ILE B 182 -8.21 -21.13 -20.96
C ILE B 182 -9.67 -20.73 -20.68
N LEU B 183 -10.09 -20.90 -19.46
CA LEU B 183 -11.49 -20.55 -19.12
C LEU B 183 -11.59 -19.07 -18.71
N ARG B 184 -12.19 -18.25 -19.55
CA ARG B 184 -12.39 -16.82 -19.21
C ARG B 184 -13.52 -16.76 -18.18
N LYS B 185 -13.26 -16.24 -17.01
CA LYS B 185 -14.30 -16.28 -15.96
C LYS B 185 -15.40 -15.23 -16.16
N GLU B 186 -16.59 -15.55 -15.66
CA GLU B 186 -17.79 -14.65 -15.75
C GLU B 186 -17.52 -13.20 -15.27
N LYS B 187 -17.08 -13.02 -14.04
CA LYS B 187 -16.85 -11.62 -13.52
C LYS B 187 -15.39 -11.18 -13.73
N GLY B 188 -14.67 -11.81 -14.63
CA GLY B 188 -13.26 -11.37 -14.87
C GLY B 188 -12.28 -12.39 -14.29
N GLY B 189 -11.08 -12.45 -14.84
CA GLY B 189 -10.06 -13.41 -14.34
C GLY B 189 -10.02 -14.60 -15.27
N TYR B 190 -9.05 -15.47 -15.08
CA TYR B 190 -8.96 -16.65 -15.97
C TYR B 190 -8.53 -17.91 -15.20
N GLU B 191 -8.78 -19.04 -15.82
CA GLU B 191 -8.38 -20.37 -15.26
C GLU B 191 -7.57 -21.04 -16.37
N ILE B 192 -6.28 -21.21 -16.19
CA ILE B 192 -5.47 -21.79 -17.29
C ILE B 192 -5.05 -23.22 -16.95
N THR B 193 -5.41 -24.16 -17.80
CA THR B 193 -5.03 -25.56 -17.55
C THR B 193 -3.75 -25.88 -18.32
N ILE B 194 -2.73 -26.31 -17.61
CA ILE B 194 -1.45 -26.64 -18.29
C ILE B 194 -1.22 -28.14 -18.21
N VAL B 195 -0.97 -28.78 -19.33
CA VAL B 195 -0.69 -30.23 -19.29
C VAL B 195 0.81 -30.43 -19.31
N ASP B 196 1.40 -30.69 -18.17
CA ASP B 196 2.85 -30.91 -18.15
C ASP B 196 3.09 -32.30 -18.76
N ALA B 197 3.24 -32.35 -20.07
CA ALA B 197 3.42 -33.67 -20.75
C ALA B 197 4.68 -34.39 -20.23
N SER B 198 5.70 -33.64 -19.86
CA SER B 198 6.98 -34.25 -19.34
C SER B 198 6.78 -34.95 -17.97
N ASN B 199 5.92 -34.40 -17.12
CA ASN B 199 5.66 -35.02 -15.77
C ASN B 199 4.27 -35.69 -15.74
N GLU B 200 3.57 -35.72 -16.86
CA GLU B 200 2.21 -36.37 -16.89
C GLU B 200 1.42 -35.80 -15.71
N ARG B 201 1.41 -34.48 -15.65
CA ARG B 201 0.71 -33.75 -14.56
C ARG B 201 -0.12 -32.60 -15.13
N GLN B 202 -1.28 -32.39 -14.56
CA GLN B 202 -2.18 -31.28 -14.98
C GLN B 202 -2.23 -30.27 -13.86
N VAL B 203 -2.01 -29.03 -14.20
CA VAL B 203 -2.03 -27.95 -13.18
C VAL B 203 -2.93 -26.81 -13.68
N ILE B 204 -3.59 -26.12 -12.75
CA ILE B 204 -4.47 -25.01 -13.16
C ILE B 204 -3.99 -23.70 -12.52
N ASP B 205 -3.49 -22.79 -13.31
CA ASP B 205 -3.03 -21.51 -12.75
C ASP B 205 -4.18 -20.51 -12.83
N ILE B 206 -4.52 -19.86 -11.74
CA ILE B 206 -5.65 -18.91 -11.78
C ILE B 206 -5.10 -17.48 -11.91
N ILE B 207 -5.67 -16.69 -12.79
CA ILE B 207 -5.20 -15.28 -12.97
C ILE B 207 -6.36 -14.35 -12.57
N PRO B 208 -6.06 -13.35 -11.75
CA PRO B 208 -7.07 -12.38 -11.26
C PRO B 208 -7.44 -11.34 -12.35
N ARG B 209 -8.53 -10.62 -12.12
CA ARG B 209 -9.04 -9.60 -13.11
C ARG B 209 -8.18 -8.32 -13.14
N GLY B 210 -8.18 -7.62 -14.26
CA GLY B 210 -7.35 -6.39 -14.37
C GLY B 210 -6.07 -6.76 -15.10
N LEU B 211 -5.87 -8.04 -15.34
CA LEU B 211 -4.66 -8.49 -16.07
C LEU B 211 -5.05 -9.12 -17.40
N GLU B 212 -4.27 -8.90 -18.44
CA GLU B 212 -4.58 -9.53 -19.77
C GLU B 212 -3.54 -10.62 -20.07
N LEU B 213 -3.98 -11.73 -20.60
CA LEU B 213 -3.09 -12.88 -20.91
C LEU B 213 -2.21 -12.63 -22.14
N LEU B 214 -1.04 -13.26 -22.12
CA LEU B 214 -0.07 -13.18 -23.26
C LEU B 214 -0.01 -14.56 -23.90
N VAL B 215 -0.84 -15.46 -23.45
CA VAL B 215 -0.79 -16.84 -24.02
C VAL B 215 -2.11 -17.27 -24.68
N SER B 216 -2.00 -18.23 -25.59
CA SER B 216 -3.17 -18.79 -26.33
C SER B 216 -3.24 -20.30 -26.08
N GLU B 217 -4.42 -20.88 -26.25
CA GLU B 217 -4.59 -22.36 -26.06
C GLU B 217 -3.70 -23.10 -27.08
N GLY B 218 -3.10 -24.22 -26.71
CA GLY B 218 -2.23 -24.96 -27.68
C GLY B 218 -0.78 -24.42 -27.63
N GLU B 219 -0.51 -23.37 -26.87
CA GLU B 219 0.89 -22.81 -26.83
C GLU B 219 1.72 -23.52 -25.76
N SER B 220 3.00 -23.71 -26.06
CA SER B 220 3.93 -24.39 -25.09
C SER B 220 4.50 -23.33 -24.14
N ILE B 221 4.33 -23.56 -22.86
CA ILE B 221 4.83 -22.60 -21.85
C ILE B 221 5.95 -23.23 -21.03
N LYS B 222 6.89 -22.43 -20.57
CA LYS B 222 8.00 -22.97 -19.76
C LYS B 222 7.71 -22.64 -18.31
N LEU B 223 8.35 -23.32 -17.40
CA LEU B 223 8.08 -23.03 -15.96
C LEU B 223 8.44 -21.56 -15.67
N ASP B 224 7.62 -20.88 -14.89
CA ASP B 224 7.88 -19.43 -14.54
C ASP B 224 7.78 -18.51 -15.77
N GLN B 225 7.22 -19.00 -16.87
CA GLN B 225 7.06 -18.13 -18.08
C GLN B 225 5.88 -17.18 -17.84
N PRO B 226 6.10 -15.88 -17.97
CA PRO B 226 5.03 -14.89 -17.71
C PRO B 226 3.79 -15.18 -18.56
N LEU B 227 2.64 -15.34 -17.93
CA LEU B 227 1.37 -15.69 -18.65
C LEU B 227 0.53 -14.43 -18.88
N THR B 228 0.91 -13.37 -18.22
CA THR B 228 0.18 -12.07 -18.35
C THR B 228 1.14 -10.89 -18.50
N SER B 229 0.57 -9.75 -18.86
CA SER B 229 1.37 -8.50 -19.03
C SER B 229 1.78 -7.99 -17.65
N ASN B 230 2.78 -7.12 -17.58
CA ASN B 230 3.15 -6.58 -16.26
C ASN B 230 2.32 -5.30 -16.09
N PRO B 231 1.31 -5.34 -15.22
CA PRO B 231 0.38 -4.20 -15.05
C PRO B 231 0.90 -3.16 -14.05
N ASN B 232 2.16 -3.20 -13.66
CA ASN B 232 2.67 -2.19 -12.68
C ASN B 232 3.25 -0.96 -13.40
N VAL B 233 2.65 0.20 -13.12
CA VAL B 233 3.09 1.52 -13.72
C VAL B 233 3.72 2.41 -12.61
N GLY B 234 3.82 1.90 -11.39
CA GLY B 234 4.41 2.71 -10.26
C GLY B 234 5.84 2.25 -9.99
N GLY B 235 6.36 2.60 -8.83
CA GLY B 235 7.75 2.21 -8.48
C GLY B 235 8.20 2.92 -7.21
N PHE B 236 9.27 2.41 -6.63
CA PHE B 236 9.88 2.99 -5.41
C PHE B 236 11.29 3.47 -5.75
N GLY B 237 11.72 4.52 -5.11
CA GLY B 237 13.08 5.05 -5.34
C GLY B 237 13.59 5.65 -4.05
N GLN B 238 14.88 5.82 -3.93
CA GLN B 238 15.41 6.40 -2.67
C GLN B 238 16.50 7.38 -3.01
N GLY B 239 16.74 8.32 -2.14
CA GLY B 239 17.76 9.33 -2.42
C GLY B 239 18.36 9.78 -1.11
N ASP B 240 19.35 10.60 -1.14
CA ASP B 240 19.92 11.05 0.15
C ASP B 240 20.43 12.46 0.03
N ALA B 241 20.53 13.13 1.15
CA ALA B 241 21.04 14.51 1.15
C ALA B 241 22.00 14.66 2.32
N GLU B 242 22.69 15.76 2.38
CA GLU B 242 23.61 16.03 3.51
C GLU B 242 23.28 17.42 4.03
N ILE B 243 23.18 17.58 5.31
CA ILE B 243 22.83 18.91 5.85
C ILE B 243 23.89 19.34 6.85
N VAL B 244 24.20 20.60 6.87
CA VAL B 244 25.23 21.07 7.81
C VAL B 244 24.58 21.79 8.99
N LEU B 245 24.64 21.19 10.16
CA LEU B 245 24.12 21.89 11.34
C LEU B 245 25.16 22.97 11.60
N GLN B 246 24.79 24.21 11.44
CA GLN B 246 25.83 25.26 11.53
C GLN B 246 25.89 26.02 12.86
N ASP B 247 27.11 26.32 13.26
CA ASP B 247 27.38 27.15 14.48
C ASP B 247 27.00 28.59 14.11
N PRO B 248 26.19 29.25 14.91
CA PRO B 248 25.73 30.62 14.61
C PRO B 248 26.91 31.62 14.63
N LEU B 249 28.10 31.13 14.93
CA LEU B 249 29.32 32.00 14.92
C LEU B 249 30.20 31.55 13.74
N ARG B 250 31.45 31.30 13.98
CA ARG B 250 32.34 30.80 12.88
C ARG B 250 33.75 30.58 13.41
N ILE A 1 -23.92 -11.42 13.44
CA ILE A 1 -22.49 -11.31 13.90
C ILE A 1 -21.95 -9.94 13.54
N ASP A 2 -21.15 -9.35 14.40
CA ASP A 2 -20.60 -8.01 14.07
C ASP A 2 -19.13 -8.18 13.62
N VAL A 3 -18.75 -7.50 12.56
CA VAL A 3 -17.34 -7.60 12.06
C VAL A 3 -16.79 -6.18 11.96
N LEU A 4 -15.67 -5.90 12.57
CA LEU A 4 -15.09 -4.51 12.55
C LEU A 4 -14.26 -4.29 11.30
N LEU A 5 -14.41 -3.16 10.68
CA LEU A 5 -13.59 -2.89 9.49
C LEU A 5 -12.40 -2.09 10.00
N GLY A 6 -11.24 -2.71 10.14
CA GLY A 6 -10.10 -1.96 10.71
C GLY A 6 -9.98 -2.37 12.19
N ALA A 7 -8.83 -2.88 12.60
CA ALA A 7 -8.72 -3.33 14.02
C ALA A 7 -8.61 -2.12 14.98
N ASP A 8 -8.75 -2.32 16.28
CA ASP A 8 -8.65 -1.16 17.25
C ASP A 8 -7.21 -0.55 17.28
N ASP A 9 -6.21 -1.22 16.72
CA ASP A 9 -4.82 -0.65 16.68
C ASP A 9 -4.63 -0.02 15.27
N GLY A 10 -5.71 0.13 14.50
CA GLY A 10 -5.61 0.75 13.13
C GLY A 10 -5.15 -0.30 12.09
N SER A 11 -5.08 -1.57 12.43
CA SER A 11 -4.62 -2.58 11.42
C SER A 11 -5.66 -2.68 10.27
N LEU A 12 -5.23 -2.88 9.04
CA LEU A 12 -6.23 -2.99 7.93
C LEU A 12 -6.71 -4.46 7.88
N ALA A 13 -7.72 -4.81 8.69
CA ALA A 13 -8.20 -6.23 8.71
C ALA A 13 -9.63 -6.33 9.15
N PHE A 14 -10.29 -7.41 8.77
CA PHE A 14 -11.70 -7.60 9.19
C PHE A 14 -11.64 -8.30 10.54
N VAL A 15 -12.43 -7.91 11.52
CA VAL A 15 -12.26 -8.63 12.82
C VAL A 15 -13.63 -9.07 13.37
N PRO A 16 -13.89 -10.36 13.32
CA PRO A 16 -12.97 -11.40 12.79
C PRO A 16 -12.95 -11.42 11.22
N SER A 17 -11.99 -12.11 10.61
CA SER A 17 -11.90 -12.19 9.11
C SER A 17 -12.40 -13.58 8.62
N GLU A 18 -12.37 -14.58 9.48
CA GLU A 18 -12.87 -15.93 9.05
C GLU A 18 -13.86 -16.37 10.10
N PHE A 19 -15.07 -16.64 9.68
CA PHE A 19 -16.11 -17.03 10.66
C PHE A 19 -17.20 -17.86 9.99
N SER A 20 -18.06 -18.48 10.77
CA SER A 20 -19.15 -19.27 10.14
C SER A 20 -20.49 -18.72 10.63
N ILE A 21 -21.52 -18.82 9.81
CA ILE A 21 -22.85 -18.30 10.24
C ILE A 21 -23.94 -19.25 9.77
N SER A 22 -25.12 -19.15 10.34
CA SER A 22 -26.20 -20.02 9.87
C SER A 22 -26.90 -19.25 8.73
N PRO A 23 -27.68 -19.91 7.92
CA PRO A 23 -28.40 -19.22 6.81
C PRO A 23 -29.41 -18.15 7.29
N GLY A 24 -29.43 -16.97 6.63
CA GLY A 24 -30.37 -15.87 7.05
C GLY A 24 -29.73 -15.09 8.21
N GLU A 25 -28.63 -15.56 8.79
CA GLU A 25 -28.09 -14.81 9.96
C GLU A 25 -27.54 -13.48 9.44
N LYS A 26 -27.68 -12.39 10.16
CA LYS A 26 -27.17 -11.10 9.58
C LYS A 26 -25.72 -10.81 9.96
N ILE A 27 -24.96 -10.21 9.05
CA ILE A 27 -23.55 -9.83 9.33
C ILE A 27 -23.50 -8.31 9.34
N VAL A 28 -23.09 -7.70 10.42
CA VAL A 28 -23.05 -6.23 10.44
C VAL A 28 -21.61 -5.78 10.34
N PHE A 29 -21.24 -5.26 9.21
CA PHE A 29 -19.86 -4.77 9.03
C PHE A 29 -19.87 -3.33 9.52
N LYS A 30 -19.03 -2.98 10.48
CA LYS A 30 -19.07 -1.58 10.96
C LYS A 30 -17.71 -0.88 10.81
N ASN A 31 -17.72 0.30 10.24
CA ASN A 31 -16.46 1.07 10.08
C ASN A 31 -15.86 1.32 11.48
N ASN A 32 -14.63 0.88 11.72
CA ASN A 32 -13.98 1.05 13.05
C ASN A 32 -12.70 1.89 12.93
N ALA A 33 -11.78 1.54 12.04
CA ALA A 33 -10.51 2.33 11.94
C ALA A 33 -9.82 2.16 10.58
N GLY A 34 -9.09 3.17 10.12
CA GLY A 34 -8.37 3.09 8.78
C GLY A 34 -9.37 3.27 7.61
N PHE A 35 -10.57 3.75 7.85
CA PHE A 35 -11.55 3.94 6.72
C PHE A 35 -11.02 5.10 5.81
N PRO A 36 -11.63 5.34 4.63
CA PRO A 36 -12.83 4.60 4.12
C PRO A 36 -12.56 3.11 3.83
N HIS A 37 -13.63 2.31 3.89
CA HIS A 37 -13.58 0.84 3.64
C HIS A 37 -14.87 0.41 2.95
N ASN A 38 -14.88 -0.75 2.35
CA ASN A 38 -16.13 -1.26 1.71
C ASN A 38 -16.08 -2.76 1.77
N ILE A 39 -17.14 -3.40 1.39
CA ILE A 39 -17.13 -4.86 1.43
C ILE A 39 -17.58 -5.36 0.08
N VAL A 40 -16.74 -6.10 -0.61
CA VAL A 40 -17.12 -6.61 -1.94
C VAL A 40 -16.98 -8.13 -1.95
N PHE A 41 -17.98 -8.85 -2.41
CA PHE A 41 -17.85 -10.33 -2.43
C PHE A 41 -17.23 -10.76 -3.74
N ASP A 42 -16.31 -11.70 -3.70
CA ASP A 42 -15.69 -12.13 -4.96
C ASP A 42 -16.72 -12.93 -5.77
N GLU A 43 -17.10 -12.40 -6.91
CA GLU A 43 -18.11 -13.08 -7.78
C GLU A 43 -17.61 -14.49 -8.21
N ASP A 44 -16.30 -14.68 -8.29
CA ASP A 44 -15.74 -16.01 -8.70
C ASP A 44 -15.41 -16.87 -7.46
N SER A 45 -15.74 -16.39 -6.27
CA SER A 45 -15.42 -17.19 -5.06
C SER A 45 -16.64 -17.24 -4.10
N ILE A 46 -17.83 -17.43 -4.63
CA ILE A 46 -19.05 -17.55 -3.77
C ILE A 46 -19.82 -18.75 -4.33
N PRO A 47 -20.78 -19.28 -3.60
CA PRO A 47 -21.54 -20.43 -4.08
C PRO A 47 -22.22 -20.16 -5.44
N SER A 48 -22.24 -21.17 -6.28
CA SER A 48 -22.82 -21.08 -7.68
C SER A 48 -24.29 -20.59 -7.71
N GLY A 49 -24.58 -19.68 -8.64
CA GLY A 49 -25.96 -19.14 -8.79
C GLY A 49 -26.17 -17.88 -7.92
N VAL A 50 -25.23 -17.56 -7.00
CA VAL A 50 -25.50 -16.38 -6.10
C VAL A 50 -25.21 -15.07 -6.81
N ASP A 51 -26.12 -14.13 -6.72
CA ASP A 51 -25.86 -12.83 -7.38
C ASP A 51 -25.00 -11.97 -6.42
N ALA A 52 -23.76 -11.68 -6.77
CA ALA A 52 -22.88 -10.85 -5.86
C ALA A 52 -23.38 -9.41 -5.73
N SER A 53 -24.12 -8.90 -6.68
CA SER A 53 -24.66 -7.50 -6.58
C SER A 53 -25.71 -7.41 -5.44
N LYS A 54 -26.36 -8.50 -5.09
CA LYS A 54 -27.40 -8.48 -4.00
C LYS A 54 -26.78 -8.50 -2.58
N ILE A 55 -25.53 -8.91 -2.45
CA ILE A 55 -24.89 -9.00 -1.09
C ILE A 55 -23.61 -8.13 -0.95
N SER A 56 -23.24 -7.36 -1.96
CA SER A 56 -21.98 -6.53 -1.81
C SER A 56 -22.17 -5.08 -2.17
N MET A 57 -21.21 -4.28 -1.75
CA MET A 57 -21.25 -2.83 -2.05
C MET A 57 -20.63 -2.66 -3.41
N SER A 58 -20.87 -1.55 -4.07
CA SER A 58 -20.20 -1.40 -5.38
C SER A 58 -18.72 -1.13 -5.14
N GLU A 59 -17.87 -1.48 -6.07
CA GLU A 59 -16.41 -1.24 -5.82
C GLU A 59 -16.13 0.27 -5.60
N GLU A 60 -16.96 1.09 -6.22
CA GLU A 60 -16.88 2.59 -6.13
C GLU A 60 -17.63 3.15 -4.90
N ASP A 61 -18.32 2.32 -4.13
CA ASP A 61 -19.06 2.85 -2.92
C ASP A 61 -18.14 2.73 -1.68
N LEU A 62 -18.24 3.66 -0.76
CA LEU A 62 -17.35 3.61 0.44
C LEU A 62 -18.09 4.02 1.70
N LEU A 63 -17.66 3.43 2.80
CA LEU A 63 -18.17 3.82 4.12
C LEU A 63 -17.03 4.70 4.62
N ASN A 64 -17.20 6.00 4.75
CA ASN A 64 -16.03 6.81 5.11
C ASN A 64 -16.13 7.49 6.49
N ALA A 65 -17.08 7.12 7.34
CA ALA A 65 -17.15 7.76 8.70
C ALA A 65 -17.20 6.67 9.75
N LYS A 66 -16.61 6.92 10.89
CA LYS A 66 -16.60 5.87 11.98
C LYS A 66 -18.03 5.47 12.41
N GLY A 67 -18.31 4.18 12.53
CA GLY A 67 -19.68 3.75 12.96
C GLY A 67 -20.55 3.41 11.73
N GLU A 68 -20.18 3.82 10.51
CA GLU A 68 -21.08 3.52 9.34
C GLU A 68 -21.17 1.99 9.20
N THR A 69 -22.33 1.46 8.86
CA THR A 69 -22.43 -0.03 8.76
C THR A 69 -23.03 -0.50 7.44
N PHE A 70 -22.71 -1.74 7.11
CA PHE A 70 -23.28 -2.39 5.90
C PHE A 70 -23.75 -3.76 6.41
N GLU A 71 -25.01 -4.06 6.26
CA GLU A 71 -25.51 -5.34 6.79
C GLU A 71 -25.94 -6.25 5.65
N VAL A 72 -25.70 -7.54 5.81
CA VAL A 72 -26.11 -8.51 4.77
C VAL A 72 -26.44 -9.86 5.38
N ALA A 73 -27.42 -10.52 4.82
CA ALA A 73 -27.78 -11.87 5.31
C ALA A 73 -27.55 -12.85 4.15
N LEU A 74 -26.86 -13.94 4.42
CA LEU A 74 -26.59 -14.91 3.32
C LEU A 74 -27.46 -16.15 3.55
N SER A 75 -27.99 -16.76 2.50
CA SER A 75 -28.85 -17.96 2.74
C SER A 75 -28.23 -19.20 2.09
N ASN A 76 -27.67 -19.08 0.90
CA ASN A 76 -27.07 -20.28 0.23
C ASN A 76 -25.85 -20.77 1.01
N LYS A 77 -25.76 -22.05 1.24
CA LYS A 77 -24.62 -22.59 2.03
C LYS A 77 -23.35 -22.66 1.19
N GLY A 78 -22.20 -22.62 1.81
CA GLY A 78 -20.95 -22.71 1.02
C GLY A 78 -19.96 -21.66 1.52
N GLU A 79 -18.85 -21.50 0.86
CA GLU A 79 -17.87 -20.50 1.33
C GLU A 79 -17.99 -19.19 0.51
N TYR A 80 -17.87 -18.04 1.15
CA TYR A 80 -17.96 -16.74 0.43
C TYR A 80 -16.66 -15.97 0.66
N SER A 81 -15.93 -15.60 -0.38
CA SER A 81 -14.68 -14.83 -0.15
C SER A 81 -15.02 -13.36 -0.36
N PHE A 82 -14.57 -12.49 0.51
CA PHE A 82 -14.89 -11.03 0.33
C PHE A 82 -13.64 -10.21 0.56
N TYR A 83 -13.67 -8.94 0.21
CA TYR A 83 -12.47 -8.10 0.43
C TYR A 83 -12.82 -6.63 0.44
N CYS A 84 -11.90 -5.82 0.90
CA CYS A 84 -12.13 -4.38 0.85
C CYS A 84 -11.44 -3.97 -0.46
N SER A 85 -12.12 -3.29 -1.37
CA SER A 85 -11.46 -2.99 -2.69
C SER A 85 -10.18 -2.09 -2.59
N PRO A 86 -10.18 -0.96 -1.86
CA PRO A 86 -8.97 -0.06 -1.75
C PRO A 86 -7.85 -0.68 -0.88
N HIS A 87 -8.16 -1.67 -0.03
CA HIS A 87 -7.11 -2.31 0.83
C HIS A 87 -6.98 -3.84 0.58
N GLN A 88 -7.47 -4.36 -0.55
CA GLN A 88 -7.31 -5.85 -0.84
C GLN A 88 -5.82 -6.20 -0.91
N GLY A 89 -5.01 -5.37 -1.55
CA GLY A 89 -3.56 -5.66 -1.61
C GLY A 89 -2.96 -5.58 -0.19
N ALA A 90 -3.54 -4.79 0.68
CA ALA A 90 -2.96 -4.70 2.04
C ALA A 90 -3.23 -5.98 2.87
N GLY A 91 -4.06 -6.84 2.33
CA GLY A 91 -4.40 -8.11 3.02
C GLY A 91 -5.77 -7.96 3.68
N MET A 92 -6.51 -6.89 3.42
CA MET A 92 -7.83 -6.77 4.09
C MET A 92 -8.79 -7.70 3.31
N VAL A 93 -8.80 -8.96 3.67
CA VAL A 93 -9.68 -9.92 2.97
C VAL A 93 -10.31 -10.82 4.02
N GLY A 94 -11.35 -11.56 3.69
CA GLY A 94 -11.94 -12.46 4.73
C GLY A 94 -12.74 -13.56 4.04
N LYS A 95 -13.27 -14.52 4.77
CA LYS A 95 -14.06 -15.61 4.12
C LYS A 95 -15.11 -16.07 5.11
N VAL A 96 -16.34 -16.15 4.68
CA VAL A 96 -17.40 -16.59 5.64
C VAL A 96 -17.99 -17.89 5.14
N THR A 97 -18.32 -18.80 6.04
CA THR A 97 -18.90 -20.07 5.57
C THR A 97 -20.36 -20.17 6.05
N VAL A 98 -21.30 -20.40 5.17
CA VAL A 98 -22.69 -20.53 5.65
C VAL A 98 -22.95 -22.04 5.81
N ASN A 99 -23.19 -22.50 7.02
CA ASN A 99 -23.37 -23.96 7.22
C ASN A 99 -24.67 -24.25 7.95
N TYR B 1 2.07 -0.11 1.94
CA TYR B 1 1.68 1.07 2.68
C TYR B 1 2.75 1.35 3.74
N PRO B 2 2.92 2.62 4.12
CA PRO B 2 3.90 2.97 5.18
C PRO B 2 3.60 2.23 6.49
N ILE B 3 2.35 1.84 6.72
CA ILE B 3 1.98 1.08 7.96
C ILE B 3 2.54 -0.36 7.89
N PHE B 4 2.66 -0.96 6.70
CA PHE B 4 3.18 -2.38 6.59
C PHE B 4 4.65 -2.45 6.97
N ALA B 5 5.41 -1.42 6.65
CA ALA B 5 6.86 -1.41 7.02
C ALA B 5 6.97 -1.11 8.53
N GLN B 6 6.19 -0.15 9.01
CA GLN B 6 6.19 0.22 10.47
C GLN B 6 5.75 -1.00 11.31
N GLN B 7 4.68 -1.65 10.90
CA GLN B 7 4.16 -2.83 11.66
C GLN B 7 5.18 -3.99 11.76
N ASN B 8 6.11 -4.22 10.83
CA ASN B 8 7.00 -5.43 11.00
C ASN B 8 8.50 -5.18 10.58
N TYR B 9 8.95 -3.94 10.64
CA TYR B 9 10.40 -3.58 10.39
C TYR B 9 10.69 -2.52 11.44
N GLU B 10 11.54 -2.85 12.39
CA GLU B 10 11.79 -1.90 13.51
C GLU B 10 12.51 -0.65 12.98
N ASN B 11 13.43 -0.84 12.08
CA ASN B 11 14.16 0.30 11.46
C ASN B 11 13.88 0.15 9.94
N PRO B 12 13.57 1.24 9.26
CA PRO B 12 13.20 1.19 7.83
C PRO B 12 14.43 1.06 6.92
N ARG B 13 15.64 1.34 7.39
CA ARG B 13 16.83 1.20 6.46
C ARG B 13 17.60 -0.09 6.76
N GLU B 14 17.82 -0.92 5.76
CA GLU B 14 18.53 -2.21 6.01
C GLU B 14 20.06 -1.99 5.93
N ALA B 15 20.84 -2.95 6.36
CA ALA B 15 22.33 -2.82 6.33
C ALA B 15 22.84 -2.57 4.87
N THR B 16 22.10 -3.00 3.85
CA THR B 16 22.55 -2.78 2.42
C THR B 16 22.30 -1.32 2.04
N GLY B 17 21.51 -0.63 2.83
CA GLY B 17 21.21 0.81 2.56
C GLY B 17 19.89 0.91 1.81
N ARG B 18 19.21 -0.20 1.65
CA ARG B 18 17.90 -0.21 0.94
C ARG B 18 16.77 -0.01 1.93
N ILE B 19 15.80 0.79 1.58
CA ILE B 19 14.66 1.01 2.49
C ILE B 19 13.67 -0.18 2.32
N VAL B 20 13.13 -0.65 3.41
CA VAL B 20 12.20 -1.85 3.39
C VAL B 20 10.99 -1.71 2.43
N CYS B 21 10.64 -0.55 1.86
CA CYS B 21 9.44 -0.57 0.92
C CYS B 21 9.80 -1.33 -0.36
N ALA B 22 11.07 -1.36 -0.67
CA ALA B 22 11.57 -2.07 -1.89
C ALA B 22 11.35 -3.60 -1.75
N ASN B 23 10.93 -4.09 -0.58
CA ASN B 23 10.68 -5.57 -0.41
C ASN B 23 9.32 -5.93 -1.08
N CYS B 24 8.36 -4.98 -1.14
CA CYS B 24 7.00 -5.23 -1.83
C CYS B 24 6.84 -4.28 -2.98
N HIS B 25 7.44 -3.12 -2.90
CA HIS B 25 7.38 -2.18 -4.03
C HIS B 25 8.61 -2.54 -4.91
N LEU B 26 8.41 -3.42 -5.88
CA LEU B 26 9.55 -3.94 -6.70
C LEU B 26 9.97 -3.06 -7.90
N ALA B 27 9.18 -2.12 -8.40
CA ALA B 27 9.70 -1.34 -9.60
C ALA B 27 10.52 -0.12 -9.14
N SER B 28 11.62 0.18 -9.83
CA SER B 28 12.44 1.34 -9.41
C SER B 28 12.01 2.59 -10.18
N LYS B 29 11.82 3.66 -9.48
CA LYS B 29 11.43 4.93 -10.11
C LYS B 29 12.18 6.03 -9.30
N PRO B 30 12.52 7.12 -9.94
CA PRO B 30 13.30 8.19 -9.29
C PRO B 30 12.57 9.03 -8.23
N VAL B 31 13.33 9.31 -7.19
CA VAL B 31 12.88 10.15 -6.06
C VAL B 31 13.89 11.30 -5.91
N ASP B 32 13.44 12.46 -5.53
CA ASP B 32 14.38 13.60 -5.38
C ASP B 32 14.14 14.28 -4.04
N ILE B 33 15.14 14.95 -3.50
CA ILE B 33 14.96 15.64 -2.18
C ILE B 33 15.80 16.91 -2.12
N GLU B 34 15.15 18.04 -1.93
CA GLU B 34 15.91 19.30 -1.80
C GLU B 34 15.90 19.72 -0.33
N VAL B 35 17.05 20.02 0.17
CA VAL B 35 17.18 20.43 1.59
C VAL B 35 18.18 21.59 1.62
N PRO B 36 18.02 22.54 2.52
CA PRO B 36 18.97 23.65 2.57
C PRO B 36 20.38 23.15 2.86
N GLN B 37 21.38 23.79 2.29
CA GLN B 37 22.81 23.35 2.48
C GLN B 37 23.20 23.36 3.96
N ALA B 38 22.73 24.34 4.69
CA ALA B 38 23.08 24.42 6.11
C ALA B 38 21.91 25.01 6.89
N VAL B 39 21.82 24.70 8.17
CA VAL B 39 20.71 25.25 8.99
C VAL B 39 21.25 25.64 10.37
N LEU B 40 20.55 26.51 11.06
CA LEU B 40 21.01 26.95 12.41
C LEU B 40 20.24 26.20 13.49
N PRO B 41 20.83 26.10 14.68
CA PRO B 41 20.18 25.44 15.81
C PRO B 41 18.78 26.00 16.12
N ASP B 42 17.88 25.08 16.47
CA ASP B 42 16.43 25.40 16.80
C ASP B 42 15.75 26.29 15.74
N THR B 43 15.89 25.95 14.48
CA THR B 43 15.19 26.72 13.39
C THR B 43 14.42 25.75 12.53
N VAL B 44 13.30 26.17 11.99
CA VAL B 44 12.52 25.24 11.15
C VAL B 44 12.99 25.34 9.70
N PHE B 45 13.08 24.21 9.05
CA PHE B 45 13.48 24.19 7.63
C PHE B 45 12.58 23.21 6.91
N GLU B 46 12.59 23.25 5.62
CA GLU B 46 11.72 22.31 4.88
C GLU B 46 12.52 21.31 4.07
N ALA B 47 12.04 20.10 4.10
CA ALA B 47 12.68 19.02 3.29
C ALA B 47 11.69 18.67 2.22
N VAL B 48 11.99 18.98 0.99
CA VAL B 48 10.97 18.71 -0.03
C VAL B 48 11.30 17.44 -0.81
N VAL B 49 10.40 16.50 -0.79
CA VAL B 49 10.64 15.23 -1.49
C VAL B 49 9.84 15.20 -2.78
N LYS B 50 10.45 14.79 -3.87
CA LYS B 50 9.71 14.72 -5.15
C LYS B 50 9.58 13.26 -5.59
N ILE B 51 8.36 12.85 -5.85
CA ILE B 51 8.06 11.46 -6.30
C ILE B 51 7.32 11.64 -7.65
N PRO B 52 8.09 11.94 -8.70
CA PRO B 52 7.52 12.26 -10.02
C PRO B 52 7.15 11.02 -10.85
N TYR B 53 6.07 11.16 -11.63
CA TYR B 53 5.58 10.06 -12.53
C TYR B 53 4.69 10.65 -13.61
N ASP B 54 4.57 10.02 -14.74
CA ASP B 54 3.66 10.56 -15.79
C ASP B 54 2.22 10.47 -15.21
N MET B 55 1.49 11.57 -15.12
CA MET B 55 0.12 11.54 -14.48
C MET B 55 -1.02 11.03 -15.40
N GLN B 56 -0.75 10.56 -16.61
CA GLN B 56 -1.88 10.01 -17.45
C GLN B 56 -1.91 8.50 -17.22
N LEU B 57 -0.99 8.04 -16.37
CA LEU B 57 -0.87 6.58 -16.07
C LEU B 57 -1.99 6.10 -15.16
N LYS B 58 -2.57 4.97 -15.50
CA LYS B 58 -3.64 4.40 -14.66
C LYS B 58 -3.19 3.02 -14.22
N GLN B 59 -3.23 2.75 -12.95
CA GLN B 59 -2.76 1.42 -12.44
C GLN B 59 -3.95 0.49 -12.23
N VAL B 60 -3.70 -0.76 -11.94
CA VAL B 60 -4.83 -1.71 -11.71
C VAL B 60 -5.23 -1.65 -10.23
N LEU B 61 -6.41 -1.16 -9.93
CA LEU B 61 -6.81 -1.07 -8.52
C LEU B 61 -7.04 -2.50 -7.96
N ALA B 62 -7.14 -2.63 -6.66
CA ALA B 62 -7.35 -3.98 -6.00
C ALA B 62 -8.64 -4.67 -6.52
N ASN B 63 -9.50 -4.04 -7.29
CA ASN B 63 -10.74 -4.77 -7.73
C ASN B 63 -10.76 -4.99 -9.29
N GLY B 64 -9.62 -4.87 -9.96
CA GLY B 64 -9.58 -5.07 -11.47
C GLY B 64 -9.74 -3.72 -12.20
N LYS B 65 -10.47 -2.76 -11.64
CA LYS B 65 -10.66 -1.44 -12.34
C LYS B 65 -9.34 -0.66 -12.38
N LYS B 66 -9.23 0.28 -13.30
CA LYS B 66 -7.97 1.08 -13.42
C LYS B 66 -8.18 2.45 -12.77
N GLY B 67 -7.20 2.96 -12.06
CA GLY B 67 -7.38 4.28 -11.40
C GLY B 67 -6.05 5.03 -11.24
N ALA B 68 -6.11 6.16 -10.53
CA ALA B 68 -4.88 6.99 -10.32
C ALA B 68 -3.99 6.40 -9.22
N LEU B 69 -2.78 6.88 -9.11
CA LEU B 69 -1.80 6.36 -8.10
C LEU B 69 -1.76 7.20 -6.85
N ASN B 70 -1.31 6.60 -5.77
CA ASN B 70 -1.20 7.35 -4.49
C ASN B 70 0.29 7.42 -4.11
N VAL B 71 0.69 8.39 -3.37
CA VAL B 71 2.12 8.49 -3.02
C VAL B 71 2.32 8.33 -1.50
N GLY B 72 3.52 7.97 -1.12
CA GLY B 72 3.85 7.82 0.33
C GLY B 72 5.36 7.94 0.48
N ALA B 73 5.85 8.30 1.63
CA ALA B 73 7.32 8.44 1.77
C ALA B 73 7.79 8.21 3.18
N VAL B 74 9.05 7.91 3.33
CA VAL B 74 9.63 7.72 4.68
C VAL B 74 10.87 8.58 4.78
N LEU B 75 10.92 9.48 5.73
CA LEU B 75 12.12 10.34 5.81
C LEU B 75 12.98 9.93 7.00
N ILE B 76 14.23 9.63 6.77
CA ILE B 76 15.09 9.22 7.90
C ILE B 76 16.04 10.38 8.24
N LEU B 77 15.82 11.00 9.37
CA LEU B 77 16.66 12.16 9.80
C LEU B 77 17.63 11.72 10.90
N PRO B 78 18.67 12.51 11.13
CA PRO B 78 19.65 12.21 12.21
C PRO B 78 18.96 12.34 13.56
N GLU B 79 19.49 11.71 14.59
CA GLU B 79 18.82 11.78 15.93
C GLU B 79 18.85 13.22 16.48
N GLY B 80 17.75 13.71 17.03
CA GLY B 80 17.74 15.11 17.51
C GLY B 80 16.78 15.91 16.61
N PHE B 81 16.81 15.61 15.30
CA PHE B 81 15.89 16.31 14.34
C PHE B 81 14.49 15.70 14.47
N GLU B 82 13.46 16.50 14.40
CA GLU B 82 12.07 15.96 14.54
C GLU B 82 11.07 16.85 13.83
N LEU B 83 9.85 16.39 13.72
CA LEU B 83 8.81 17.19 13.02
C LEU B 83 8.60 18.52 13.76
N ALA B 84 8.63 19.62 13.01
CA ALA B 84 8.43 20.96 13.65
C ALA B 84 7.01 21.04 14.26
N PRO B 85 6.90 21.61 15.45
CA PRO B 85 5.60 21.75 16.14
C PRO B 85 4.74 22.79 15.38
N PRO B 86 3.43 22.74 15.53
CA PRO B 86 2.47 23.65 14.82
C PRO B 86 2.69 25.14 15.14
N ASP B 87 3.02 25.48 16.37
CA ASP B 87 3.27 26.94 16.72
C ASP B 87 4.53 27.47 15.98
N ARG B 88 5.47 26.61 15.63
CA ARG B 88 6.74 27.06 14.92
C ARG B 88 6.56 27.01 13.40
N ILE B 89 5.44 26.52 12.93
CA ILE B 89 5.23 26.46 11.46
C ILE B 89 4.61 27.78 10.95
N SER B 90 5.28 28.42 10.02
CA SER B 90 4.77 29.71 9.43
C SER B 90 3.49 29.45 8.62
N PRO B 91 2.68 30.49 8.42
CA PRO B 91 1.43 30.40 7.63
C PRO B 91 1.78 30.19 6.15
N GLU B 92 2.87 30.80 5.69
CA GLU B 92 3.34 30.62 4.25
C GLU B 92 3.79 29.16 4.05
N MET B 93 4.09 28.46 5.13
CA MET B 93 4.52 27.04 5.06
C MET B 93 3.32 26.13 5.34
N LYS B 94 2.38 26.58 6.15
CA LYS B 94 1.18 25.73 6.50
C LYS B 94 0.30 25.48 5.27
N GLU B 95 0.26 26.42 4.34
CA GLU B 95 -0.56 26.19 3.10
C GLU B 95 0.23 25.21 2.20
N LYS B 96 1.56 25.32 2.25
CA LYS B 96 2.47 24.46 1.42
C LYS B 96 2.33 22.97 1.80
N ILE B 97 2.27 22.69 3.09
CA ILE B 97 2.11 21.28 3.59
C ILE B 97 0.65 20.81 3.46
N GLY B 98 -0.21 21.61 2.83
CA GLY B 98 -1.65 21.20 2.65
C GLY B 98 -2.30 20.88 4.00
N ASN B 99 -2.61 19.63 4.22
CA ASN B 99 -3.22 19.19 5.51
C ASN B 99 -2.77 17.75 5.74
N LEU B 100 -1.50 17.51 5.49
CA LEU B 100 -0.90 16.15 5.65
C LEU B 100 -0.62 15.87 7.11
N SER B 101 -0.72 14.61 7.48
CA SER B 101 -0.41 14.17 8.88
C SER B 101 0.85 13.34 8.85
N PHE B 102 1.92 13.92 9.33
CA PHE B 102 3.19 13.18 9.35
C PHE B 102 3.23 12.34 10.61
N GLN B 103 3.54 11.09 10.44
CA GLN B 103 3.54 10.19 11.62
C GLN B 103 4.94 9.72 11.96
N ASN B 104 5.15 9.38 13.20
CA ASN B 104 6.47 8.89 13.57
C ASN B 104 6.55 7.41 13.13
N TYR B 105 7.69 6.93 12.70
CA TYR B 105 7.77 5.51 12.26
C TYR B 105 7.32 4.63 13.46
N ARG B 106 7.74 5.05 14.62
CA ARG B 106 7.37 4.40 15.90
C ARG B 106 7.43 5.57 16.90
N PRO B 107 6.73 5.49 18.01
CA PRO B 107 6.73 6.62 18.98
C PRO B 107 8.12 6.90 19.56
N ASN B 108 9.01 5.94 19.62
CA ASN B 108 10.37 6.22 20.16
C ASN B 108 11.27 6.81 19.03
N LYS B 109 10.91 6.58 17.78
CA LYS B 109 11.70 7.11 16.63
C LYS B 109 11.11 8.44 16.16
N LYS B 110 11.50 9.51 16.82
CA LYS B 110 10.97 10.85 16.45
C LYS B 110 11.75 11.41 15.24
N ASN B 111 12.81 10.76 14.85
CA ASN B 111 13.61 11.27 13.69
C ASN B 111 13.28 10.49 12.39
N ILE B 112 12.23 9.70 12.41
CA ILE B 112 11.80 8.94 11.18
C ILE B 112 10.33 9.29 10.92
N LEU B 113 10.08 9.92 9.82
CA LEU B 113 8.70 10.35 9.57
C LEU B 113 8.10 9.62 8.37
N VAL B 114 6.84 9.30 8.48
CA VAL B 114 6.15 8.61 7.36
C VAL B 114 4.87 9.37 6.98
N ILE B 115 4.52 9.31 5.72
CA ILE B 115 3.28 10.00 5.26
C ILE B 115 2.70 9.21 4.09
N GLY B 116 1.40 9.17 3.96
CA GLY B 116 0.80 8.40 2.84
C GLY B 116 0.04 7.22 3.42
N PRO B 117 -0.79 6.61 2.60
CA PRO B 117 -1.00 7.02 1.18
C PRO B 117 -1.82 8.31 1.03
N VAL B 118 -1.32 9.17 0.16
CA VAL B 118 -1.99 10.47 -0.16
C VAL B 118 -2.08 10.51 -1.71
N PRO B 119 -3.11 11.15 -2.27
CA PRO B 119 -3.29 11.17 -3.74
C PRO B 119 -2.11 11.83 -4.50
N GLY B 120 -1.61 11.13 -5.52
CA GLY B 120 -0.42 11.58 -6.36
C GLY B 120 -0.70 12.88 -7.12
N GLN B 121 -1.90 13.06 -7.63
CA GLN B 121 -2.20 14.33 -8.40
C GLN B 121 -1.91 15.55 -7.53
N LYS B 122 -2.19 15.45 -6.25
CA LYS B 122 -1.99 16.62 -5.32
C LYS B 122 -0.62 16.62 -4.61
N TYR B 123 -0.09 15.48 -4.20
CA TYR B 123 1.19 15.50 -3.42
C TYR B 123 2.38 14.78 -4.12
N SER B 124 2.69 15.08 -5.39
CA SER B 124 3.89 14.42 -6.05
C SER B 124 5.14 14.97 -5.33
N GLU B 125 5.01 16.20 -4.84
CA GLU B 125 6.09 16.85 -4.03
C GLU B 125 5.56 17.12 -2.63
N ILE B 126 6.25 16.66 -1.63
CA ILE B 126 5.76 16.88 -0.24
C ILE B 126 6.76 17.72 0.56
N THR B 127 6.25 18.57 1.43
CA THR B 127 7.16 19.41 2.24
C THR B 127 7.13 18.97 3.70
N PHE B 128 8.25 18.51 4.21
CA PHE B 128 8.32 18.05 5.62
C PHE B 128 8.93 19.16 6.48
N PRO B 129 8.17 19.67 7.44
CA PRO B 129 8.66 20.76 8.26
C PRO B 129 9.53 20.16 9.36
N ILE B 130 10.82 20.38 9.29
CA ILE B 130 11.74 19.77 10.31
C ILE B 130 12.33 20.84 11.25
N LEU B 131 12.49 20.48 12.50
CA LEU B 131 13.08 21.41 13.50
C LEU B 131 14.53 20.99 13.75
N ALA B 132 15.45 21.88 13.51
CA ALA B 132 16.88 21.54 13.75
C ALA B 132 17.16 21.58 15.25
N PRO B 133 17.86 20.58 15.75
CA PRO B 133 18.15 20.52 17.19
C PRO B 133 19.14 21.60 17.61
N ASP B 134 19.44 21.64 18.89
CA ASP B 134 20.42 22.64 19.43
C ASP B 134 21.46 21.90 20.29
N PRO B 135 22.73 22.00 19.91
CA PRO B 135 23.84 21.31 20.64
C PRO B 135 23.97 21.83 22.07
N ALA B 136 23.74 23.11 22.29
CA ALA B 136 23.79 23.66 23.68
C ALA B 136 22.68 23.00 24.56
N THR B 137 21.64 22.41 23.95
CA THR B 137 20.52 21.77 24.76
C THR B 137 20.39 20.25 24.42
N ASN B 138 21.44 19.70 23.88
CA ASN B 138 21.51 18.25 23.51
C ASN B 138 23.01 17.89 23.38
N LYS B 139 23.53 17.14 24.33
CA LYS B 139 24.98 16.78 24.32
C LYS B 139 25.35 15.73 23.23
N ASP B 140 24.42 15.08 22.55
CA ASP B 140 24.88 14.08 21.50
C ASP B 140 24.70 14.70 20.10
N VAL B 141 24.17 15.91 20.05
CA VAL B 141 24.00 16.64 18.76
C VAL B 141 25.16 17.61 18.62
N HIS B 142 25.80 17.59 17.49
CA HIS B 142 26.98 18.47 17.29
C HIS B 142 26.87 19.26 16.01
N PHE B 143 27.71 20.26 15.85
CA PHE B 143 27.74 21.01 14.57
C PHE B 143 28.51 20.14 13.58
N LEU B 144 27.78 19.48 12.72
CA LEU B 144 28.44 18.52 11.80
C LEU B 144 27.64 18.33 10.52
N LYS B 145 28.17 17.53 9.61
CA LYS B 145 27.40 17.28 8.39
C LYS B 145 26.55 16.03 8.65
N TYR B 146 25.27 16.09 8.38
CA TYR B 146 24.44 14.91 8.73
C TYR B 146 23.75 14.33 7.50
N PRO B 147 23.70 13.01 7.39
CA PRO B 147 23.03 12.36 6.26
C PRO B 147 21.51 12.34 6.44
N ILE B 148 20.80 12.44 5.34
CA ILE B 148 19.29 12.40 5.36
C ILE B 148 18.87 11.38 4.30
N TYR B 149 18.04 10.45 4.67
CA TYR B 149 17.65 9.43 3.66
C TYR B 149 16.15 9.47 3.40
N VAL B 150 15.76 9.31 2.16
CA VAL B 150 14.30 9.35 1.82
C VAL B 150 13.91 8.16 0.92
N GLY B 151 12.71 7.70 1.13
CA GLY B 151 12.15 6.61 0.32
C GLY B 151 10.84 7.13 -0.25
N GLY B 152 10.65 7.03 -1.53
CA GLY B 152 9.40 7.58 -2.08
C GLY B 152 8.72 6.54 -2.96
N ASN B 153 7.42 6.36 -2.78
CA ASN B 153 6.69 5.35 -3.60
C ASN B 153 5.38 5.89 -4.18
N ARG B 154 5.09 5.43 -5.39
CA ARG B 154 3.83 5.81 -6.10
C ARG B 154 3.25 4.54 -6.72
N GLY B 155 2.02 4.23 -6.46
CA GLY B 155 1.47 3.00 -7.07
C GLY B 155 1.34 1.89 -6.02
N ARG B 156 0.50 0.92 -6.31
CA ARG B 156 0.26 -0.27 -5.41
C ARG B 156 1.42 -1.27 -5.50
N GLY B 157 1.78 -1.83 -4.36
CA GLY B 157 2.91 -2.80 -4.29
C GLY B 157 2.54 -4.15 -4.93
N GLN B 158 3.50 -5.04 -5.07
CA GLN B 158 3.26 -6.40 -5.67
C GLN B 158 3.09 -7.49 -4.57
N ILE B 159 3.72 -7.35 -3.42
CA ILE B 159 3.61 -8.43 -2.36
C ILE B 159 2.96 -7.91 -1.06
N TYR B 160 2.13 -8.73 -0.42
CA TYR B 160 1.49 -8.31 0.86
C TYR B 160 2.40 -8.77 2.00
N PRO B 161 2.14 -8.32 3.22
CA PRO B 161 2.93 -8.74 4.40
C PRO B 161 2.90 -10.28 4.66
N ASP B 162 1.99 -11.06 4.06
CA ASP B 162 1.99 -12.57 4.30
C ASP B 162 2.77 -13.31 3.19
N GLY B 163 3.23 -12.57 2.18
CA GLY B 163 4.00 -13.18 1.04
C GLY B 163 3.10 -13.30 -0.20
N SER B 164 1.82 -13.07 -0.03
CA SER B 164 0.86 -13.23 -1.17
C SER B 164 1.08 -12.16 -2.22
N LYS B 165 0.94 -12.52 -3.49
CA LYS B 165 1.12 -11.51 -4.58
C LYS B 165 -0.19 -10.73 -4.75
N SER B 166 -0.09 -9.53 -5.27
CA SER B 166 -1.32 -8.74 -5.53
C SER B 166 -1.65 -8.90 -6.99
N ASN B 167 -2.72 -8.30 -7.43
CA ASN B 167 -3.04 -8.42 -8.87
C ASN B 167 -2.30 -7.31 -9.64
N ASN B 168 -1.29 -6.71 -9.02
CA ASN B 168 -0.49 -5.62 -9.68
C ASN B 168 0.93 -6.14 -9.93
N THR B 169 1.01 -7.35 -10.43
CA THR B 169 2.32 -7.98 -10.73
C THR B 169 2.14 -9.01 -11.86
N VAL B 170 3.23 -9.54 -12.35
CA VAL B 170 3.14 -10.58 -13.44
C VAL B 170 2.75 -11.93 -12.84
N TYR B 171 1.94 -12.69 -13.56
CA TYR B 171 1.56 -14.03 -13.05
C TYR B 171 2.34 -15.05 -13.85
N ASN B 172 3.12 -15.86 -13.20
CA ASN B 172 3.96 -16.78 -13.98
C ASN B 172 3.39 -18.20 -13.97
N ALA B 173 3.66 -18.97 -15.00
CA ALA B 173 3.18 -20.39 -15.06
C ALA B 173 3.89 -21.21 -13.95
N THR B 174 3.13 -21.98 -13.18
CA THR B 174 3.73 -22.82 -12.07
C THR B 174 4.25 -24.15 -12.66
N ALA B 175 4.01 -24.38 -13.93
CA ALA B 175 4.48 -25.62 -14.60
C ALA B 175 4.74 -25.39 -16.09
N GLY B 176 5.66 -26.14 -16.65
CA GLY B 176 5.93 -26.04 -18.10
C GLY B 176 4.95 -26.96 -18.80
N GLY B 177 4.85 -26.91 -20.10
CA GLY B 177 3.86 -27.79 -20.74
C GLY B 177 3.13 -27.08 -21.87
N ILE B 178 1.95 -27.56 -22.18
CA ILE B 178 1.12 -26.94 -23.26
C ILE B 178 -0.21 -26.51 -22.65
N ILE B 179 -0.70 -25.33 -22.99
CA ILE B 179 -1.99 -24.89 -22.40
C ILE B 179 -3.12 -25.65 -23.12
N SER B 180 -3.86 -26.47 -22.40
CA SER B 180 -4.95 -27.27 -23.06
C SER B 180 -6.27 -26.54 -22.97
N LYS B 181 -6.38 -25.57 -22.08
CA LYS B 181 -7.65 -24.79 -21.93
C LYS B 181 -7.47 -23.44 -21.20
N ILE B 182 -8.24 -22.47 -21.62
CA ILE B 182 -8.22 -21.13 -20.96
C ILE B 182 -9.67 -20.73 -20.68
N LEU B 183 -10.10 -20.90 -19.46
CA LEU B 183 -11.49 -20.55 -19.12
C LEU B 183 -11.59 -19.07 -18.71
N ARG B 184 -12.19 -18.25 -19.55
CA ARG B 184 -12.39 -16.81 -19.21
C ARG B 184 -13.52 -16.76 -18.18
N LYS B 185 -13.26 -16.24 -17.01
CA LYS B 185 -14.30 -16.29 -15.96
C LYS B 185 -15.41 -15.23 -16.16
N GLU B 186 -16.59 -15.56 -15.66
CA GLU B 186 -17.79 -14.66 -15.75
C GLU B 186 -17.52 -13.21 -15.28
N LYS B 187 -17.06 -13.01 -14.05
CA LYS B 187 -16.84 -11.61 -13.54
C LYS B 187 -15.38 -11.18 -13.74
N GLY B 188 -14.65 -11.81 -14.63
CA GLY B 188 -13.25 -11.38 -14.87
C GLY B 188 -12.28 -12.39 -14.28
N GLY B 189 -11.08 -12.45 -14.84
CA GLY B 189 -10.06 -13.41 -14.34
C GLY B 189 -10.02 -14.61 -15.27
N TYR B 190 -9.05 -15.47 -15.08
CA TYR B 190 -8.96 -16.65 -15.97
C TYR B 190 -8.53 -17.91 -15.20
N GLU B 191 -8.78 -19.04 -15.82
CA GLU B 191 -8.38 -20.37 -15.26
C GLU B 191 -7.57 -21.04 -16.37
N ILE B 192 -6.28 -21.21 -16.19
CA ILE B 192 -5.47 -21.79 -17.29
C ILE B 192 -5.05 -23.22 -16.95
N THR B 193 -5.41 -24.16 -17.80
CA THR B 193 -5.03 -25.56 -17.55
C THR B 193 -3.75 -25.88 -18.32
N ILE B 194 -2.73 -26.31 -17.61
CA ILE B 194 -1.45 -26.64 -18.30
C ILE B 194 -1.22 -28.14 -18.20
N VAL B 195 -0.97 -28.78 -19.33
CA VAL B 195 -0.69 -30.23 -19.28
C VAL B 195 0.82 -30.43 -19.31
N ASP B 196 1.40 -30.69 -18.17
CA ASP B 196 2.85 -30.91 -18.15
C ASP B 196 3.09 -32.30 -18.76
N ALA B 197 3.24 -32.35 -20.07
CA ALA B 197 3.42 -33.67 -20.75
C ALA B 197 4.68 -34.39 -20.23
N SER B 198 5.70 -33.64 -19.86
CA SER B 198 6.98 -34.25 -19.34
C SER B 198 6.78 -34.95 -17.97
N ASN B 199 5.92 -34.40 -17.12
CA ASN B 199 5.66 -35.02 -15.77
C ASN B 199 4.28 -35.69 -15.75
N GLU B 200 3.57 -35.72 -16.86
CA GLU B 200 2.21 -36.37 -16.89
C GLU B 200 1.42 -35.79 -15.71
N ARG B 201 1.41 -34.48 -15.65
CA ARG B 201 0.71 -33.75 -14.56
C ARG B 201 -0.12 -32.60 -15.13
N GLN B 202 -1.28 -32.39 -14.55
CA GLN B 202 -2.18 -31.28 -14.98
C GLN B 202 -2.23 -30.27 -13.86
N VAL B 203 -2.01 -29.03 -14.20
CA VAL B 203 -2.03 -27.95 -13.18
C VAL B 203 -2.93 -26.80 -13.68
N ILE B 204 -3.59 -26.12 -12.75
CA ILE B 204 -4.47 -25.01 -13.16
C ILE B 204 -4.00 -23.70 -12.51
N ASP B 205 -3.49 -22.79 -13.31
CA ASP B 205 -3.03 -21.51 -12.75
C ASP B 205 -4.18 -20.51 -12.83
N ILE B 206 -4.52 -19.86 -11.74
CA ILE B 206 -5.65 -18.91 -11.78
C ILE B 206 -5.10 -17.49 -11.91
N ILE B 207 -5.67 -16.69 -12.79
CA ILE B 207 -5.20 -15.28 -12.96
C ILE B 207 -6.36 -14.35 -12.57
N PRO B 208 -6.06 -13.35 -11.75
CA PRO B 208 -7.07 -12.38 -11.26
C PRO B 208 -7.44 -11.34 -12.35
N ARG B 209 -8.53 -10.62 -12.12
CA ARG B 209 -9.04 -9.60 -13.11
C ARG B 209 -8.18 -8.32 -13.14
N GLY B 210 -8.18 -7.62 -14.26
CA GLY B 210 -7.35 -6.39 -14.37
C GLY B 210 -6.06 -6.76 -15.10
N LEU B 211 -5.87 -8.04 -15.34
CA LEU B 211 -4.66 -8.50 -16.07
C LEU B 211 -5.05 -9.12 -17.40
N GLU B 212 -4.26 -8.91 -18.44
CA GLU B 212 -4.58 -9.53 -19.77
C GLU B 212 -3.54 -10.63 -20.08
N LEU B 213 -3.99 -11.73 -20.60
CA LEU B 213 -3.09 -12.88 -20.91
C LEU B 213 -2.20 -12.63 -22.14
N LEU B 214 -1.03 -13.26 -22.12
CA LEU B 214 -0.07 -13.18 -23.26
C LEU B 214 -0.01 -14.56 -23.90
N VAL B 215 -0.84 -15.46 -23.45
CA VAL B 215 -0.79 -16.84 -24.02
C VAL B 215 -2.11 -17.27 -24.68
N SER B 216 -2.00 -18.23 -25.59
CA SER B 216 -3.17 -18.79 -26.33
C SER B 216 -3.24 -20.30 -26.08
N GLU B 217 -4.42 -20.88 -26.25
CA GLU B 217 -4.59 -22.36 -26.05
C GLU B 217 -3.70 -23.10 -27.09
N GLY B 218 -3.10 -24.22 -26.71
CA GLY B 218 -2.23 -24.96 -27.68
C GLY B 218 -0.78 -24.42 -27.63
N GLU B 219 -0.51 -23.37 -26.87
CA GLU B 219 0.89 -22.81 -26.83
C GLU B 219 1.72 -23.52 -25.76
N SER B 220 3.00 -23.71 -26.06
CA SER B 220 3.93 -24.39 -25.09
C SER B 220 4.50 -23.33 -24.14
N ILE B 221 4.33 -23.56 -22.86
CA ILE B 221 4.83 -22.60 -21.85
C ILE B 221 5.95 -23.24 -21.03
N LYS B 222 6.89 -22.43 -20.57
CA LYS B 222 8.00 -22.97 -19.76
C LYS B 222 7.72 -22.63 -18.31
N LEU B 223 8.35 -23.32 -17.40
CA LEU B 223 8.08 -23.03 -15.96
C LEU B 223 8.44 -21.56 -15.67
N ASP B 224 7.62 -20.89 -14.89
CA ASP B 224 7.88 -19.43 -14.54
C ASP B 224 7.78 -18.51 -15.77
N GLN B 225 7.22 -19.00 -16.87
CA GLN B 225 7.06 -18.13 -18.09
C GLN B 225 5.88 -17.18 -17.84
N PRO B 226 6.10 -15.88 -17.97
CA PRO B 226 5.03 -14.89 -17.71
C PRO B 226 3.79 -15.18 -18.56
N LEU B 227 2.64 -15.35 -17.93
CA LEU B 227 1.37 -15.69 -18.65
C LEU B 227 0.53 -14.43 -18.88
N THR B 228 0.91 -13.37 -18.22
CA THR B 228 0.18 -12.07 -18.35
C THR B 228 1.14 -10.89 -18.50
N SER B 229 0.57 -9.75 -18.86
CA SER B 229 1.37 -8.50 -19.03
C SER B 229 1.78 -7.99 -17.65
N ASN B 230 2.78 -7.12 -17.58
CA ASN B 230 3.15 -6.58 -16.26
C ASN B 230 2.32 -5.30 -16.09
N PRO B 231 1.31 -5.34 -15.22
CA PRO B 231 0.39 -4.20 -15.05
C PRO B 231 0.90 -3.16 -14.05
N ASN B 232 2.16 -3.20 -13.66
CA ASN B 232 2.67 -2.19 -12.68
C ASN B 232 3.25 -0.96 -13.40
N VAL B 233 2.65 0.20 -13.12
CA VAL B 233 3.10 1.52 -13.72
C VAL B 233 3.72 2.41 -12.61
N GLY B 234 3.82 1.90 -11.39
CA GLY B 234 4.41 2.72 -10.26
C GLY B 234 5.84 2.25 -9.99
N GLY B 235 6.36 2.60 -8.83
CA GLY B 235 7.75 2.20 -8.48
C GLY B 235 8.20 2.92 -7.20
N PHE B 236 9.27 2.41 -6.63
CA PHE B 236 9.87 2.99 -5.41
C PHE B 236 11.29 3.47 -5.75
N GLY B 237 11.72 4.52 -5.11
CA GLY B 237 13.08 5.05 -5.34
C GLY B 237 13.59 5.65 -4.05
N GLN B 238 14.88 5.82 -3.93
CA GLN B 238 15.41 6.40 -2.67
C GLN B 238 16.50 7.38 -3.01
N GLY B 239 16.74 8.32 -2.14
CA GLY B 239 17.76 9.33 -2.42
C GLY B 239 18.36 9.78 -1.11
N ASP B 240 19.36 10.60 -1.14
CA ASP B 240 19.92 11.05 0.15
C ASP B 240 20.43 12.46 0.03
N ALA B 241 20.53 13.13 1.15
CA ALA B 241 21.04 14.51 1.15
C ALA B 241 22.00 14.66 2.32
N GLU B 242 22.69 15.76 2.38
CA GLU B 242 23.61 16.03 3.51
C GLU B 242 23.28 17.43 4.03
N ILE B 243 23.18 17.58 5.31
CA ILE B 243 22.83 18.91 5.85
C ILE B 243 23.89 19.34 6.85
N VAL B 244 24.20 20.60 6.87
CA VAL B 244 25.22 21.07 7.82
C VAL B 244 24.58 21.79 8.99
N LEU B 245 24.64 21.19 10.16
CA LEU B 245 24.11 21.89 11.35
C LEU B 245 25.16 22.97 11.60
N GLN B 246 24.79 24.20 11.44
CA GLN B 246 25.83 25.26 11.53
C GLN B 246 25.89 26.02 12.86
N ASP B 247 27.11 26.32 13.26
CA ASP B 247 27.38 27.15 14.48
C ASP B 247 27.00 28.59 14.10
N PRO B 248 26.19 29.25 14.91
CA PRO B 248 25.73 30.62 14.61
C PRO B 248 26.90 31.62 14.63
N LEU B 249 28.10 31.13 14.93
CA LEU B 249 29.32 32.00 14.92
C LEU B 249 30.20 31.55 13.74
N ARG B 250 31.45 31.30 13.98
CA ARG B 250 32.34 30.80 12.88
C ARG B 250 33.75 30.58 13.41
N ILE A 1 -26.88 -6.15 12.30
CA ILE A 1 -25.52 -6.40 12.89
C ILE A 1 -24.61 -5.19 12.68
N ASP A 2 -23.77 -4.89 13.65
CA ASP A 2 -22.82 -3.74 13.52
C ASP A 2 -21.40 -4.26 13.25
N VAL A 3 -20.75 -3.71 12.26
CA VAL A 3 -19.36 -4.14 11.91
C VAL A 3 -18.43 -2.93 11.99
N LEU A 4 -17.36 -3.03 12.75
CA LEU A 4 -16.40 -1.88 12.90
C LEU A 4 -15.38 -1.87 11.75
N LEU A 5 -15.15 -0.71 11.17
CA LEU A 5 -14.13 -0.56 10.08
C LEU A 5 -12.83 -0.10 10.76
N GLY A 6 -12.00 -1.06 11.07
CA GLY A 6 -10.72 -0.77 11.80
C GLY A 6 -10.92 -1.20 13.25
N ALA A 7 -10.06 -2.04 13.78
CA ALA A 7 -10.21 -2.52 15.20
C ALA A 7 -9.92 -1.39 16.20
N ASP A 8 -10.25 -1.60 17.46
CA ASP A 8 -10.00 -0.55 18.50
C ASP A 8 -8.49 -0.35 18.73
N ASP A 9 -7.67 -1.28 18.28
CA ASP A 9 -6.18 -1.11 18.46
C ASP A 9 -5.57 -0.51 17.17
N GLY A 10 -6.41 -0.08 16.24
CA GLY A 10 -5.91 0.54 14.97
C GLY A 10 -5.61 -0.53 13.90
N SER A 11 -5.99 -1.77 14.14
CA SER A 11 -5.74 -2.85 13.12
C SER A 11 -6.66 -2.63 11.91
N LEU A 12 -6.16 -2.86 10.72
CA LEU A 12 -6.98 -2.70 9.48
C LEU A 12 -7.77 -3.99 9.23
N ALA A 13 -8.92 -4.11 9.86
CA ALA A 13 -9.76 -5.34 9.71
C ALA A 13 -11.24 -5.04 10.02
N PHE A 14 -12.12 -5.84 9.47
CA PHE A 14 -13.59 -5.69 9.74
C PHE A 14 -13.90 -6.45 11.06
N VAL A 15 -14.60 -5.85 12.01
CA VAL A 15 -14.89 -6.58 13.29
C VAL A 15 -16.42 -6.63 13.54
N PRO A 16 -17.02 -7.81 13.35
CA PRO A 16 -16.32 -9.05 12.90
C PRO A 16 -16.11 -9.04 11.38
N SER A 17 -15.27 -9.93 10.88
CA SER A 17 -15.00 -9.97 9.41
C SER A 17 -15.82 -11.10 8.76
N GLU A 18 -16.06 -12.17 9.48
CA GLU A 18 -16.87 -13.31 8.93
C GLU A 18 -18.09 -13.52 9.84
N PHE A 19 -19.28 -13.36 9.29
CA PHE A 19 -20.53 -13.52 10.10
C PHE A 19 -21.71 -13.97 9.20
N SER A 20 -22.77 -14.43 9.82
CA SER A 20 -23.98 -14.88 9.06
C SER A 20 -25.19 -14.02 9.46
N ILE A 21 -26.05 -13.72 8.51
CA ILE A 21 -27.26 -12.88 8.79
C ILE A 21 -28.48 -13.49 8.08
N SER A 22 -29.66 -13.10 8.52
CA SER A 22 -30.92 -13.59 7.86
C SER A 22 -31.22 -12.61 6.71
N PRO A 23 -32.06 -13.00 5.76
CA PRO A 23 -32.39 -12.13 4.62
C PRO A 23 -33.20 -10.92 5.06
N GLY A 24 -32.79 -9.76 4.61
CA GLY A 24 -33.45 -8.49 4.96
C GLY A 24 -32.80 -7.87 6.21
N GLU A 25 -31.94 -8.62 6.90
CA GLU A 25 -31.24 -8.06 8.11
C GLU A 25 -30.26 -6.96 7.67
N LYS A 26 -30.21 -5.87 8.41
CA LYS A 26 -29.30 -4.73 8.03
C LYS A 26 -27.90 -4.89 8.63
N ILE A 27 -26.91 -4.51 7.86
CA ILE A 27 -25.49 -4.54 8.32
C ILE A 27 -25.02 -3.08 8.41
N VAL A 28 -24.67 -2.62 9.60
CA VAL A 28 -24.23 -1.20 9.75
C VAL A 28 -22.70 -1.13 9.86
N PHE A 29 -22.04 -0.79 8.76
CA PHE A 29 -20.55 -0.65 8.78
C PHE A 29 -20.24 0.75 9.32
N LYS A 30 -19.55 0.85 10.45
CA LYS A 30 -19.27 2.20 11.01
C LYS A 30 -17.75 2.46 11.10
N ASN A 31 -17.33 3.63 10.65
CA ASN A 31 -15.89 4.02 10.68
C ASN A 31 -15.40 4.01 12.14
N ASN A 32 -14.39 3.23 12.45
CA ASN A 32 -13.89 3.16 13.86
C ASN A 32 -12.44 3.64 13.96
N ALA A 33 -11.53 3.06 13.21
CA ALA A 33 -10.09 3.49 13.30
C ALA A 33 -9.33 3.14 12.01
N GLY A 34 -8.35 3.94 11.67
CA GLY A 34 -7.52 3.66 10.44
C GLY A 34 -8.22 4.14 9.16
N PHE A 35 -9.23 4.97 9.28
CA PHE A 35 -9.95 5.49 8.06
C PHE A 35 -9.04 6.48 7.31
N PRO A 36 -9.43 6.90 6.10
CA PRO A 36 -10.71 6.54 5.41
C PRO A 36 -10.86 5.06 5.06
N HIS A 37 -12.10 4.61 5.04
CA HIS A 37 -12.44 3.20 4.69
C HIS A 37 -13.67 3.22 3.77
N ASN A 38 -13.90 2.13 3.09
CA ASN A 38 -15.11 2.00 2.22
C ASN A 38 -15.44 0.51 2.07
N ILE A 39 -16.66 0.19 1.72
CA ILE A 39 -17.07 -1.26 1.61
C ILE A 39 -17.49 -1.59 0.16
N VAL A 40 -16.73 -2.46 -0.48
CA VAL A 40 -17.03 -2.88 -1.88
C VAL A 40 -17.25 -4.38 -1.93
N PHE A 41 -18.36 -4.80 -2.53
CA PHE A 41 -18.67 -6.24 -2.65
C PHE A 41 -18.03 -6.76 -3.95
N ASP A 42 -17.33 -7.87 -3.85
CA ASP A 42 -16.68 -8.45 -5.07
C ASP A 42 -17.78 -8.93 -6.03
N GLU A 43 -17.89 -8.30 -7.18
CA GLU A 43 -18.95 -8.69 -8.17
C GLU A 43 -18.75 -10.15 -8.64
N ASP A 44 -17.54 -10.68 -8.52
CA ASP A 44 -17.28 -12.10 -8.94
C ASP A 44 -17.45 -13.04 -7.74
N SER A 45 -17.69 -12.52 -6.55
CA SER A 45 -17.82 -13.42 -5.35
C SER A 45 -19.13 -13.19 -4.57
N ILE A 46 -20.22 -12.97 -5.27
CA ILE A 46 -21.56 -12.80 -4.61
C ILE A 46 -22.56 -13.74 -5.34
N PRO A 47 -23.76 -13.95 -4.80
CA PRO A 47 -24.74 -14.86 -5.44
C PRO A 47 -25.14 -14.38 -6.84
N SER A 48 -25.29 -15.32 -7.75
CA SER A 48 -25.61 -15.01 -9.18
C SER A 48 -26.87 -14.15 -9.31
N GLY A 49 -26.80 -13.15 -10.17
CA GLY A 49 -27.97 -12.25 -10.44
C GLY A 49 -28.01 -11.03 -9.51
N VAL A 50 -27.15 -10.97 -8.51
CA VAL A 50 -27.16 -9.79 -7.58
C VAL A 50 -26.38 -8.62 -8.22
N ASP A 51 -26.95 -7.43 -8.15
CA ASP A 51 -26.27 -6.22 -8.69
C ASP A 51 -25.38 -5.65 -7.58
N ALA A 52 -24.08 -5.72 -7.75
CA ALA A 52 -23.14 -5.21 -6.70
C ALA A 52 -23.26 -3.68 -6.51
N SER A 53 -23.71 -2.97 -7.52
CA SER A 53 -23.85 -1.47 -7.41
C SER A 53 -24.97 -1.11 -6.40
N LYS A 54 -25.90 -2.02 -6.18
CA LYS A 54 -27.03 -1.74 -5.23
C LYS A 54 -26.63 -2.01 -3.77
N ILE A 55 -25.55 -2.74 -3.52
CA ILE A 55 -25.19 -3.06 -2.09
C ILE A 55 -23.76 -2.60 -1.70
N SER A 56 -23.05 -1.93 -2.57
CA SER A 56 -21.66 -1.51 -2.21
C SER A 56 -21.40 -0.03 -2.50
N MET A 57 -20.35 0.50 -1.90
CA MET A 57 -19.94 1.91 -2.15
C MET A 57 -19.09 1.93 -3.43
N SER A 58 -18.95 3.06 -4.08
CA SER A 58 -18.08 3.09 -5.31
C SER A 58 -16.62 3.00 -4.85
N GLU A 59 -15.77 2.36 -5.64
CA GLU A 59 -14.32 2.23 -5.27
C GLU A 59 -13.70 3.62 -5.01
N GLU A 60 -14.29 4.66 -5.58
CA GLU A 60 -13.74 6.04 -5.39
C GLU A 60 -14.44 6.75 -4.20
N ASP A 61 -15.48 6.16 -3.62
CA ASP A 61 -16.19 6.81 -2.46
C ASP A 61 -15.50 6.41 -1.15
N LEU A 62 -15.47 7.28 -0.15
CA LEU A 62 -14.78 6.92 1.14
C LEU A 62 -15.49 7.47 2.38
N LEU A 63 -15.42 6.73 3.48
CA LEU A 63 -15.93 7.22 4.79
C LEU A 63 -14.65 7.77 5.48
N ASN A 64 -14.48 9.06 5.59
CA ASN A 64 -13.18 9.60 6.16
C ASN A 64 -13.35 10.21 7.56
N ALA A 65 -14.48 10.05 8.21
CA ALA A 65 -14.62 10.63 9.58
C ALA A 65 -15.07 9.56 10.57
N LYS A 66 -14.59 9.63 11.79
CA LYS A 66 -14.97 8.61 12.84
C LYS A 66 -16.48 8.67 13.10
N GLY A 67 -17.15 7.53 13.00
CA GLY A 67 -18.63 7.46 13.24
C GLY A 67 -19.43 7.39 11.94
N GLU A 68 -18.84 7.71 10.80
CA GLU A 68 -19.60 7.65 9.49
C GLU A 68 -20.04 6.19 9.26
N THR A 69 -21.25 5.98 8.78
CA THR A 69 -21.73 4.58 8.58
C THR A 69 -22.27 4.33 7.17
N PHE A 70 -22.20 3.08 6.76
CA PHE A 70 -22.76 2.65 5.45
C PHE A 70 -23.64 1.44 5.77
N GLU A 71 -24.94 1.55 5.57
CA GLU A 71 -25.86 0.42 5.93
C GLU A 71 -26.35 -0.30 4.67
N VAL A 72 -26.50 -1.61 4.74
CA VAL A 72 -26.99 -2.40 3.56
C VAL A 72 -27.77 -3.64 4.05
N ALA A 73 -28.81 -4.00 3.34
CA ALA A 73 -29.61 -5.22 3.71
C ALA A 73 -29.54 -6.22 2.55
N LEU A 74 -29.09 -7.42 2.81
CA LEU A 74 -28.99 -8.46 1.73
C LEU A 74 -30.20 -9.40 1.81
N SER A 75 -30.74 -9.80 0.67
CA SER A 75 -31.95 -10.69 0.66
C SER A 75 -31.63 -12.03 -0.01
N ASN A 76 -30.86 -12.02 -1.09
CA ASN A 76 -30.51 -13.30 -1.79
C ASN A 76 -29.59 -14.15 -0.89
N LYS A 77 -29.88 -15.42 -0.78
CA LYS A 77 -29.05 -16.32 0.10
C LYS A 77 -27.75 -16.71 -0.62
N GLY A 78 -26.71 -17.01 0.14
CA GLY A 78 -25.40 -17.39 -0.46
C GLY A 78 -24.26 -16.66 0.27
N GLU A 79 -23.05 -16.75 -0.26
CA GLU A 79 -21.88 -16.08 0.39
C GLU A 79 -21.52 -14.79 -0.36
N TYR A 80 -21.24 -13.75 0.38
CA TYR A 80 -20.86 -12.43 -0.23
C TYR A 80 -19.45 -12.06 0.22
N SER A 81 -18.54 -11.89 -0.71
CA SER A 81 -17.15 -11.48 -0.34
C SER A 81 -17.01 -9.97 -0.54
N PHE A 82 -16.61 -9.27 0.50
CA PHE A 82 -16.45 -7.79 0.39
C PHE A 82 -15.05 -7.38 0.86
N TYR A 83 -14.67 -6.14 0.61
CA TYR A 83 -13.31 -5.66 1.01
C TYR A 83 -13.23 -4.12 1.02
N CYS A 84 -12.18 -3.60 1.61
CA CYS A 84 -11.92 -2.13 1.63
C CYS A 84 -10.95 -1.88 0.46
N SER A 85 -11.34 -1.09 -0.51
CA SER A 85 -10.48 -0.88 -1.73
C SER A 85 -9.05 -0.39 -1.39
N PRO A 86 -8.89 0.66 -0.59
CA PRO A 86 -7.54 1.16 -0.23
C PRO A 86 -6.80 0.25 0.76
N HIS A 87 -7.45 -0.73 1.37
CA HIS A 87 -6.71 -1.62 2.34
C HIS A 87 -6.98 -3.11 2.03
N GLN A 88 -7.41 -3.45 0.83
CA GLN A 88 -7.65 -4.90 0.52
C GLN A 88 -6.33 -5.65 0.62
N GLY A 89 -5.25 -5.02 0.19
CA GLY A 89 -3.90 -5.64 0.25
C GLY A 89 -3.45 -5.83 1.70
N ALA A 90 -3.92 -4.96 2.57
CA ALA A 90 -3.56 -5.06 4.03
C ALA A 90 -4.25 -6.26 4.67
N GLY A 91 -5.21 -6.84 3.98
CA GLY A 91 -5.96 -8.00 4.54
C GLY A 91 -7.32 -7.54 5.06
N MET A 92 -7.69 -6.28 4.81
CA MET A 92 -9.03 -5.78 5.28
C MET A 92 -10.10 -6.34 4.34
N VAL A 93 -10.44 -7.58 4.56
CA VAL A 93 -11.45 -8.27 3.72
C VAL A 93 -12.43 -8.99 4.64
N GLY A 94 -13.55 -9.40 4.12
CA GLY A 94 -14.56 -10.10 4.95
C GLY A 94 -15.53 -10.90 4.08
N LYS A 95 -16.32 -11.73 4.71
CA LYS A 95 -17.33 -12.55 3.96
C LYS A 95 -18.58 -12.74 4.84
N VAL A 96 -19.73 -12.42 4.28
CA VAL A 96 -21.02 -12.57 5.02
C VAL A 96 -21.86 -13.65 4.31
N THR A 97 -22.51 -14.49 5.08
CA THR A 97 -23.37 -15.58 4.50
C THR A 97 -24.84 -15.31 4.86
N VAL A 98 -25.68 -15.16 3.86
CA VAL A 98 -27.14 -14.93 4.10
C VAL A 98 -27.81 -16.31 4.08
N ASN A 99 -28.25 -16.76 5.24
CA ASN A 99 -28.89 -18.10 5.38
C ASN A 99 -30.29 -17.94 6.01
N TYR B 1 2.16 -0.06 1.92
CA TYR B 1 1.74 1.13 2.67
C TYR B 1 2.80 1.37 3.73
N PRO B 2 2.92 2.59 4.19
CA PRO B 2 3.91 2.94 5.23
C PRO B 2 3.59 2.23 6.56
N ILE B 3 2.38 1.75 6.72
CA ILE B 3 2.01 1.03 7.97
C ILE B 3 2.53 -0.42 7.93
N PHE B 4 2.68 -1.00 6.74
CA PHE B 4 3.21 -2.40 6.63
C PHE B 4 4.68 -2.41 7.08
N ALA B 5 5.44 -1.42 6.65
CA ALA B 5 6.88 -1.35 7.04
C ALA B 5 6.98 -1.04 8.54
N GLN B 6 6.13 -0.17 9.04
CA GLN B 6 6.14 0.19 10.50
C GLN B 6 5.70 -1.02 11.35
N GLN B 7 4.72 -1.76 10.88
CA GLN B 7 4.17 -2.92 11.65
C GLN B 7 5.17 -4.09 11.78
N ASN B 8 6.06 -4.33 10.84
CA ASN B 8 6.98 -5.51 11.00
C ASN B 8 8.47 -5.20 10.68
N TYR B 9 8.86 -3.94 10.66
CA TYR B 9 10.30 -3.60 10.42
C TYR B 9 10.68 -2.54 11.48
N GLU B 10 11.44 -2.90 12.50
CA GLU B 10 11.79 -1.90 13.59
C GLU B 10 12.54 -0.67 13.01
N ASN B 11 13.45 -0.89 12.08
CA ASN B 11 14.20 0.24 11.42
C ASN B 11 13.93 0.13 9.90
N PRO B 12 13.55 1.23 9.25
CA PRO B 12 13.20 1.21 7.81
C PRO B 12 14.42 1.08 6.87
N ARG B 13 15.61 1.36 7.34
CA ARG B 13 16.82 1.22 6.46
C ARG B 13 17.56 -0.08 6.81
N GLU B 14 17.81 -0.93 5.83
CA GLU B 14 18.52 -2.22 6.08
C GLU B 14 20.04 -2.01 5.98
N ALA B 15 20.83 -3.00 6.35
CA ALA B 15 22.33 -2.88 6.30
C ALA B 15 22.84 -2.61 4.87
N THR B 16 22.13 -3.05 3.85
CA THR B 16 22.58 -2.81 2.44
C THR B 16 22.34 -1.33 2.06
N GLY B 17 21.56 -0.62 2.85
CA GLY B 17 21.27 0.82 2.54
C GLY B 17 19.94 0.94 1.79
N ARG B 18 19.23 -0.16 1.64
CA ARG B 18 17.93 -0.14 0.91
C ARG B 18 16.77 -0.02 1.90
N ILE B 19 15.82 0.83 1.60
CA ILE B 19 14.65 1.03 2.51
C ILE B 19 13.66 -0.15 2.32
N VAL B 20 13.11 -0.61 3.42
CA VAL B 20 12.20 -1.83 3.42
C VAL B 20 10.98 -1.73 2.47
N CYS B 21 10.64 -0.59 1.88
CA CYS B 21 9.46 -0.58 0.95
C CYS B 21 9.82 -1.35 -0.33
N ALA B 22 11.11 -1.39 -0.66
CA ALA B 22 11.60 -2.10 -1.90
C ALA B 22 11.37 -3.63 -1.79
N ASN B 23 10.98 -4.12 -0.62
CA ASN B 23 10.71 -5.59 -0.44
C ASN B 23 9.36 -5.96 -1.10
N CYS B 24 8.38 -5.05 -1.12
CA CYS B 24 7.06 -5.34 -1.78
C CYS B 24 6.92 -4.40 -3.00
N HIS B 25 7.42 -3.19 -2.88
CA HIS B 25 7.38 -2.22 -4.02
C HIS B 25 8.61 -2.53 -4.88
N LEU B 26 8.41 -3.36 -5.88
CA LEU B 26 9.56 -3.90 -6.71
C LEU B 26 10.01 -3.06 -7.92
N ALA B 27 9.20 -2.18 -8.47
CA ALA B 27 9.69 -1.39 -9.66
C ALA B 27 10.53 -0.20 -9.17
N SER B 28 11.61 0.12 -9.85
CA SER B 28 12.47 1.27 -9.41
C SER B 28 12.11 2.55 -10.21
N LYS B 29 11.80 3.62 -9.50
CA LYS B 29 11.49 4.93 -10.17
C LYS B 29 12.16 6.05 -9.33
N PRO B 30 12.57 7.12 -9.99
CA PRO B 30 13.37 8.21 -9.35
C PRO B 30 12.64 9.02 -8.25
N VAL B 31 13.38 9.32 -7.21
CA VAL B 31 12.88 10.14 -6.06
C VAL B 31 13.89 11.29 -5.87
N ASP B 32 13.43 12.48 -5.58
CA ASP B 32 14.38 13.63 -5.40
C ASP B 32 14.12 14.32 -4.05
N ILE B 33 15.13 14.94 -3.48
CA ILE B 33 14.94 15.64 -2.17
C ILE B 33 15.78 16.92 -2.12
N GLU B 34 15.14 18.06 -1.93
CA GLU B 34 15.89 19.34 -1.84
C GLU B 34 15.91 19.80 -0.38
N VAL B 35 17.09 19.98 0.15
CA VAL B 35 17.25 20.42 1.56
C VAL B 35 18.24 21.61 1.55
N PRO B 36 18.10 22.54 2.50
CA PRO B 36 19.01 23.71 2.58
C PRO B 36 20.44 23.25 2.92
N GLN B 37 21.41 23.80 2.23
CA GLN B 37 22.84 23.40 2.44
C GLN B 37 23.22 23.38 3.93
N ALA B 38 22.80 24.39 4.68
CA ALA B 38 23.12 24.45 6.13
C ALA B 38 21.93 25.07 6.90
N VAL B 39 21.79 24.71 8.16
CA VAL B 39 20.67 25.26 9.00
C VAL B 39 21.22 25.65 10.38
N LEU B 40 20.55 26.55 11.06
CA LEU B 40 21.02 26.99 12.41
C LEU B 40 20.29 26.15 13.49
N PRO B 41 20.80 26.17 14.72
CA PRO B 41 20.17 25.43 15.85
C PRO B 41 18.78 25.98 16.20
N ASP B 42 17.84 25.07 16.44
CA ASP B 42 16.41 25.43 16.81
C ASP B 42 15.74 26.33 15.74
N THR B 43 15.86 25.97 14.48
CA THR B 43 15.20 26.75 13.38
C THR B 43 14.42 25.77 12.49
N VAL B 44 13.28 26.16 12.01
CA VAL B 44 12.47 25.24 11.14
C VAL B 44 12.92 25.37 9.68
N PHE B 45 13.16 24.24 9.04
CA PHE B 45 13.57 24.25 7.61
C PHE B 45 12.66 23.24 6.88
N GLU B 46 12.61 23.26 5.56
CA GLU B 46 11.70 22.32 4.84
C GLU B 46 12.49 21.31 4.01
N ALA B 47 12.09 20.06 4.12
CA ALA B 47 12.72 18.96 3.31
C ALA B 47 11.70 18.58 2.24
N VAL B 48 11.87 19.06 1.03
CA VAL B 48 10.87 18.77 -0.06
C VAL B 48 11.27 17.49 -0.82
N VAL B 49 10.40 16.51 -0.78
CA VAL B 49 10.65 15.19 -1.46
C VAL B 49 9.82 15.16 -2.76
N LYS B 50 10.44 14.78 -3.86
CA LYS B 50 9.70 14.73 -5.16
C LYS B 50 9.55 13.28 -5.62
N ILE B 51 8.32 12.87 -5.84
CA ILE B 51 8.02 11.49 -6.32
C ILE B 51 7.28 11.66 -7.67
N PRO B 52 8.03 11.98 -8.72
CA PRO B 52 7.48 12.28 -10.06
C PRO B 52 7.12 11.03 -10.88
N TYR B 53 6.06 11.14 -11.64
CA TYR B 53 5.59 10.03 -12.52
C TYR B 53 4.62 10.60 -13.56
N ASP B 54 4.55 10.02 -14.75
CA ASP B 54 3.60 10.53 -15.80
C ASP B 54 2.17 10.42 -15.23
N MET B 55 1.47 11.53 -15.11
CA MET B 55 0.13 11.51 -14.46
C MET B 55 -1.01 11.00 -15.38
N GLN B 56 -0.74 10.60 -16.60
CA GLN B 56 -1.84 10.04 -17.46
C GLN B 56 -1.83 8.51 -17.28
N LEU B 57 -0.96 8.03 -16.41
CA LEU B 57 -0.85 6.56 -16.14
C LEU B 57 -1.98 6.09 -15.22
N LYS B 58 -2.53 4.95 -15.53
CA LYS B 58 -3.63 4.37 -14.70
C LYS B 58 -3.21 2.96 -14.27
N GLN B 59 -3.15 2.74 -12.97
CA GLN B 59 -2.72 1.41 -12.43
C GLN B 59 -3.94 0.49 -12.25
N VAL B 60 -3.69 -0.76 -11.96
CA VAL B 60 -4.82 -1.73 -11.73
C VAL B 60 -5.18 -1.67 -10.23
N LEU B 61 -6.35 -1.19 -9.93
CA LEU B 61 -6.79 -1.08 -8.49
C LEU B 61 -7.04 -2.48 -7.93
N ALA B 62 -7.19 -2.59 -6.62
CA ALA B 62 -7.40 -3.93 -5.97
C ALA B 62 -8.65 -4.67 -6.48
N ASN B 63 -9.50 -4.05 -7.28
CA ASN B 63 -10.73 -4.76 -7.77
C ASN B 63 -10.71 -4.97 -9.29
N GLY B 64 -9.57 -4.82 -9.94
CA GLY B 64 -9.51 -5.04 -11.42
C GLY B 64 -9.70 -3.72 -12.20
N LYS B 65 -10.43 -2.77 -11.65
CA LYS B 65 -10.64 -1.47 -12.38
C LYS B 65 -9.34 -0.66 -12.41
N LYS B 66 -9.22 0.26 -13.35
CA LYS B 66 -7.99 1.10 -13.45
C LYS B 66 -8.24 2.46 -12.77
N GLY B 67 -7.26 3.02 -12.08
CA GLY B 67 -7.46 4.34 -11.39
C GLY B 67 -6.13 5.10 -11.26
N ALA B 68 -6.15 6.20 -10.54
CA ALA B 68 -4.90 7.03 -10.34
C ALA B 68 -3.98 6.39 -9.29
N LEU B 69 -2.79 6.93 -9.15
CA LEU B 69 -1.82 6.36 -8.16
C LEU B 69 -1.80 7.22 -6.87
N ASN B 70 -1.37 6.62 -5.78
CA ASN B 70 -1.25 7.36 -4.48
C ASN B 70 0.23 7.41 -4.10
N VAL B 71 0.63 8.42 -3.36
CA VAL B 71 2.07 8.57 -3.00
C VAL B 71 2.27 8.39 -1.48
N GLY B 72 3.45 7.96 -1.11
CA GLY B 72 3.81 7.75 0.32
C GLY B 72 5.34 7.87 0.44
N ALA B 73 5.84 8.29 1.58
CA ALA B 73 7.32 8.45 1.73
C ALA B 73 7.78 8.24 3.18
N VAL B 74 9.04 7.89 3.34
CA VAL B 74 9.65 7.68 4.70
C VAL B 74 10.92 8.54 4.76
N LEU B 75 10.95 9.50 5.66
CA LEU B 75 12.13 10.41 5.80
C LEU B 75 12.96 9.98 7.03
N ILE B 76 14.20 9.62 6.81
CA ILE B 76 15.08 9.20 7.92
C ILE B 76 16.04 10.35 8.26
N LEU B 77 15.80 11.00 9.36
CA LEU B 77 16.66 12.15 9.78
C LEU B 77 17.65 11.67 10.87
N PRO B 78 18.67 12.47 11.14
CA PRO B 78 19.65 12.15 12.21
C PRO B 78 18.99 12.32 13.58
N GLU B 79 19.49 11.66 14.60
CA GLU B 79 18.87 11.77 15.97
C GLU B 79 18.95 13.23 16.48
N GLY B 80 17.84 13.72 17.01
CA GLY B 80 17.77 15.13 17.50
C GLY B 80 16.81 15.91 16.59
N PHE B 81 16.83 15.64 15.31
CA PHE B 81 15.90 16.34 14.35
C PHE B 81 14.52 15.69 14.47
N GLU B 82 13.47 16.49 14.44
CA GLU B 82 12.09 15.91 14.56
C GLU B 82 11.08 16.80 13.82
N LEU B 83 9.85 16.36 13.70
CA LEU B 83 8.79 17.15 13.01
C LEU B 83 8.59 18.48 13.75
N ALA B 84 8.62 19.58 13.03
CA ALA B 84 8.43 20.93 13.66
C ALA B 84 7.02 21.02 14.25
N PRO B 85 6.89 21.60 15.43
CA PRO B 85 5.57 21.75 16.08
C PRO B 85 4.71 22.80 15.32
N PRO B 86 3.41 22.77 15.54
CA PRO B 86 2.46 23.67 14.83
C PRO B 86 2.67 25.17 15.17
N ASP B 87 3.08 25.49 16.38
CA ASP B 87 3.30 26.92 16.74
C ASP B 87 4.55 27.47 16.03
N ARG B 88 5.47 26.60 15.65
CA ARG B 88 6.72 27.04 14.96
C ARG B 88 6.55 27.02 13.43
N ILE B 89 5.47 26.48 12.92
CA ILE B 89 5.29 26.43 11.43
C ILE B 89 4.65 27.75 10.94
N SER B 90 5.27 28.40 9.97
CA SER B 90 4.76 29.69 9.42
C SER B 90 3.46 29.45 8.61
N PRO B 91 2.68 30.50 8.40
CA PRO B 91 1.43 30.41 7.63
C PRO B 91 1.74 30.26 6.13
N GLU B 92 2.90 30.76 5.71
CA GLU B 92 3.32 30.62 4.27
C GLU B 92 3.75 29.16 4.05
N MET B 93 4.09 28.47 5.14
CA MET B 93 4.52 27.05 5.09
C MET B 93 3.32 26.12 5.36
N LYS B 94 2.38 26.56 6.17
CA LYS B 94 1.17 25.72 6.50
C LYS B 94 0.34 25.44 5.23
N GLU B 95 0.24 26.40 4.32
CA GLU B 95 -0.53 26.17 3.05
C GLU B 95 0.30 25.28 2.11
N LYS B 96 1.60 25.30 2.26
CA LYS B 96 2.50 24.44 1.42
C LYS B 96 2.36 22.97 1.84
N ILE B 97 2.25 22.68 3.13
CA ILE B 97 2.11 21.25 3.57
C ILE B 97 0.65 20.78 3.42
N GLY B 98 -0.23 21.62 2.86
CA GLY B 98 -1.67 21.24 2.67
C GLY B 98 -2.31 20.91 4.03
N ASN B 99 -2.66 19.67 4.23
CA ASN B 99 -3.27 19.22 5.53
C ASN B 99 -2.78 17.79 5.80
N LEU B 100 -1.52 17.54 5.49
CA LEU B 100 -0.90 16.19 5.66
C LEU B 100 -0.65 15.89 7.15
N SER B 101 -0.75 14.64 7.52
CA SER B 101 -0.47 14.22 8.93
C SER B 101 0.82 13.38 8.94
N PHE B 102 1.94 13.98 9.31
CA PHE B 102 3.24 13.23 9.35
C PHE B 102 3.27 12.36 10.62
N GLN B 103 3.43 11.07 10.47
CA GLN B 103 3.44 10.16 11.66
C GLN B 103 4.86 9.69 11.95
N ASN B 104 5.14 9.37 13.19
CA ASN B 104 6.49 8.85 13.55
C ASN B 104 6.56 7.38 13.14
N TYR B 105 7.67 6.92 12.60
CA TYR B 105 7.79 5.47 12.22
C TYR B 105 7.34 4.62 13.44
N ARG B 106 7.76 5.06 14.60
CA ARG B 106 7.39 4.44 15.91
C ARG B 106 7.46 5.59 16.93
N PRO B 107 6.76 5.49 18.06
CA PRO B 107 6.71 6.60 19.05
C PRO B 107 8.10 6.90 19.63
N ASN B 108 9.00 5.95 19.63
CA ASN B 108 10.38 6.18 20.15
C ASN B 108 11.26 6.78 19.04
N LYS B 109 10.92 6.54 17.79
CA LYS B 109 11.71 7.09 16.65
C LYS B 109 11.12 8.44 16.22
N LYS B 110 11.55 9.52 16.85
CA LYS B 110 11.02 10.88 16.49
C LYS B 110 11.81 11.46 15.30
N ASN B 111 12.85 10.78 14.85
CA ASN B 111 13.67 11.29 13.70
C ASN B 111 13.30 10.57 12.38
N ILE B 112 12.33 9.67 12.41
CA ILE B 112 11.90 8.96 11.16
C ILE B 112 10.41 9.29 10.95
N LEU B 113 10.10 9.98 9.88
CA LEU B 113 8.68 10.38 9.60
C LEU B 113 8.10 9.63 8.40
N VAL B 114 6.84 9.28 8.47
CA VAL B 114 6.16 8.56 7.33
C VAL B 114 4.89 9.32 6.95
N ILE B 115 4.55 9.29 5.69
CA ILE B 115 3.31 9.99 5.23
C ILE B 115 2.71 9.18 4.07
N GLY B 116 1.41 9.19 3.95
CA GLY B 116 0.73 8.42 2.85
C GLY B 116 -0.06 7.25 3.45
N PRO B 117 -0.87 6.60 2.60
CA PRO B 117 -1.02 6.96 1.16
C PRO B 117 -1.83 8.24 0.95
N VAL B 118 -1.30 9.13 0.13
CA VAL B 118 -2.00 10.41 -0.21
C VAL B 118 -2.11 10.44 -1.75
N PRO B 119 -3.10 11.12 -2.30
CA PRO B 119 -3.31 11.17 -3.76
C PRO B 119 -2.12 11.82 -4.49
N GLY B 120 -1.62 11.13 -5.49
CA GLY B 120 -0.43 11.60 -6.28
C GLY B 120 -0.70 12.90 -7.05
N GLN B 121 -1.90 13.08 -7.59
CA GLN B 121 -2.23 14.34 -8.38
C GLN B 121 -1.99 15.59 -7.52
N LYS B 122 -2.15 15.47 -6.22
CA LYS B 122 -1.97 16.62 -5.30
C LYS B 122 -0.61 16.61 -4.61
N TYR B 123 -0.12 15.46 -4.21
CA TYR B 123 1.17 15.45 -3.44
C TYR B 123 2.32 14.72 -4.16
N SER B 124 2.65 15.12 -5.38
CA SER B 124 3.84 14.50 -6.05
C SER B 124 5.07 15.03 -5.33
N GLU B 125 5.01 16.26 -4.87
CA GLU B 125 6.14 16.85 -4.08
C GLU B 125 5.59 17.12 -2.66
N ILE B 126 6.27 16.64 -1.63
CA ILE B 126 5.78 16.84 -0.22
C ILE B 126 6.79 17.67 0.57
N THR B 127 6.31 18.55 1.43
CA THR B 127 7.23 19.41 2.25
C THR B 127 7.17 18.96 3.71
N PHE B 128 8.27 18.44 4.22
CA PHE B 128 8.35 17.99 5.64
C PHE B 128 8.92 19.16 6.48
N PRO B 129 8.15 19.68 7.43
CA PRO B 129 8.63 20.77 8.32
C PRO B 129 9.51 20.16 9.42
N ILE B 130 10.81 20.34 9.32
CA ILE B 130 11.74 19.74 10.34
C ILE B 130 12.33 20.82 11.25
N LEU B 131 12.48 20.49 12.51
CA LEU B 131 13.08 21.46 13.48
C LEU B 131 14.52 21.03 13.75
N ALA B 132 15.47 21.89 13.47
CA ALA B 132 16.91 21.53 13.73
C ALA B 132 17.14 21.56 15.25
N PRO B 133 17.86 20.59 15.77
CA PRO B 133 18.16 20.49 17.22
C PRO B 133 19.19 21.53 17.66
N ASP B 134 19.41 21.63 18.94
CA ASP B 134 20.40 22.61 19.47
C ASP B 134 21.44 21.83 20.31
N PRO B 135 22.71 21.97 19.97
CA PRO B 135 23.81 21.28 20.68
C PRO B 135 23.97 21.80 22.13
N ALA B 136 23.62 23.05 22.36
CA ALA B 136 23.72 23.63 23.75
C ALA B 136 22.62 23.00 24.63
N THR B 137 21.60 22.43 24.02
CA THR B 137 20.49 21.77 24.80
C THR B 137 20.44 20.26 24.45
N ASN B 138 21.49 19.74 23.83
CA ASN B 138 21.55 18.27 23.48
C ASN B 138 23.04 17.88 23.37
N LYS B 139 23.54 17.11 24.31
CA LYS B 139 25.00 16.75 24.32
C LYS B 139 25.40 15.74 23.22
N ASP B 140 24.48 15.05 22.59
CA ASP B 140 24.87 14.08 21.52
C ASP B 140 24.69 14.72 20.13
N VAL B 141 24.13 15.92 20.07
CA VAL B 141 23.97 16.64 18.77
C VAL B 141 25.15 17.62 18.63
N HIS B 142 25.85 17.60 17.52
CA HIS B 142 27.03 18.53 17.34
C HIS B 142 26.92 19.28 16.00
N PHE B 143 27.74 20.30 15.82
CA PHE B 143 27.74 21.07 14.53
C PHE B 143 28.50 20.21 13.50
N LEU B 144 27.79 19.36 12.80
CA LEU B 144 28.44 18.43 11.81
C LEU B 144 27.62 18.35 10.53
N LYS B 145 28.11 17.55 9.59
CA LYS B 145 27.38 17.30 8.32
C LYS B 145 26.55 16.02 8.58
N TYR B 146 25.24 16.09 8.45
CA TYR B 146 24.38 14.91 8.75
C TYR B 146 23.73 14.37 7.46
N PRO B 147 23.67 13.05 7.36
CA PRO B 147 23.03 12.35 6.20
C PRO B 147 21.50 12.29 6.36
N ILE B 148 20.79 12.50 5.28
CA ILE B 148 19.30 12.42 5.31
C ILE B 148 18.87 11.42 4.23
N TYR B 149 18.10 10.40 4.61
CA TYR B 149 17.68 9.37 3.62
C TYR B 149 16.17 9.47 3.38
N VAL B 150 15.74 9.28 2.15
CA VAL B 150 14.29 9.37 1.83
C VAL B 150 13.84 8.18 0.95
N GLY B 151 12.65 7.70 1.17
CA GLY B 151 12.07 6.59 0.35
C GLY B 151 10.75 7.09 -0.23
N GLY B 152 10.61 7.14 -1.53
CA GLY B 152 9.35 7.65 -2.16
C GLY B 152 8.69 6.56 -3.00
N ASN B 153 7.41 6.35 -2.82
CA ASN B 153 6.70 5.28 -3.61
C ASN B 153 5.41 5.85 -4.24
N ARG B 154 5.08 5.36 -5.41
CA ARG B 154 3.83 5.79 -6.12
C ARG B 154 3.25 4.53 -6.79
N GLY B 155 2.00 4.22 -6.53
CA GLY B 155 1.38 3.00 -7.16
C GLY B 155 1.25 1.89 -6.11
N ARG B 156 0.46 0.87 -6.41
CA ARG B 156 0.25 -0.27 -5.45
C ARG B 156 1.44 -1.25 -5.50
N GLY B 157 1.76 -1.83 -4.36
CA GLY B 157 2.91 -2.79 -4.26
C GLY B 157 2.58 -4.11 -4.95
N GLN B 158 3.54 -5.03 -4.96
CA GLN B 158 3.31 -6.35 -5.63
C GLN B 158 3.12 -7.46 -4.61
N ILE B 159 3.75 -7.36 -3.44
CA ILE B 159 3.62 -8.45 -2.42
C ILE B 159 2.98 -7.91 -1.13
N TYR B 160 2.17 -8.71 -0.48
CA TYR B 160 1.52 -8.32 0.81
C TYR B 160 2.42 -8.80 1.98
N PRO B 161 2.12 -8.38 3.22
CA PRO B 161 2.93 -8.78 4.41
C PRO B 161 2.88 -10.29 4.72
N ASP B 162 2.00 -11.06 4.09
CA ASP B 162 1.98 -12.54 4.35
C ASP B 162 2.74 -13.26 3.21
N GLY B 163 3.19 -12.53 2.20
CA GLY B 163 3.96 -13.16 1.08
C GLY B 163 3.07 -13.38 -0.15
N SER B 164 1.79 -13.11 -0.03
CA SER B 164 0.85 -13.29 -1.19
C SER B 164 1.07 -12.21 -2.25
N LYS B 165 0.92 -12.57 -3.51
CA LYS B 165 1.10 -11.58 -4.62
C LYS B 165 -0.19 -10.74 -4.75
N SER B 166 -0.08 -9.55 -5.29
CA SER B 166 -1.29 -8.70 -5.52
C SER B 166 -1.65 -8.86 -7.01
N ASN B 167 -2.74 -8.27 -7.47
CA ASN B 167 -3.09 -8.39 -8.92
C ASN B 167 -2.33 -7.30 -9.72
N ASN B 168 -1.36 -6.64 -9.09
CA ASN B 168 -0.55 -5.59 -9.78
C ASN B 168 0.88 -6.12 -10.01
N THR B 169 0.99 -7.36 -10.46
CA THR B 169 2.32 -7.98 -10.74
C THR B 169 2.17 -9.02 -11.86
N VAL B 170 3.28 -9.57 -12.32
CA VAL B 170 3.21 -10.59 -13.42
C VAL B 170 2.82 -11.96 -12.82
N TYR B 171 1.95 -12.68 -13.49
CA TYR B 171 1.54 -14.04 -13.01
C TYR B 171 2.29 -15.06 -13.88
N ASN B 172 3.18 -15.81 -13.26
CA ASN B 172 4.01 -16.80 -14.01
C ASN B 172 3.41 -18.21 -13.94
N ALA B 173 3.70 -19.01 -14.95
CA ALA B 173 3.20 -20.41 -15.00
C ALA B 173 3.89 -21.24 -13.93
N THR B 174 3.13 -21.97 -13.16
CA THR B 174 3.72 -22.80 -12.07
C THR B 174 4.25 -24.14 -12.65
N ALA B 175 4.02 -24.39 -13.92
CA ALA B 175 4.50 -25.65 -14.54
C ALA B 175 4.73 -25.45 -16.05
N GLY B 176 5.68 -26.17 -16.62
CA GLY B 176 5.93 -26.05 -18.09
C GLY B 176 4.99 -27.04 -18.81
N GLY B 177 4.88 -26.96 -20.11
CA GLY B 177 3.96 -27.90 -20.85
C GLY B 177 3.17 -27.16 -21.92
N ILE B 178 1.98 -27.62 -22.21
CA ILE B 178 1.12 -26.97 -23.26
C ILE B 178 -0.23 -26.54 -22.63
N ILE B 179 -0.71 -25.36 -22.98
CA ILE B 179 -2.03 -24.88 -22.42
C ILE B 179 -3.15 -25.63 -23.15
N SER B 180 -3.85 -26.49 -22.45
CA SER B 180 -4.95 -27.27 -23.09
C SER B 180 -6.28 -26.52 -22.99
N LYS B 181 -6.39 -25.53 -22.11
CA LYS B 181 -7.69 -24.79 -21.96
C LYS B 181 -7.50 -23.47 -21.22
N ILE B 182 -8.22 -22.44 -21.64
CA ILE B 182 -8.17 -21.11 -20.95
C ILE B 182 -9.63 -20.72 -20.67
N LEU B 183 -10.08 -20.91 -19.45
CA LEU B 183 -11.50 -20.59 -19.11
C LEU B 183 -11.62 -19.11 -18.69
N ARG B 184 -12.19 -18.30 -19.56
CA ARG B 184 -12.39 -16.86 -19.22
C ARG B 184 -13.57 -16.79 -18.24
N LYS B 185 -13.30 -16.35 -17.04
CA LYS B 185 -14.36 -16.35 -15.97
C LYS B 185 -15.45 -15.28 -16.19
N GLU B 186 -16.63 -15.60 -15.72
CA GLU B 186 -17.86 -14.74 -15.84
C GLU B 186 -17.60 -13.27 -15.46
N LYS B 187 -17.13 -13.03 -14.26
CA LYS B 187 -16.93 -11.62 -13.80
C LYS B 187 -15.45 -11.16 -13.88
N GLY B 188 -14.66 -11.75 -14.75
CA GLY B 188 -13.23 -11.31 -14.88
C GLY B 188 -12.28 -12.37 -14.30
N GLY B 189 -11.06 -12.43 -14.78
CA GLY B 189 -10.06 -13.43 -14.28
C GLY B 189 -10.01 -14.62 -15.23
N TYR B 190 -9.02 -15.49 -15.09
CA TYR B 190 -8.91 -16.66 -16.01
C TYR B 190 -8.54 -17.95 -15.24
N GLU B 191 -8.78 -19.08 -15.87
CA GLU B 191 -8.42 -20.40 -15.29
C GLU B 191 -7.63 -21.15 -16.38
N ILE B 192 -6.32 -21.15 -16.27
CA ILE B 192 -5.48 -21.79 -17.33
C ILE B 192 -5.05 -23.21 -16.92
N THR B 193 -5.41 -24.17 -17.75
CA THR B 193 -5.03 -25.60 -17.49
C THR B 193 -3.75 -25.91 -18.29
N ILE B 194 -2.70 -26.30 -17.61
CA ILE B 194 -1.41 -26.64 -18.30
C ILE B 194 -1.19 -28.16 -18.19
N VAL B 195 -0.99 -28.82 -19.31
CA VAL B 195 -0.74 -30.29 -19.27
C VAL B 195 0.78 -30.51 -19.34
N ASP B 196 1.41 -30.71 -18.20
CA ASP B 196 2.89 -30.95 -18.18
C ASP B 196 3.14 -32.35 -18.75
N ALA B 197 3.26 -32.44 -20.07
CA ALA B 197 3.47 -33.76 -20.75
C ALA B 197 4.76 -34.44 -20.26
N SER B 198 5.74 -33.66 -19.82
CA SER B 198 7.02 -34.26 -19.34
C SER B 198 6.81 -34.96 -18.00
N ASN B 199 5.95 -34.42 -17.15
CA ASN B 199 5.71 -35.05 -15.81
C ASN B 199 4.34 -35.73 -15.77
N GLU B 200 3.62 -35.77 -16.88
CA GLU B 200 2.23 -36.39 -16.90
C GLU B 200 1.41 -35.78 -15.75
N ARG B 201 1.44 -34.47 -15.64
CA ARG B 201 0.73 -33.77 -14.53
C ARG B 201 -0.12 -32.62 -15.08
N GLN B 202 -1.31 -32.42 -14.53
CA GLN B 202 -2.20 -31.31 -15.00
C GLN B 202 -2.27 -30.25 -13.87
N VAL B 203 -1.96 -29.01 -14.18
CA VAL B 203 -2.01 -27.92 -13.13
C VAL B 203 -2.92 -26.79 -13.64
N ILE B 204 -3.62 -26.13 -12.75
CA ILE B 204 -4.50 -25.00 -13.19
C ILE B 204 -4.03 -23.70 -12.52
N ASP B 205 -3.49 -22.80 -13.29
CA ASP B 205 -3.02 -21.48 -12.75
C ASP B 205 -4.16 -20.47 -12.85
N ILE B 206 -4.55 -19.89 -11.75
CA ILE B 206 -5.67 -18.90 -11.76
C ILE B 206 -5.10 -17.47 -11.85
N ILE B 207 -5.65 -16.69 -12.75
CA ILE B 207 -5.19 -15.28 -12.94
C ILE B 207 -6.35 -14.34 -12.56
N PRO B 208 -6.05 -13.34 -11.74
CA PRO B 208 -7.06 -12.37 -11.27
C PRO B 208 -7.45 -11.35 -12.37
N ARG B 209 -8.53 -10.65 -12.15
CA ARG B 209 -9.03 -9.65 -13.14
C ARG B 209 -8.13 -8.40 -13.15
N GLY B 210 -8.20 -7.64 -14.22
CA GLY B 210 -7.35 -6.40 -14.35
C GLY B 210 -6.07 -6.76 -15.11
N LEU B 211 -5.89 -8.04 -15.40
CA LEU B 211 -4.67 -8.52 -16.12
C LEU B 211 -5.08 -9.13 -17.48
N GLU B 212 -4.29 -8.93 -18.50
CA GLU B 212 -4.60 -9.51 -19.84
C GLU B 212 -3.57 -10.61 -20.13
N LEU B 213 -4.01 -11.70 -20.70
CA LEU B 213 -3.11 -12.87 -20.98
C LEU B 213 -2.18 -12.61 -22.18
N LEU B 214 -1.03 -13.25 -22.16
CA LEU B 214 -0.05 -13.16 -23.28
C LEU B 214 0.03 -14.53 -23.96
N VAL B 215 -0.77 -15.49 -23.51
CA VAL B 215 -0.70 -16.88 -24.08
C VAL B 215 -2.02 -17.30 -24.74
N SER B 216 -1.96 -18.28 -25.61
CA SER B 216 -3.18 -18.79 -26.31
C SER B 216 -3.29 -20.30 -26.09
N GLU B 217 -4.45 -20.89 -26.34
CA GLU B 217 -4.61 -22.37 -26.14
C GLU B 217 -3.73 -23.11 -27.15
N GLY B 218 -3.08 -24.17 -26.72
CA GLY B 218 -2.19 -24.96 -27.63
C GLY B 218 -0.76 -24.41 -27.64
N GLU B 219 -0.47 -23.37 -26.88
CA GLU B 219 0.91 -22.81 -26.85
C GLU B 219 1.76 -23.56 -25.81
N SER B 220 3.03 -23.74 -26.11
CA SER B 220 3.94 -24.43 -25.14
C SER B 220 4.50 -23.39 -24.17
N ILE B 221 4.32 -23.60 -22.88
CA ILE B 221 4.82 -22.63 -21.85
C ILE B 221 5.95 -23.26 -21.04
N LYS B 222 6.90 -22.46 -20.59
CA LYS B 222 8.03 -22.99 -19.76
C LYS B 222 7.71 -22.69 -18.28
N LEU B 223 8.40 -23.31 -17.35
CA LEU B 223 8.13 -23.03 -15.89
C LEU B 223 8.51 -21.57 -15.58
N ASP B 224 7.63 -20.87 -14.87
CA ASP B 224 7.88 -19.44 -14.49
C ASP B 224 7.78 -18.51 -15.72
N GLN B 225 7.26 -18.99 -16.83
CA GLN B 225 7.09 -18.10 -18.02
C GLN B 225 5.89 -17.17 -17.73
N PRO B 226 6.05 -15.88 -17.99
CA PRO B 226 4.98 -14.88 -17.74
C PRO B 226 3.74 -15.13 -18.60
N LEU B 227 2.63 -15.42 -17.95
CA LEU B 227 1.35 -15.70 -18.66
C LEU B 227 0.56 -14.40 -18.87
N THR B 228 0.90 -13.34 -18.18
CA THR B 228 0.14 -12.05 -18.32
C THR B 228 1.11 -10.88 -18.51
N SER B 229 0.57 -9.73 -18.83
CA SER B 229 1.42 -8.51 -19.01
C SER B 229 1.77 -7.94 -17.62
N ASN B 230 2.80 -7.11 -17.52
CA ASN B 230 3.16 -6.48 -16.20
C ASN B 230 2.31 -5.19 -16.06
N PRO B 231 1.30 -5.22 -15.21
CA PRO B 231 0.37 -4.08 -15.02
C PRO B 231 0.91 -3.01 -14.05
N ASN B 232 2.13 -3.13 -13.61
CA ASN B 232 2.69 -2.14 -12.63
C ASN B 232 3.21 -0.90 -13.38
N VAL B 233 2.64 0.25 -13.07
CA VAL B 233 3.08 1.52 -13.71
C VAL B 233 3.72 2.42 -12.63
N GLY B 234 3.77 1.95 -11.39
CA GLY B 234 4.37 2.75 -10.29
C GLY B 234 5.80 2.25 -10.00
N GLY B 235 6.32 2.59 -8.85
CA GLY B 235 7.71 2.16 -8.50
C GLY B 235 8.20 2.83 -7.21
N PHE B 236 9.28 2.32 -6.66
CA PHE B 236 9.86 2.89 -5.41
C PHE B 236 11.29 3.38 -5.70
N GLY B 237 11.66 4.49 -5.11
CA GLY B 237 13.02 5.04 -5.33
C GLY B 237 13.54 5.65 -4.04
N GLN B 238 14.83 5.75 -3.90
CA GLN B 238 15.42 6.35 -2.67
C GLN B 238 16.54 7.32 -3.03
N GLY B 239 16.69 8.34 -2.23
CA GLY B 239 17.77 9.36 -2.46
C GLY B 239 18.33 9.77 -1.10
N ASP B 240 19.38 10.56 -1.09
CA ASP B 240 19.98 11.01 0.20
C ASP B 240 20.50 12.44 0.07
N ALA B 241 20.54 13.14 1.17
CA ALA B 241 21.02 14.55 1.16
C ALA B 241 21.97 14.74 2.36
N GLU B 242 22.72 15.81 2.34
CA GLU B 242 23.66 16.08 3.47
C GLU B 242 23.36 17.49 3.99
N ILE B 243 23.08 17.61 5.27
CA ILE B 243 22.78 18.95 5.85
C ILE B 243 23.88 19.32 6.86
N VAL B 244 24.24 20.58 6.92
CA VAL B 244 25.31 21.02 7.86
C VAL B 244 24.68 21.78 9.05
N LEU B 245 24.63 21.16 10.22
CA LEU B 245 24.12 21.89 11.42
C LEU B 245 25.18 22.96 11.68
N GLN B 246 24.85 24.20 11.38
CA GLN B 246 25.87 25.29 11.47
C GLN B 246 25.91 26.00 12.81
N ASP B 247 27.11 26.36 13.21
CA ASP B 247 27.34 27.14 14.45
C ASP B 247 26.94 28.60 14.09
N PRO B 248 26.17 29.27 14.94
CA PRO B 248 25.74 30.66 14.66
C PRO B 248 26.92 31.64 14.69
N LEU B 249 28.11 31.16 15.00
CA LEU B 249 29.34 32.02 14.98
C LEU B 249 30.19 31.53 13.78
N ARG B 250 31.49 31.33 13.96
CA ARG B 250 32.36 30.81 12.83
C ARG B 250 33.77 30.55 13.37
N ILE A 1 -24.27 -10.77 14.25
CA ILE A 1 -22.87 -10.56 14.75
C ILE A 1 -22.33 -9.25 14.22
N ASP A 2 -21.58 -8.52 15.02
CA ASP A 2 -21.01 -7.24 14.52
C ASP A 2 -19.54 -7.45 14.18
N VAL A 3 -19.09 -6.94 13.04
CA VAL A 3 -17.66 -7.09 12.64
C VAL A 3 -17.13 -5.69 12.35
N LEU A 4 -16.03 -5.29 12.98
CA LEU A 4 -15.47 -3.93 12.77
C LEU A 4 -14.57 -3.89 11.56
N LEU A 5 -14.70 -2.87 10.75
CA LEU A 5 -13.81 -2.77 9.58
C LEU A 5 -12.66 -1.88 10.02
N GLY A 6 -11.51 -2.45 10.32
CA GLY A 6 -10.41 -1.61 10.82
C GLY A 6 -10.36 -1.77 12.35
N ALA A 7 -9.25 -2.19 12.90
CA ALA A 7 -9.20 -2.41 14.38
C ALA A 7 -9.16 -1.06 15.14
N ASP A 8 -9.38 -1.07 16.45
CA ASP A 8 -9.34 0.23 17.24
C ASP A 8 -7.91 0.86 17.25
N ASP A 9 -6.87 0.13 16.85
CA ASP A 9 -5.49 0.72 16.79
C ASP A 9 -5.22 1.12 15.32
N GLY A 10 -6.26 1.12 14.47
CA GLY A 10 -6.08 1.53 13.04
C GLY A 10 -5.57 0.35 12.20
N SER A 11 -5.50 -0.86 12.73
CA SER A 11 -4.97 -2.01 11.92
C SER A 11 -5.94 -2.30 10.74
N LEU A 12 -5.44 -2.68 9.58
CA LEU A 12 -6.37 -2.98 8.46
C LEU A 12 -6.84 -4.45 8.61
N ALA A 13 -7.88 -4.68 9.41
CA ALA A 13 -8.35 -6.10 9.63
C ALA A 13 -9.82 -6.16 9.99
N PHE A 14 -10.45 -7.30 9.75
CA PHE A 14 -11.87 -7.44 10.13
C PHE A 14 -11.89 -7.91 11.57
N VAL A 15 -12.73 -7.40 12.44
CA VAL A 15 -12.63 -7.89 13.84
C VAL A 15 -14.02 -8.28 14.37
N PRO A 16 -14.27 -9.56 14.52
CA PRO A 16 -13.31 -10.66 14.19
C PRO A 16 -13.20 -10.91 12.65
N SER A 17 -12.20 -11.67 12.21
CA SER A 17 -12.03 -11.98 10.75
C SER A 17 -12.48 -13.44 10.46
N GLU A 18 -12.48 -14.30 11.45
CA GLU A 18 -12.96 -15.71 11.22
C GLU A 18 -13.99 -15.99 12.26
N PHE A 19 -15.17 -16.35 11.83
CA PHE A 19 -16.27 -16.61 12.80
C PHE A 19 -17.31 -17.54 12.21
N SER A 20 -18.21 -18.05 13.02
CA SER A 20 -19.26 -18.94 12.48
C SER A 20 -20.63 -18.34 12.79
N ILE A 21 -21.61 -18.60 11.95
CA ILE A 21 -22.97 -18.04 12.22
C ILE A 21 -24.02 -19.06 11.85
N SER A 22 -25.23 -18.90 12.33
CA SER A 22 -26.27 -19.86 11.93
C SER A 22 -26.91 -19.28 10.65
N PRO A 23 -27.65 -20.07 9.92
CA PRO A 23 -28.30 -19.58 8.68
C PRO A 23 -29.35 -18.46 8.92
N GLY A 24 -29.34 -17.40 8.08
CA GLY A 24 -30.32 -16.27 8.28
C GLY A 24 -29.75 -15.31 9.34
N GLU A 25 -28.68 -15.66 10.04
CA GLU A 25 -28.20 -14.73 11.11
C GLU A 25 -27.64 -13.48 10.42
N LYS A 26 -27.84 -12.29 10.95
CA LYS A 26 -27.32 -11.11 10.21
C LYS A 26 -25.88 -10.74 10.62
N ILE A 27 -25.08 -10.27 9.66
CA ILE A 27 -23.69 -9.83 9.97
C ILE A 27 -23.64 -8.33 9.73
N VAL A 28 -23.30 -7.55 10.74
CA VAL A 28 -23.28 -6.09 10.51
C VAL A 28 -21.84 -5.63 10.44
N PHE A 29 -21.41 -5.29 9.25
CA PHE A 29 -20.03 -4.82 9.07
C PHE A 29 -20.09 -3.32 9.33
N LYS A 30 -19.30 -2.80 10.26
CA LYS A 30 -19.38 -1.35 10.53
C LYS A 30 -18.03 -0.66 10.34
N ASN A 31 -18.00 0.42 9.60
CA ASN A 31 -16.74 1.18 9.38
C ASN A 31 -16.23 1.66 10.76
N ASN A 32 -15.01 1.29 11.13
CA ASN A 32 -14.45 1.67 12.45
C ASN A 32 -13.17 2.51 12.27
N ALA A 33 -12.19 2.03 11.52
CA ALA A 33 -10.93 2.82 11.35
C ALA A 33 -10.16 2.44 10.07
N GLY A 34 -9.41 3.39 9.49
CA GLY A 34 -8.62 3.12 8.24
C GLY A 34 -9.55 3.09 7.00
N PHE A 35 -10.78 3.59 7.10
CA PHE A 35 -11.68 3.58 5.88
C PHE A 35 -11.11 4.60 4.83
N PRO A 36 -11.66 4.63 3.61
CA PRO A 36 -12.82 3.81 3.15
C PRO A 36 -12.53 2.29 3.11
N HIS A 37 -13.59 1.50 3.25
CA HIS A 37 -13.51 0.00 3.23
C HIS A 37 -14.76 -0.54 2.54
N ASN A 38 -14.73 -1.78 2.15
CA ASN A 38 -15.93 -2.40 1.51
C ASN A 38 -15.86 -3.88 1.80
N ILE A 39 -16.91 -4.59 1.51
CA ILE A 39 -16.88 -6.03 1.77
C ILE A 39 -17.24 -6.75 0.47
N VAL A 40 -16.34 -7.57 -0.06
CA VAL A 40 -16.64 -8.29 -1.33
C VAL A 40 -16.51 -9.79 -1.07
N PHE A 41 -17.47 -10.59 -1.48
CA PHE A 41 -17.33 -12.05 -1.26
C PHE A 41 -16.64 -12.67 -2.45
N ASP A 42 -15.71 -13.57 -2.22
CA ASP A 42 -15.02 -14.15 -3.38
C ASP A 42 -15.98 -15.09 -4.13
N GLU A 43 -16.31 -14.75 -5.36
CA GLU A 43 -17.26 -15.60 -6.18
C GLU A 43 -16.71 -17.05 -6.31
N ASP A 44 -15.40 -17.22 -6.29
CA ASP A 44 -14.81 -18.61 -6.43
C ASP A 44 -14.55 -19.24 -5.05
N SER A 45 -14.95 -18.60 -3.97
CA SER A 45 -14.69 -19.19 -2.64
C SER A 45 -15.96 -19.11 -1.75
N ILE A 46 -17.12 -19.40 -2.31
CA ILE A 46 -18.38 -19.41 -1.50
C ILE A 46 -19.11 -20.69 -1.92
N PRO A 47 -20.11 -21.12 -1.16
CA PRO A 47 -20.84 -22.35 -1.50
C PRO A 47 -21.43 -22.30 -2.92
N SER A 48 -21.40 -23.43 -3.60
CA SER A 48 -21.90 -23.56 -5.02
C SER A 48 -23.36 -23.11 -5.21
N GLY A 49 -23.61 -22.36 -6.28
CA GLY A 49 -24.99 -21.87 -6.59
C GLY A 49 -25.25 -20.50 -5.93
N VAL A 50 -24.38 -20.02 -5.04
CA VAL A 50 -24.70 -18.73 -4.34
C VAL A 50 -24.39 -17.53 -5.23
N ASP A 51 -25.30 -16.60 -5.33
CA ASP A 51 -25.02 -15.42 -6.17
C ASP A 51 -24.22 -14.41 -5.31
N ALA A 52 -22.96 -14.15 -5.64
CA ALA A 52 -22.14 -13.18 -4.83
C ALA A 52 -22.66 -11.74 -4.94
N SER A 53 -23.35 -11.40 -6.01
CA SER A 53 -23.91 -10.00 -6.16
C SER A 53 -25.03 -9.76 -5.10
N LYS A 54 -25.68 -10.80 -4.62
CA LYS A 54 -26.79 -10.62 -3.60
C LYS A 54 -26.25 -10.43 -2.17
N ILE A 55 -25.00 -10.78 -1.91
CA ILE A 55 -24.44 -10.66 -0.52
C ILE A 55 -23.18 -9.75 -0.45
N SER A 56 -22.75 -9.13 -1.54
CA SER A 56 -21.52 -8.28 -1.47
C SER A 56 -21.72 -6.90 -2.04
N MET A 57 -20.79 -6.01 -1.71
CA MET A 57 -20.83 -4.65 -2.24
C MET A 57 -20.13 -4.67 -3.57
N SER A 58 -20.34 -3.68 -4.40
CA SER A 58 -19.61 -3.71 -5.68
C SER A 58 -18.15 -3.40 -5.40
N GLU A 59 -17.24 -3.86 -6.21
CA GLU A 59 -15.81 -3.57 -5.92
C GLU A 59 -15.54 -2.05 -5.94
N GLU A 60 -16.35 -1.34 -6.71
CA GLU A 60 -16.26 0.16 -6.87
C GLU A 60 -17.09 0.89 -5.78
N ASP A 61 -17.82 0.18 -4.93
CA ASP A 61 -18.62 0.87 -3.85
C ASP A 61 -17.77 0.96 -2.57
N LEU A 62 -17.93 2.03 -1.80
CA LEU A 62 -17.11 2.17 -0.56
C LEU A 62 -17.92 2.77 0.57
N LEU A 63 -17.56 2.37 1.76
CA LEU A 63 -18.14 2.94 2.99
C LEU A 63 -17.04 3.91 3.41
N ASN A 64 -17.23 5.20 3.32
CA ASN A 64 -16.09 6.09 3.61
C ASN A 64 -16.28 6.97 4.86
N ALA A 65 -17.26 6.72 5.71
CA ALA A 65 -17.42 7.57 6.95
C ALA A 65 -17.52 6.65 8.14
N LYS A 66 -17.00 7.08 9.27
CA LYS A 66 -17.04 6.22 10.50
C LYS A 66 -18.48 5.87 10.92
N GLY A 67 -18.77 4.60 11.22
CA GLY A 67 -20.15 4.22 11.64
C GLY A 67 -20.95 3.67 10.43
N GLU A 68 -20.50 3.90 9.18
CA GLU A 68 -21.34 3.40 8.03
C GLU A 68 -21.41 1.88 8.12
N THR A 69 -22.54 1.27 7.80
CA THR A 69 -22.62 -0.22 7.93
C THR A 69 -23.14 -0.91 6.67
N PHE A 70 -22.80 -2.17 6.55
CA PHE A 70 -23.30 -3.02 5.44
C PHE A 70 -23.78 -4.29 6.12
N GLU A 71 -25.02 -4.63 5.96
CA GLU A 71 -25.54 -5.82 6.64
C GLU A 71 -25.91 -6.90 5.64
N VAL A 72 -25.66 -8.14 6.01
CA VAL A 72 -26.00 -9.27 5.11
C VAL A 72 -26.35 -10.52 5.91
N ALA A 73 -27.29 -11.28 5.40
CA ALA A 73 -27.67 -12.54 6.08
C ALA A 73 -27.35 -13.69 5.12
N LEU A 74 -26.67 -14.71 5.58
CA LEU A 74 -26.34 -15.84 4.67
C LEU A 74 -27.21 -17.04 5.03
N SER A 75 -27.67 -17.81 4.07
CA SER A 75 -28.53 -18.97 4.44
C SER A 75 -27.88 -20.30 4.03
N ASN A 76 -27.25 -20.35 2.87
CA ASN A 76 -26.59 -21.63 2.43
C ASN A 76 -25.42 -21.97 3.34
N LYS A 77 -25.33 -23.20 3.76
CA LYS A 77 -24.23 -23.58 4.69
C LYS A 77 -22.91 -23.77 3.94
N GLY A 78 -21.80 -23.60 4.61
CA GLY A 78 -20.50 -23.79 3.91
C GLY A 78 -19.55 -22.67 4.29
N GLU A 79 -18.41 -22.59 3.67
CA GLU A 79 -17.46 -21.51 4.04
C GLU A 79 -17.56 -20.35 3.03
N TYR A 80 -17.47 -19.10 3.49
CA TYR A 80 -17.54 -17.93 2.56
C TYR A 80 -16.26 -17.12 2.74
N SER A 81 -15.48 -16.90 1.70
CA SER A 81 -14.25 -16.08 1.88
C SER A 81 -14.58 -14.66 1.42
N PHE A 82 -14.20 -13.65 2.17
CA PHE A 82 -14.53 -12.26 1.74
C PHE A 82 -13.30 -11.37 1.92
N TYR A 83 -13.31 -10.19 1.37
CA TYR A 83 -12.13 -9.30 1.51
C TYR A 83 -12.49 -7.86 1.28
N CYS A 84 -11.61 -6.98 1.67
CA CYS A 84 -11.86 -5.57 1.37
C CYS A 84 -11.11 -5.35 0.06
N SER A 85 -11.74 -4.84 -0.97
CA SER A 85 -11.02 -4.74 -2.27
C SER A 85 -9.74 -3.84 -2.21
N PRO A 86 -9.80 -2.58 -1.72
CA PRO A 86 -8.59 -1.66 -1.68
C PRO A 86 -7.52 -2.10 -0.68
N HIS A 87 -7.87 -2.96 0.28
CA HIS A 87 -6.86 -3.42 1.30
C HIS A 87 -6.71 -4.97 1.29
N GLN A 88 -7.12 -5.66 0.24
CA GLN A 88 -6.93 -7.17 0.18
C GLN A 88 -5.42 -7.48 0.23
N GLY A 89 -4.61 -6.74 -0.49
CA GLY A 89 -3.13 -6.99 -0.42
C GLY A 89 -2.62 -6.70 1.00
N ALA A 90 -3.24 -5.80 1.74
CA ALA A 90 -2.72 -5.51 3.12
C ALA A 90 -3.04 -6.66 4.10
N GLY A 91 -3.84 -7.60 3.66
CA GLY A 91 -4.22 -8.76 4.52
C GLY A 91 -5.63 -8.54 5.07
N MET A 92 -6.36 -7.53 4.60
CA MET A 92 -7.72 -7.34 5.17
C MET A 92 -8.63 -8.39 4.51
N VAL A 93 -8.65 -9.59 5.05
CA VAL A 93 -9.47 -10.66 4.45
C VAL A 93 -10.17 -11.39 5.60
N GLY A 94 -11.17 -12.19 5.34
CA GLY A 94 -11.82 -12.92 6.46
C GLY A 94 -12.57 -14.14 5.91
N LYS A 95 -13.12 -14.98 6.75
CA LYS A 95 -13.86 -16.17 6.24
C LYS A 95 -14.96 -16.49 7.23
N VAL A 96 -16.18 -16.66 6.76
CA VAL A 96 -17.28 -16.97 7.71
C VAL A 96 -17.84 -18.35 7.40
N THR A 97 -18.19 -19.11 8.40
CA THR A 97 -18.74 -20.45 8.11
C THR A 97 -20.22 -20.50 8.51
N VAL A 98 -21.11 -20.88 7.63
CA VAL A 98 -22.53 -20.96 8.04
C VAL A 98 -22.78 -22.43 8.43
N ASN A 99 -23.08 -22.69 9.69
CA ASN A 99 -23.26 -24.10 10.10
C ASN A 99 -24.61 -24.31 10.79
N TYR B 1 2.06 -0.09 1.94
CA TYR B 1 1.68 1.09 2.69
C TYR B 1 2.75 1.36 3.74
N PRO B 2 2.92 2.62 4.13
CA PRO B 2 3.91 2.97 5.17
C PRO B 2 3.60 2.23 6.49
N ILE B 3 2.35 1.84 6.72
CA ILE B 3 1.98 1.08 7.97
C ILE B 3 2.54 -0.36 7.90
N PHE B 4 2.66 -0.96 6.70
CA PHE B 4 3.17 -2.39 6.59
C PHE B 4 4.65 -2.47 6.96
N ALA B 5 5.41 -1.43 6.65
CA ALA B 5 6.86 -1.41 7.02
C ALA B 5 6.97 -1.11 8.53
N GLN B 6 6.19 -0.15 9.01
CA GLN B 6 6.20 0.22 10.48
C GLN B 6 5.76 -1.00 11.31
N GLN B 7 4.69 -1.65 10.89
CA GLN B 7 4.16 -2.83 11.66
C GLN B 7 5.18 -3.99 11.77
N ASN B 8 6.10 -4.23 10.83
CA ASN B 8 7.00 -5.44 11.00
C ASN B 8 8.50 -5.18 10.58
N TYR B 9 8.94 -3.94 10.65
CA TYR B 9 10.40 -3.57 10.39
C TYR B 9 10.69 -2.51 11.44
N GLU B 10 11.53 -2.85 12.39
CA GLU B 10 11.79 -1.90 13.51
C GLU B 10 12.52 -0.65 12.98
N ASN B 11 13.44 -0.84 12.08
CA ASN B 11 14.16 0.30 11.45
C ASN B 11 13.88 0.15 9.94
N PRO B 12 13.57 1.24 9.26
CA PRO B 12 13.20 1.19 7.83
C PRO B 12 14.43 1.06 6.92
N ARG B 13 15.64 1.34 7.39
CA ARG B 13 16.83 1.21 6.46
C ARG B 13 17.60 -0.09 6.76
N GLU B 14 17.82 -0.92 5.75
CA GLU B 14 18.53 -2.21 6.01
C GLU B 14 20.06 -1.99 5.93
N ALA B 15 20.85 -2.95 6.36
CA ALA B 15 22.33 -2.82 6.33
C ALA B 15 22.84 -2.57 4.88
N THR B 16 22.10 -3.00 3.86
CA THR B 16 22.55 -2.78 2.43
C THR B 16 22.30 -1.32 2.04
N GLY B 17 21.51 -0.62 2.83
CA GLY B 17 21.21 0.81 2.56
C GLY B 17 19.89 0.92 1.81
N ARG B 18 19.21 -0.19 1.65
CA ARG B 18 17.90 -0.20 0.94
C ARG B 18 16.77 -0.01 1.93
N ILE B 19 15.80 0.80 1.58
CA ILE B 19 14.66 1.01 2.49
C ILE B 19 13.67 -0.19 2.32
N VAL B 20 13.13 -0.66 3.41
CA VAL B 20 12.20 -1.85 3.39
C VAL B 20 10.99 -1.71 2.43
N CYS B 21 10.64 -0.56 1.86
CA CYS B 21 9.44 -0.57 0.92
C CYS B 21 9.80 -1.33 -0.36
N ALA B 22 11.07 -1.36 -0.67
CA ALA B 22 11.57 -2.07 -1.89
C ALA B 22 11.35 -3.60 -1.75
N ASN B 23 10.93 -4.09 -0.58
CA ASN B 23 10.68 -5.57 -0.41
C ASN B 23 9.32 -5.93 -1.09
N CYS B 24 8.36 -4.98 -1.15
CA CYS B 24 7.00 -5.23 -1.84
C CYS B 24 6.84 -4.27 -2.99
N HIS B 25 7.44 -3.12 -2.90
CA HIS B 25 7.38 -2.18 -4.03
C HIS B 25 8.61 -2.55 -4.91
N LEU B 26 8.41 -3.42 -5.88
CA LEU B 26 9.55 -3.94 -6.69
C LEU B 26 9.98 -3.06 -7.89
N ALA B 27 9.18 -2.12 -8.40
CA ALA B 27 9.69 -1.34 -9.60
C ALA B 27 10.51 -0.12 -9.14
N SER B 28 11.61 0.18 -9.83
CA SER B 28 12.44 1.34 -9.41
C SER B 28 12.01 2.58 -10.18
N LYS B 29 11.82 3.65 -9.48
CA LYS B 29 11.44 4.93 -10.11
C LYS B 29 12.19 6.02 -9.30
N PRO B 30 12.52 7.12 -9.94
CA PRO B 30 13.30 8.18 -9.29
C PRO B 30 12.56 9.02 -8.23
N VAL B 31 13.32 9.31 -7.19
CA VAL B 31 12.87 10.15 -6.06
C VAL B 31 13.89 11.29 -5.91
N ASP B 32 13.44 12.46 -5.53
CA ASP B 32 14.38 13.59 -5.38
C ASP B 32 14.14 14.28 -4.03
N ILE B 33 15.14 14.95 -3.50
CA ILE B 33 14.96 15.64 -2.18
C ILE B 33 15.80 16.91 -2.12
N GLU B 34 15.15 18.04 -1.93
CA GLU B 34 15.91 19.30 -1.80
C GLU B 34 15.90 19.73 -0.33
N VAL B 35 17.05 20.02 0.17
CA VAL B 35 17.18 20.42 1.60
C VAL B 35 18.18 21.58 1.62
N PRO B 36 18.02 22.54 2.52
CA PRO B 36 18.97 23.65 2.57
C PRO B 36 20.38 23.14 2.86
N GLN B 37 21.38 23.78 2.29
CA GLN B 37 22.81 23.35 2.48
C GLN B 37 23.20 23.36 3.96
N ALA B 38 22.73 24.34 4.68
CA ALA B 38 23.08 24.42 6.11
C ALA B 38 21.91 25.01 6.89
N VAL B 39 21.82 24.70 8.17
CA VAL B 39 20.71 25.25 8.99
C VAL B 39 21.25 25.64 10.36
N LEU B 40 20.55 26.51 11.06
CA LEU B 40 21.01 26.95 12.40
C LEU B 40 20.23 26.21 13.49
N PRO B 41 20.83 26.11 14.67
CA PRO B 41 20.17 25.44 15.82
C PRO B 41 18.78 26.00 16.12
N ASP B 42 17.87 25.08 16.47
CA ASP B 42 16.42 25.40 16.80
C ASP B 42 15.75 26.29 15.74
N THR B 43 15.88 25.95 14.48
CA THR B 43 15.20 26.72 13.38
C THR B 43 14.42 25.75 12.53
N VAL B 44 13.30 26.17 11.99
CA VAL B 44 12.52 25.25 11.15
C VAL B 44 12.99 25.34 9.70
N PHE B 45 13.07 24.21 9.06
CA PHE B 45 13.47 24.19 7.64
C PHE B 45 12.58 23.22 6.91
N GLU B 46 12.59 23.25 5.62
CA GLU B 46 11.71 22.32 4.88
C GLU B 46 12.52 21.32 4.07
N ALA B 47 12.04 20.10 4.10
CA ALA B 47 12.68 19.02 3.29
C ALA B 47 11.69 18.67 2.22
N VAL B 48 11.99 18.99 0.99
CA VAL B 48 10.97 18.71 -0.04
C VAL B 48 11.29 17.44 -0.81
N VAL B 49 10.39 16.50 -0.78
CA VAL B 49 10.64 15.23 -1.49
C VAL B 49 9.83 15.20 -2.78
N LYS B 50 10.45 14.79 -3.87
CA LYS B 50 9.71 14.72 -5.15
C LYS B 50 9.58 13.26 -5.59
N ILE B 51 8.36 12.84 -5.85
CA ILE B 51 8.06 11.46 -6.31
C ILE B 51 7.32 11.64 -7.65
N PRO B 52 8.09 11.95 -8.70
CA PRO B 52 7.51 12.27 -10.03
C PRO B 52 7.15 11.03 -10.86
N TYR B 53 6.07 11.16 -11.63
CA TYR B 53 5.59 10.06 -12.53
C TYR B 53 4.69 10.65 -13.61
N ASP B 54 4.58 10.01 -14.75
CA ASP B 54 3.66 10.56 -15.79
C ASP B 54 2.22 10.46 -15.21
N MET B 55 1.49 11.57 -15.12
CA MET B 55 0.12 11.54 -14.47
C MET B 55 -1.02 11.03 -15.38
N GLN B 56 -0.76 10.57 -16.60
CA GLN B 56 -1.88 10.01 -17.45
C GLN B 56 -1.90 8.50 -17.23
N LEU B 57 -1.00 8.03 -16.38
CA LEU B 57 -0.87 6.58 -16.08
C LEU B 57 -1.98 6.09 -15.17
N LYS B 58 -2.57 4.97 -15.50
CA LYS B 58 -3.65 4.40 -14.67
C LYS B 58 -3.19 3.02 -14.22
N GLN B 59 -3.21 2.75 -12.94
CA GLN B 59 -2.75 1.42 -12.43
C GLN B 59 -3.95 0.49 -12.23
N VAL B 60 -3.70 -0.76 -11.94
CA VAL B 60 -4.83 -1.71 -11.72
C VAL B 60 -5.24 -1.64 -10.24
N LEU B 61 -6.41 -1.15 -9.94
CA LEU B 61 -6.81 -1.07 -8.53
C LEU B 61 -7.03 -2.50 -7.96
N ALA B 62 -7.12 -2.63 -6.67
CA ALA B 62 -7.33 -3.97 -6.02
C ALA B 62 -8.61 -4.67 -6.52
N ASN B 63 -9.45 -4.04 -7.30
CA ASN B 63 -10.71 -4.77 -7.74
C ASN B 63 -10.75 -4.99 -9.29
N GLY B 64 -9.61 -4.86 -9.98
CA GLY B 64 -9.58 -5.07 -11.48
C GLY B 64 -9.75 -3.72 -12.21
N LYS B 65 -10.47 -2.76 -11.64
CA LYS B 65 -10.66 -1.44 -12.34
C LYS B 65 -9.34 -0.66 -12.38
N LYS B 66 -9.22 0.28 -13.30
CA LYS B 66 -7.97 1.08 -13.42
C LYS B 66 -8.18 2.45 -12.77
N GLY B 67 -7.20 2.96 -12.07
CA GLY B 67 -7.39 4.29 -11.41
C GLY B 67 -6.06 5.04 -11.25
N ALA B 68 -6.11 6.16 -10.54
CA ALA B 68 -4.89 7.00 -10.33
C ALA B 68 -4.00 6.40 -9.23
N LEU B 69 -2.78 6.88 -9.11
CA LEU B 69 -1.80 6.35 -8.11
C LEU B 69 -1.76 7.20 -6.85
N ASN B 70 -1.31 6.59 -5.77
CA ASN B 70 -1.20 7.35 -4.49
C ASN B 70 0.29 7.42 -4.11
N VAL B 71 0.68 8.40 -3.36
CA VAL B 71 2.12 8.50 -3.02
C VAL B 71 2.32 8.33 -1.50
N GLY B 72 3.52 7.97 -1.12
CA GLY B 72 3.85 7.81 0.33
C GLY B 72 5.36 7.94 0.48
N ALA B 73 5.85 8.30 1.64
CA ALA B 73 7.32 8.44 1.77
C ALA B 73 7.79 8.21 3.18
N VAL B 74 9.05 7.91 3.33
CA VAL B 74 9.63 7.72 4.68
C VAL B 74 10.87 8.58 4.79
N LEU B 75 10.92 9.48 5.74
CA LEU B 75 12.12 10.35 5.81
C LEU B 75 12.98 9.93 7.00
N ILE B 76 14.23 9.63 6.77
CA ILE B 76 15.10 9.21 7.90
C ILE B 76 16.04 10.38 8.24
N LEU B 77 15.82 11.00 9.37
CA LEU B 77 16.66 12.16 9.80
C LEU B 77 17.62 11.72 10.91
N PRO B 78 18.67 12.51 11.13
CA PRO B 78 19.65 12.21 12.21
C PRO B 78 18.96 12.34 13.56
N GLU B 79 19.49 11.71 14.59
CA GLU B 79 18.82 11.78 15.93
C GLU B 79 18.85 13.22 16.48
N GLY B 80 17.75 13.71 17.03
CA GLY B 80 17.74 15.12 17.50
C GLY B 80 16.78 15.91 16.61
N PHE B 81 16.81 15.62 15.30
CA PHE B 81 15.89 16.31 14.34
C PHE B 81 14.49 15.70 14.47
N GLU B 82 13.46 16.50 14.40
CA GLU B 82 12.07 15.95 14.54
C GLU B 82 11.07 16.84 13.82
N LEU B 83 9.84 16.39 13.72
CA LEU B 83 8.81 17.19 13.02
C LEU B 83 8.60 18.52 13.76
N ALA B 84 8.63 19.62 13.01
CA ALA B 84 8.43 20.96 13.65
C ALA B 84 7.01 21.04 14.26
N PRO B 85 6.90 21.61 15.45
CA PRO B 85 5.60 21.75 16.14
C PRO B 85 4.74 22.79 15.37
N PRO B 86 3.43 22.74 15.53
CA PRO B 86 2.47 23.65 14.82
C PRO B 86 2.69 25.14 15.14
N ASP B 87 3.02 25.48 16.38
CA ASP B 87 3.27 26.94 16.73
C ASP B 87 4.53 27.47 15.98
N ARG B 88 5.48 26.61 15.63
CA ARG B 88 6.74 27.06 14.92
C ARG B 88 6.57 27.01 13.40
N ILE B 89 5.44 26.52 12.93
CA ILE B 89 5.24 26.45 11.44
C ILE B 89 4.61 27.78 10.95
N SER B 90 5.28 28.42 10.02
CA SER B 90 4.77 29.71 9.43
C SER B 90 3.49 29.45 8.61
N PRO B 91 2.68 30.49 8.42
CA PRO B 91 1.44 30.40 7.63
C PRO B 91 1.79 30.19 6.14
N GLU B 92 2.87 30.80 5.69
CA GLU B 92 3.34 30.62 4.25
C GLU B 92 3.79 29.16 4.05
N MET B 93 4.10 28.46 5.13
CA MET B 93 4.52 27.04 5.06
C MET B 93 3.32 26.13 5.34
N LYS B 94 2.38 26.58 6.15
CA LYS B 94 1.18 25.73 6.50
C LYS B 94 0.30 25.48 5.28
N GLU B 95 0.26 26.41 4.34
CA GLU B 95 -0.56 26.19 3.10
C GLU B 95 0.23 25.21 2.20
N LYS B 96 1.56 25.31 2.25
CA LYS B 96 2.47 24.45 1.42
C LYS B 96 2.34 22.96 1.80
N ILE B 97 2.27 22.68 3.09
CA ILE B 97 2.12 21.27 3.59
C ILE B 97 0.65 20.81 3.46
N GLY B 98 -0.21 21.61 2.83
CA GLY B 98 -1.65 21.20 2.65
C GLY B 98 -2.30 20.88 4.00
N ASN B 99 -2.62 19.63 4.22
CA ASN B 99 -3.22 19.19 5.51
C ASN B 99 -2.77 17.75 5.74
N LEU B 100 -1.50 17.51 5.49
CA LEU B 100 -0.90 16.15 5.65
C LEU B 100 -0.62 15.87 7.11
N SER B 101 -0.72 14.61 7.48
CA SER B 101 -0.41 14.17 8.88
C SER B 101 0.85 13.34 8.86
N PHE B 102 1.92 13.92 9.33
CA PHE B 102 3.19 13.18 9.35
C PHE B 102 3.23 12.34 10.61
N GLN B 103 3.53 11.08 10.44
CA GLN B 103 3.54 10.19 11.61
C GLN B 103 4.95 9.72 11.96
N ASN B 104 5.15 9.37 13.20
CA ASN B 104 6.46 8.88 13.57
C ASN B 104 6.55 7.40 13.13
N TYR B 105 7.69 6.93 12.70
CA TYR B 105 7.77 5.51 12.26
C TYR B 105 7.33 4.63 13.46
N ARG B 106 7.74 5.05 14.62
CA ARG B 106 7.37 4.41 15.90
C ARG B 106 7.42 5.58 16.90
N PRO B 107 6.73 5.49 18.01
CA PRO B 107 6.73 6.62 18.98
C PRO B 107 8.12 6.90 19.56
N ASN B 108 9.01 5.93 19.62
CA ASN B 108 10.37 6.22 20.16
C ASN B 108 11.27 6.80 19.03
N LYS B 109 10.91 6.57 17.78
CA LYS B 109 11.70 7.10 16.62
C LYS B 109 11.10 8.44 16.17
N LYS B 110 11.49 9.51 16.82
CA LYS B 110 10.97 10.85 16.45
C LYS B 110 11.75 11.41 15.24
N ASN B 111 12.82 10.76 14.83
CA ASN B 111 13.62 11.27 13.68
C ASN B 111 13.28 10.49 12.39
N ILE B 112 12.23 9.69 12.41
CA ILE B 112 11.81 8.94 11.18
C ILE B 112 10.34 9.29 10.92
N LEU B 113 10.08 9.93 9.82
CA LEU B 113 8.71 10.35 9.55
C LEU B 113 8.10 9.62 8.37
N VAL B 114 6.84 9.30 8.48
CA VAL B 114 6.15 8.61 7.36
C VAL B 114 4.87 9.37 6.98
N ILE B 115 4.51 9.31 5.73
CA ILE B 115 3.28 10.00 5.26
C ILE B 115 2.70 9.20 4.08
N GLY B 116 1.40 9.17 3.96
CA GLY B 116 0.80 8.40 2.84
C GLY B 116 0.03 7.22 3.42
N PRO B 117 -0.79 6.62 2.60
CA PRO B 117 -1.00 7.02 1.18
C PRO B 117 -1.81 8.31 1.03
N VAL B 118 -1.32 9.17 0.16
CA VAL B 118 -1.99 10.47 -0.16
C VAL B 118 -2.08 10.51 -1.71
N PRO B 119 -3.11 11.15 -2.27
CA PRO B 119 -3.29 11.17 -3.74
C PRO B 119 -2.11 11.83 -4.50
N GLY B 120 -1.60 11.12 -5.52
CA GLY B 120 -0.42 11.58 -6.35
C GLY B 120 -0.70 12.88 -7.12
N GLN B 121 -1.90 13.06 -7.63
CA GLN B 121 -2.20 14.32 -8.40
C GLN B 121 -1.91 15.55 -7.53
N LYS B 122 -2.19 15.45 -6.25
CA LYS B 122 -1.98 16.62 -5.32
C LYS B 122 -0.62 16.62 -4.61
N TYR B 123 -0.09 15.48 -4.20
CA TYR B 123 1.19 15.50 -3.42
C TYR B 123 2.38 14.78 -4.12
N SER B 124 2.69 15.08 -5.39
CA SER B 124 3.89 14.41 -6.05
C SER B 124 5.15 14.97 -5.33
N GLU B 125 5.02 16.19 -4.83
CA GLU B 125 6.10 16.85 -4.03
C GLU B 125 5.56 17.12 -2.63
N ILE B 126 6.25 16.66 -1.63
CA ILE B 126 5.76 16.87 -0.24
C ILE B 126 6.76 17.72 0.56
N THR B 127 6.25 18.57 1.43
CA THR B 127 7.16 19.42 2.24
C THR B 127 7.13 18.97 3.71
N PHE B 128 8.26 18.50 4.21
CA PHE B 128 8.32 18.05 5.63
C PHE B 128 8.94 19.16 6.49
N PRO B 129 8.17 19.67 7.44
CA PRO B 129 8.66 20.77 8.27
C PRO B 129 9.52 20.16 9.36
N ILE B 130 10.82 20.38 9.29
CA ILE B 130 11.74 19.77 10.32
C ILE B 130 12.33 20.84 11.25
N LEU B 131 12.49 20.48 12.50
CA LEU B 131 13.09 21.41 13.49
C LEU B 131 14.53 20.99 13.75
N ALA B 132 15.45 21.88 13.52
CA ALA B 132 16.88 21.54 13.75
C ALA B 132 17.16 21.58 15.25
N PRO B 133 17.86 20.59 15.75
CA PRO B 133 18.15 20.52 17.19
C PRO B 133 19.14 21.59 17.61
N ASP B 134 19.44 21.64 18.90
CA ASP B 134 20.42 22.64 19.43
C ASP B 134 21.47 21.90 20.29
N PRO B 135 22.73 22.00 19.91
CA PRO B 135 23.85 21.31 20.64
C PRO B 135 23.97 21.83 22.07
N ALA B 136 23.74 23.11 22.29
CA ALA B 136 23.79 23.66 23.68
C ALA B 136 22.68 23.00 24.56
N THR B 137 21.64 22.41 23.95
CA THR B 137 20.52 21.77 24.76
C THR B 137 20.38 20.26 24.43
N ASN B 138 21.44 19.70 23.88
CA ASN B 138 21.51 18.25 23.51
C ASN B 138 23.01 17.89 23.38
N LYS B 139 23.53 17.15 24.33
CA LYS B 139 24.98 16.78 24.32
C LYS B 139 25.35 15.73 23.23
N ASP B 140 24.42 15.07 22.55
CA ASP B 140 24.87 14.08 21.50
C ASP B 140 24.70 14.70 20.10
N VAL B 141 24.17 15.91 20.05
CA VAL B 141 24.00 16.64 18.76
C VAL B 141 25.16 17.61 18.62
N HIS B 142 25.81 17.59 17.49
CA HIS B 142 26.98 18.47 17.29
C HIS B 142 26.87 19.25 16.01
N PHE B 143 27.72 20.25 15.85
CA PHE B 143 27.74 21.01 14.57
C PHE B 143 28.51 20.14 13.58
N LEU B 144 27.79 19.48 12.72
CA LEU B 144 28.44 18.52 11.80
C LEU B 144 27.64 18.33 10.52
N LYS B 145 28.17 17.53 9.61
CA LYS B 145 27.41 17.27 8.39
C LYS B 145 26.55 16.03 8.65
N TYR B 146 25.27 16.09 8.38
CA TYR B 146 24.44 14.91 8.73
C TYR B 146 23.75 14.33 7.50
N PRO B 147 23.70 13.01 7.39
CA PRO B 147 23.03 12.36 6.25
C PRO B 147 21.51 12.34 6.44
N ILE B 148 20.80 12.44 5.34
CA ILE B 148 19.30 12.40 5.35
C ILE B 148 18.87 11.38 4.31
N TYR B 149 18.05 10.44 4.66
CA TYR B 149 17.64 9.43 3.66
C TYR B 149 16.15 9.47 3.40
N VAL B 150 15.76 9.31 2.16
CA VAL B 150 14.30 9.35 1.82
C VAL B 150 13.91 8.16 0.92
N GLY B 151 12.71 7.69 1.13
CA GLY B 151 12.15 6.60 0.32
C GLY B 151 10.84 7.12 -0.24
N GLY B 152 10.65 7.03 -1.53
CA GLY B 152 9.40 7.58 -2.08
C GLY B 152 8.73 6.54 -2.96
N ASN B 153 7.42 6.36 -2.79
CA ASN B 153 6.69 5.34 -3.59
C ASN B 153 5.39 5.89 -4.18
N ARG B 154 5.09 5.43 -5.39
CA ARG B 154 3.82 5.80 -6.09
C ARG B 154 3.25 4.54 -6.72
N GLY B 155 2.01 4.22 -6.46
CA GLY B 155 1.47 3.00 -7.07
C GLY B 155 1.34 1.89 -6.02
N ARG B 156 0.50 0.92 -6.31
CA ARG B 156 0.26 -0.27 -5.41
C ARG B 156 1.42 -1.26 -5.49
N GLY B 157 1.78 -1.83 -4.36
CA GLY B 157 2.91 -2.80 -4.28
C GLY B 157 2.54 -4.15 -4.93
N GLN B 158 3.50 -5.04 -5.07
CA GLN B 158 3.26 -6.40 -5.67
C GLN B 158 3.09 -7.49 -4.57
N ILE B 159 3.72 -7.35 -3.42
CA ILE B 159 3.61 -8.44 -2.36
C ILE B 159 2.95 -7.92 -1.05
N TYR B 160 2.14 -8.76 -0.41
CA TYR B 160 1.51 -8.33 0.87
C TYR B 160 2.44 -8.76 2.01
N PRO B 161 2.16 -8.32 3.23
CA PRO B 161 2.96 -8.74 4.41
C PRO B 161 2.91 -10.28 4.66
N ASP B 162 1.99 -11.06 4.06
CA ASP B 162 1.99 -12.57 4.30
C ASP B 162 2.77 -13.31 3.19
N GLY B 163 3.23 -12.57 2.18
CA GLY B 163 4.01 -13.18 1.04
C GLY B 163 3.12 -13.31 -0.19
N SER B 164 1.83 -13.08 -0.03
CA SER B 164 0.88 -13.25 -1.17
C SER B 164 1.09 -12.17 -2.23
N LYS B 165 0.96 -12.53 -3.50
CA LYS B 165 1.13 -11.53 -4.61
C LYS B 165 -0.18 -10.75 -4.84
N SER B 166 -0.07 -9.51 -5.29
CA SER B 166 -1.31 -8.74 -5.58
C SER B 166 -1.64 -8.86 -7.04
N ASN B 167 -2.72 -8.28 -7.46
CA ASN B 167 -3.04 -8.40 -8.89
C ASN B 167 -2.31 -7.29 -9.66
N ASN B 168 -1.30 -6.69 -9.03
CA ASN B 168 -0.50 -5.61 -9.69
C ASN B 168 0.92 -6.13 -9.93
N THR B 169 1.01 -7.35 -10.43
CA THR B 169 2.32 -7.98 -10.73
C THR B 169 2.14 -9.01 -11.86
N VAL B 170 3.23 -9.54 -12.35
CA VAL B 170 3.15 -10.58 -13.44
C VAL B 170 2.74 -11.93 -12.85
N TYR B 171 1.94 -12.69 -13.56
CA TYR B 171 1.56 -14.03 -13.05
C TYR B 171 2.35 -15.05 -13.85
N ASN B 172 3.12 -15.86 -13.20
CA ASN B 172 3.96 -16.78 -13.98
C ASN B 172 3.39 -18.20 -13.97
N ALA B 173 3.67 -18.97 -15.01
CA ALA B 173 3.18 -20.39 -15.06
C ALA B 173 3.89 -21.21 -13.95
N THR B 174 3.13 -21.98 -13.17
CA THR B 174 3.73 -22.82 -12.06
C THR B 174 4.25 -24.15 -12.65
N ALA B 175 4.01 -24.38 -13.93
CA ALA B 175 4.49 -25.62 -14.61
C ALA B 175 4.74 -25.39 -16.08
N GLY B 176 5.65 -26.14 -16.64
CA GLY B 176 5.93 -26.05 -18.10
C GLY B 176 4.95 -26.97 -18.80
N GLY B 177 4.85 -26.91 -20.10
CA GLY B 177 3.87 -27.80 -20.74
C GLY B 177 3.14 -27.08 -21.87
N ILE B 178 1.95 -27.56 -22.18
CA ILE B 178 1.12 -26.94 -23.26
C ILE B 178 -0.21 -26.51 -22.65
N ILE B 179 -0.70 -25.33 -22.99
CA ILE B 179 -1.99 -24.89 -22.40
C ILE B 179 -3.12 -25.65 -23.12
N SER B 180 -3.86 -26.47 -22.40
CA SER B 180 -4.95 -27.28 -23.06
C SER B 180 -6.27 -26.54 -22.97
N LYS B 181 -6.38 -25.57 -22.08
CA LYS B 181 -7.65 -24.80 -21.93
C LYS B 181 -7.47 -23.45 -21.21
N ILE B 182 -8.24 -22.47 -21.62
CA ILE B 182 -8.22 -21.13 -20.96
C ILE B 182 -9.67 -20.73 -20.68
N LEU B 183 -10.10 -20.91 -19.46
CA LEU B 183 -11.49 -20.55 -19.12
C LEU B 183 -11.60 -19.07 -18.71
N ARG B 184 -12.19 -18.25 -19.55
CA ARG B 184 -12.39 -16.82 -19.21
C ARG B 184 -13.52 -16.77 -18.18
N LYS B 185 -13.26 -16.24 -17.01
CA LYS B 185 -14.31 -16.29 -15.95
C LYS B 185 -15.41 -15.23 -16.16
N GLU B 186 -16.59 -15.55 -15.66
CA GLU B 186 -17.80 -14.66 -15.75
C GLU B 186 -17.53 -13.21 -15.27
N LYS B 187 -17.09 -13.03 -14.04
CA LYS B 187 -16.86 -11.64 -13.50
C LYS B 187 -15.40 -11.20 -13.73
N GLY B 188 -14.68 -11.83 -14.64
CA GLY B 188 -13.27 -11.39 -14.88
C GLY B 188 -12.28 -12.39 -14.29
N GLY B 189 -11.09 -12.45 -14.83
CA GLY B 189 -10.06 -13.40 -14.33
C GLY B 189 -10.03 -14.60 -15.26
N TYR B 190 -9.05 -15.47 -15.08
CA TYR B 190 -8.96 -16.65 -15.97
C TYR B 190 -8.54 -17.91 -15.21
N GLU B 191 -8.78 -19.04 -15.82
CA GLU B 191 -8.38 -20.37 -15.26
C GLU B 191 -7.57 -21.04 -16.37
N ILE B 192 -6.28 -21.21 -16.19
CA ILE B 192 -5.47 -21.79 -17.29
C ILE B 192 -5.05 -23.22 -16.95
N THR B 193 -5.41 -24.16 -17.80
CA THR B 193 -5.04 -25.56 -17.54
C THR B 193 -3.76 -25.88 -18.32
N ILE B 194 -2.73 -26.31 -17.61
CA ILE B 194 -1.45 -26.64 -18.29
C ILE B 194 -1.22 -28.14 -18.20
N VAL B 195 -0.97 -28.77 -19.33
CA VAL B 195 -0.69 -30.23 -19.29
C VAL B 195 0.81 -30.43 -19.31
N ASP B 196 1.40 -30.69 -18.17
CA ASP B 196 2.85 -30.91 -18.15
C ASP B 196 3.08 -32.30 -18.76
N ALA B 197 3.24 -32.36 -20.07
CA ALA B 197 3.43 -33.67 -20.75
C ALA B 197 4.68 -34.39 -20.23
N SER B 198 5.71 -33.65 -19.86
CA SER B 198 6.98 -34.25 -19.34
C SER B 198 6.78 -34.95 -17.97
N ASN B 199 5.93 -34.40 -17.12
CA ASN B 199 5.66 -35.02 -15.77
C ASN B 199 4.27 -35.69 -15.74
N GLU B 200 3.57 -35.73 -16.87
CA GLU B 200 2.20 -36.37 -16.89
C GLU B 200 1.41 -35.80 -15.71
N ARG B 201 1.41 -34.48 -15.65
CA ARG B 201 0.72 -33.75 -14.56
C ARG B 201 -0.11 -32.59 -15.12
N GLN B 202 -1.28 -32.39 -14.55
CA GLN B 202 -2.18 -31.28 -14.97
C GLN B 202 -2.23 -30.27 -13.85
N VAL B 203 -2.00 -29.03 -14.19
CA VAL B 203 -2.04 -27.95 -13.18
C VAL B 203 -2.93 -26.80 -13.68
N ILE B 204 -3.59 -26.13 -12.76
CA ILE B 204 -4.47 -25.00 -13.18
C ILE B 204 -3.99 -23.70 -12.52
N ASP B 205 -3.48 -22.79 -13.32
CA ASP B 205 -3.02 -21.51 -12.75
C ASP B 205 -4.18 -20.51 -12.83
N ILE B 206 -4.52 -19.86 -11.74
CA ILE B 206 -5.65 -18.91 -11.78
C ILE B 206 -5.10 -17.49 -11.91
N ILE B 207 -5.67 -16.69 -12.79
CA ILE B 207 -5.20 -15.28 -12.97
C ILE B 207 -6.36 -14.35 -12.56
N PRO B 208 -6.06 -13.35 -11.75
CA PRO B 208 -7.07 -12.38 -11.26
C PRO B 208 -7.44 -11.34 -12.34
N ARG B 209 -8.53 -10.62 -12.12
CA ARG B 209 -9.04 -9.60 -13.11
C ARG B 209 -8.18 -8.32 -13.14
N GLY B 210 -8.18 -7.62 -14.26
CA GLY B 210 -7.35 -6.39 -14.37
C GLY B 210 -6.06 -6.76 -15.09
N LEU B 211 -5.87 -8.04 -15.34
CA LEU B 211 -4.66 -8.49 -16.07
C LEU B 211 -5.05 -9.12 -17.40
N GLU B 212 -4.26 -8.90 -18.45
CA GLU B 212 -4.58 -9.52 -19.77
C GLU B 212 -3.54 -10.63 -20.07
N LEU B 213 -3.99 -11.73 -20.60
CA LEU B 213 -3.10 -12.88 -20.91
C LEU B 213 -2.20 -12.64 -22.14
N LEU B 214 -1.04 -13.26 -22.13
CA LEU B 214 -0.07 -13.18 -23.26
C LEU B 214 0.00 -14.56 -23.90
N VAL B 215 -0.84 -15.46 -23.46
CA VAL B 215 -0.79 -16.84 -24.02
C VAL B 215 -2.10 -17.26 -24.68
N SER B 216 -2.00 -18.23 -25.59
CA SER B 216 -3.17 -18.78 -26.33
C SER B 216 -3.25 -20.29 -26.08
N GLU B 217 -4.42 -20.88 -26.25
CA GLU B 217 -4.59 -22.36 -26.06
C GLU B 217 -3.70 -23.11 -27.09
N GLY B 218 -3.10 -24.22 -26.71
CA GLY B 218 -2.23 -24.96 -27.68
C GLY B 218 -0.78 -24.42 -27.64
N GLU B 219 -0.52 -23.37 -26.88
CA GLU B 219 0.88 -22.81 -26.82
C GLU B 219 1.73 -23.52 -25.77
N SER B 220 3.00 -23.70 -26.06
CA SER B 220 3.94 -24.39 -25.10
C SER B 220 4.50 -23.34 -24.14
N ILE B 221 4.33 -23.57 -22.86
CA ILE B 221 4.83 -22.60 -21.85
C ILE B 221 5.95 -23.23 -21.03
N LYS B 222 6.89 -22.43 -20.57
CA LYS B 222 8.00 -22.97 -19.75
C LYS B 222 7.71 -22.64 -18.30
N LEU B 223 8.35 -23.32 -17.39
CA LEU B 223 8.08 -23.02 -15.96
C LEU B 223 8.44 -21.56 -15.67
N ASP B 224 7.62 -20.88 -14.89
CA ASP B 224 7.88 -19.43 -14.54
C ASP B 224 7.78 -18.51 -15.77
N GLN B 225 7.22 -19.00 -16.87
CA GLN B 225 7.06 -18.13 -18.09
C GLN B 225 5.88 -17.18 -17.84
N PRO B 226 6.10 -15.88 -17.97
CA PRO B 226 5.03 -14.88 -17.71
C PRO B 226 3.79 -15.18 -18.56
N LEU B 227 2.64 -15.34 -17.93
CA LEU B 227 1.37 -15.69 -18.65
C LEU B 227 0.53 -14.43 -18.88
N THR B 228 0.91 -13.37 -18.23
CA THR B 228 0.18 -12.07 -18.35
C THR B 228 1.14 -10.90 -18.50
N SER B 229 0.57 -9.75 -18.86
CA SER B 229 1.37 -8.50 -19.02
C SER B 229 1.78 -7.99 -17.65
N ASN B 230 2.77 -7.12 -17.58
CA ASN B 230 3.15 -6.57 -16.26
C ASN B 230 2.32 -5.29 -16.09
N PRO B 231 1.31 -5.34 -15.22
CA PRO B 231 0.38 -4.20 -15.05
C PRO B 231 0.90 -3.16 -14.05
N ASN B 232 2.16 -3.20 -13.66
CA ASN B 232 2.68 -2.19 -12.67
C ASN B 232 3.25 -0.96 -13.40
N VAL B 233 2.66 0.20 -13.12
CA VAL B 233 3.10 1.52 -13.72
C VAL B 233 3.72 2.41 -12.61
N GLY B 234 3.82 1.91 -11.39
CA GLY B 234 4.40 2.72 -10.26
C GLY B 234 5.84 2.26 -9.99
N GLY B 235 6.36 2.60 -8.84
CA GLY B 235 7.75 2.21 -8.48
C GLY B 235 8.21 2.92 -7.21
N PHE B 236 9.27 2.41 -6.64
CA PHE B 236 9.87 2.99 -5.41
C PHE B 236 11.29 3.47 -5.75
N GLY B 237 11.72 4.51 -5.11
CA GLY B 237 13.08 5.04 -5.34
C GLY B 237 13.59 5.64 -4.05
N GLN B 238 14.88 5.82 -3.93
CA GLN B 238 15.42 6.40 -2.67
C GLN B 238 16.50 7.39 -3.01
N GLY B 239 16.74 8.32 -2.14
CA GLY B 239 17.76 9.33 -2.42
C GLY B 239 18.36 9.78 -1.11
N ASP B 240 19.36 10.60 -1.14
CA ASP B 240 19.92 11.05 0.15
C ASP B 240 20.42 12.46 0.03
N ALA B 241 20.53 13.13 1.15
CA ALA B 241 21.04 14.51 1.16
C ALA B 241 22.00 14.66 2.32
N GLU B 242 22.69 15.77 2.37
CA GLU B 242 23.61 16.03 3.51
C GLU B 242 23.29 17.43 4.03
N ILE B 243 23.18 17.58 5.31
CA ILE B 243 22.83 18.91 5.86
C ILE B 243 23.89 19.34 6.86
N VAL B 244 24.20 20.60 6.87
CA VAL B 244 25.23 21.08 7.81
C VAL B 244 24.59 21.79 8.99
N LEU B 245 24.64 21.19 10.16
CA LEU B 245 24.12 21.89 11.34
C LEU B 245 25.16 22.97 11.60
N GLN B 246 24.79 24.21 11.44
CA GLN B 246 25.83 25.26 11.53
C GLN B 246 25.90 26.02 12.86
N ASP B 247 27.12 26.32 13.26
CA ASP B 247 27.38 27.15 14.48
C ASP B 247 27.00 28.60 14.10
N PRO B 248 26.19 29.25 14.91
CA PRO B 248 25.73 30.62 14.61
C PRO B 248 26.90 31.63 14.63
N LEU B 249 28.10 31.13 14.93
CA LEU B 249 29.32 32.00 14.92
C LEU B 249 30.20 31.55 13.75
N ARG B 250 31.46 31.30 13.99
CA ARG B 250 32.34 30.80 12.88
C ARG B 250 33.75 30.58 13.41
N ILE A 1 -23.22 -8.95 14.95
CA ILE A 1 -21.78 -8.89 15.38
C ILE A 1 -21.15 -7.57 14.94
N ASP A 2 -20.31 -7.00 15.78
CA ASP A 2 -19.65 -5.70 15.42
C ASP A 2 -18.19 -5.99 14.99
N VAL A 3 -17.79 -5.40 13.89
CA VAL A 3 -16.40 -5.60 13.38
C VAL A 3 -15.75 -4.23 13.22
N LEU A 4 -14.60 -4.03 13.84
CA LEU A 4 -13.90 -2.70 13.75
C LEU A 4 -13.06 -2.62 12.48
N LEU A 5 -13.14 -1.50 11.78
CA LEU A 5 -12.31 -1.28 10.56
C LEU A 5 -11.08 -0.51 11.02
N GLY A 6 -10.00 -1.21 11.25
CA GLY A 6 -8.75 -0.59 11.78
C GLY A 6 -8.67 -0.91 13.28
N ALA A 7 -7.58 -1.50 13.73
CA ALA A 7 -7.46 -1.88 15.18
C ALA A 7 -7.28 -0.62 16.05
N ASP A 8 -7.40 -0.77 17.35
CA ASP A 8 -7.25 0.40 18.28
C ASP A 8 -5.80 0.92 18.29
N ASP A 9 -4.86 0.14 17.78
CA ASP A 9 -3.43 0.60 17.71
C ASP A 9 -3.13 1.18 16.30
N GLY A 10 -4.17 1.35 15.50
CA GLY A 10 -4.00 1.91 14.13
C GLY A 10 -3.61 0.83 13.10
N SER A 11 -3.67 -0.43 13.48
CA SER A 11 -3.32 -1.53 12.52
C SER A 11 -4.40 -1.63 11.44
N LEU A 12 -4.01 -1.88 10.20
CA LEU A 12 -5.00 -2.00 9.09
C LEU A 12 -5.54 -3.43 9.06
N ALA A 13 -6.55 -3.69 9.86
CA ALA A 13 -7.13 -5.07 9.93
C ALA A 13 -8.59 -5.02 10.41
N PHE A 14 -9.35 -6.04 10.05
CA PHE A 14 -10.77 -6.15 10.51
C PHE A 14 -10.73 -6.83 11.89
N VAL A 15 -11.43 -6.32 12.89
CA VAL A 15 -11.38 -6.95 14.25
C VAL A 15 -12.82 -7.28 14.72
N PRO A 16 -13.18 -8.56 14.71
CA PRO A 16 -12.31 -9.69 14.25
C PRO A 16 -12.29 -9.79 12.71
N SER A 17 -11.36 -10.55 12.16
CA SER A 17 -11.27 -10.70 10.66
C SER A 17 -11.89 -12.03 10.22
N GLU A 18 -11.85 -13.03 11.06
CA GLU A 18 -12.47 -14.36 10.73
C GLU A 18 -13.48 -14.69 11.81
N PHE A 19 -14.73 -14.87 11.41
CA PHE A 19 -15.81 -15.16 12.40
C PHE A 19 -16.95 -15.93 11.72
N SER A 20 -17.85 -16.48 12.52
CA SER A 20 -19.00 -17.23 11.96
C SER A 20 -20.30 -16.58 12.47
N ILE A 21 -21.33 -16.61 11.66
CA ILE A 21 -22.63 -16.00 12.03
C ILE A 21 -23.77 -16.90 11.57
N SER A 22 -24.94 -16.71 12.13
CA SER A 22 -26.14 -17.48 11.70
C SER A 22 -26.79 -16.68 10.54
N PRO A 23 -27.61 -17.33 9.74
CA PRO A 23 -28.26 -16.67 8.58
C PRO A 23 -29.22 -15.58 9.05
N GLY A 24 -29.13 -14.43 8.43
CA GLY A 24 -30.00 -13.27 8.78
C GLY A 24 -29.36 -12.43 9.91
N GLU A 25 -28.29 -12.91 10.52
CA GLU A 25 -27.60 -12.13 11.61
C GLU A 25 -26.94 -10.91 10.97
N LYS A 26 -27.01 -9.77 11.62
CA LYS A 26 -26.42 -8.52 11.03
C LYS A 26 -24.96 -8.33 11.42
N ILE A 27 -24.19 -7.84 10.49
CA ILE A 27 -22.75 -7.54 10.73
C ILE A 27 -22.59 -6.03 10.66
N VAL A 28 -22.18 -5.40 11.74
CA VAL A 28 -22.02 -3.92 11.71
C VAL A 28 -20.54 -3.56 11.61
N PHE A 29 -20.11 -3.17 10.42
CA PHE A 29 -18.69 -2.75 10.21
C PHE A 29 -18.60 -1.27 10.62
N LYS A 30 -17.79 -0.95 11.59
CA LYS A 30 -17.71 0.48 12.03
C LYS A 30 -16.30 1.05 11.86
N ASN A 31 -16.22 2.22 11.28
CA ASN A 31 -14.90 2.91 11.06
C ASN A 31 -14.25 3.16 12.42
N ASN A 32 -13.07 2.64 12.64
CA ASN A 32 -12.40 2.80 13.96
C ASN A 32 -11.07 3.57 13.82
N ALA A 33 -10.16 3.11 12.98
CA ALA A 33 -8.85 3.81 12.85
C ALA A 33 -8.20 3.51 11.49
N GLY A 34 -7.44 4.44 10.97
CA GLY A 34 -6.72 4.23 9.66
C GLY A 34 -7.66 4.45 8.46
N PHE A 35 -8.81 5.04 8.66
CA PHE A 35 -9.78 5.28 7.53
C PHE A 35 -9.19 6.35 6.57
N PRO A 36 -9.80 6.56 5.40
CA PRO A 36 -11.06 5.89 4.94
C PRO A 36 -10.94 4.38 4.72
N HIS A 37 -12.04 3.70 4.87
CA HIS A 37 -12.11 2.21 4.67
C HIS A 37 -13.42 1.87 3.93
N ASN A 38 -13.49 0.69 3.38
CA ASN A 38 -14.75 0.22 2.73
C ASN A 38 -14.79 -1.31 2.82
N ILE A 39 -15.93 -1.89 2.57
CA ILE A 39 -16.06 -3.37 2.66
C ILE A 39 -16.57 -3.91 1.32
N VAL A 40 -15.74 -4.67 0.66
CA VAL A 40 -16.11 -5.24 -0.67
C VAL A 40 -16.04 -6.77 -0.59
N PHE A 41 -17.11 -7.44 -0.98
CA PHE A 41 -17.12 -8.92 -0.96
C PHE A 41 -16.56 -9.43 -2.29
N ASP A 42 -15.68 -10.40 -2.23
CA ASP A 42 -15.07 -10.95 -3.47
C ASP A 42 -16.12 -11.73 -4.26
N GLU A 43 -16.50 -11.23 -5.41
CA GLU A 43 -17.54 -11.89 -6.27
C GLU A 43 -17.15 -13.34 -6.63
N ASP A 44 -15.87 -13.62 -6.69
CA ASP A 44 -15.41 -15.00 -7.02
C ASP A 44 -15.14 -15.82 -5.74
N SER A 45 -15.42 -15.27 -4.57
CA SER A 45 -15.15 -16.02 -3.30
C SER A 45 -16.35 -15.99 -2.33
N ILE A 46 -17.55 -16.06 -2.87
CA ILE A 46 -18.79 -16.11 -2.02
C ILE A 46 -19.64 -17.29 -2.53
N PRO A 47 -20.68 -17.70 -1.80
CA PRO A 47 -21.53 -18.83 -2.24
C PRO A 47 -22.20 -18.57 -3.59
N SER A 48 -22.27 -19.61 -4.40
CA SER A 48 -22.84 -19.52 -5.78
C SER A 48 -24.26 -18.92 -5.81
N GLY A 49 -24.50 -18.03 -6.75
CA GLY A 49 -25.85 -17.41 -6.90
C GLY A 49 -26.02 -16.13 -6.07
N VAL A 50 -25.08 -15.80 -5.19
CA VAL A 50 -25.23 -14.56 -4.36
C VAL A 50 -24.79 -13.34 -5.18
N ASP A 51 -25.59 -12.30 -5.12
CA ASP A 51 -25.27 -11.02 -5.84
C ASP A 51 -24.38 -10.18 -4.91
N ALA A 52 -23.13 -10.01 -5.26
CA ALA A 52 -22.17 -9.24 -4.38
C ALA A 52 -22.57 -7.75 -4.29
N SER A 53 -23.31 -7.24 -5.27
CA SER A 53 -23.74 -5.80 -5.24
C SER A 53 -24.77 -5.56 -4.12
N LYS A 54 -25.47 -6.60 -3.70
CA LYS A 54 -26.50 -6.46 -2.63
C LYS A 54 -25.87 -6.49 -1.22
N ILE A 55 -24.65 -6.97 -1.08
CA ILE A 55 -24.04 -7.05 0.29
C ILE A 55 -22.71 -6.29 0.41
N SER A 56 -22.29 -5.58 -0.61
CA SER A 56 -20.97 -4.86 -0.50
C SER A 56 -21.07 -3.39 -0.90
N MET A 57 -20.07 -2.63 -0.51
CA MET A 57 -19.99 -1.18 -0.89
C MET A 57 -19.36 -1.12 -2.28
N SER A 58 -19.53 -0.04 -3.00
CA SER A 58 -18.86 0.04 -4.33
C SER A 58 -17.37 0.26 -4.07
N GLU A 59 -16.52 -0.24 -4.93
CA GLU A 59 -15.03 -0.07 -4.75
C GLU A 59 -14.69 1.43 -4.64
N GLU A 60 -15.49 2.26 -5.26
CA GLU A 60 -15.26 3.74 -5.24
C GLU A 60 -15.95 4.41 -4.02
N ASP A 61 -16.74 3.67 -3.26
CA ASP A 61 -17.41 4.28 -2.07
C ASP A 61 -16.51 4.15 -0.83
N LEU A 62 -16.54 5.12 0.07
CA LEU A 62 -15.64 5.03 1.27
C LEU A 62 -16.31 5.55 2.56
N LEU A 63 -15.93 4.97 3.67
CA LEU A 63 -16.38 5.46 5.02
C LEU A 63 -15.17 6.31 5.48
N ASN A 64 -15.27 7.62 5.49
CA ASN A 64 -14.05 8.43 5.83
C ASN A 64 -14.13 9.15 7.18
N ALA A 65 -15.10 8.85 8.01
CA ALA A 65 -15.17 9.52 9.35
C ALA A 65 -15.28 8.46 10.45
N LYS A 66 -14.67 8.74 11.60
CA LYS A 66 -14.70 7.76 12.75
C LYS A 66 -16.15 7.54 13.18
N GLY A 67 -16.54 6.29 13.32
CA GLY A 67 -17.94 5.95 13.76
C GLY A 67 -18.87 5.63 12.58
N GLU A 68 -18.50 5.95 11.35
CA GLU A 68 -19.40 5.61 10.18
C GLU A 68 -19.54 4.09 10.11
N THR A 69 -20.73 3.60 9.81
CA THR A 69 -20.93 2.12 9.79
C THR A 69 -21.58 1.63 8.49
N PHE A 70 -21.33 0.39 8.17
CA PHE A 70 -21.96 -0.28 7.00
C PHE A 70 -22.53 -1.59 7.56
N GLU A 71 -23.82 -1.79 7.49
CA GLU A 71 -24.42 -3.03 8.06
C GLU A 71 -24.91 -3.95 6.95
N VAL A 72 -24.75 -5.25 7.13
CA VAL A 72 -25.23 -6.22 6.10
C VAL A 72 -25.63 -7.53 6.78
N ALA A 73 -26.67 -8.15 6.27
CA ALA A 73 -27.14 -9.45 6.81
C ALA A 73 -27.00 -10.51 5.71
N LEU A 74 -26.31 -11.60 6.00
CA LEU A 74 -26.12 -12.69 4.98
C LEU A 74 -27.09 -13.83 5.28
N SER A 75 -27.68 -14.43 4.27
CA SER A 75 -28.64 -15.55 4.51
C SER A 75 -28.13 -16.87 3.91
N ASN A 76 -27.55 -16.83 2.73
CA ASN A 76 -27.04 -18.10 2.11
C ASN A 76 -25.85 -18.63 2.92
N LYS A 77 -25.83 -19.92 3.17
CA LYS A 77 -24.73 -20.52 3.98
C LYS A 77 -23.48 -20.73 3.11
N GLY A 78 -22.33 -20.74 3.72
CA GLY A 78 -21.05 -20.91 2.97
C GLY A 78 -20.01 -19.91 3.47
N GLU A 79 -18.90 -19.83 2.79
CA GLU A 79 -17.81 -18.88 3.20
C GLU A 79 -17.83 -17.63 2.32
N TYR A 80 -17.65 -16.48 2.92
CA TYR A 80 -17.66 -15.18 2.18
C TYR A 80 -16.31 -14.49 2.39
N SER A 81 -15.57 -14.24 1.33
CA SER A 81 -14.26 -13.53 1.47
C SER A 81 -14.49 -12.05 1.17
N PHE A 82 -14.05 -11.18 2.05
CA PHE A 82 -14.24 -9.71 1.83
C PHE A 82 -12.91 -8.99 2.05
N TYR A 83 -12.85 -7.74 1.66
CA TYR A 83 -11.59 -6.96 1.80
C TYR A 83 -11.85 -5.45 1.71
N CYS A 84 -10.88 -4.68 2.12
CA CYS A 84 -10.93 -3.20 2.01
C CYS A 84 -10.18 -2.89 0.70
N SER A 85 -10.83 -2.26 -0.26
CA SER A 85 -10.19 -2.03 -1.61
C SER A 85 -8.86 -1.24 -1.54
N PRO A 86 -8.80 -0.11 -0.84
CA PRO A 86 -7.54 0.67 -0.76
C PRO A 86 -6.49 -0.02 0.14
N HIS A 87 -6.88 -0.89 1.05
CA HIS A 87 -5.87 -1.55 1.94
C HIS A 87 -5.86 -3.08 1.77
N GLN A 88 -6.33 -3.61 0.64
CA GLN A 88 -6.33 -5.10 0.44
C GLN A 88 -4.87 -5.62 0.46
N GLY A 89 -3.97 -4.90 -0.18
CA GLY A 89 -2.53 -5.32 -0.22
C GLY A 89 -1.91 -5.22 1.17
N ALA A 90 -2.50 -4.40 2.02
CA ALA A 90 -2.02 -4.25 3.43
C ALA A 90 -2.30 -5.52 4.21
N GLY A 91 -3.20 -6.32 3.72
CA GLY A 91 -3.58 -7.56 4.44
C GLY A 91 -4.92 -7.30 5.13
N MET A 92 -5.55 -6.15 4.84
CA MET A 92 -6.88 -5.85 5.45
C MET A 92 -7.91 -6.66 4.70
N VAL A 93 -7.98 -7.91 5.05
CA VAL A 93 -8.92 -8.87 4.42
C VAL A 93 -9.58 -9.68 5.54
N GLY A 94 -10.64 -10.36 5.22
CA GLY A 94 -11.35 -11.18 6.24
C GLY A 94 -12.22 -12.22 5.57
N LYS A 95 -12.78 -13.11 6.36
CA LYS A 95 -13.68 -14.17 5.80
C LYS A 95 -14.74 -14.52 6.85
N VAL A 96 -15.99 -14.50 6.44
CA VAL A 96 -17.11 -14.84 7.36
C VAL A 96 -17.78 -16.12 6.87
N THR A 97 -18.16 -16.98 7.80
CA THR A 97 -18.83 -18.26 7.44
C THR A 97 -20.27 -18.23 7.97
N VAL A 98 -21.24 -18.38 7.10
CA VAL A 98 -22.67 -18.41 7.52
C VAL A 98 -23.03 -19.89 7.71
N ASN A 99 -23.25 -20.30 8.94
CA ASN A 99 -23.56 -21.74 9.24
C ASN A 99 -24.88 -21.85 10.02
N TYR B 1 2.12 0.00 1.87
CA TYR B 1 1.77 1.22 2.62
C TYR B 1 2.83 1.41 3.69
N PRO B 2 2.96 2.64 4.17
CA PRO B 2 3.94 2.98 5.23
C PRO B 2 3.62 2.24 6.54
N ILE B 3 2.40 1.79 6.72
CA ILE B 3 2.03 1.05 7.98
C ILE B 3 2.54 -0.41 7.94
N PHE B 4 2.74 -1.00 6.77
CA PHE B 4 3.24 -2.43 6.72
C PHE B 4 4.71 -2.45 7.12
N ALA B 5 5.46 -1.45 6.70
CA ALA B 5 6.90 -1.39 7.06
C ALA B 5 7.01 -1.09 8.56
N GLN B 6 6.19 -0.18 9.04
CA GLN B 6 6.19 0.20 10.49
C GLN B 6 5.74 -1.01 11.35
N GLN B 7 4.73 -1.73 10.90
CA GLN B 7 4.19 -2.89 11.67
C GLN B 7 5.18 -4.07 11.79
N ASN B 8 6.08 -4.29 10.84
CA ASN B 8 6.99 -5.48 11.00
C ASN B 8 8.47 -5.19 10.62
N TYR B 9 8.89 -3.95 10.66
CA TYR B 9 10.34 -3.61 10.40
C TYR B 9 10.70 -2.54 11.45
N GLU B 10 11.46 -2.88 12.48
CA GLU B 10 11.79 -1.89 13.56
C GLU B 10 12.52 -0.65 13.00
N ASN B 11 13.45 -0.85 12.09
CA ASN B 11 14.19 0.28 11.44
C ASN B 11 13.93 0.15 9.92
N PRO B 12 13.58 1.24 9.26
CA PRO B 12 13.22 1.22 7.81
C PRO B 12 14.43 1.07 6.87
N ARG B 13 15.63 1.36 7.33
CA ARG B 13 16.82 1.22 6.44
C ARG B 13 17.57 -0.08 6.80
N GLU B 14 17.81 -0.93 5.82
CA GLU B 14 18.52 -2.22 6.06
C GLU B 14 20.04 -2.00 5.95
N ALA B 15 20.83 -2.98 6.34
CA ALA B 15 22.33 -2.86 6.30
C ALA B 15 22.85 -2.60 4.87
N THR B 16 22.13 -3.04 3.85
CA THR B 16 22.58 -2.80 2.43
C THR B 16 22.33 -1.32 2.06
N GLY B 17 21.54 -0.62 2.84
CA GLY B 17 21.23 0.82 2.54
C GLY B 17 19.89 0.92 1.80
N ARG B 18 19.21 -0.20 1.64
CA ARG B 18 17.90 -0.19 0.92
C ARG B 18 16.77 -0.01 1.92
N ILE B 19 15.79 0.80 1.58
CA ILE B 19 14.64 1.03 2.49
C ILE B 19 13.66 -0.15 2.31
N VAL B 20 13.09 -0.61 3.41
CA VAL B 20 12.21 -1.82 3.40
C VAL B 20 10.98 -1.74 2.47
N CYS B 21 10.64 -0.60 1.88
CA CYS B 21 9.45 -0.59 0.95
C CYS B 21 9.82 -1.35 -0.32
N ALA B 22 11.11 -1.38 -0.66
CA ALA B 22 11.59 -2.09 -1.89
C ALA B 22 11.36 -3.62 -1.78
N ASN B 23 10.97 -4.11 -0.62
CA ASN B 23 10.72 -5.58 -0.44
C ASN B 23 9.37 -5.96 -1.08
N CYS B 24 8.43 -5.03 -1.12
CA CYS B 24 7.09 -5.31 -1.77
C CYS B 24 6.94 -4.38 -2.98
N HIS B 25 7.48 -3.17 -2.91
CA HIS B 25 7.40 -2.19 -4.05
C HIS B 25 8.63 -2.50 -4.91
N LEU B 26 8.42 -3.35 -5.90
CA LEU B 26 9.55 -3.89 -6.71
C LEU B 26 9.99 -3.06 -7.92
N ALA B 27 9.20 -2.16 -8.45
CA ALA B 27 9.69 -1.38 -9.64
C ALA B 27 10.51 -0.18 -9.16
N SER B 28 11.60 0.13 -9.83
CA SER B 28 12.44 1.29 -9.41
C SER B 28 12.05 2.54 -10.20
N LYS B 29 11.80 3.62 -9.50
CA LYS B 29 11.46 4.93 -10.16
C LYS B 29 12.14 6.03 -9.32
N PRO B 30 12.56 7.11 -9.97
CA PRO B 30 13.36 8.18 -9.32
C PRO B 30 12.63 9.00 -8.26
N VAL B 31 13.36 9.31 -7.20
CA VAL B 31 12.85 10.14 -6.07
C VAL B 31 13.87 11.28 -5.89
N ASP B 32 13.41 12.47 -5.56
CA ASP B 32 14.37 13.61 -5.39
C ASP B 32 14.12 14.29 -4.05
N ILE B 33 15.12 14.94 -3.50
CA ILE B 33 14.94 15.64 -2.19
C ILE B 33 15.80 16.92 -2.14
N GLU B 34 15.15 18.05 -1.94
CA GLU B 34 15.90 19.33 -1.83
C GLU B 34 15.90 19.76 -0.37
N VAL B 35 17.06 19.98 0.16
CA VAL B 35 17.23 20.41 1.59
C VAL B 35 18.22 21.58 1.59
N PRO B 36 18.06 22.54 2.51
CA PRO B 36 18.99 23.69 2.58
C PRO B 36 20.41 23.21 2.90
N GLN B 37 21.40 23.80 2.25
CA GLN B 37 22.83 23.38 2.46
C GLN B 37 23.22 23.37 3.94
N ALA B 38 22.77 24.36 4.69
CA ALA B 38 23.11 24.43 6.14
C ALA B 38 21.92 25.05 6.91
N VAL B 39 21.79 24.70 8.16
CA VAL B 39 20.68 25.25 9.00
C VAL B 39 21.24 25.65 10.37
N LEU B 40 20.55 26.53 11.05
CA LEU B 40 21.02 26.97 12.40
C LEU B 40 20.27 26.16 13.48
N PRO B 41 20.80 26.14 14.70
CA PRO B 41 20.18 25.42 15.84
C PRO B 41 18.77 25.98 16.18
N ASP B 42 17.84 25.07 16.45
CA ASP B 42 16.42 25.41 16.80
C ASP B 42 15.74 26.31 15.74
N THR B 43 15.88 25.97 14.48
CA THR B 43 15.21 26.75 13.39
C THR B 43 14.42 25.76 12.52
N VAL B 44 13.29 26.17 12.00
CA VAL B 44 12.49 25.24 11.16
C VAL B 44 12.95 25.36 9.70
N PHE B 45 13.12 24.23 9.05
CA PHE B 45 13.52 24.23 7.62
C PHE B 45 12.60 23.24 6.90
N GLU B 46 12.59 23.26 5.60
CA GLU B 46 11.68 22.32 4.86
C GLU B 46 12.48 21.32 4.03
N ALA B 47 12.08 20.08 4.11
CA ALA B 47 12.72 18.99 3.30
C ALA B 47 11.70 18.62 2.24
N VAL B 48 11.90 19.04 1.01
CA VAL B 48 10.89 18.75 -0.06
C VAL B 48 11.29 17.48 -0.82
N VAL B 49 10.41 16.51 -0.79
CA VAL B 49 10.63 15.20 -1.47
C VAL B 49 9.82 15.17 -2.77
N LYS B 50 10.43 14.78 -3.86
CA LYS B 50 9.70 14.72 -5.16
C LYS B 50 9.55 13.27 -5.61
N ILE B 51 8.33 12.86 -5.84
CA ILE B 51 8.03 11.48 -6.33
C ILE B 51 7.29 11.66 -7.67
N PRO B 52 8.06 11.97 -8.72
CA PRO B 52 7.51 12.28 -10.05
C PRO B 52 7.13 11.03 -10.87
N TYR B 53 6.08 11.16 -11.64
CA TYR B 53 5.59 10.05 -12.52
C TYR B 53 4.65 10.64 -13.59
N ASP B 54 4.54 10.01 -14.74
CA ASP B 54 3.61 10.54 -15.80
C ASP B 54 2.19 10.44 -15.24
N MET B 55 1.48 11.55 -15.14
CA MET B 55 0.13 11.54 -14.49
C MET B 55 -1.01 11.03 -15.41
N GLN B 56 -0.73 10.60 -16.62
CA GLN B 56 -1.85 10.03 -17.45
C GLN B 56 -1.86 8.51 -17.26
N LEU B 57 -0.97 8.02 -16.41
CA LEU B 57 -0.85 6.57 -16.13
C LEU B 57 -1.97 6.09 -15.19
N LYS B 58 -2.55 4.97 -15.52
CA LYS B 58 -3.63 4.38 -14.68
C LYS B 58 -3.18 2.99 -14.25
N GLN B 59 -3.18 2.75 -12.96
CA GLN B 59 -2.73 1.42 -12.43
C GLN B 59 -3.95 0.50 -12.23
N VAL B 60 -3.70 -0.75 -11.96
CA VAL B 60 -4.83 -1.72 -11.73
C VAL B 60 -5.20 -1.65 -10.23
N LEU B 61 -6.37 -1.17 -9.92
CA LEU B 61 -6.81 -1.07 -8.49
C LEU B 61 -7.09 -2.48 -7.94
N ALA B 62 -7.20 -2.60 -6.63
CA ALA B 62 -7.42 -3.94 -5.97
C ALA B 62 -8.67 -4.70 -6.47
N ASN B 63 -9.51 -4.09 -7.28
CA ASN B 63 -10.75 -4.80 -7.75
C ASN B 63 -10.74 -4.99 -9.28
N GLY B 64 -9.61 -4.83 -9.94
CA GLY B 64 -9.58 -5.05 -11.43
C GLY B 64 -9.74 -3.72 -12.19
N LYS B 65 -10.47 -2.76 -11.65
CA LYS B 65 -10.66 -1.45 -12.37
C LYS B 65 -9.34 -0.67 -12.40
N LYS B 66 -9.22 0.26 -13.32
CA LYS B 66 -7.97 1.08 -13.42
C LYS B 66 -8.21 2.46 -12.78
N GLY B 67 -7.24 2.99 -12.06
CA GLY B 67 -7.43 4.32 -11.39
C GLY B 67 -6.11 5.07 -11.24
N ALA B 68 -6.13 6.18 -10.54
CA ALA B 68 -4.90 7.01 -10.33
C ALA B 68 -3.99 6.39 -9.27
N LEU B 69 -2.79 6.90 -9.14
CA LEU B 69 -1.82 6.35 -8.14
C LEU B 69 -1.79 7.21 -6.86
N ASN B 70 -1.36 6.62 -5.78
CA ASN B 70 -1.23 7.35 -4.48
C ASN B 70 0.25 7.40 -4.12
N VAL B 71 0.65 8.40 -3.37
CA VAL B 71 2.09 8.55 -3.01
C VAL B 71 2.28 8.39 -1.49
N GLY B 72 3.47 7.97 -1.11
CA GLY B 72 3.82 7.78 0.32
C GLY B 72 5.35 7.89 0.44
N ALA B 73 5.84 8.29 1.59
CA ALA B 73 7.33 8.45 1.74
C ALA B 73 7.77 8.23 3.19
N VAL B 74 9.03 7.90 3.35
CA VAL B 74 9.63 7.70 4.70
C VAL B 74 10.90 8.55 4.76
N LEU B 75 10.95 9.50 5.68
CA LEU B 75 12.14 10.39 5.79
C LEU B 75 12.96 9.97 7.01
N ILE B 76 14.21 9.63 6.80
CA ILE B 76 15.10 9.21 7.92
C ILE B 76 16.05 10.37 8.25
N LEU B 77 15.82 11.00 9.37
CA LEU B 77 16.65 12.16 9.80
C LEU B 77 17.64 11.69 10.88
N PRO B 78 18.66 12.49 11.15
CA PRO B 78 19.64 12.18 12.21
C PRO B 78 18.97 12.33 13.59
N GLU B 79 19.47 11.67 14.61
CA GLU B 79 18.84 11.77 15.97
C GLU B 79 18.92 13.22 16.47
N GLY B 80 17.82 13.72 17.00
CA GLY B 80 17.76 15.13 17.50
C GLY B 80 16.80 15.91 16.59
N PHE B 81 16.82 15.64 15.31
CA PHE B 81 15.90 16.34 14.35
C PHE B 81 14.52 15.69 14.47
N GLU B 82 13.47 16.48 14.43
CA GLU B 82 12.09 15.92 14.56
C GLU B 82 11.08 16.81 13.81
N LEU B 83 9.85 16.37 13.70
CA LEU B 83 8.80 17.18 13.01
C LEU B 83 8.59 18.51 13.75
N ALA B 84 8.63 19.60 13.02
CA ALA B 84 8.43 20.95 13.66
C ALA B 84 7.02 21.03 14.25
N PRO B 85 6.90 21.62 15.43
CA PRO B 85 5.59 21.77 16.10
C PRO B 85 4.73 22.82 15.35
N PRO B 86 3.42 22.77 15.54
CA PRO B 86 2.46 23.66 14.84
C PRO B 86 2.69 25.16 15.17
N ASP B 87 3.07 25.48 16.38
CA ASP B 87 3.30 26.93 16.73
C ASP B 87 4.55 27.47 16.01
N ARG B 88 5.48 26.61 15.65
CA ARG B 88 6.72 27.06 14.95
C ARG B 88 6.55 27.02 13.42
N ILE B 89 5.45 26.50 12.92
CA ILE B 89 5.25 26.44 11.43
C ILE B 89 4.61 27.75 10.94
N SER B 90 5.27 28.40 10.01
CA SER B 90 4.76 29.69 9.43
C SER B 90 3.47 29.46 8.63
N PRO B 91 2.70 30.51 8.41
CA PRO B 91 1.44 30.42 7.61
C PRO B 91 1.78 30.23 6.12
N GLU B 92 2.90 30.79 5.67
CA GLU B 92 3.33 30.61 4.25
C GLU B 92 3.76 29.14 4.04
N MET B 93 4.10 28.46 5.13
CA MET B 93 4.52 27.03 5.06
C MET B 93 3.32 26.11 5.35
N LYS B 94 2.39 26.57 6.17
CA LYS B 94 1.18 25.73 6.50
C LYS B 94 0.32 25.48 5.25
N GLU B 95 0.26 26.42 4.33
CA GLU B 95 -0.53 26.19 3.07
C GLU B 95 0.27 25.27 2.14
N LYS B 96 1.59 25.31 2.25
CA LYS B 96 2.48 24.45 1.41
C LYS B 96 2.33 22.97 1.84
N ILE B 97 2.25 22.69 3.14
CA ILE B 97 2.11 21.27 3.59
C ILE B 97 0.64 20.80 3.44
N GLY B 98 -0.23 21.62 2.85
CA GLY B 98 -1.67 21.24 2.66
C GLY B 98 -2.29 20.91 4.02
N ASN B 99 -2.63 19.66 4.22
CA ASN B 99 -3.24 19.22 5.52
C ASN B 99 -2.77 17.77 5.76
N LEU B 100 -1.49 17.52 5.51
CA LEU B 100 -0.91 16.16 5.67
C LEU B 100 -0.64 15.86 7.14
N SER B 101 -0.75 14.61 7.52
CA SER B 101 -0.46 14.21 8.93
C SER B 101 0.84 13.36 8.91
N PHE B 102 1.94 13.95 9.31
CA PHE B 102 3.23 13.19 9.33
C PHE B 102 3.24 12.34 10.60
N GLN B 103 3.46 11.06 10.47
CA GLN B 103 3.47 10.17 11.68
C GLN B 103 4.89 9.71 11.97
N ASN B 104 5.17 9.40 13.21
CA ASN B 104 6.52 8.89 13.57
C ASN B 104 6.57 7.42 13.15
N TYR B 105 7.70 6.94 12.64
CA TYR B 105 7.78 5.49 12.23
C TYR B 105 7.33 4.62 13.43
N ARG B 106 7.75 5.05 14.59
CA ARG B 106 7.38 4.40 15.90
C ARG B 106 7.46 5.56 16.92
N PRO B 107 6.74 5.48 18.03
CA PRO B 107 6.71 6.60 19.02
C PRO B 107 8.10 6.90 19.61
N ASN B 108 9.00 5.95 19.62
CA ASN B 108 10.38 6.19 20.15
C ASN B 108 11.27 6.78 19.03
N LYS B 109 10.91 6.54 17.78
CA LYS B 109 11.71 7.09 16.64
C LYS B 109 11.10 8.43 16.21
N LYS B 110 11.51 9.51 16.84
CA LYS B 110 10.97 10.87 16.47
C LYS B 110 11.76 11.44 15.27
N ASN B 111 12.82 10.78 14.86
CA ASN B 111 13.64 11.28 13.70
C ASN B 111 13.29 10.54 12.39
N ILE B 112 12.29 9.66 12.42
CA ILE B 112 11.88 8.94 11.17
C ILE B 112 10.39 9.28 10.95
N LEU B 113 10.09 9.95 9.86
CA LEU B 113 8.68 10.37 9.59
C LEU B 113 8.11 9.64 8.39
N VAL B 114 6.84 9.29 8.46
CA VAL B 114 6.16 8.59 7.32
C VAL B 114 4.89 9.36 6.96
N ILE B 115 4.53 9.33 5.71
CA ILE B 115 3.30 10.02 5.25
C ILE B 115 2.73 9.23 4.08
N GLY B 116 1.43 9.19 3.96
CA GLY B 116 0.79 8.43 2.86
C GLY B 116 -0.03 7.27 3.45
N PRO B 117 -0.87 6.67 2.63
CA PRO B 117 -1.04 7.03 1.19
C PRO B 117 -1.81 8.35 1.01
N VAL B 118 -1.31 9.18 0.14
CA VAL B 118 -1.99 10.47 -0.20
C VAL B 118 -2.09 10.49 -1.74
N PRO B 119 -3.09 11.16 -2.29
CA PRO B 119 -3.30 11.18 -3.76
C PRO B 119 -2.12 11.83 -4.50
N GLY B 120 -1.62 11.13 -5.50
CA GLY B 120 -0.44 11.59 -6.30
C GLY B 120 -0.70 12.89 -7.07
N GLN B 121 -1.89 13.08 -7.60
CA GLN B 121 -2.21 14.34 -8.39
C GLN B 121 -1.94 15.58 -7.52
N LYS B 122 -2.16 15.47 -6.23
CA LYS B 122 -1.98 16.62 -5.31
C LYS B 122 -0.62 16.62 -4.61
N TYR B 123 -0.10 15.47 -4.23
CA TYR B 123 1.18 15.47 -3.46
C TYR B 123 2.33 14.73 -4.16
N SER B 124 2.66 15.09 -5.38
CA SER B 124 3.85 14.45 -6.04
C SER B 124 5.09 15.02 -5.33
N GLU B 125 5.02 16.25 -4.86
CA GLU B 125 6.14 16.86 -4.08
C GLU B 125 5.59 17.14 -2.67
N ILE B 126 6.26 16.66 -1.65
CA ILE B 126 5.76 16.86 -0.24
C ILE B 126 6.77 17.70 0.54
N THR B 127 6.29 18.56 1.42
CA THR B 127 7.20 19.41 2.24
C THR B 127 7.13 18.95 3.69
N PHE B 128 8.24 18.47 4.20
CA PHE B 128 8.30 18.01 5.63
C PHE B 128 8.91 19.17 6.46
N PRO B 129 8.16 19.68 7.43
CA PRO B 129 8.64 20.78 8.30
C PRO B 129 9.52 20.16 9.41
N ILE B 130 10.81 20.35 9.33
CA ILE B 130 11.73 19.74 10.34
C ILE B 130 12.30 20.82 11.26
N LEU B 131 12.47 20.48 12.52
CA LEU B 131 13.07 21.45 13.49
C LEU B 131 14.51 21.02 13.75
N ALA B 132 15.47 21.88 13.48
CA ALA B 132 16.89 21.53 13.73
C ALA B 132 17.14 21.57 15.25
N PRO B 133 17.87 20.60 15.78
CA PRO B 133 18.16 20.51 17.22
C PRO B 133 19.18 21.57 17.64
N ASP B 134 19.45 21.64 18.93
CA ASP B 134 20.41 22.64 19.45
C ASP B 134 21.46 21.87 20.29
N PRO B 135 22.73 21.99 19.93
CA PRO B 135 23.83 21.30 20.65
C PRO B 135 23.97 21.82 22.09
N ALA B 136 23.65 23.08 22.33
CA ALA B 136 23.74 23.64 23.72
C ALA B 136 22.64 23.01 24.60
N THR B 137 21.62 22.43 23.99
CA THR B 137 20.52 21.78 24.78
C THR B 137 20.43 20.27 24.43
N ASN B 138 21.48 19.72 23.84
CA ASN B 138 21.52 18.25 23.49
C ASN B 138 23.01 17.87 23.37
N LYS B 139 23.51 17.10 24.31
CA LYS B 139 24.98 16.76 24.30
C LYS B 139 25.40 15.73 23.23
N ASP B 140 24.47 15.06 22.58
CA ASP B 140 24.88 14.08 21.52
C ASP B 140 24.69 14.72 20.13
N VAL B 141 24.14 15.91 20.07
CA VAL B 141 23.98 16.63 18.76
C VAL B 141 25.16 17.60 18.62
N HIS B 142 25.84 17.59 17.49
CA HIS B 142 27.03 18.49 17.30
C HIS B 142 26.89 19.27 15.99
N PHE B 143 27.72 20.29 15.83
CA PHE B 143 27.72 21.07 14.55
C PHE B 143 28.50 20.20 13.55
N LEU B 144 27.80 19.43 12.77
CA LEU B 144 28.46 18.48 11.81
C LEU B 144 27.64 18.35 10.53
N LYS B 145 28.14 17.58 9.60
CA LYS B 145 27.38 17.30 8.34
C LYS B 145 26.57 16.03 8.61
N TYR B 146 25.28 16.07 8.43
CA TYR B 146 24.41 14.89 8.74
C TYR B 146 23.74 14.35 7.47
N PRO B 147 23.68 13.03 7.36
CA PRO B 147 23.03 12.35 6.22
C PRO B 147 21.50 12.31 6.39
N ILE B 148 20.79 12.48 5.31
CA ILE B 148 19.29 12.43 5.33
C ILE B 148 18.87 11.41 4.27
N TYR B 149 18.08 10.43 4.62
CA TYR B 149 17.66 9.40 3.63
C TYR B 149 16.15 9.46 3.39
N VAL B 150 15.74 9.30 2.15
CA VAL B 150 14.29 9.37 1.84
C VAL B 150 13.86 8.17 0.95
N GLY B 151 12.67 7.70 1.17
CA GLY B 151 12.11 6.59 0.35
C GLY B 151 10.79 7.10 -0.23
N GLY B 152 10.62 7.10 -1.53
CA GLY B 152 9.36 7.63 -2.14
C GLY B 152 8.70 6.55 -2.98
N ASN B 153 7.41 6.36 -2.82
CA ASN B 153 6.70 5.30 -3.61
C ASN B 153 5.40 5.86 -4.22
N ARG B 154 5.09 5.40 -5.42
CA ARG B 154 3.84 5.81 -6.11
C ARG B 154 3.27 4.54 -6.77
N GLY B 155 2.03 4.21 -6.51
CA GLY B 155 1.42 2.98 -7.12
C GLY B 155 1.30 1.87 -6.08
N ARG B 156 0.49 0.87 -6.39
CA ARG B 156 0.27 -0.27 -5.44
C ARG B 156 1.43 -1.26 -5.52
N GLY B 157 1.78 -1.83 -4.39
CA GLY B 157 2.92 -2.80 -4.29
C GLY B 157 2.56 -4.14 -4.93
N GLN B 158 3.52 -5.04 -4.99
CA GLN B 158 3.29 -6.37 -5.62
C GLN B 158 3.11 -7.48 -4.58
N ILE B 159 3.74 -7.37 -3.42
CA ILE B 159 3.62 -8.45 -2.38
C ILE B 159 2.98 -7.91 -1.10
N TYR B 160 2.15 -8.71 -0.47
CA TYR B 160 1.48 -8.32 0.82
C TYR B 160 2.39 -8.80 1.99
N PRO B 161 2.10 -8.37 3.22
CA PRO B 161 2.92 -8.78 4.41
C PRO B 161 2.87 -10.30 4.71
N ASP B 162 2.00 -11.06 4.08
CA ASP B 162 1.98 -12.55 4.33
C ASP B 162 2.75 -13.27 3.20
N GLY B 163 3.21 -12.53 2.20
CA GLY B 163 3.97 -13.17 1.07
C GLY B 163 3.07 -13.36 -0.16
N SER B 164 1.79 -13.11 -0.02
CA SER B 164 0.84 -13.27 -1.17
C SER B 164 1.08 -12.18 -2.23
N LYS B 165 0.93 -12.52 -3.49
CA LYS B 165 1.11 -11.53 -4.60
C LYS B 165 -0.19 -10.76 -4.77
N SER B 166 -0.10 -9.55 -5.26
CA SER B 166 -1.34 -8.74 -5.52
C SER B 166 -1.68 -8.91 -7.00
N ASN B 167 -2.74 -8.30 -7.47
CA ASN B 167 -3.07 -8.40 -8.92
C ASN B 167 -2.33 -7.29 -9.71
N ASN B 168 -1.34 -6.67 -9.08
CA ASN B 168 -0.53 -5.60 -9.75
C ASN B 168 0.89 -6.13 -10.00
N THR B 169 1.00 -7.36 -10.44
CA THR B 169 2.32 -7.99 -10.73
C THR B 169 2.15 -9.02 -11.86
N VAL B 170 3.25 -9.56 -12.33
CA VAL B 170 3.18 -10.60 -13.42
C VAL B 170 2.77 -11.94 -12.81
N TYR B 171 1.93 -12.68 -13.50
CA TYR B 171 1.54 -14.03 -13.02
C TYR B 171 2.31 -15.04 -13.88
N ASN B 172 3.15 -15.83 -13.24
CA ASN B 172 4.00 -16.80 -13.99
C ASN B 172 3.41 -18.22 -13.93
N ALA B 173 3.70 -19.00 -14.95
CA ALA B 173 3.20 -20.41 -15.01
C ALA B 173 3.88 -21.24 -13.92
N THR B 174 3.12 -21.98 -13.16
CA THR B 174 3.72 -22.82 -12.08
C THR B 174 4.23 -24.14 -12.66
N ALA B 175 4.02 -24.38 -13.93
CA ALA B 175 4.51 -25.64 -14.57
C ALA B 175 4.75 -25.43 -16.06
N GLY B 176 5.68 -26.15 -16.63
CA GLY B 176 5.94 -26.03 -18.10
C GLY B 176 4.95 -26.98 -18.80
N GLY B 177 4.87 -26.95 -20.11
CA GLY B 177 3.92 -27.86 -20.82
C GLY B 177 3.15 -27.12 -21.91
N ILE B 178 1.96 -27.59 -22.20
CA ILE B 178 1.12 -26.96 -23.26
C ILE B 178 -0.22 -26.54 -22.65
N ILE B 179 -0.70 -25.36 -22.97
CA ILE B 179 -2.01 -24.89 -22.41
C ILE B 179 -3.13 -25.66 -23.14
N SER B 180 -3.84 -26.49 -22.43
CA SER B 180 -4.94 -27.28 -23.07
C SER B 180 -6.28 -26.53 -22.98
N LYS B 181 -6.39 -25.55 -22.09
CA LYS B 181 -7.69 -24.80 -21.95
C LYS B 181 -7.49 -23.47 -21.22
N ILE B 182 -8.23 -22.46 -21.63
CA ILE B 182 -8.18 -21.12 -20.95
C ILE B 182 -9.64 -20.72 -20.67
N LEU B 183 -10.10 -20.90 -19.46
CA LEU B 183 -11.51 -20.55 -19.12
C LEU B 183 -11.62 -19.09 -18.71
N ARG B 184 -12.22 -18.27 -19.56
CA ARG B 184 -12.41 -16.83 -19.22
C ARG B 184 -13.55 -16.78 -18.20
N LYS B 185 -13.30 -16.27 -17.02
CA LYS B 185 -14.33 -16.29 -15.95
C LYS B 185 -15.42 -15.21 -16.14
N GLU B 186 -16.59 -15.52 -15.63
CA GLU B 186 -17.80 -14.64 -15.72
C GLU B 186 -17.52 -13.20 -15.26
N LYS B 187 -17.09 -13.01 -14.03
CA LYS B 187 -16.85 -11.62 -13.51
C LYS B 187 -15.39 -11.16 -13.72
N GLY B 188 -14.67 -11.77 -14.63
CA GLY B 188 -13.26 -11.36 -14.88
C GLY B 188 -12.29 -12.38 -14.27
N GLY B 189 -11.08 -12.43 -14.79
CA GLY B 189 -10.07 -13.41 -14.27
C GLY B 189 -10.03 -14.61 -15.22
N TYR B 190 -9.06 -15.49 -15.06
CA TYR B 190 -8.95 -16.66 -15.98
C TYR B 190 -8.52 -17.93 -15.23
N GLU B 191 -8.79 -19.05 -15.83
CA GLU B 191 -8.39 -20.38 -15.27
C GLU B 191 -7.61 -21.09 -16.38
N ILE B 192 -6.31 -21.17 -16.24
CA ILE B 192 -5.47 -21.78 -17.32
C ILE B 192 -5.05 -23.21 -16.93
N THR B 193 -5.41 -24.16 -17.76
CA THR B 193 -5.03 -25.59 -17.50
C THR B 193 -3.77 -25.90 -18.30
N ILE B 194 -2.72 -26.31 -17.61
CA ILE B 194 -1.43 -26.65 -18.31
C ILE B 194 -1.22 -28.16 -18.20
N VAL B 195 -0.98 -28.81 -19.31
CA VAL B 195 -0.72 -30.28 -19.27
C VAL B 195 0.80 -30.47 -19.33
N ASP B 196 1.41 -30.69 -18.19
CA ASP B 196 2.89 -30.93 -18.16
C ASP B 196 3.14 -32.33 -18.74
N ALA B 197 3.25 -32.41 -20.05
CA ALA B 197 3.45 -33.73 -20.74
C ALA B 197 4.73 -34.42 -20.24
N SER B 198 5.72 -33.65 -19.84
CA SER B 198 7.01 -34.25 -19.34
C SER B 198 6.79 -34.94 -17.98
N ASN B 199 5.94 -34.40 -17.14
CA ASN B 199 5.70 -35.03 -15.80
C ASN B 199 4.32 -35.72 -15.76
N GLU B 200 3.61 -35.75 -16.88
CA GLU B 200 2.23 -36.38 -16.90
C GLU B 200 1.41 -35.78 -15.75
N ARG B 201 1.43 -34.47 -15.65
CA ARG B 201 0.71 -33.78 -14.53
C ARG B 201 -0.14 -32.63 -15.10
N GLN B 202 -1.30 -32.42 -14.54
CA GLN B 202 -2.19 -31.31 -14.99
C GLN B 202 -2.26 -30.25 -13.87
N VAL B 203 -1.97 -29.01 -14.18
CA VAL B 203 -2.02 -27.93 -13.15
C VAL B 203 -2.92 -26.80 -13.65
N ILE B 204 -3.61 -26.13 -12.76
CA ILE B 204 -4.50 -25.01 -13.19
C ILE B 204 -4.02 -23.71 -12.52
N ASP B 205 -3.48 -22.80 -13.30
CA ASP B 205 -3.02 -21.49 -12.75
C ASP B 205 -4.17 -20.49 -12.86
N ILE B 206 -4.52 -19.87 -11.75
CA ILE B 206 -5.66 -18.89 -11.77
C ILE B 206 -5.11 -17.46 -11.87
N ILE B 207 -5.67 -16.68 -12.76
CA ILE B 207 -5.22 -15.27 -12.96
C ILE B 207 -6.38 -14.33 -12.56
N PRO B 208 -6.06 -13.33 -11.74
CA PRO B 208 -7.07 -12.35 -11.25
C PRO B 208 -7.48 -11.34 -12.34
N ARG B 209 -8.56 -10.63 -12.10
CA ARG B 209 -9.07 -9.62 -13.10
C ARG B 209 -8.17 -8.37 -13.11
N GLY B 210 -8.21 -7.63 -14.20
CA GLY B 210 -7.37 -6.39 -14.35
C GLY B 210 -6.08 -6.74 -15.10
N LEU B 211 -5.88 -8.01 -15.39
CA LEU B 211 -4.65 -8.47 -16.10
C LEU B 211 -5.05 -9.10 -17.45
N GLU B 212 -4.27 -8.88 -18.48
CA GLU B 212 -4.58 -9.50 -19.80
C GLU B 212 -3.55 -10.59 -20.09
N LEU B 213 -4.00 -11.67 -20.67
CA LEU B 213 -3.12 -12.84 -20.94
C LEU B 213 -2.21 -12.62 -22.16
N LEU B 214 -1.05 -13.24 -22.12
CA LEU B 214 -0.08 -13.16 -23.25
C LEU B 214 0.01 -14.54 -23.93
N VAL B 215 -0.81 -15.48 -23.50
CA VAL B 215 -0.74 -16.87 -24.07
C VAL B 215 -2.06 -17.30 -24.72
N SER B 216 -1.97 -18.27 -25.61
CA SER B 216 -3.17 -18.79 -26.33
C SER B 216 -3.28 -20.30 -26.08
N GLU B 217 -4.44 -20.89 -26.31
CA GLU B 217 -4.60 -22.36 -26.11
C GLU B 217 -3.72 -23.10 -27.12
N GLY B 218 -3.09 -24.19 -26.71
CA GLY B 218 -2.22 -24.96 -27.64
C GLY B 218 -0.77 -24.41 -27.64
N GLU B 219 -0.49 -23.37 -26.89
CA GLU B 219 0.90 -22.82 -26.86
C GLU B 219 1.75 -23.55 -25.81
N SER B 220 3.02 -23.73 -26.10
CA SER B 220 3.93 -24.41 -25.13
C SER B 220 4.50 -23.37 -24.15
N ILE B 221 4.31 -23.57 -22.88
CA ILE B 221 4.81 -22.60 -21.85
C ILE B 221 5.94 -23.25 -21.04
N LYS B 222 6.89 -22.46 -20.59
CA LYS B 222 8.02 -23.00 -19.76
C LYS B 222 7.71 -22.67 -18.30
N LEU B 223 8.37 -23.31 -17.36
CA LEU B 223 8.10 -23.01 -15.92
C LEU B 223 8.47 -21.55 -15.63
N ASP B 224 7.63 -20.85 -14.88
CA ASP B 224 7.88 -19.41 -14.51
C ASP B 224 7.77 -18.50 -15.76
N GLN B 225 7.24 -18.99 -16.85
CA GLN B 225 7.07 -18.12 -18.06
C GLN B 225 5.90 -17.17 -17.75
N PRO B 226 6.07 -15.88 -18.01
CA PRO B 226 5.00 -14.88 -17.74
C PRO B 226 3.77 -15.15 -18.61
N LEU B 227 2.66 -15.39 -17.95
CA LEU B 227 1.37 -15.70 -18.65
C LEU B 227 0.55 -14.41 -18.87
N THR B 228 0.92 -13.34 -18.20
CA THR B 228 0.15 -12.07 -18.34
C THR B 228 1.12 -10.88 -18.53
N SER B 229 0.57 -9.73 -18.86
CA SER B 229 1.41 -8.50 -19.03
C SER B 229 1.78 -7.97 -17.63
N ASN B 230 2.79 -7.13 -17.54
CA ASN B 230 3.16 -6.53 -16.21
C ASN B 230 2.33 -5.24 -16.06
N PRO B 231 1.31 -5.28 -15.21
CA PRO B 231 0.37 -4.14 -15.01
C PRO B 231 0.90 -3.09 -14.02
N ASN B 232 2.16 -3.15 -13.63
CA ASN B 232 2.68 -2.16 -12.65
C ASN B 232 3.21 -0.92 -13.37
N VAL B 233 2.64 0.23 -13.08
CA VAL B 233 3.09 1.51 -13.70
C VAL B 233 3.72 2.40 -12.62
N GLY B 234 3.79 1.92 -11.40
CA GLY B 234 4.38 2.72 -10.28
C GLY B 234 5.81 2.26 -9.99
N GLY B 235 6.34 2.60 -8.84
CA GLY B 235 7.73 2.18 -8.50
C GLY B 235 8.23 2.88 -7.24
N PHE B 236 9.28 2.36 -6.66
CA PHE B 236 9.88 2.95 -5.42
C PHE B 236 11.29 3.44 -5.74
N GLY B 237 11.69 4.50 -5.12
CA GLY B 237 13.06 5.04 -5.35
C GLY B 237 13.57 5.63 -4.04
N GLN B 238 14.85 5.78 -3.92
CA GLN B 238 15.42 6.36 -2.68
C GLN B 238 16.53 7.35 -3.04
N GLY B 239 16.72 8.33 -2.21
CA GLY B 239 17.77 9.35 -2.45
C GLY B 239 18.33 9.78 -1.09
N ASP B 240 19.36 10.58 -1.10
CA ASP B 240 19.97 11.02 0.19
C ASP B 240 20.48 12.46 0.05
N ALA B 241 20.55 13.15 1.15
CA ALA B 241 21.04 14.55 1.16
C ALA B 241 21.98 14.71 2.36
N GLU B 242 22.71 15.79 2.37
CA GLU B 242 23.65 16.06 3.49
C GLU B 242 23.33 17.47 4.00
N ILE B 243 23.11 17.60 5.28
CA ILE B 243 22.79 18.94 5.84
C ILE B 243 23.88 19.33 6.84
N VAL B 244 24.23 20.59 6.89
CA VAL B 244 25.28 21.04 7.83
C VAL B 244 24.64 21.79 9.02
N LEU B 245 24.62 21.18 10.19
CA LEU B 245 24.10 21.89 11.39
C LEU B 245 25.16 22.96 11.66
N GLN B 246 24.84 24.20 11.42
CA GLN B 246 25.88 25.27 11.50
C GLN B 246 25.91 26.00 12.84
N ASP B 247 27.13 26.34 13.24
CA ASP B 247 27.35 27.14 14.47
C ASP B 247 26.95 28.59 14.09
N PRO B 248 26.18 29.26 14.94
CA PRO B 248 25.74 30.65 14.64
C PRO B 248 26.92 31.65 14.68
N LEU B 249 28.11 31.16 14.98
CA LEU B 249 29.33 32.02 14.96
C LEU B 249 30.18 31.55 13.76
N ARG B 250 31.48 31.29 13.95
CA ARG B 250 32.36 30.79 12.84
C ARG B 250 33.78 30.59 13.37
N ILE A 1 -26.09 -6.95 11.34
CA ILE A 1 -24.75 -7.29 11.93
C ILE A 1 -23.80 -6.13 11.74
N ASP A 2 -22.95 -5.85 12.70
CA ASP A 2 -21.99 -4.73 12.52
C ASP A 2 -20.61 -5.31 12.19
N VAL A 3 -19.92 -4.73 11.22
CA VAL A 3 -18.57 -5.23 10.84
C VAL A 3 -17.62 -4.02 10.90
N LEU A 4 -16.52 -4.13 11.64
CA LEU A 4 -15.56 -2.98 11.77
C LEU A 4 -14.58 -2.96 10.62
N LEU A 5 -14.33 -1.81 10.08
CA LEU A 5 -13.35 -1.73 9.00
C LEU A 5 -12.03 -1.36 9.67
N GLY A 6 -11.13 -2.31 9.87
CA GLY A 6 -9.89 -1.97 10.58
C GLY A 6 -10.04 -2.46 12.02
N ALA A 7 -9.16 -3.31 12.49
CA ALA A 7 -9.33 -3.84 13.87
C ALA A 7 -8.97 -2.77 14.93
N ASP A 8 -9.31 -2.98 16.20
CA ASP A 8 -8.97 -1.96 17.26
C ASP A 8 -7.42 -1.82 17.47
N ASP A 9 -6.61 -2.72 16.93
CA ASP A 9 -5.13 -2.60 17.06
C ASP A 9 -4.61 -1.99 15.73
N GLY A 10 -5.51 -1.49 14.88
CA GLY A 10 -5.07 -0.86 13.59
C GLY A 10 -4.85 -1.94 12.51
N SER A 11 -5.19 -3.18 12.75
CA SER A 11 -4.93 -4.24 11.71
C SER A 11 -5.83 -3.96 10.46
N LEU A 12 -5.36 -4.22 9.27
CA LEU A 12 -6.22 -3.98 8.07
C LEU A 12 -7.11 -5.23 7.86
N ALA A 13 -8.24 -5.30 8.55
CA ALA A 13 -9.12 -6.51 8.42
C ALA A 13 -10.57 -6.20 8.72
N PHE A 14 -11.47 -7.01 8.20
CA PHE A 14 -12.91 -6.78 8.49
C PHE A 14 -13.21 -7.52 9.78
N VAL A 15 -13.94 -6.97 10.71
CA VAL A 15 -14.13 -7.77 11.96
C VAL A 15 -15.62 -7.81 12.35
N PRO A 16 -16.24 -8.95 12.19
CA PRO A 16 -15.61 -10.19 11.65
C PRO A 16 -15.43 -10.13 10.09
N SER A 17 -14.65 -11.05 9.51
CA SER A 17 -14.44 -11.07 8.01
C SER A 17 -15.27 -12.22 7.38
N GLU A 18 -15.63 -13.24 8.15
CA GLU A 18 -16.46 -14.34 7.58
C GLU A 18 -17.63 -14.52 8.49
N PHE A 19 -18.82 -14.39 7.95
CA PHE A 19 -20.02 -14.51 8.80
C PHE A 19 -21.24 -14.94 7.98
N SER A 20 -22.32 -15.30 8.63
CA SER A 20 -23.52 -15.69 7.86
C SER A 20 -24.68 -14.79 8.25
N ILE A 21 -25.61 -14.53 7.35
CA ILE A 21 -26.77 -13.66 7.70
C ILE A 21 -28.02 -14.21 7.07
N SER A 22 -29.17 -13.79 7.55
CA SER A 22 -30.40 -14.27 6.91
C SER A 22 -30.73 -13.27 5.77
N PRO A 23 -31.58 -13.63 4.85
CA PRO A 23 -31.93 -12.70 3.74
C PRO A 23 -32.63 -11.38 4.21
N GLY A 24 -32.23 -10.22 3.65
CA GLY A 24 -32.84 -8.90 4.07
C GLY A 24 -32.13 -8.43 5.34
N GLU A 25 -31.28 -9.24 5.97
CA GLU A 25 -30.67 -8.74 7.25
C GLU A 25 -29.71 -7.61 6.89
N LYS A 26 -29.60 -6.56 7.68
CA LYS A 26 -28.68 -5.46 7.25
C LYS A 26 -27.25 -5.65 7.77
N ILE A 27 -26.25 -5.25 6.98
CA ILE A 27 -24.84 -5.34 7.41
C ILE A 27 -24.32 -3.91 7.54
N VAL A 28 -23.87 -3.51 8.71
CA VAL A 28 -23.41 -2.11 8.85
C VAL A 28 -21.89 -2.12 8.91
N PHE A 29 -21.27 -1.67 7.86
CA PHE A 29 -19.80 -1.62 7.85
C PHE A 29 -19.44 -0.27 8.45
N LYS A 30 -18.65 -0.24 9.49
CA LYS A 30 -18.32 1.09 10.08
C LYS A 30 -16.82 1.34 10.10
N ASN A 31 -16.40 2.51 9.63
CA ASN A 31 -14.96 2.88 9.65
C ASN A 31 -14.47 2.86 11.10
N ASN A 32 -13.45 2.06 11.41
CA ASN A 32 -12.94 1.96 12.81
C ASN A 32 -11.46 2.38 12.87
N ALA A 33 -10.59 1.80 12.04
CA ALA A 33 -9.14 2.18 12.11
C ALA A 33 -8.39 1.87 10.80
N GLY A 34 -7.35 2.66 10.49
CA GLY A 34 -6.55 2.42 9.22
C GLY A 34 -7.32 2.95 7.99
N PHE A 35 -8.35 3.77 8.16
CA PHE A 35 -9.09 4.31 6.96
C PHE A 35 -8.16 5.30 6.19
N PRO A 36 -8.54 5.76 4.98
CA PRO A 36 -9.85 5.44 4.32
C PRO A 36 -10.00 3.95 3.93
N HIS A 37 -11.26 3.52 3.84
CA HIS A 37 -11.63 2.10 3.48
C HIS A 37 -12.91 2.12 2.66
N ASN A 38 -13.20 1.04 1.96
CA ASN A 38 -14.47 0.98 1.17
C ASN A 38 -14.85 -0.48 1.11
N ILE A 39 -16.04 -0.75 0.65
CA ILE A 39 -16.45 -2.16 0.55
C ILE A 39 -16.86 -2.43 -0.89
N VAL A 40 -16.19 -3.35 -1.57
CA VAL A 40 -16.57 -3.64 -2.98
C VAL A 40 -16.90 -5.13 -3.08
N PHE A 41 -18.00 -5.49 -3.70
CA PHE A 41 -18.32 -6.94 -3.81
C PHE A 41 -17.71 -7.48 -5.09
N ASP A 42 -17.10 -8.64 -5.04
CA ASP A 42 -16.50 -9.14 -6.27
C ASP A 42 -17.62 -9.51 -7.21
N GLU A 43 -17.73 -8.81 -8.30
CA GLU A 43 -18.78 -9.17 -9.26
C GLU A 43 -18.68 -10.73 -9.56
N ASP A 44 -17.44 -11.30 -9.65
CA ASP A 44 -17.23 -12.79 -10.02
C ASP A 44 -17.40 -13.73 -8.88
N SER A 45 -17.66 -13.23 -7.75
CA SER A 45 -17.77 -14.11 -6.64
C SER A 45 -19.06 -13.82 -5.85
N ILE A 46 -20.16 -13.61 -6.53
CA ILE A 46 -21.44 -13.39 -5.81
C ILE A 46 -22.47 -14.27 -6.54
N PRO A 47 -23.62 -14.52 -5.94
CA PRO A 47 -24.63 -15.38 -6.57
C PRO A 47 -25.04 -14.83 -7.96
N SER A 48 -25.27 -15.75 -8.88
CA SER A 48 -25.64 -15.41 -10.31
C SER A 48 -26.89 -14.51 -10.43
N GLY A 49 -26.79 -13.51 -11.30
CA GLY A 49 -27.94 -12.57 -11.54
C GLY A 49 -27.84 -11.35 -10.58
N VAL A 50 -26.97 -11.37 -9.57
CA VAL A 50 -26.96 -10.21 -8.60
C VAL A 50 -26.23 -9.01 -9.17
N ASP A 51 -26.82 -7.85 -9.07
CA ASP A 51 -26.12 -6.66 -9.61
C ASP A 51 -25.15 -6.15 -8.51
N ALA A 52 -23.85 -6.24 -8.75
CA ALA A 52 -22.86 -5.76 -7.70
C ALA A 52 -22.93 -4.23 -7.49
N SER A 53 -23.38 -3.48 -8.47
CA SER A 53 -23.50 -1.98 -8.31
C SER A 53 -24.59 -1.64 -7.24
N LYS A 54 -25.57 -2.51 -7.04
CA LYS A 54 -26.67 -2.22 -6.04
C LYS A 54 -26.24 -2.51 -4.59
N ILE A 55 -25.18 -3.27 -4.39
CA ILE A 55 -24.75 -3.63 -2.98
C ILE A 55 -23.30 -3.19 -2.67
N SER A 56 -22.60 -2.52 -3.58
CA SER A 56 -21.18 -2.12 -3.27
C SER A 56 -20.90 -0.66 -3.51
N MET A 57 -19.80 -0.20 -2.95
CA MET A 57 -19.41 1.22 -3.15
C MET A 57 -18.60 1.26 -4.42
N SER A 58 -18.42 2.41 -5.00
CA SER A 58 -17.61 2.42 -6.23
C SER A 58 -16.14 2.21 -5.86
N GLU A 59 -15.33 1.66 -6.73
CA GLU A 59 -13.89 1.46 -6.34
C GLU A 59 -13.22 2.81 -5.97
N GLU A 60 -13.70 3.87 -6.59
CA GLU A 60 -13.18 5.28 -6.37
C GLU A 60 -13.87 5.96 -5.16
N ASP A 61 -14.86 5.34 -4.54
CA ASP A 61 -15.53 6.00 -3.34
C ASP A 61 -14.82 5.54 -2.06
N LEU A 62 -14.74 6.42 -1.06
CA LEU A 62 -14.04 6.04 0.20
C LEU A 62 -14.75 6.59 1.41
N LEU A 63 -14.63 5.85 2.49
CA LEU A 63 -15.14 6.30 3.80
C LEU A 63 -13.86 6.76 4.46
N ASN A 64 -13.65 8.06 4.68
CA ASN A 64 -12.32 8.45 5.20
C ASN A 64 -12.38 9.06 6.61
N ALA A 65 -13.48 8.94 7.35
CA ALA A 65 -13.50 9.52 8.75
C ALA A 65 -13.98 8.46 9.69
N LYS A 66 -13.47 8.45 10.90
CA LYS A 66 -13.88 7.40 11.89
C LYS A 66 -15.40 7.42 12.18
N GLY A 67 -16.07 6.26 12.17
CA GLY A 67 -17.54 6.25 12.45
C GLY A 67 -18.33 6.23 11.12
N GLU A 68 -17.72 6.58 9.97
CA GLU A 68 -18.55 6.63 8.71
C GLU A 68 -19.07 5.21 8.43
N THR A 69 -20.30 5.08 7.95
CA THR A 69 -20.82 3.69 7.73
C THR A 69 -21.39 3.48 6.33
N PHE A 70 -21.41 2.23 5.92
CA PHE A 70 -22.02 1.83 4.63
C PHE A 70 -22.92 0.65 4.98
N GLU A 71 -24.20 0.75 4.70
CA GLU A 71 -25.11 -0.35 5.07
C GLU A 71 -25.66 -1.02 3.84
N VAL A 72 -25.83 -2.33 3.91
CA VAL A 72 -26.39 -3.08 2.76
C VAL A 72 -27.16 -4.30 3.23
N ALA A 73 -28.23 -4.61 2.54
CA ALA A 73 -29.03 -5.81 2.89
C ALA A 73 -28.96 -6.76 1.69
N LEU A 74 -28.65 -8.02 1.93
CA LEU A 74 -28.58 -8.97 0.79
C LEU A 74 -29.80 -9.90 0.83
N SER A 75 -30.37 -10.27 -0.31
CA SER A 75 -31.56 -11.15 -0.24
C SER A 75 -31.28 -12.50 -0.92
N ASN A 76 -30.57 -12.49 -2.05
CA ASN A 76 -30.28 -13.79 -2.76
C ASN A 76 -29.36 -14.65 -1.93
N LYS A 77 -29.68 -15.91 -1.79
CA LYS A 77 -28.84 -16.80 -0.94
C LYS A 77 -27.55 -17.21 -1.67
N GLY A 78 -26.52 -17.54 -0.95
CA GLY A 78 -25.27 -17.97 -1.64
C GLY A 78 -24.07 -17.30 -0.99
N GLU A 79 -22.90 -17.45 -1.53
CA GLU A 79 -21.72 -16.81 -0.89
C GLU A 79 -21.37 -15.49 -1.60
N TYR A 80 -20.98 -14.46 -0.86
CA TYR A 80 -20.61 -13.15 -1.50
C TYR A 80 -19.17 -12.82 -1.09
N SER A 81 -18.26 -12.63 -2.03
CA SER A 81 -16.87 -12.29 -1.62
C SER A 81 -16.72 -10.78 -1.74
N PHE A 82 -16.15 -10.13 -0.76
CA PHE A 82 -16.01 -8.64 -0.87
C PHE A 82 -14.60 -8.24 -0.47
N TYR A 83 -14.21 -7.01 -0.72
CA TYR A 83 -12.84 -6.58 -0.33
C TYR A 83 -12.74 -5.09 -0.23
N CYS A 84 -11.68 -4.61 0.37
CA CYS A 84 -11.48 -3.17 0.41
C CYS A 84 -10.56 -2.91 -0.79
N SER A 85 -10.92 -2.01 -1.70
CA SER A 85 -10.04 -1.84 -2.92
C SER A 85 -8.57 -1.37 -2.60
N PRO A 86 -8.35 -0.34 -1.80
CA PRO A 86 -6.96 0.14 -1.51
C PRO A 86 -6.18 -0.83 -0.59
N HIS A 87 -6.86 -1.73 0.11
CA HIS A 87 -6.13 -2.70 1.01
C HIS A 87 -6.41 -4.18 0.64
N GLN A 88 -6.91 -4.47 -0.56
CA GLN A 88 -7.15 -5.93 -0.96
C GLN A 88 -5.83 -6.67 -0.93
N GLY A 89 -4.78 -6.08 -1.44
CA GLY A 89 -3.49 -6.77 -1.38
C GLY A 89 -3.11 -6.99 0.10
N ALA A 90 -3.39 -6.06 0.99
CA ALA A 90 -2.96 -6.30 2.40
C ALA A 90 -3.69 -7.47 3.07
N GLY A 91 -4.69 -8.01 2.40
CA GLY A 91 -5.46 -9.15 2.96
C GLY A 91 -6.79 -8.62 3.49
N MET A 92 -7.14 -7.37 3.26
CA MET A 92 -8.44 -6.90 3.81
C MET A 92 -9.54 -7.45 2.90
N VAL A 93 -9.96 -8.68 3.15
CA VAL A 93 -11.00 -9.29 2.29
C VAL A 93 -11.99 -10.00 3.20
N GLY A 94 -13.15 -10.38 2.74
CA GLY A 94 -14.08 -11.10 3.65
C GLY A 94 -15.10 -11.88 2.81
N LYS A 95 -15.96 -12.68 3.40
CA LYS A 95 -16.96 -13.44 2.60
C LYS A 95 -18.21 -13.61 3.45
N VAL A 96 -19.36 -13.29 2.92
CA VAL A 96 -20.60 -13.44 3.74
C VAL A 96 -21.50 -14.48 3.10
N THR A 97 -22.15 -15.30 3.89
CA THR A 97 -23.04 -16.31 3.27
C THR A 97 -24.50 -15.99 3.61
N VAL A 98 -25.37 -15.89 2.63
CA VAL A 98 -26.77 -15.61 2.98
C VAL A 98 -27.49 -16.97 3.01
N ASN A 99 -27.97 -17.40 4.16
CA ASN A 99 -28.60 -18.74 4.22
C ASN A 99 -30.00 -18.66 4.81
N TYR B 1 2.08 -0.11 1.95
CA TYR B 1 1.70 1.08 2.68
C TYR B 1 2.75 1.35 3.75
N PRO B 2 2.92 2.61 4.13
CA PRO B 2 3.90 2.97 5.19
C PRO B 2 3.60 2.23 6.49
N ILE B 3 2.35 1.84 6.72
CA ILE B 3 1.98 1.08 7.96
C ILE B 3 2.54 -0.37 7.90
N PHE B 4 2.66 -0.97 6.70
CA PHE B 4 3.17 -2.39 6.58
C PHE B 4 4.65 -2.46 6.97
N ALA B 5 5.41 -1.43 6.65
CA ALA B 5 6.86 -1.41 7.02
C ALA B 5 6.97 -1.11 8.53
N GLN B 6 6.19 -0.15 9.01
CA GLN B 6 6.19 0.22 10.48
C GLN B 6 5.75 -1.00 11.31
N GLN B 7 4.69 -1.65 10.89
CA GLN B 7 4.16 -2.83 11.66
C GLN B 7 5.18 -3.99 11.77
N ASN B 8 6.11 -4.23 10.83
CA ASN B 8 7.01 -5.44 11.01
C ASN B 8 8.49 -5.19 10.59
N TYR B 9 8.94 -3.94 10.65
CA TYR B 9 10.40 -3.57 10.39
C TYR B 9 10.69 -2.51 11.44
N GLU B 10 11.53 -2.85 12.39
CA GLU B 10 11.80 -1.90 13.51
C GLU B 10 12.52 -0.65 12.98
N ASN B 11 13.44 -0.84 12.08
CA ASN B 11 14.16 0.29 11.45
C ASN B 11 13.88 0.15 9.94
N PRO B 12 13.56 1.24 9.27
CA PRO B 12 13.20 1.19 7.83
C PRO B 12 14.43 1.06 6.92
N ARG B 13 15.64 1.34 7.39
CA ARG B 13 16.84 1.20 6.47
C ARG B 13 17.61 -0.09 6.76
N GLU B 14 17.83 -0.92 5.75
CA GLU B 14 18.54 -2.21 6.01
C GLU B 14 20.06 -1.99 5.93
N ALA B 15 20.85 -2.96 6.36
CA ALA B 15 22.33 -2.82 6.34
C ALA B 15 22.84 -2.57 4.88
N THR B 16 22.10 -3.00 3.85
CA THR B 16 22.55 -2.78 2.42
C THR B 16 22.30 -1.32 2.04
N GLY B 17 21.51 -0.62 2.83
CA GLY B 17 21.21 0.81 2.56
C GLY B 17 19.89 0.92 1.81
N ARG B 18 19.21 -0.19 1.65
CA ARG B 18 17.90 -0.21 0.94
C ARG B 18 16.77 -0.01 1.93
N ILE B 19 15.81 0.80 1.57
CA ILE B 19 14.66 1.01 2.49
C ILE B 19 13.68 -0.19 2.32
N VAL B 20 13.13 -0.66 3.41
CA VAL B 20 12.20 -1.86 3.39
C VAL B 20 10.99 -1.71 2.43
N CYS B 21 10.63 -0.56 1.85
CA CYS B 21 9.44 -0.57 0.92
C CYS B 21 9.80 -1.33 -0.36
N ALA B 22 11.06 -1.36 -0.67
CA ALA B 22 11.57 -2.07 -1.89
C ALA B 22 11.35 -3.60 -1.75
N ASN B 23 10.93 -4.09 -0.58
CA ASN B 23 10.68 -5.57 -0.41
C ASN B 23 9.32 -5.93 -1.09
N CYS B 24 8.35 -4.98 -1.14
CA CYS B 24 7.00 -5.23 -1.84
C CYS B 24 6.84 -4.27 -2.99
N HIS B 25 7.44 -3.11 -2.90
CA HIS B 25 7.38 -2.18 -4.03
C HIS B 25 8.61 -2.55 -4.91
N LEU B 26 8.41 -3.43 -5.88
CA LEU B 26 9.55 -3.94 -6.69
C LEU B 26 9.98 -3.06 -7.89
N ALA B 27 9.18 -2.12 -8.39
CA ALA B 27 9.69 -1.34 -9.60
C ALA B 27 10.52 -0.12 -9.14
N SER B 28 11.62 0.18 -9.83
CA SER B 28 12.44 1.34 -9.42
C SER B 28 12.01 2.59 -10.18
N LYS B 29 11.82 3.65 -9.48
CA LYS B 29 11.44 4.93 -10.11
C LYS B 29 12.19 6.02 -9.30
N PRO B 30 12.52 7.12 -9.94
CA PRO B 30 13.29 8.19 -9.29
C PRO B 30 12.56 9.02 -8.23
N VAL B 31 13.32 9.30 -7.20
CA VAL B 31 12.87 10.15 -6.06
C VAL B 31 13.89 11.30 -5.91
N ASP B 32 13.43 12.46 -5.54
CA ASP B 32 14.37 13.60 -5.38
C ASP B 32 14.14 14.28 -4.04
N ILE B 33 15.14 14.95 -3.50
CA ILE B 33 14.96 15.64 -2.18
C ILE B 33 15.80 16.91 -2.12
N GLU B 34 15.15 18.04 -1.93
CA GLU B 34 15.91 19.30 -1.80
C GLU B 34 15.90 19.73 -0.33
N VAL B 35 17.06 20.02 0.17
CA VAL B 35 17.19 20.43 1.59
C VAL B 35 18.18 21.58 1.62
N PRO B 36 18.02 22.54 2.52
CA PRO B 36 18.97 23.65 2.57
C PRO B 36 20.38 23.15 2.86
N GLN B 37 21.38 23.79 2.29
CA GLN B 37 22.81 23.35 2.48
C GLN B 37 23.20 23.36 3.96
N ALA B 38 22.73 24.34 4.68
CA ALA B 38 23.08 24.43 6.11
C ALA B 38 21.91 25.01 6.89
N VAL B 39 21.82 24.70 8.17
CA VAL B 39 20.71 25.25 8.99
C VAL B 39 21.25 25.64 10.37
N LEU B 40 20.55 26.51 11.06
CA LEU B 40 21.01 26.95 12.41
C LEU B 40 20.23 26.21 13.49
N PRO B 41 20.83 26.11 14.67
CA PRO B 41 20.18 25.44 15.81
C PRO B 41 18.78 25.99 16.12
N ASP B 42 17.87 25.08 16.47
CA ASP B 42 16.42 25.39 16.81
C ASP B 42 15.76 26.29 15.75
N THR B 43 15.88 25.94 14.49
CA THR B 43 15.20 26.72 13.38
C THR B 43 14.42 25.75 12.53
N VAL B 44 13.30 26.18 11.99
CA VAL B 44 12.52 25.25 11.15
C VAL B 44 12.98 25.34 9.71
N PHE B 45 13.07 24.21 9.06
CA PHE B 45 13.47 24.19 7.64
C PHE B 45 12.58 23.21 6.91
N GLU B 46 12.59 23.25 5.62
CA GLU B 46 11.72 22.32 4.88
C GLU B 46 12.51 21.32 4.06
N ALA B 47 12.04 20.10 4.10
CA ALA B 47 12.68 19.02 3.29
C ALA B 47 11.69 18.67 2.21
N VAL B 48 11.99 18.99 0.99
CA VAL B 48 10.97 18.71 -0.03
C VAL B 48 11.29 17.43 -0.81
N VAL B 49 10.38 16.50 -0.78
CA VAL B 49 10.63 15.22 -1.49
C VAL B 49 9.83 15.20 -2.78
N LYS B 50 10.45 14.79 -3.86
CA LYS B 50 9.71 14.72 -5.15
C LYS B 50 9.58 13.26 -5.59
N ILE B 51 8.36 12.84 -5.85
CA ILE B 51 8.06 11.45 -6.31
C ILE B 51 7.32 11.64 -7.65
N PRO B 52 8.09 11.95 -8.70
CA PRO B 52 7.51 12.27 -10.02
C PRO B 52 7.15 11.03 -10.85
N TYR B 53 6.07 11.16 -11.63
CA TYR B 53 5.59 10.06 -12.53
C TYR B 53 4.69 10.65 -13.61
N ASP B 54 4.58 10.01 -14.75
CA ASP B 54 3.67 10.56 -15.78
C ASP B 54 2.22 10.46 -15.20
N MET B 55 1.49 11.57 -15.12
CA MET B 55 0.12 11.54 -14.47
C MET B 55 -1.02 11.03 -15.38
N GLN B 56 -0.75 10.56 -16.60
CA GLN B 56 -1.88 10.01 -17.45
C GLN B 56 -1.91 8.50 -17.22
N LEU B 57 -1.00 8.03 -16.38
CA LEU B 57 -0.86 6.58 -16.08
C LEU B 57 -1.98 6.09 -15.17
N LYS B 58 -2.57 4.97 -15.50
CA LYS B 58 -3.64 4.40 -14.66
C LYS B 58 -3.18 3.02 -14.22
N GLN B 59 -3.22 2.75 -12.94
CA GLN B 59 -2.75 1.42 -12.43
C GLN B 59 -3.94 0.49 -12.24
N VAL B 60 -3.70 -0.76 -11.94
CA VAL B 60 -4.83 -1.71 -11.71
C VAL B 60 -5.24 -1.65 -10.23
N LEU B 61 -6.41 -1.16 -9.94
CA LEU B 61 -6.81 -1.07 -8.52
C LEU B 61 -7.03 -2.50 -7.97
N ALA B 62 -7.14 -2.65 -6.68
CA ALA B 62 -7.36 -4.00 -6.05
C ALA B 62 -8.64 -4.69 -6.56
N ASN B 63 -9.51 -4.03 -7.31
CA ASN B 63 -10.74 -4.76 -7.74
C ASN B 63 -10.76 -4.99 -9.30
N GLY B 64 -9.62 -4.87 -9.97
CA GLY B 64 -9.58 -5.08 -11.48
C GLY B 64 -9.74 -3.73 -12.22
N LYS B 65 -10.46 -2.76 -11.64
CA LYS B 65 -10.66 -1.44 -12.34
C LYS B 65 -9.34 -0.66 -12.38
N LYS B 66 -9.22 0.28 -13.30
CA LYS B 66 -7.97 1.08 -13.42
C LYS B 66 -8.18 2.45 -12.77
N GLY B 67 -7.20 2.96 -12.06
CA GLY B 67 -7.38 4.28 -11.40
C GLY B 67 -6.06 5.03 -11.25
N ALA B 68 -6.11 6.16 -10.53
CA ALA B 68 -4.89 7.00 -10.33
C ALA B 68 -4.00 6.40 -9.23
N LEU B 69 -2.78 6.88 -9.11
CA LEU B 69 -1.80 6.35 -8.11
C LEU B 69 -1.76 7.19 -6.85
N ASN B 70 -1.31 6.59 -5.77
CA ASN B 70 -1.20 7.35 -4.49
C ASN B 70 0.29 7.42 -4.11
N VAL B 71 0.68 8.40 -3.35
CA VAL B 71 2.12 8.50 -3.02
C VAL B 71 2.32 8.33 -1.51
N GLY B 72 3.52 7.97 -1.12
CA GLY B 72 3.85 7.81 0.33
C GLY B 72 5.36 7.94 0.48
N ALA B 73 5.85 8.30 1.64
CA ALA B 73 7.32 8.44 1.77
C ALA B 73 7.79 8.21 3.18
N VAL B 74 9.06 7.91 3.32
CA VAL B 74 9.63 7.72 4.68
C VAL B 74 10.87 8.58 4.79
N LEU B 75 10.92 9.48 5.74
CA LEU B 75 12.11 10.34 5.82
C LEU B 75 12.98 9.93 7.00
N ILE B 76 14.24 9.63 6.76
CA ILE B 76 15.10 9.21 7.90
C ILE B 76 16.04 10.38 8.24
N LEU B 77 15.82 11.00 9.37
CA LEU B 77 16.66 12.16 9.80
C LEU B 77 17.62 11.73 10.91
N PRO B 78 18.67 12.51 11.13
CA PRO B 78 19.65 12.21 12.21
C PRO B 78 18.97 12.34 13.56
N GLU B 79 19.49 11.71 14.59
CA GLU B 79 18.82 11.78 15.93
C GLU B 79 18.85 13.22 16.48
N GLY B 80 17.75 13.71 17.03
CA GLY B 80 17.74 15.11 17.51
C GLY B 80 16.78 15.91 16.61
N PHE B 81 16.81 15.61 15.31
CA PHE B 81 15.89 16.31 14.34
C PHE B 81 14.49 15.69 14.47
N GLU B 82 13.46 16.50 14.40
CA GLU B 82 12.07 15.96 14.54
C GLU B 82 11.07 16.85 13.83
N LEU B 83 9.84 16.39 13.72
CA LEU B 83 8.81 17.19 13.02
C LEU B 83 8.60 18.52 13.76
N ALA B 84 8.64 19.62 13.01
CA ALA B 84 8.43 20.96 13.65
C ALA B 84 7.02 21.03 14.26
N PRO B 85 6.90 21.60 15.45
CA PRO B 85 5.60 21.75 16.14
C PRO B 85 4.74 22.79 15.37
N PRO B 86 3.42 22.74 15.54
CA PRO B 86 2.47 23.65 14.82
C PRO B 86 2.69 25.14 15.14
N ASP B 87 3.02 25.48 16.38
CA ASP B 87 3.26 26.94 16.73
C ASP B 87 4.53 27.47 15.98
N ARG B 88 5.48 26.61 15.63
CA ARG B 88 6.74 27.06 14.92
C ARG B 88 6.57 27.01 13.40
N ILE B 89 5.44 26.52 12.93
CA ILE B 89 5.24 26.45 11.45
C ILE B 89 4.61 27.78 10.95
N SER B 90 5.29 28.42 10.02
CA SER B 90 4.77 29.71 9.43
C SER B 90 3.48 29.45 8.61
N PRO B 91 2.68 30.49 8.42
CA PRO B 91 1.43 30.40 7.63
C PRO B 91 1.78 30.19 6.15
N GLU B 92 2.87 30.80 5.68
CA GLU B 92 3.34 30.62 4.25
C GLU B 92 3.79 29.16 4.04
N MET B 93 4.10 28.47 5.13
CA MET B 93 4.52 27.04 5.06
C MET B 93 3.32 26.13 5.34
N LYS B 94 2.38 26.58 6.15
CA LYS B 94 1.18 25.73 6.50
C LYS B 94 0.30 25.48 5.28
N GLU B 95 0.26 26.41 4.34
CA GLU B 95 -0.56 26.18 3.10
C GLU B 95 0.23 25.21 2.20
N LYS B 96 1.55 25.31 2.26
CA LYS B 96 2.47 24.46 1.43
C LYS B 96 2.33 22.97 1.79
N ILE B 97 2.27 22.68 3.08
CA ILE B 97 2.12 21.27 3.59
C ILE B 97 0.65 20.82 3.46
N GLY B 98 -0.21 21.61 2.83
CA GLY B 98 -1.65 21.20 2.65
C GLY B 98 -2.30 20.88 4.00
N ASN B 99 -2.62 19.63 4.22
CA ASN B 99 -3.22 19.19 5.51
C ASN B 99 -2.77 17.75 5.74
N LEU B 100 -1.50 17.51 5.49
CA LEU B 100 -0.90 16.15 5.65
C LEU B 100 -0.61 15.87 7.11
N SER B 101 -0.71 14.61 7.48
CA SER B 101 -0.40 14.17 8.88
C SER B 101 0.85 13.33 8.86
N PHE B 102 1.92 13.92 9.34
CA PHE B 102 3.19 13.18 9.36
C PHE B 102 3.24 12.34 10.62
N GLN B 103 3.53 11.08 10.44
CA GLN B 103 3.55 10.18 11.61
C GLN B 103 4.95 9.72 11.96
N ASN B 104 5.15 9.37 13.20
CA ASN B 104 6.46 8.88 13.57
C ASN B 104 6.55 7.40 13.13
N TYR B 105 7.69 6.93 12.70
CA TYR B 105 7.77 5.51 12.27
C TYR B 105 7.32 4.63 13.46
N ARG B 106 7.74 5.05 14.62
CA ARG B 106 7.37 4.41 15.90
C ARG B 106 7.42 5.58 16.90
N PRO B 107 6.73 5.49 18.01
CA PRO B 107 6.73 6.62 18.98
C PRO B 107 8.13 6.89 19.57
N ASN B 108 9.01 5.93 19.62
CA ASN B 108 10.37 6.22 20.16
C ASN B 108 11.27 6.81 19.03
N LYS B 109 10.91 6.57 17.78
CA LYS B 109 11.70 7.11 16.62
C LYS B 109 11.10 8.45 16.17
N LYS B 110 11.50 9.51 16.82
CA LYS B 110 10.98 10.85 16.45
C LYS B 110 11.75 11.41 15.24
N ASN B 111 12.82 10.76 14.83
CA ASN B 111 13.62 11.27 13.68
C ASN B 111 13.28 10.49 12.39
N ILE B 112 12.23 9.70 12.42
CA ILE B 112 11.80 8.94 11.18
C ILE B 112 10.33 9.29 10.92
N LEU B 113 10.08 9.93 9.82
CA LEU B 113 8.71 10.35 9.55
C LEU B 113 8.10 9.62 8.37
N VAL B 114 6.84 9.30 8.48
CA VAL B 114 6.15 8.61 7.36
C VAL B 114 4.87 9.37 6.98
N ILE B 115 4.51 9.31 5.73
CA ILE B 115 3.28 9.99 5.26
C ILE B 115 2.70 9.20 4.08
N GLY B 116 1.40 9.17 3.96
CA GLY B 116 0.80 8.40 2.84
C GLY B 116 0.03 7.23 3.42
N PRO B 117 -0.79 6.62 2.60
CA PRO B 117 -1.00 7.02 1.18
C PRO B 117 -1.81 8.31 1.03
N VAL B 118 -1.32 9.17 0.16
CA VAL B 118 -1.99 10.47 -0.17
C VAL B 118 -2.09 10.51 -1.71
N PRO B 119 -3.11 11.15 -2.27
CA PRO B 119 -3.29 11.17 -3.74
C PRO B 119 -2.11 11.83 -4.50
N GLY B 120 -1.60 11.12 -5.52
CA GLY B 120 -0.42 11.58 -6.36
C GLY B 120 -0.70 12.88 -7.12
N GLN B 121 -1.90 13.06 -7.63
CA GLN B 121 -2.20 14.32 -8.40
C GLN B 121 -1.91 15.55 -7.53
N LYS B 122 -2.18 15.46 -6.24
CA LYS B 122 -1.99 16.62 -5.32
C LYS B 122 -0.62 16.62 -4.60
N TYR B 123 -0.09 15.48 -4.20
CA TYR B 123 1.20 15.50 -3.41
C TYR B 123 2.38 14.78 -4.12
N SER B 124 2.69 15.08 -5.39
CA SER B 124 3.89 14.41 -6.05
C SER B 124 5.15 14.96 -5.33
N GLU B 125 5.01 16.19 -4.84
CA GLU B 125 6.10 16.85 -4.03
C GLU B 125 5.56 17.12 -2.63
N ILE B 126 6.26 16.65 -1.62
CA ILE B 126 5.77 16.87 -0.24
C ILE B 126 6.76 17.72 0.56
N THR B 127 6.25 18.57 1.43
CA THR B 127 7.16 19.42 2.24
C THR B 127 7.13 18.98 3.71
N PHE B 128 8.26 18.51 4.21
CA PHE B 128 8.32 18.05 5.63
C PHE B 128 8.94 19.16 6.49
N PRO B 129 8.17 19.67 7.44
CA PRO B 129 8.65 20.76 8.26
C PRO B 129 9.52 20.16 9.36
N ILE B 130 10.82 20.38 9.29
CA ILE B 130 11.74 19.77 10.32
C ILE B 130 12.33 20.84 11.25
N LEU B 131 12.49 20.48 12.50
CA LEU B 131 13.09 21.41 13.50
C LEU B 131 14.53 20.99 13.75
N ALA B 132 15.45 21.88 13.52
CA ALA B 132 16.88 21.54 13.75
C ALA B 132 17.16 21.59 15.25
N PRO B 133 17.85 20.59 15.75
CA PRO B 133 18.14 20.51 17.19
C PRO B 133 19.14 21.59 17.61
N ASP B 134 19.44 21.64 18.90
CA ASP B 134 20.42 22.64 19.43
C ASP B 134 21.47 21.90 20.30
N PRO B 135 22.73 22.00 19.91
CA PRO B 135 23.84 21.31 20.64
C PRO B 135 23.97 21.83 22.07
N ALA B 136 23.74 23.11 22.29
CA ALA B 136 23.80 23.66 23.68
C ALA B 136 22.68 23.00 24.56
N THR B 137 21.64 22.40 23.95
CA THR B 137 20.52 21.76 24.76
C THR B 137 20.38 20.25 24.43
N ASN B 138 21.43 19.70 23.89
CA ASN B 138 21.52 18.25 23.52
C ASN B 138 23.01 17.89 23.39
N LYS B 139 23.53 17.15 24.33
CA LYS B 139 24.98 16.78 24.32
C LYS B 139 25.34 15.73 23.24
N ASP B 140 24.42 15.08 22.55
CA ASP B 140 24.87 14.08 21.50
C ASP B 140 24.70 14.70 20.10
N VAL B 141 24.17 15.91 20.05
CA VAL B 141 24.00 16.64 18.76
C VAL B 141 25.16 17.61 18.62
N HIS B 142 25.80 17.59 17.49
CA HIS B 142 26.98 18.47 17.29
C HIS B 142 26.87 19.25 16.01
N PHE B 143 27.72 20.25 15.85
CA PHE B 143 27.74 21.01 14.57
C PHE B 143 28.52 20.14 13.57
N LEU B 144 27.78 19.47 12.72
CA LEU B 144 28.43 18.51 11.80
C LEU B 144 27.64 18.33 10.51
N LYS B 145 28.17 17.53 9.61
CA LYS B 145 27.41 17.27 8.39
C LYS B 145 26.55 16.03 8.65
N TYR B 146 25.27 16.09 8.38
CA TYR B 146 24.44 14.91 8.73
C TYR B 146 23.75 14.33 7.51
N PRO B 147 23.71 13.01 7.39
CA PRO B 147 23.03 12.36 6.25
C PRO B 147 21.51 12.34 6.44
N ILE B 148 20.80 12.44 5.34
CA ILE B 148 19.30 12.40 5.35
C ILE B 148 18.87 11.38 4.30
N TYR B 149 18.05 10.44 4.66
CA TYR B 149 17.64 9.42 3.66
C TYR B 149 16.15 9.48 3.40
N VAL B 150 15.76 9.31 2.16
CA VAL B 150 14.30 9.35 1.81
C VAL B 150 13.90 8.16 0.91
N GLY B 151 12.71 7.70 1.13
CA GLY B 151 12.14 6.61 0.31
C GLY B 151 10.84 7.12 -0.24
N GLY B 152 10.65 7.03 -1.53
CA GLY B 152 9.40 7.58 -2.08
C GLY B 152 8.73 6.54 -2.96
N ASN B 153 7.42 6.36 -2.78
CA ASN B 153 6.68 5.33 -3.59
C ASN B 153 5.38 5.89 -4.18
N ARG B 154 5.09 5.43 -5.39
CA ARG B 154 3.82 5.80 -6.09
C ARG B 154 3.25 4.54 -6.73
N GLY B 155 2.01 4.21 -6.46
CA GLY B 155 1.47 3.00 -7.07
C GLY B 155 1.34 1.89 -6.02
N ARG B 156 0.50 0.92 -6.31
CA ARG B 156 0.26 -0.27 -5.41
C ARG B 156 1.42 -1.26 -5.49
N GLY B 157 1.79 -1.83 -4.37
CA GLY B 157 2.91 -2.80 -4.29
C GLY B 157 2.54 -4.15 -4.95
N GLN B 158 3.51 -5.04 -5.07
CA GLN B 158 3.26 -6.40 -5.68
C GLN B 158 3.08 -7.49 -4.58
N ILE B 159 3.73 -7.35 -3.42
CA ILE B 159 3.61 -8.43 -2.36
C ILE B 159 2.96 -7.91 -1.05
N TYR B 160 2.15 -8.74 -0.40
CA TYR B 160 1.52 -8.32 0.87
C TYR B 160 2.44 -8.76 2.01
N PRO B 161 2.16 -8.32 3.22
CA PRO B 161 2.95 -8.74 4.41
C PRO B 161 2.91 -10.28 4.66
N ASP B 162 1.99 -11.06 4.06
CA ASP B 162 1.99 -12.57 4.30
C ASP B 162 2.77 -13.31 3.19
N GLY B 163 3.23 -12.57 2.18
CA GLY B 163 4.01 -13.17 1.04
C GLY B 163 3.12 -13.31 -0.19
N SER B 164 1.83 -13.08 -0.03
CA SER B 164 0.88 -13.26 -1.18
C SER B 164 1.08 -12.18 -2.23
N LYS B 165 0.95 -12.53 -3.50
CA LYS B 165 1.12 -11.52 -4.60
C LYS B 165 -0.18 -10.75 -4.84
N SER B 166 -0.06 -9.51 -5.31
CA SER B 166 -1.29 -8.73 -5.61
C SER B 166 -1.61 -8.86 -7.07
N ASN B 167 -2.70 -8.28 -7.48
CA ASN B 167 -3.04 -8.41 -8.89
C ASN B 167 -2.31 -7.30 -9.67
N ASN B 168 -1.30 -6.70 -9.04
CA ASN B 168 -0.49 -5.62 -9.69
C ASN B 168 0.92 -6.13 -9.93
N THR B 169 1.01 -7.35 -10.43
CA THR B 169 2.32 -7.98 -10.73
C THR B 169 2.14 -9.01 -11.86
N VAL B 170 3.24 -9.54 -12.36
CA VAL B 170 3.15 -10.58 -13.44
C VAL B 170 2.74 -11.93 -12.85
N TYR B 171 1.94 -12.69 -13.56
CA TYR B 171 1.56 -14.03 -13.05
C TYR B 171 2.35 -15.05 -13.85
N ASN B 172 3.12 -15.86 -13.19
CA ASN B 172 3.96 -16.78 -13.98
C ASN B 172 3.38 -18.20 -13.96
N ALA B 173 3.66 -18.97 -15.00
CA ALA B 173 3.18 -20.39 -15.06
C ALA B 173 3.89 -21.21 -13.95
N THR B 174 3.13 -21.98 -13.17
CA THR B 174 3.73 -22.82 -12.06
C THR B 174 4.25 -24.15 -12.65
N ALA B 175 4.01 -24.38 -13.93
CA ALA B 175 4.48 -25.62 -14.60
C ALA B 175 4.73 -25.39 -16.09
N GLY B 176 5.65 -26.15 -16.64
CA GLY B 176 5.93 -26.05 -18.10
C GLY B 176 4.95 -26.96 -18.80
N GLY B 177 4.86 -26.92 -20.10
CA GLY B 177 3.87 -27.79 -20.74
C GLY B 177 3.14 -27.08 -21.87
N ILE B 178 1.95 -27.56 -22.18
CA ILE B 178 1.12 -26.95 -23.26
C ILE B 178 -0.21 -26.51 -22.65
N ILE B 179 -0.70 -25.33 -22.99
CA ILE B 179 -1.99 -24.88 -22.41
C ILE B 179 -3.12 -25.65 -23.12
N SER B 180 -3.86 -26.47 -22.40
CA SER B 180 -4.95 -27.28 -23.06
C SER B 180 -6.29 -26.54 -22.98
N LYS B 181 -6.38 -25.57 -22.08
CA LYS B 181 -7.65 -24.79 -21.93
C LYS B 181 -7.47 -23.45 -21.20
N ILE B 182 -8.24 -22.47 -21.62
CA ILE B 182 -8.22 -21.13 -20.96
C ILE B 182 -9.67 -20.73 -20.68
N LEU B 183 -10.10 -20.91 -19.46
CA LEU B 183 -11.49 -20.55 -19.12
C LEU B 183 -11.59 -19.07 -18.71
N ARG B 184 -12.19 -18.25 -19.55
CA ARG B 184 -12.39 -16.82 -19.21
C ARG B 184 -13.52 -16.76 -18.18
N LYS B 185 -13.26 -16.24 -17.01
CA LYS B 185 -14.30 -16.29 -15.96
C LYS B 185 -15.41 -15.25 -16.15
N GLU B 186 -16.59 -15.58 -15.67
CA GLU B 186 -17.80 -14.69 -15.78
C GLU B 186 -17.51 -13.23 -15.41
N LYS B 187 -17.03 -12.94 -14.23
CA LYS B 187 -16.86 -11.50 -13.89
C LYS B 187 -15.40 -11.11 -13.90
N GLY B 188 -14.64 -11.75 -14.73
CA GLY B 188 -13.22 -11.38 -14.85
C GLY B 188 -12.27 -12.41 -14.26
N GLY B 189 -11.09 -12.46 -14.81
CA GLY B 189 -10.06 -13.42 -14.33
C GLY B 189 -10.02 -14.60 -15.27
N TYR B 190 -9.05 -15.47 -15.08
CA TYR B 190 -8.95 -16.65 -15.97
C TYR B 190 -8.54 -17.91 -15.21
N GLU B 191 -8.78 -19.04 -15.83
CA GLU B 191 -8.38 -20.37 -15.26
C GLU B 191 -7.56 -21.05 -16.36
N ILE B 192 -6.28 -21.21 -16.19
CA ILE B 192 -5.46 -21.80 -17.29
C ILE B 192 -5.05 -23.22 -16.95
N THR B 193 -5.41 -24.16 -17.80
CA THR B 193 -5.04 -25.56 -17.54
C THR B 193 -3.76 -25.88 -18.32
N ILE B 194 -2.73 -26.31 -17.61
CA ILE B 194 -1.45 -26.64 -18.29
C ILE B 194 -1.22 -28.13 -18.21
N VAL B 195 -0.96 -28.76 -19.33
CA VAL B 195 -0.69 -30.23 -19.29
C VAL B 195 0.82 -30.43 -19.31
N ASP B 196 1.40 -30.69 -18.17
CA ASP B 196 2.85 -30.92 -18.15
C ASP B 196 3.09 -32.30 -18.76
N ALA B 197 3.24 -32.35 -20.08
CA ALA B 197 3.43 -33.67 -20.75
C ALA B 197 4.68 -34.39 -20.23
N SER B 198 5.70 -33.64 -19.86
CA SER B 198 6.99 -34.25 -19.35
C SER B 198 6.78 -34.95 -17.97
N ASN B 199 5.93 -34.40 -17.12
CA ASN B 199 5.65 -35.02 -15.76
C ASN B 199 4.27 -35.69 -15.74
N GLU B 200 3.57 -35.72 -16.87
CA GLU B 200 2.21 -36.37 -16.89
C GLU B 200 1.41 -35.80 -15.71
N ARG B 201 1.41 -34.48 -15.65
CA ARG B 201 0.72 -33.75 -14.56
C ARG B 201 -0.12 -32.59 -15.13
N GLN B 202 -1.28 -32.39 -14.54
CA GLN B 202 -2.18 -31.28 -14.97
C GLN B 202 -2.23 -30.27 -13.85
N VAL B 203 -2.01 -29.03 -14.20
CA VAL B 203 -2.03 -27.95 -13.18
C VAL B 203 -2.93 -26.80 -13.68
N ILE B 204 -3.59 -26.12 -12.75
CA ILE B 204 -4.47 -25.00 -13.16
C ILE B 204 -3.99 -23.70 -12.52
N ASP B 205 -3.48 -22.79 -13.32
CA ASP B 205 -3.02 -21.51 -12.75
C ASP B 205 -4.18 -20.51 -12.83
N ILE B 206 -4.52 -19.86 -11.74
CA ILE B 206 -5.65 -18.91 -11.78
C ILE B 206 -5.11 -17.49 -11.91
N ILE B 207 -5.67 -16.69 -12.79
CA ILE B 207 -5.20 -15.28 -12.96
C ILE B 207 -6.35 -14.35 -12.58
N PRO B 208 -6.06 -13.35 -11.75
CA PRO B 208 -7.07 -12.38 -11.26
C PRO B 208 -7.44 -11.34 -12.34
N ARG B 209 -8.53 -10.62 -12.12
CA ARG B 209 -9.03 -9.60 -13.11
C ARG B 209 -8.17 -8.32 -13.16
N GLY B 210 -8.18 -7.61 -14.26
CA GLY B 210 -7.35 -6.39 -14.37
C GLY B 210 -6.06 -6.76 -15.09
N LEU B 211 -5.87 -8.04 -15.34
CA LEU B 211 -4.66 -8.49 -16.06
C LEU B 211 -5.05 -9.12 -17.40
N GLU B 212 -4.26 -8.90 -18.45
CA GLU B 212 -4.58 -9.53 -19.77
C GLU B 212 -3.55 -10.63 -20.07
N LEU B 213 -4.00 -11.74 -20.61
CA LEU B 213 -3.09 -12.89 -20.91
C LEU B 213 -2.20 -12.64 -22.14
N LEU B 214 -1.03 -13.27 -22.13
CA LEU B 214 -0.06 -13.19 -23.27
C LEU B 214 0.00 -14.56 -23.90
N VAL B 215 -0.83 -15.46 -23.45
CA VAL B 215 -0.79 -16.84 -24.02
C VAL B 215 -2.10 -17.26 -24.68
N SER B 216 -2.00 -18.23 -25.59
CA SER B 216 -3.17 -18.78 -26.33
C SER B 216 -3.25 -20.29 -26.08
N GLU B 217 -4.42 -20.88 -26.25
CA GLU B 217 -4.59 -22.36 -26.06
C GLU B 217 -3.70 -23.11 -27.09
N GLY B 218 -3.10 -24.23 -26.71
CA GLY B 218 -2.23 -24.97 -27.68
C GLY B 218 -0.78 -24.42 -27.64
N GLU B 219 -0.52 -23.37 -26.88
CA GLU B 219 0.88 -22.81 -26.82
C GLU B 219 1.73 -23.52 -25.77
N SER B 220 3.00 -23.70 -26.06
CA SER B 220 3.94 -24.38 -25.09
C SER B 220 4.50 -23.34 -24.14
N ILE B 221 4.33 -23.57 -22.86
CA ILE B 221 4.82 -22.60 -21.85
C ILE B 221 5.95 -23.24 -21.03
N LYS B 222 6.88 -22.43 -20.57
CA LYS B 222 8.00 -22.96 -19.76
C LYS B 222 7.72 -22.63 -18.30
N LEU B 223 8.36 -23.32 -17.40
CA LEU B 223 8.09 -23.02 -15.96
C LEU B 223 8.44 -21.56 -15.67
N ASP B 224 7.62 -20.89 -14.89
CA ASP B 224 7.88 -19.44 -14.53
C ASP B 224 7.78 -18.51 -15.77
N GLN B 225 7.22 -19.00 -16.87
CA GLN B 225 7.06 -18.13 -18.09
C GLN B 225 5.88 -17.19 -17.85
N PRO B 226 6.10 -15.88 -17.97
CA PRO B 226 5.03 -14.89 -17.71
C PRO B 226 3.79 -15.17 -18.57
N LEU B 227 2.63 -15.34 -17.92
CA LEU B 227 1.37 -15.69 -18.65
C LEU B 227 0.53 -14.43 -18.88
N THR B 228 0.90 -13.37 -18.23
CA THR B 228 0.18 -12.06 -18.34
C THR B 228 1.14 -10.90 -18.50
N SER B 229 0.57 -9.75 -18.86
CA SER B 229 1.37 -8.50 -19.02
C SER B 229 1.77 -7.99 -17.65
N ASN B 230 2.77 -7.12 -17.58
CA ASN B 230 3.15 -6.57 -16.26
C ASN B 230 2.33 -5.29 -16.09
N PRO B 231 1.31 -5.34 -15.22
CA PRO B 231 0.38 -4.20 -15.05
C PRO B 231 0.90 -3.16 -14.05
N ASN B 232 2.16 -3.20 -13.66
CA ASN B 232 2.68 -2.19 -12.67
C ASN B 232 3.25 -0.96 -13.40
N VAL B 233 2.66 0.20 -13.12
CA VAL B 233 3.09 1.52 -13.72
C VAL B 233 3.72 2.41 -12.61
N GLY B 234 3.82 1.91 -11.39
CA GLY B 234 4.40 2.72 -10.26
C GLY B 234 5.83 2.26 -9.99
N GLY B 235 6.36 2.60 -8.84
CA GLY B 235 7.75 2.20 -8.48
C GLY B 235 8.20 2.91 -7.21
N PHE B 236 9.27 2.41 -6.63
CA PHE B 236 9.87 2.99 -5.41
C PHE B 236 11.29 3.47 -5.75
N GLY B 237 11.72 4.51 -5.11
CA GLY B 237 13.08 5.04 -5.34
C GLY B 237 13.59 5.65 -4.05
N GLN B 238 14.88 5.82 -3.93
CA GLN B 238 15.43 6.40 -2.66
C GLN B 238 16.50 7.38 -3.01
N GLY B 239 16.74 8.32 -2.13
CA GLY B 239 17.76 9.33 -2.42
C GLY B 239 18.36 9.78 -1.11
N ASP B 240 19.36 10.60 -1.14
CA ASP B 240 19.92 11.04 0.15
C ASP B 240 20.42 12.46 0.03
N ALA B 241 20.52 13.13 1.15
CA ALA B 241 21.04 14.51 1.15
C ALA B 241 22.00 14.66 2.32
N GLU B 242 22.69 15.77 2.37
CA GLU B 242 23.62 16.03 3.50
C GLU B 242 23.29 17.43 4.03
N ILE B 243 23.18 17.58 5.31
CA ILE B 243 22.83 18.91 5.86
C ILE B 243 23.89 19.34 6.86
N VAL B 244 24.20 20.60 6.87
CA VAL B 244 25.23 21.08 7.81
C VAL B 244 24.59 21.79 8.99
N LEU B 245 24.64 21.19 10.16
CA LEU B 245 24.12 21.89 11.34
C LEU B 245 25.16 22.97 11.60
N GLN B 246 24.79 24.21 11.44
CA GLN B 246 25.83 25.26 11.52
C GLN B 246 25.90 26.02 12.86
N ASP B 247 27.11 26.32 13.26
CA ASP B 247 27.38 27.15 14.48
C ASP B 247 27.00 28.60 14.10
N PRO B 248 26.19 29.25 14.91
CA PRO B 248 25.72 30.62 14.61
C PRO B 248 26.90 31.62 14.63
N LEU B 249 28.10 31.13 14.93
CA LEU B 249 29.32 31.99 14.91
C LEU B 249 30.20 31.54 13.74
N ARG B 250 31.46 31.30 13.99
CA ARG B 250 32.34 30.80 12.88
C ARG B 250 33.75 30.58 13.41
#